data_2N9P
#
_entry.id   2N9P
#
loop_
_entity.id
_entity.type
_entity.pdbx_description
1 polymer 'E3 ubiquitin-protein ligase RNF126'
2 polymer 'Large proline-rich protein BAG6'
3 non-polymer 'ZINC ION'
#
loop_
_entity_poly.entity_id
_entity_poly.type
_entity_poly.pdbx_seq_one_letter_code
_entity_poly.pdbx_strand_id
1 'polypeptide(L)' GSMAEASPHPGRYFCHCCSVEIVPRLPDYICPRCESGFIEEL A
2 'polypeptide(L)'
;MAHHHHHHVDDDDKMLEVLVKTLDSQTRTFIVGAQMNVKEFKEHIAASVSIPSEKQRLIYQGRVLQDDKKLQEYNVGGKV
IHLVERAPPQTHLPSGASSG
;
C
#
# COMPACT_ATOMS: atom_id res chain seq x y z
N GLY A 1 -0.81 16.35 12.55
CA GLY A 1 -0.12 16.07 13.84
C GLY A 1 0.07 17.33 14.65
N SER A 2 1.17 17.40 15.40
CA SER A 2 1.52 18.61 16.13
C SER A 2 1.58 19.79 15.17
N MET A 3 2.15 19.56 14.00
CA MET A 3 2.09 20.53 12.92
C MET A 3 0.94 20.20 12.00
N ALA A 4 0.04 21.16 11.81
CA ALA A 4 -1.14 20.99 10.96
C ALA A 4 -2.10 19.97 11.56
N GLU A 5 -3.02 20.47 12.38
CA GLU A 5 -3.98 19.63 13.09
C GLU A 5 -4.93 18.94 12.13
N ALA A 6 -4.83 17.61 12.07
CA ALA A 6 -5.68 16.78 11.23
C ALA A 6 -5.58 17.16 9.76
N SER A 7 -4.47 17.79 9.39
CA SER A 7 -4.24 18.17 8.01
C SER A 7 -2.99 17.47 7.49
N PRO A 8 -3.16 16.57 6.53
CA PRO A 8 -2.06 15.79 5.97
C PRO A 8 -1.20 16.61 5.03
N HIS A 9 -0.11 17.14 5.56
CA HIS A 9 0.81 17.92 4.75
C HIS A 9 1.83 17.00 4.10
N PRO A 10 2.06 17.14 2.79
CA PRO A 10 2.82 16.20 2.01
C PRO A 10 4.31 16.48 2.00
N GLY A 11 4.77 17.19 3.00
CA GLY A 11 6.20 17.39 3.19
C GLY A 11 6.81 16.24 3.94
N ARG A 12 5.97 15.32 4.39
CA ARG A 12 6.44 14.15 5.12
C ARG A 12 6.02 12.88 4.41
N TYR A 13 6.88 12.37 3.55
CA TYR A 13 6.70 11.02 3.01
C TYR A 13 7.91 10.20 3.37
N PHE A 14 7.78 8.91 3.22
CA PHE A 14 8.88 8.03 3.50
C PHE A 14 8.96 6.97 2.43
N CYS A 15 10.07 6.96 1.71
CA CYS A 15 10.29 5.91 0.74
C CYS A 15 11.17 4.83 1.35
N HIS A 16 10.65 3.62 1.39
CA HIS A 16 11.35 2.54 2.06
C HIS A 16 12.53 2.04 1.25
N CYS A 17 12.57 2.40 -0.02
CA CYS A 17 13.68 2.05 -0.89
C CYS A 17 14.94 2.84 -0.52
N CYS A 18 14.75 4.10 -0.14
CA CYS A 18 15.87 4.96 0.26
C CYS A 18 16.13 4.83 1.76
N SER A 19 15.14 4.28 2.47
CA SER A 19 15.10 4.22 3.94
C SER A 19 15.37 5.60 4.54
N VAL A 20 14.95 6.62 3.81
CA VAL A 20 15.13 8.01 4.21
C VAL A 20 13.88 8.79 3.83
N GLU A 21 13.54 9.79 4.63
CA GLU A 21 12.34 10.57 4.41
C GLU A 21 12.48 11.46 3.18
N ILE A 22 11.36 11.72 2.51
CA ILE A 22 11.37 12.44 1.24
C ILE A 22 10.24 13.45 1.16
N VAL A 23 10.31 14.34 0.18
CA VAL A 23 9.17 15.13 -0.23
C VAL A 23 8.93 14.88 -1.72
N PRO A 24 8.00 13.97 -1.97
CA PRO A 24 7.71 13.39 -3.28
C PRO A 24 7.35 14.37 -4.39
N ARG A 25 7.16 13.79 -5.56
CA ARG A 25 6.81 14.48 -6.77
C ARG A 25 5.40 14.06 -7.16
N LEU A 26 4.55 14.20 -6.14
CA LEU A 26 3.08 14.08 -6.16
C LEU A 26 2.42 13.68 -7.49
N PRO A 27 2.55 14.45 -8.59
CA PRO A 27 1.97 14.08 -9.90
C PRO A 27 2.03 12.58 -10.21
N ASP A 28 3.08 11.94 -9.72
CA ASP A 28 3.27 10.51 -9.91
C ASP A 28 3.28 9.77 -8.58
N TYR A 29 3.56 10.52 -7.52
CA TYR A 29 3.82 9.97 -6.19
C TYR A 29 5.10 9.19 -6.21
N ILE A 30 6.08 9.80 -6.82
CA ILE A 30 7.42 9.28 -6.87
C ILE A 30 8.23 9.82 -5.72
N CYS A 31 9.33 9.19 -5.45
CA CYS A 31 10.25 9.66 -4.45
C CYS A 31 11.29 10.50 -5.18
N PRO A 32 11.77 11.56 -4.53
CA PRO A 32 12.63 12.54 -5.19
C PRO A 32 14.02 12.00 -5.21
N ARG A 33 14.23 11.08 -4.28
CA ARG A 33 15.52 10.46 -4.10
C ARG A 33 15.81 9.32 -5.10
N CYS A 34 14.78 8.56 -5.47
CA CYS A 34 15.00 7.43 -6.37
C CYS A 34 13.91 7.30 -7.42
N GLU A 35 12.84 8.08 -7.27
CA GLU A 35 11.70 8.04 -8.19
C GLU A 35 11.02 6.67 -8.21
N SER A 36 11.14 5.94 -7.12
CA SER A 36 10.30 4.77 -6.91
C SER A 36 9.16 5.15 -5.99
N GLY A 37 7.94 4.73 -6.34
CA GLY A 37 6.77 5.17 -5.62
C GLY A 37 6.50 4.39 -4.34
N PHE A 38 7.56 3.91 -3.71
CA PHE A 38 7.43 3.21 -2.42
C PHE A 38 7.43 4.21 -1.28
N ILE A 39 6.63 5.25 -1.45
CA ILE A 39 6.52 6.31 -0.48
C ILE A 39 5.17 6.28 0.19
N GLU A 40 5.16 6.39 1.50
CA GLU A 40 3.91 6.52 2.22
C GLU A 40 3.90 7.87 2.92
N GLU A 41 2.75 8.50 2.94
CA GLU A 41 2.62 9.80 3.58
C GLU A 41 2.52 9.62 5.09
N LEU A 42 3.31 10.40 5.80
CA LEU A 42 3.42 10.28 7.23
C LEU A 42 2.56 11.33 7.92
N MET B 1 -17.99 -20.51 -8.97
CA MET B 1 -19.36 -20.72 -8.46
C MET B 1 -19.91 -22.06 -8.96
N ALA B 2 -19.92 -22.23 -10.28
CA ALA B 2 -20.40 -23.46 -10.92
C ALA B 2 -21.91 -23.65 -10.70
N HIS B 3 -22.67 -23.46 -11.77
CA HIS B 3 -24.12 -23.64 -11.76
C HIS B 3 -24.81 -22.64 -10.85
N HIS B 4 -24.43 -21.38 -10.95
CA HIS B 4 -25.11 -20.33 -10.20
C HIS B 4 -26.36 -19.89 -10.97
N HIS B 5 -26.15 -19.42 -12.20
CA HIS B 5 -27.24 -19.06 -13.11
C HIS B 5 -28.26 -18.13 -12.45
N HIS B 6 -27.75 -17.03 -11.92
CA HIS B 6 -28.59 -16.00 -11.32
C HIS B 6 -27.95 -14.65 -11.57
N HIS B 7 -28.09 -14.17 -12.81
CA HIS B 7 -27.37 -12.98 -13.28
C HIS B 7 -25.89 -13.29 -13.36
N HIS B 8 -25.47 -13.82 -14.51
CA HIS B 8 -24.08 -14.28 -14.69
C HIS B 8 -23.08 -13.17 -14.40
N VAL B 9 -23.48 -11.93 -14.63
CA VAL B 9 -22.66 -10.81 -14.26
C VAL B 9 -23.22 -10.12 -13.03
N ASP B 10 -22.31 -9.57 -12.27
CA ASP B 10 -22.63 -8.99 -10.97
C ASP B 10 -21.56 -7.99 -10.58
N ASP B 11 -20.32 -8.35 -10.85
CA ASP B 11 -19.19 -7.50 -10.51
C ASP B 11 -19.18 -6.26 -11.40
N ASP B 12 -18.91 -6.47 -12.70
CA ASP B 12 -18.83 -5.39 -13.68
C ASP B 12 -17.76 -4.36 -13.31
N ASP B 13 -18.14 -3.39 -12.50
CA ASP B 13 -17.21 -2.39 -12.01
C ASP B 13 -16.36 -2.98 -10.90
N LYS B 14 -16.92 -3.94 -10.18
CA LYS B 14 -16.21 -4.66 -9.15
C LYS B 14 -15.19 -5.62 -9.76
N MET B 15 -14.53 -6.41 -8.91
CA MET B 15 -13.49 -7.35 -9.35
C MET B 15 -12.25 -6.59 -9.82
N LEU B 16 -11.26 -6.45 -8.94
CA LEU B 16 -10.08 -5.68 -9.27
C LEU B 16 -8.98 -6.61 -9.68
N GLU B 17 -8.16 -6.16 -10.57
CA GLU B 17 -6.94 -6.86 -10.88
C GLU B 17 -5.86 -6.19 -10.09
N VAL B 18 -5.64 -6.69 -8.91
CA VAL B 18 -4.82 -6.02 -7.96
C VAL B 18 -3.36 -6.24 -8.30
N LEU B 19 -2.74 -5.22 -8.81
CA LEU B 19 -1.33 -5.30 -9.08
C LEU B 19 -0.60 -4.72 -7.88
N VAL B 20 0.50 -5.33 -7.49
CA VAL B 20 1.21 -4.96 -6.26
C VAL B 20 2.69 -5.26 -6.41
N LYS B 21 3.54 -4.26 -6.29
CA LYS B 21 4.98 -4.45 -6.38
C LYS B 21 5.53 -4.60 -4.97
N THR B 22 6.70 -5.19 -4.87
CA THR B 22 7.26 -5.55 -3.59
C THR B 22 8.41 -4.65 -3.21
N LEU B 23 9.27 -4.35 -4.17
CA LEU B 23 10.38 -3.44 -3.94
C LEU B 23 10.87 -2.85 -5.26
N ASP B 24 11.03 -3.69 -6.26
CA ASP B 24 11.47 -3.23 -7.58
C ASP B 24 11.52 -4.40 -8.55
N SER B 25 12.14 -5.48 -8.09
CA SER B 25 12.32 -6.67 -8.91
C SER B 25 10.97 -7.27 -9.30
N GLN B 26 10.03 -7.29 -8.35
CA GLN B 26 8.77 -7.93 -8.58
C GLN B 26 7.61 -6.96 -8.75
N THR B 27 6.48 -7.57 -9.03
CA THR B 27 5.20 -6.92 -9.32
C THR B 27 4.19 -8.05 -9.50
N ARG B 28 3.36 -8.30 -8.51
CA ARG B 28 2.47 -9.44 -8.61
C ARG B 28 1.03 -9.04 -8.42
N THR B 29 0.14 -9.81 -9.02
CA THR B 29 -1.25 -9.53 -9.01
C THR B 29 -2.00 -10.33 -7.97
N PHE B 30 -3.03 -9.73 -7.41
CA PHE B 30 -3.80 -10.31 -6.32
C PHE B 30 -5.26 -10.11 -6.57
N ILE B 31 -5.70 -10.61 -7.70
CA ILE B 31 -7.05 -10.40 -8.14
C ILE B 31 -8.10 -10.87 -7.18
N VAL B 32 -8.89 -9.89 -6.86
CA VAL B 32 -9.99 -10.00 -5.93
C VAL B 32 -11.17 -9.17 -6.37
N GLY B 33 -12.09 -8.98 -5.45
CA GLY B 33 -13.20 -8.09 -5.71
C GLY B 33 -12.81 -6.65 -5.49
N ALA B 34 -13.75 -5.72 -5.69
CA ALA B 34 -13.46 -4.31 -5.47
C ALA B 34 -13.51 -3.99 -4.00
N GLN B 35 -14.22 -4.80 -3.25
CA GLN B 35 -14.66 -4.42 -1.93
C GLN B 35 -14.79 -5.68 -1.16
N MET B 36 -14.05 -6.64 -1.68
CA MET B 36 -14.10 -7.99 -1.24
C MET B 36 -13.44 -8.14 0.12
N ASN B 37 -12.12 -7.99 0.15
CA ASN B 37 -11.41 -8.08 1.39
C ASN B 37 -10.55 -6.87 1.66
N VAL B 38 -9.29 -6.97 1.28
CA VAL B 38 -8.22 -6.10 1.76
C VAL B 38 -7.69 -6.57 3.11
N LYS B 39 -8.58 -7.03 3.95
CA LYS B 39 -8.22 -7.50 5.25
C LYS B 39 -7.68 -8.90 5.12
N GLU B 40 -8.58 -9.77 4.80
CA GLU B 40 -8.30 -11.12 4.50
C GLU B 40 -7.40 -11.24 3.26
N PHE B 41 -7.52 -10.25 2.39
CA PHE B 41 -6.70 -10.14 1.21
C PHE B 41 -5.22 -10.07 1.58
N LYS B 42 -4.91 -9.17 2.51
CA LYS B 42 -3.55 -9.01 2.98
C LYS B 42 -3.02 -10.29 3.60
N GLU B 43 -3.88 -10.94 4.38
CA GLU B 43 -3.57 -12.21 4.99
C GLU B 43 -3.19 -13.26 3.95
N HIS B 44 -3.88 -13.22 2.81
CA HIS B 44 -3.67 -14.16 1.74
C HIS B 44 -2.34 -13.92 1.03
N ILE B 45 -2.04 -12.67 0.72
CA ILE B 45 -0.85 -12.33 -0.06
C ILE B 45 0.41 -12.40 0.80
N ALA B 46 0.23 -12.53 2.12
CA ALA B 46 1.33 -12.55 3.07
C ALA B 46 2.49 -13.44 2.63
N ALA B 47 2.20 -14.66 2.22
CA ALA B 47 3.26 -15.59 1.84
C ALA B 47 3.83 -15.29 0.47
N SER B 48 2.95 -14.91 -0.46
CA SER B 48 3.36 -14.65 -1.82
C SER B 48 4.36 -13.49 -1.89
N VAL B 49 4.26 -12.59 -0.93
CA VAL B 49 5.17 -11.45 -0.85
C VAL B 49 6.13 -11.60 0.33
N SER B 50 5.91 -12.63 1.15
CA SER B 50 6.77 -12.91 2.30
C SER B 50 6.60 -11.82 3.35
N ILE B 51 5.48 -11.12 3.25
CA ILE B 51 5.17 -10.06 4.17
C ILE B 51 3.83 -10.32 4.85
N PRO B 52 3.83 -10.62 6.15
CA PRO B 52 2.62 -10.89 6.90
C PRO B 52 1.77 -9.64 7.09
N SER B 53 0.46 -9.83 7.00
CA SER B 53 -0.51 -8.75 7.01
C SER B 53 -0.31 -7.78 8.17
N GLU B 54 0.27 -8.27 9.26
CA GLU B 54 0.47 -7.46 10.46
C GLU B 54 1.56 -6.40 10.26
N LYS B 55 2.61 -6.76 9.52
CA LYS B 55 3.69 -5.83 9.21
C LYS B 55 3.43 -5.19 7.85
N GLN B 56 2.81 -5.99 7.01
CA GLN B 56 2.53 -5.64 5.63
C GLN B 56 1.84 -4.28 5.52
N ARG B 57 2.33 -3.45 4.63
CA ARG B 57 1.77 -2.13 4.43
C ARG B 57 1.59 -1.85 2.95
N LEU B 58 0.33 -1.75 2.51
CA LEU B 58 0.04 -1.48 1.11
C LEU B 58 0.08 0.02 0.86
N ILE B 59 0.96 0.49 0.00
CA ILE B 59 0.99 1.91 -0.32
C ILE B 59 0.69 2.14 -1.78
N TYR B 60 -0.35 2.91 -2.04
CA TYR B 60 -0.66 3.34 -3.38
C TYR B 60 -1.07 4.79 -3.34
N GLN B 61 -0.50 5.59 -4.24
CA GLN B 61 -0.72 7.05 -4.25
C GLN B 61 -0.26 7.65 -2.92
N GLY B 62 0.77 7.05 -2.34
CA GLY B 62 1.29 7.52 -1.06
C GLY B 62 0.33 7.29 0.09
N ARG B 63 -0.79 6.64 -0.20
CA ARG B 63 -1.80 6.37 0.81
C ARG B 63 -1.49 5.06 1.49
N VAL B 64 -1.71 5.00 2.78
CA VAL B 64 -1.40 3.80 3.54
C VAL B 64 -2.61 2.86 3.56
N LEU B 65 -2.68 1.98 2.57
CA LEU B 65 -3.79 1.05 2.43
C LEU B 65 -3.57 -0.14 3.36
N GLN B 66 -4.58 -0.51 4.12
CA GLN B 66 -4.44 -1.58 5.07
C GLN B 66 -5.72 -2.41 5.21
N ASP B 67 -5.69 -3.39 6.10
CA ASP B 67 -6.81 -4.30 6.35
C ASP B 67 -7.98 -3.59 7.04
N ASP B 68 -7.79 -2.33 7.36
CA ASP B 68 -8.77 -1.56 8.12
C ASP B 68 -10.04 -1.25 7.31
N LYS B 69 -9.93 -1.29 5.99
CA LYS B 69 -11.01 -0.81 5.13
C LYS B 69 -11.35 -1.81 4.04
N LYS B 70 -11.66 -1.30 2.85
CA LYS B 70 -11.95 -2.14 1.70
C LYS B 70 -11.05 -1.73 0.53
N LEU B 71 -11.01 -2.55 -0.51
CA LEU B 71 -10.10 -2.29 -1.64
C LEU B 71 -10.58 -1.09 -2.48
N GLN B 72 -11.89 -0.96 -2.62
CA GLN B 72 -12.48 0.05 -3.48
C GLN B 72 -12.29 1.44 -2.88
N GLU B 73 -12.02 1.47 -1.58
CA GLU B 73 -11.65 2.70 -0.91
C GLU B 73 -10.38 3.27 -1.51
N TYR B 74 -9.53 2.37 -2.01
CA TYR B 74 -8.27 2.77 -2.56
C TYR B 74 -8.32 2.74 -4.09
N ASN B 75 -9.33 2.02 -4.58
CA ASN B 75 -9.64 1.93 -6.01
C ASN B 75 -8.45 1.38 -6.80
N VAL B 76 -7.94 0.23 -6.35
CA VAL B 76 -6.69 -0.29 -6.91
C VAL B 76 -6.91 -1.31 -8.05
N GLY B 77 -8.13 -1.38 -8.60
CA GLY B 77 -8.36 -2.17 -9.77
C GLY B 77 -7.51 -1.78 -10.94
N GLY B 78 -6.51 -2.57 -11.06
CA GLY B 78 -5.63 -2.52 -12.22
C GLY B 78 -4.40 -1.66 -12.03
N LYS B 79 -4.10 -1.31 -10.80
CA LYS B 79 -2.92 -0.50 -10.51
C LYS B 79 -1.97 -1.25 -9.57
N VAL B 80 -0.64 -1.13 -9.79
CA VAL B 80 0.31 -1.77 -8.87
C VAL B 80 0.46 -0.97 -7.59
N ILE B 81 0.20 -1.64 -6.49
CA ILE B 81 0.45 -1.09 -5.18
C ILE B 81 1.93 -1.30 -4.84
N HIS B 82 2.39 -0.64 -3.80
CA HIS B 82 3.77 -0.80 -3.39
C HIS B 82 3.83 -1.38 -1.98
N LEU B 83 4.38 -2.57 -1.87
CA LEU B 83 4.58 -3.17 -0.55
C LEU B 83 5.92 -2.77 0.03
N VAL B 84 5.97 -2.69 1.34
CA VAL B 84 7.17 -2.29 2.05
C VAL B 84 7.32 -3.04 3.36
N GLU B 85 8.53 -3.00 3.91
CA GLU B 85 8.82 -3.62 5.19
C GLU B 85 9.29 -2.57 6.18
N ARG B 86 8.63 -2.47 7.31
CA ARG B 86 8.95 -1.47 8.30
C ARG B 86 9.82 -2.05 9.41
N ALA B 87 10.25 -1.19 10.31
CA ALA B 87 10.93 -1.63 11.52
C ALA B 87 9.93 -2.31 12.43
N PRO B 88 10.37 -3.29 13.23
CA PRO B 88 9.46 -4.02 14.13
C PRO B 88 8.71 -3.08 15.06
N PRO B 89 7.40 -3.29 15.22
CA PRO B 89 6.57 -2.46 16.08
C PRO B 89 6.43 -3.03 17.49
N GLN B 90 7.56 -3.38 18.09
CA GLN B 90 7.53 -4.05 19.38
C GLN B 90 7.19 -3.04 20.49
N THR B 91 7.52 -1.78 20.27
CA THR B 91 7.17 -0.72 21.22
C THR B 91 5.71 -0.32 21.03
N HIS B 92 5.17 -0.63 19.86
CA HIS B 92 3.79 -0.32 19.54
C HIS B 92 2.88 -1.46 19.99
N LEU B 93 3.42 -2.67 19.97
CA LEU B 93 2.68 -3.85 20.39
C LEU B 93 3.37 -4.52 21.57
N PRO B 94 3.01 -4.12 22.80
CA PRO B 94 3.55 -4.73 24.02
C PRO B 94 3.00 -6.15 24.21
N SER B 95 3.77 -6.98 24.89
CA SER B 95 3.40 -8.37 25.15
C SER B 95 3.35 -9.16 23.84
N GLY B 96 4.49 -9.72 23.46
CA GLY B 96 4.58 -10.45 22.20
C GLY B 96 4.29 -11.92 22.36
N ALA B 97 3.22 -12.24 23.09
CA ALA B 97 2.82 -13.62 23.29
C ALA B 97 1.78 -14.02 22.25
N SER B 98 0.66 -13.31 22.24
CA SER B 98 -0.39 -13.55 21.27
C SER B 98 0.06 -13.13 19.87
N SER B 99 0.32 -14.11 19.03
CA SER B 99 0.77 -13.87 17.67
C SER B 99 2.08 -13.08 17.66
N GLY B 100 2.98 -13.45 18.54
CA GLY B 100 4.25 -12.76 18.65
C GLY B 100 5.41 -13.73 18.56
N GLY A 1 19.90 29.37 -10.58
CA GLY A 1 20.02 28.39 -9.47
C GLY A 1 19.40 28.91 -8.20
N SER A 2 18.66 28.07 -7.50
CA SER A 2 18.00 28.47 -6.27
C SER A 2 17.57 27.24 -5.47
N MET A 3 17.70 27.34 -4.15
CA MET A 3 17.23 26.29 -3.25
C MET A 3 16.69 26.92 -1.97
N ALA A 4 15.38 26.88 -1.81
CA ALA A 4 14.74 27.46 -0.64
C ALA A 4 13.74 26.48 -0.04
N GLU A 5 14.23 25.29 0.30
CA GLU A 5 13.39 24.28 0.92
C GLU A 5 13.31 24.52 2.43
N ALA A 6 12.77 25.68 2.79
CA ALA A 6 12.71 26.08 4.19
C ALA A 6 11.56 25.41 4.92
N SER A 7 11.85 24.22 5.45
CA SER A 7 10.88 23.45 6.22
C SER A 7 9.72 22.98 5.33
N PRO A 8 9.80 21.74 4.82
CA PRO A 8 8.78 21.17 3.96
C PRO A 8 7.49 20.86 4.73
N HIS A 9 6.64 21.87 4.88
CA HIS A 9 5.34 21.69 5.54
C HIS A 9 4.29 21.09 4.58
N PRO A 10 4.17 21.56 3.33
CA PRO A 10 3.19 21.05 2.42
C PRO A 10 3.70 19.84 1.66
N GLY A 11 4.19 18.88 2.42
CA GLY A 11 4.68 17.64 1.87
C GLY A 11 5.60 16.94 2.82
N ARG A 12 5.12 15.84 3.32
CA ARG A 12 5.87 14.99 4.24
C ARG A 12 5.63 13.54 3.90
N TYR A 13 6.44 13.06 2.98
CA TYR A 13 6.41 11.67 2.56
C TYR A 13 7.73 11.05 2.92
N PHE A 14 7.78 9.75 2.80
CA PHE A 14 9.00 9.03 3.12
C PHE A 14 9.19 7.90 2.15
N CYS A 15 10.24 8.00 1.34
CA CYS A 15 10.51 6.95 0.40
C CYS A 15 11.29 5.83 1.09
N HIS A 16 10.55 4.90 1.69
CA HIS A 16 11.12 3.87 2.54
C HIS A 16 12.01 2.90 1.77
N CYS A 17 11.92 2.91 0.45
CA CYS A 17 12.77 2.07 -0.38
C CYS A 17 14.22 2.51 -0.28
N CYS A 18 14.44 3.80 -0.43
CA CYS A 18 15.78 4.36 -0.36
C CYS A 18 16.02 5.00 1.01
N SER A 19 14.94 5.03 1.81
CA SER A 19 14.97 5.44 3.22
C SER A 19 15.34 6.93 3.39
N VAL A 20 14.58 7.80 2.73
CA VAL A 20 14.79 9.25 2.86
C VAL A 20 13.44 9.97 2.87
N GLU A 21 13.34 11.06 3.63
CA GLU A 21 12.10 11.83 3.70
C GLU A 21 12.05 12.85 2.58
N ILE A 22 10.88 12.98 1.98
CA ILE A 22 10.75 13.65 0.70
C ILE A 22 9.47 14.48 0.57
N VAL A 23 9.45 15.31 -0.46
CA VAL A 23 8.21 15.86 -0.99
C VAL A 23 8.11 15.43 -2.44
N PRO A 24 7.39 14.34 -2.64
CA PRO A 24 7.34 13.56 -3.87
C PRO A 24 6.91 14.30 -5.13
N ARG A 25 7.07 13.56 -6.23
CA ARG A 25 6.74 13.98 -7.55
C ARG A 25 5.43 13.34 -7.92
N LEU A 26 4.54 13.50 -6.94
CA LEU A 26 3.12 13.16 -6.94
C LEU A 26 2.54 12.75 -8.31
N PRO A 27 2.69 13.56 -9.39
CA PRO A 27 2.29 13.17 -10.74
C PRO A 27 2.48 11.68 -11.07
N ASP A 28 3.53 11.09 -10.50
CA ASP A 28 3.80 9.67 -10.67
C ASP A 28 3.86 8.95 -9.34
N TYR A 29 4.06 9.74 -8.29
CA TYR A 29 4.28 9.23 -6.93
C TYR A 29 5.66 8.63 -6.81
N ILE A 30 6.62 9.43 -7.20
CA ILE A 30 8.02 9.08 -7.11
C ILE A 30 8.64 9.91 -6.03
N CYS A 31 9.80 9.52 -5.59
CA CYS A 31 10.49 10.28 -4.60
C CYS A 31 11.43 11.22 -5.34
N PRO A 32 11.53 12.46 -4.89
CA PRO A 32 12.16 13.54 -5.63
C PRO A 32 13.64 13.42 -5.52
N ARG A 33 14.00 12.77 -4.43
CA ARG A 33 15.38 12.63 -4.07
C ARG A 33 16.08 11.52 -4.82
N CYS A 34 15.33 10.52 -5.22
CA CYS A 34 15.92 9.32 -5.76
C CYS A 34 14.93 8.51 -6.64
N GLU A 35 13.77 9.12 -6.93
CA GLU A 35 12.84 8.64 -7.96
C GLU A 35 12.51 7.14 -7.84
N SER A 36 11.87 6.81 -6.74
CA SER A 36 11.28 5.51 -6.54
C SER A 36 9.87 5.71 -5.98
N GLY A 37 8.95 4.82 -6.31
CA GLY A 37 7.55 5.05 -6.00
C GLY A 37 7.13 4.54 -4.63
N PHE A 38 8.08 4.10 -3.83
CA PHE A 38 7.79 3.57 -2.51
C PHE A 38 7.67 4.68 -1.48
N ILE A 39 6.74 5.59 -1.70
CA ILE A 39 6.49 6.67 -0.77
C ILE A 39 5.15 6.55 -0.11
N GLU A 40 5.12 6.88 1.17
CA GLU A 40 3.89 6.99 1.91
C GLU A 40 3.91 8.35 2.61
N GLU A 41 2.74 8.88 2.88
CA GLU A 41 2.65 10.14 3.58
C GLU A 41 2.73 9.89 5.07
N LEU A 42 3.39 10.78 5.76
CA LEU A 42 3.65 10.62 7.17
C LEU A 42 2.64 11.42 7.99
N MET B 1 -29.08 0.69 4.34
CA MET B 1 -28.36 1.72 3.55
C MET B 1 -29.03 1.93 2.20
N ALA B 2 -29.02 3.17 1.73
CA ALA B 2 -29.51 3.54 0.41
C ALA B 2 -30.96 3.09 0.18
N HIS B 3 -31.80 3.26 1.19
CA HIS B 3 -33.22 2.95 1.05
C HIS B 3 -34.01 4.22 0.79
N HIS B 4 -33.30 5.24 0.32
CA HIS B 4 -33.93 6.47 -0.16
C HIS B 4 -34.16 6.36 -1.66
N HIS B 5 -34.97 5.37 -2.04
CA HIS B 5 -35.08 4.96 -3.45
C HIS B 5 -33.77 4.32 -3.89
N HIS B 6 -33.72 3.00 -3.81
CA HIS B 6 -32.49 2.26 -4.09
C HIS B 6 -32.24 2.16 -5.60
N HIS B 7 -31.98 3.30 -6.21
CA HIS B 7 -31.71 3.35 -7.64
C HIS B 7 -30.24 3.05 -7.91
N HIS B 8 -29.98 2.32 -8.99
CA HIS B 8 -28.63 1.89 -9.35
C HIS B 8 -28.04 1.00 -8.25
N VAL B 9 -28.36 -0.28 -8.31
CA VAL B 9 -27.81 -1.24 -7.37
C VAL B 9 -26.33 -1.47 -7.64
N ASP B 10 -25.60 -1.73 -6.59
CA ASP B 10 -24.16 -1.86 -6.68
C ASP B 10 -23.66 -2.91 -5.69
N ASP B 11 -24.36 -4.04 -5.66
CA ASP B 11 -24.00 -5.14 -4.77
C ASP B 11 -23.20 -6.19 -5.51
N ASP B 12 -22.60 -5.75 -6.62
CA ASP B 12 -21.74 -6.62 -7.42
C ASP B 12 -20.52 -7.03 -6.62
N ASP B 13 -20.04 -8.25 -6.87
CA ASP B 13 -18.84 -8.74 -6.22
C ASP B 13 -17.60 -8.10 -6.83
N LYS B 14 -17.83 -7.41 -7.95
CA LYS B 14 -16.81 -6.66 -8.69
C LYS B 14 -15.50 -7.42 -8.90
N MET B 15 -14.50 -6.69 -9.38
CA MET B 15 -13.17 -7.25 -9.60
C MET B 15 -12.17 -6.17 -9.97
N LEU B 16 -11.23 -5.90 -9.06
CA LEU B 16 -10.11 -5.03 -9.39
C LEU B 16 -8.87 -5.87 -9.60
N GLU B 17 -8.15 -5.59 -10.68
CA GLU B 17 -6.91 -6.24 -10.92
C GLU B 17 -5.84 -5.56 -10.10
N VAL B 18 -5.57 -6.14 -8.97
CA VAL B 18 -4.71 -5.53 -8.01
C VAL B 18 -3.27 -5.78 -8.40
N LEU B 19 -2.61 -4.78 -8.92
CA LEU B 19 -1.21 -4.90 -9.20
C LEU B 19 -0.49 -4.34 -7.98
N VAL B 20 0.61 -4.94 -7.58
CA VAL B 20 1.28 -4.57 -6.32
C VAL B 20 2.80 -4.75 -6.44
N LYS B 21 3.54 -3.66 -6.30
CA LYS B 21 4.99 -3.69 -6.37
C LYS B 21 5.58 -3.69 -4.97
N THR B 22 6.25 -4.75 -4.60
CA THR B 22 7.01 -4.75 -3.38
C THR B 22 8.48 -4.49 -3.70
N LEU B 23 9.34 -4.58 -2.71
CA LEU B 23 10.75 -4.30 -2.91
C LEU B 23 11.48 -5.49 -3.49
N ASP B 24 11.44 -6.59 -2.76
CA ASP B 24 12.16 -7.79 -3.15
C ASP B 24 11.27 -8.70 -4.00
N SER B 25 9.97 -8.48 -3.93
CA SER B 25 9.03 -9.34 -4.66
C SER B 25 8.52 -8.63 -5.91
N GLN B 26 8.24 -7.33 -5.78
CA GLN B 26 7.86 -6.48 -6.88
C GLN B 26 6.51 -6.84 -7.46
N THR B 27 6.17 -6.11 -8.49
CA THR B 27 4.88 -6.16 -9.18
C THR B 27 4.32 -7.57 -9.31
N ARG B 28 3.38 -7.86 -8.44
CA ARG B 28 2.53 -9.04 -8.57
C ARG B 28 1.07 -8.62 -8.51
N THR B 29 0.20 -9.42 -9.11
CA THR B 29 -1.19 -9.11 -9.16
C THR B 29 -2.01 -9.93 -8.15
N PHE B 30 -3.01 -9.29 -7.56
CA PHE B 30 -3.79 -9.87 -6.47
C PHE B 30 -5.26 -9.57 -6.67
N ILE B 31 -5.77 -10.02 -7.78
CA ILE B 31 -7.12 -9.70 -8.18
C ILE B 31 -8.18 -10.04 -7.16
N VAL B 32 -8.92 -9.02 -6.87
CA VAL B 32 -9.98 -9.05 -5.86
C VAL B 32 -11.25 -8.43 -6.38
N GLY B 33 -12.18 -8.22 -5.47
CA GLY B 33 -13.48 -7.72 -5.87
C GLY B 33 -13.87 -6.41 -5.22
N ALA B 34 -12.92 -5.50 -5.10
CA ALA B 34 -13.17 -4.10 -4.72
C ALA B 34 -13.60 -3.89 -3.28
N GLN B 35 -14.24 -4.86 -2.70
CA GLN B 35 -14.81 -4.74 -1.38
C GLN B 35 -14.89 -6.13 -0.81
N MET B 36 -14.00 -6.93 -1.35
CA MET B 36 -13.97 -8.33 -1.07
C MET B 36 -13.35 -8.59 0.31
N ASN B 37 -12.06 -8.34 0.46
CA ASN B 37 -11.40 -8.53 1.74
C ASN B 37 -10.56 -7.34 2.13
N VAL B 38 -9.33 -7.37 1.66
CA VAL B 38 -8.25 -6.51 2.13
C VAL B 38 -7.62 -7.05 3.41
N LYS B 39 -8.43 -7.61 4.27
CA LYS B 39 -7.96 -8.19 5.50
C LYS B 39 -7.37 -9.54 5.21
N GLU B 40 -8.25 -10.41 4.83
CA GLU B 40 -7.93 -11.72 4.36
C GLU B 40 -7.12 -11.65 3.07
N PHE B 41 -7.34 -10.59 2.30
CA PHE B 41 -6.57 -10.31 1.10
C PHE B 41 -5.09 -10.21 1.44
N LYS B 42 -4.79 -9.41 2.45
CA LYS B 42 -3.42 -9.23 2.90
C LYS B 42 -2.84 -10.53 3.42
N GLU B 43 -3.65 -11.28 4.15
CA GLU B 43 -3.26 -12.58 4.65
C GLU B 43 -2.94 -13.55 3.51
N HIS B 44 -3.71 -13.45 2.44
CA HIS B 44 -3.54 -14.31 1.29
C HIS B 44 -2.27 -13.98 0.51
N ILE B 45 -1.97 -12.70 0.31
CA ILE B 45 -0.79 -12.31 -0.44
C ILE B 45 0.47 -12.45 0.41
N ALA B 46 0.27 -12.66 1.72
CA ALA B 46 1.36 -12.71 2.70
C ALA B 46 2.57 -13.50 2.22
N ALA B 47 2.36 -14.75 1.83
CA ALA B 47 3.48 -15.61 1.46
C ALA B 47 4.19 -15.13 0.21
N SER B 48 3.41 -14.71 -0.79
CA SER B 48 3.95 -14.28 -2.05
C SER B 48 4.83 -13.06 -1.89
N VAL B 49 4.63 -12.33 -0.79
CA VAL B 49 5.42 -11.17 -0.50
C VAL B 49 6.32 -11.39 0.72
N SER B 50 6.17 -12.56 1.36
CA SER B 50 6.98 -12.94 2.50
C SER B 50 6.66 -12.02 3.66
N ILE B 51 5.49 -11.42 3.59
CA ILE B 51 5.05 -10.47 4.57
C ILE B 51 3.65 -10.79 5.06
N PRO B 52 3.50 -11.21 6.32
CA PRO B 52 2.20 -11.50 6.91
C PRO B 52 1.38 -10.23 7.09
N SER B 53 0.05 -10.39 7.04
CA SER B 53 -0.88 -9.27 7.11
C SER B 53 -0.60 -8.38 8.32
N GLU B 54 -0.12 -8.98 9.40
CA GLU B 54 0.17 -8.25 10.63
C GLU B 54 1.32 -7.26 10.44
N LYS B 55 2.29 -7.62 9.59
CA LYS B 55 3.46 -6.77 9.36
C LYS B 55 3.38 -6.11 7.99
N GLN B 56 2.32 -6.40 7.28
CA GLN B 56 2.21 -6.05 5.87
C GLN B 56 1.58 -4.68 5.70
N ARG B 57 2.27 -3.78 5.03
CA ARG B 57 1.73 -2.43 4.82
C ARG B 57 1.60 -2.10 3.33
N LEU B 58 0.37 -1.90 2.86
CA LEU B 58 0.11 -1.56 1.48
C LEU B 58 0.15 -0.04 1.28
N ILE B 59 1.00 0.45 0.39
CA ILE B 59 0.93 1.87 0.01
C ILE B 59 0.54 2.05 -1.44
N TYR B 60 -0.64 2.59 -1.68
CA TYR B 60 -1.05 2.92 -3.02
C TYR B 60 -1.25 4.41 -3.13
N GLN B 61 -0.70 5.00 -4.19
CA GLN B 61 -0.67 6.45 -4.39
C GLN B 61 -0.39 7.21 -3.10
N GLY B 62 0.59 6.75 -2.34
CA GLY B 62 1.00 7.43 -1.12
C GLY B 62 0.01 7.28 0.03
N ARG B 63 -1.03 6.47 -0.18
CA ARG B 63 -2.00 6.18 0.86
C ARG B 63 -1.61 4.89 1.55
N VAL B 64 -1.79 4.82 2.86
CA VAL B 64 -1.37 3.66 3.61
C VAL B 64 -2.56 2.72 3.83
N LEU B 65 -2.66 1.70 3.00
CA LEU B 65 -3.79 0.78 3.03
C LEU B 65 -3.49 -0.39 3.96
N GLN B 66 -4.53 -0.97 4.53
CA GLN B 66 -4.37 -2.12 5.41
C GLN B 66 -5.67 -2.92 5.50
N ASP B 67 -5.76 -3.82 6.46
CA ASP B 67 -6.94 -4.68 6.70
C ASP B 67 -8.19 -3.86 7.06
N ASP B 68 -8.05 -2.54 7.10
CA ASP B 68 -9.13 -1.58 7.47
C ASP B 68 -10.38 -1.74 6.59
N LYS B 69 -10.24 -2.51 5.51
CA LYS B 69 -11.34 -2.87 4.59
C LYS B 69 -11.61 -1.82 3.52
N LYS B 70 -12.41 -2.24 2.53
CA LYS B 70 -12.80 -1.41 1.40
C LYS B 70 -11.61 -1.10 0.48
N LEU B 71 -11.35 -2.06 -0.42
CA LEU B 71 -10.27 -1.96 -1.39
C LEU B 71 -10.51 -0.80 -2.38
N GLN B 72 -11.77 -0.53 -2.66
CA GLN B 72 -12.17 0.46 -3.61
C GLN B 72 -11.87 1.88 -3.15
N GLU B 73 -11.88 2.08 -1.84
CA GLU B 73 -11.53 3.39 -1.30
C GLU B 73 -10.06 3.66 -1.55
N TYR B 74 -9.28 2.58 -1.64
CA TYR B 74 -7.89 2.71 -1.97
C TYR B 74 -7.75 2.82 -3.47
N ASN B 75 -8.78 2.30 -4.17
CA ASN B 75 -8.91 2.45 -5.62
C ASN B 75 -7.76 1.76 -6.34
N VAL B 76 -7.34 0.63 -5.81
CA VAL B 76 -6.17 -0.07 -6.34
C VAL B 76 -6.51 -1.00 -7.51
N GLY B 77 -7.58 -0.68 -8.23
CA GLY B 77 -8.00 -1.49 -9.33
C GLY B 77 -7.32 -1.14 -10.61
N GLY B 78 -6.38 -1.97 -10.91
CA GLY B 78 -5.68 -1.93 -12.18
C GLY B 78 -4.41 -1.10 -12.16
N LYS B 79 -3.94 -0.76 -10.96
CA LYS B 79 -2.69 -0.04 -10.80
C LYS B 79 -1.86 -0.69 -9.71
N VAL B 80 -0.53 -0.58 -9.77
CA VAL B 80 0.31 -1.27 -8.79
C VAL B 80 0.38 -0.54 -7.45
N ILE B 81 0.06 -1.29 -6.40
CA ILE B 81 0.29 -0.84 -5.05
C ILE B 81 1.79 -0.88 -4.78
N HIS B 82 2.25 -0.19 -3.78
CA HIS B 82 3.63 -0.33 -3.36
C HIS B 82 3.67 -0.91 -1.97
N LEU B 83 4.17 -2.11 -1.86
CA LEU B 83 4.19 -2.81 -0.60
C LEU B 83 5.43 -2.46 0.20
N VAL B 84 5.34 -2.66 1.50
CA VAL B 84 6.48 -2.47 2.38
C VAL B 84 6.86 -3.80 2.97
N GLU B 85 8.13 -3.96 3.21
CA GLU B 85 8.67 -5.19 3.69
C GLU B 85 9.48 -4.94 4.95
N ARG B 86 9.11 -5.59 6.04
CA ARG B 86 9.69 -5.28 7.34
C ARG B 86 10.88 -6.17 7.64
N ALA B 87 11.51 -5.91 8.78
CA ALA B 87 12.66 -6.68 9.23
C ALA B 87 12.29 -8.15 9.39
N PRO B 88 13.27 -9.06 9.28
CA PRO B 88 13.07 -10.49 9.51
C PRO B 88 12.47 -10.74 10.89
N PRO B 89 11.67 -11.81 11.01
CA PRO B 89 10.91 -12.09 12.23
C PRO B 89 11.81 -12.41 13.41
N GLN B 90 11.49 -11.83 14.56
CA GLN B 90 12.25 -12.05 15.78
C GLN B 90 12.04 -13.48 16.25
N THR B 91 10.88 -14.05 15.85
CA THR B 91 10.51 -15.45 16.09
C THR B 91 10.99 -15.97 17.45
N HIS B 92 10.44 -15.41 18.51
CA HIS B 92 10.72 -15.90 19.84
C HIS B 92 10.12 -17.30 19.98
N LEU B 93 8.88 -17.43 19.55
CA LEU B 93 8.22 -18.73 19.49
C LEU B 93 8.40 -19.33 18.11
N PRO B 94 9.13 -20.44 18.01
CA PRO B 94 9.41 -21.11 16.74
C PRO B 94 8.13 -21.50 16.00
N SER B 95 8.13 -21.33 14.69
CA SER B 95 7.00 -21.69 13.85
C SER B 95 6.67 -23.17 14.00
N GLY B 96 5.42 -23.46 14.35
CA GLY B 96 5.01 -24.83 14.58
C GLY B 96 4.03 -24.91 15.73
N ALA B 97 4.07 -23.92 16.61
CA ALA B 97 3.20 -23.89 17.77
C ALA B 97 2.19 -22.75 17.67
N SER B 98 1.66 -22.55 16.48
CA SER B 98 0.69 -21.50 16.25
C SER B 98 -0.69 -21.90 16.76
N SER B 99 -0.89 -23.21 16.91
CA SER B 99 -2.14 -23.74 17.42
C SER B 99 -2.24 -23.51 18.94
N GLY B 100 -3.13 -22.62 19.34
CA GLY B 100 -3.33 -22.35 20.74
C GLY B 100 -3.36 -20.88 21.03
N GLY A 1 13.60 13.62 15.39
CA GLY A 1 14.09 14.99 15.14
C GLY A 1 13.19 16.03 15.78
N SER A 2 13.48 17.30 15.51
CA SER A 2 12.70 18.39 16.08
C SER A 2 11.35 18.49 15.38
N MET A 3 10.29 18.33 16.14
CA MET A 3 8.94 18.42 15.60
C MET A 3 8.00 19.00 16.65
N ALA A 4 7.88 20.31 16.65
CA ALA A 4 6.98 20.98 17.57
C ALA A 4 6.03 21.91 16.80
N GLU A 5 5.92 21.66 15.51
CA GLU A 5 5.10 22.47 14.63
C GLU A 5 3.73 21.81 14.44
N ALA A 6 2.69 22.62 14.40
CA ALA A 6 1.34 22.13 14.15
C ALA A 6 1.14 21.89 12.67
N SER A 7 1.91 22.60 11.85
CA SER A 7 1.89 22.43 10.42
C SER A 7 3.25 22.81 9.82
N PRO A 8 4.27 21.94 9.99
CA PRO A 8 5.61 22.21 9.47
C PRO A 8 5.66 22.08 7.95
N HIS A 9 5.02 21.04 7.42
CA HIS A 9 4.98 20.80 5.99
C HIS A 9 3.97 19.72 5.66
N PRO A 10 3.17 19.92 4.60
CA PRO A 10 2.18 18.98 4.16
C PRO A 10 2.72 18.09 3.04
N GLY A 11 3.81 17.40 3.33
CA GLY A 11 4.47 16.61 2.33
C GLY A 11 5.34 15.53 2.92
N ARG A 12 5.09 15.26 4.17
CA ARG A 12 5.89 14.28 4.90
C ARG A 12 5.58 12.86 4.43
N TYR A 13 6.51 12.31 3.69
CA TYR A 13 6.39 10.95 3.18
C TYR A 13 7.57 10.12 3.65
N PHE A 14 7.53 8.85 3.35
CA PHE A 14 8.61 7.96 3.69
C PHE A 14 8.82 6.94 2.58
N CYS A 15 10.02 6.93 2.02
CA CYS A 15 10.37 5.97 1.01
C CYS A 15 11.21 4.85 1.63
N HIS A 16 10.70 3.63 1.54
CA HIS A 16 11.34 2.50 2.17
C HIS A 16 12.60 2.07 1.41
N CYS A 17 12.73 2.53 0.17
CA CYS A 17 13.91 2.26 -0.62
C CYS A 17 15.12 3.04 -0.08
N CYS A 18 14.85 4.25 0.41
CA CYS A 18 15.89 5.07 1.03
C CYS A 18 15.91 4.82 2.54
N SER A 19 14.77 4.36 3.05
CA SER A 19 14.53 4.19 4.48
C SER A 19 14.77 5.51 5.21
N VAL A 20 14.49 6.61 4.52
CA VAL A 20 14.61 7.94 5.08
C VAL A 20 13.39 8.76 4.67
N GLU A 21 12.97 9.69 5.52
CA GLU A 21 11.83 10.53 5.23
C GLU A 21 12.10 11.47 4.07
N ILE A 22 11.06 11.77 3.31
CA ILE A 22 11.18 12.57 2.10
C ILE A 22 10.00 13.54 1.98
N VAL A 23 10.13 14.47 1.04
CA VAL A 23 8.98 15.22 0.54
C VAL A 23 8.97 15.10 -0.97
N PRO A 24 8.10 14.21 -1.45
CA PRO A 24 8.01 13.80 -2.84
C PRO A 24 7.79 14.89 -3.87
N ARG A 25 7.83 14.43 -5.11
CA ARG A 25 7.57 15.22 -6.29
C ARG A 25 6.21 14.79 -6.82
N LEU A 26 5.31 14.73 -5.83
CA LEU A 26 3.86 14.43 -5.92
C LEU A 26 3.30 14.12 -7.32
N PRO A 27 3.36 15.04 -8.32
CA PRO A 27 2.94 14.77 -9.69
C PRO A 27 3.12 13.32 -10.15
N ASP A 28 4.17 12.67 -9.67
CA ASP A 28 4.47 11.29 -10.04
C ASP A 28 4.40 10.35 -8.86
N TYR A 29 4.50 10.94 -7.67
CA TYR A 29 4.64 10.20 -6.42
C TYR A 29 5.98 9.53 -6.35
N ILE A 30 7.00 10.32 -6.66
CA ILE A 30 8.38 9.90 -6.59
C ILE A 30 9.02 10.45 -5.35
N CYS A 31 10.13 9.84 -4.99
CA CYS A 31 10.91 10.27 -3.85
C CYS A 31 12.04 11.15 -4.37
N PRO A 32 12.44 12.16 -3.63
CA PRO A 32 13.43 13.11 -4.08
C PRO A 32 14.80 12.57 -3.83
N ARG A 33 14.81 11.54 -2.99
CA ARG A 33 16.03 10.87 -2.64
C ARG A 33 16.46 9.78 -3.62
N CYS A 34 15.51 9.25 -4.40
CA CYS A 34 15.85 8.22 -5.38
C CYS A 34 14.96 8.27 -6.62
N GLU A 35 13.92 9.12 -6.59
CA GLU A 35 12.99 9.27 -7.71
C GLU A 35 12.33 7.94 -8.05
N SER A 36 12.15 7.11 -7.04
CA SER A 36 11.37 5.90 -7.17
C SER A 36 10.10 6.01 -6.36
N GLY A 37 9.00 5.53 -6.91
CA GLY A 37 7.70 5.69 -6.28
C GLY A 37 7.43 4.68 -5.18
N PHE A 38 8.33 4.59 -4.23
CA PHE A 38 8.17 3.68 -3.10
C PHE A 38 7.97 4.47 -1.83
N ILE A 39 7.10 5.46 -1.91
CA ILE A 39 6.82 6.35 -0.81
C ILE A 39 5.42 6.15 -0.29
N GLU A 40 5.27 6.14 1.02
CA GLU A 40 3.97 6.15 1.62
C GLU A 40 3.82 7.43 2.42
N GLU A 41 2.63 8.01 2.39
CA GLU A 41 2.36 9.24 3.12
C GLU A 41 2.28 8.95 4.60
N LEU A 42 2.79 9.86 5.41
CA LEU A 42 2.83 9.67 6.85
C LEU A 42 1.61 10.33 7.50
N MET B 1 -23.86 -19.13 19.43
CA MET B 1 -23.07 -20.25 18.86
C MET B 1 -23.66 -20.74 17.54
N ALA B 2 -24.35 -19.86 16.83
CA ALA B 2 -24.95 -20.23 15.56
C ALA B 2 -24.82 -19.12 14.52
N HIS B 3 -24.07 -18.08 14.84
CA HIS B 3 -23.90 -16.96 13.92
C HIS B 3 -22.58 -16.23 14.20
N HIS B 4 -21.56 -16.98 14.54
CA HIS B 4 -20.24 -16.41 14.77
C HIS B 4 -19.29 -16.87 13.67
N HIS B 5 -19.09 -18.18 13.59
CA HIS B 5 -18.31 -18.77 12.51
C HIS B 5 -19.19 -18.86 11.27
N HIS B 6 -19.12 -17.84 10.43
CA HIS B 6 -20.03 -17.74 9.29
C HIS B 6 -19.61 -18.69 8.17
N HIS B 7 -20.33 -19.80 8.06
CA HIS B 7 -20.14 -20.73 6.95
C HIS B 7 -20.89 -20.19 5.73
N HIS B 8 -20.55 -18.98 5.36
CA HIS B 8 -21.16 -18.30 4.23
C HIS B 8 -20.13 -17.35 3.61
N VAL B 9 -19.35 -17.87 2.68
CA VAL B 9 -18.33 -17.07 2.03
C VAL B 9 -18.91 -16.37 0.81
N ASP B 10 -18.34 -15.22 0.48
CA ASP B 10 -18.76 -14.46 -0.68
C ASP B 10 -17.60 -14.36 -1.65
N ASP B 11 -16.91 -15.49 -1.78
CA ASP B 11 -15.70 -15.59 -2.59
C ASP B 11 -16.05 -15.96 -4.02
N ASP B 12 -15.07 -15.81 -4.93
CA ASP B 12 -15.19 -16.22 -6.34
C ASP B 12 -15.91 -15.17 -7.16
N ASP B 13 -16.61 -14.26 -6.49
CA ASP B 13 -17.28 -13.15 -7.16
C ASP B 13 -16.24 -12.19 -7.72
N LYS B 14 -15.36 -11.72 -6.83
CA LYS B 14 -14.33 -10.73 -7.14
C LYS B 14 -14.84 -9.53 -7.96
N MET B 15 -13.89 -8.67 -8.34
CA MET B 15 -14.20 -7.47 -9.09
C MET B 15 -12.91 -6.79 -9.56
N LEU B 16 -11.98 -6.55 -8.63
CA LEU B 16 -10.79 -5.78 -8.94
C LEU B 16 -9.58 -6.67 -9.13
N GLU B 17 -8.86 -6.45 -10.21
CA GLU B 17 -7.63 -7.15 -10.46
C GLU B 17 -6.50 -6.40 -9.81
N VAL B 18 -6.19 -6.80 -8.61
CA VAL B 18 -5.25 -6.10 -7.82
C VAL B 18 -3.85 -6.48 -8.24
N LEU B 19 -3.18 -5.62 -8.94
CA LEU B 19 -1.81 -5.88 -9.27
C LEU B 19 -0.98 -5.19 -8.20
N VAL B 20 0.12 -5.80 -7.78
CA VAL B 20 0.90 -5.27 -6.67
C VAL B 20 2.39 -5.65 -6.82
N LYS B 21 3.28 -4.65 -6.89
CA LYS B 21 4.70 -4.91 -7.03
C LYS B 21 5.44 -4.59 -5.74
N THR B 22 6.66 -5.08 -5.68
CA THR B 22 7.61 -4.69 -4.66
C THR B 22 8.64 -3.73 -5.30
N LEU B 23 9.78 -3.54 -4.65
CA LEU B 23 10.88 -2.71 -5.17
C LEU B 23 11.14 -2.96 -6.66
N ASP B 24 11.12 -4.22 -7.04
CA ASP B 24 11.41 -4.62 -8.41
C ASP B 24 11.37 -6.12 -8.53
N SER B 25 11.68 -6.79 -7.42
CA SER B 25 11.71 -8.24 -7.38
C SER B 25 10.39 -8.87 -7.84
N GLN B 26 9.26 -8.22 -7.55
CA GLN B 26 7.97 -8.84 -7.82
C GLN B 26 6.94 -7.86 -8.39
N THR B 27 5.82 -8.46 -8.75
CA THR B 27 4.62 -7.82 -9.27
C THR B 27 3.56 -8.90 -9.36
N ARG B 28 2.72 -9.05 -8.35
CA ARG B 28 1.73 -10.10 -8.41
C ARG B 28 0.32 -9.56 -8.36
N THR B 29 -0.63 -10.37 -8.83
CA THR B 29 -2.01 -10.00 -8.84
C THR B 29 -2.78 -10.63 -7.68
N PHE B 30 -3.67 -9.85 -7.09
CA PHE B 30 -4.36 -10.19 -5.87
C PHE B 30 -5.84 -9.90 -6.01
N ILE B 31 -6.44 -10.50 -7.02
CA ILE B 31 -7.82 -10.22 -7.35
C ILE B 31 -8.76 -10.43 -6.20
N VAL B 32 -9.44 -9.34 -5.96
CA VAL B 32 -10.44 -9.25 -4.92
C VAL B 32 -11.74 -8.74 -5.47
N GLY B 33 -12.68 -8.52 -4.56
CA GLY B 33 -14.00 -8.10 -4.96
C GLY B 33 -14.47 -6.82 -4.28
N ALA B 34 -13.62 -5.81 -4.38
CA ALA B 34 -13.97 -4.42 -4.04
C ALA B 34 -14.14 -4.12 -2.56
N GLN B 35 -14.55 -5.08 -1.81
CA GLN B 35 -14.90 -4.84 -0.44
C GLN B 35 -14.90 -6.17 0.23
N MET B 36 -14.14 -7.04 -0.41
CA MET B 36 -14.11 -8.43 -0.08
C MET B 36 -13.39 -8.67 1.24
N ASN B 37 -12.08 -8.46 1.24
CA ASN B 37 -11.30 -8.60 2.46
C ASN B 37 -10.45 -7.40 2.70
N VAL B 38 -9.31 -7.40 2.04
CA VAL B 38 -8.21 -6.51 2.31
C VAL B 38 -7.46 -6.90 3.59
N LYS B 39 -8.16 -7.46 4.54
CA LYS B 39 -7.58 -7.92 5.78
C LYS B 39 -7.00 -9.29 5.60
N GLU B 40 -7.90 -10.21 5.40
CA GLU B 40 -7.59 -11.56 5.01
C GLU B 40 -6.82 -11.59 3.69
N PHE B 41 -7.02 -10.56 2.91
CA PHE B 41 -6.21 -10.27 1.73
C PHE B 41 -4.75 -10.06 2.13
N LYS B 42 -4.56 -9.22 3.17
CA LYS B 42 -3.24 -9.01 3.76
C LYS B 42 -2.65 -10.36 4.15
N GLU B 43 -3.49 -11.12 4.84
CA GLU B 43 -3.13 -12.44 5.33
C GLU B 43 -2.75 -13.37 4.17
N HIS B 44 -3.42 -13.20 3.04
CA HIS B 44 -3.18 -14.00 1.85
C HIS B 44 -1.83 -13.72 1.21
N ILE B 45 -1.54 -12.44 0.98
CA ILE B 45 -0.35 -12.07 0.25
C ILE B 45 0.91 -12.10 1.11
N ALA B 46 0.74 -12.23 2.43
CA ALA B 46 1.83 -12.25 3.39
C ALA B 46 3.04 -13.07 2.92
N ALA B 47 2.85 -14.35 2.66
CA ALA B 47 3.97 -15.21 2.32
C ALA B 47 4.55 -14.89 0.94
N SER B 48 3.67 -14.59 -0.01
CA SER B 48 4.09 -14.32 -1.37
C SER B 48 5.06 -13.14 -1.42
N VAL B 49 4.84 -12.17 -0.54
CA VAL B 49 5.69 -10.99 -0.47
C VAL B 49 6.70 -11.11 0.67
N SER B 50 6.61 -12.20 1.44
CA SER B 50 7.53 -12.48 2.53
C SER B 50 7.29 -11.47 3.65
N ILE B 51 6.12 -10.87 3.62
CA ILE B 51 5.75 -9.88 4.61
C ILE B 51 4.41 -10.22 5.22
N PRO B 52 4.36 -10.47 6.53
CA PRO B 52 3.11 -10.80 7.21
C PRO B 52 2.10 -9.65 7.20
N SER B 53 0.85 -10.06 7.20
CA SER B 53 -0.30 -9.19 7.13
C SER B 53 -0.32 -8.10 8.19
N GLU B 54 0.28 -8.39 9.33
CA GLU B 54 0.28 -7.46 10.45
C GLU B 54 1.37 -6.40 10.30
N LYS B 55 2.22 -6.56 9.30
CA LYS B 55 3.34 -5.65 9.10
C LYS B 55 3.33 -5.05 7.70
N GLN B 56 2.86 -5.83 6.74
CA GLN B 56 2.89 -5.44 5.34
C GLN B 56 2.07 -4.18 5.10
N ARG B 57 2.63 -3.28 4.33
CA ARG B 57 1.91 -2.07 3.94
C ARG B 57 1.76 -1.94 2.43
N LEU B 58 0.52 -1.69 1.97
CA LEU B 58 0.27 -1.40 0.55
C LEU B 58 0.34 0.10 0.32
N ILE B 59 1.02 0.51 -0.72
CA ILE B 59 1.05 1.91 -1.08
C ILE B 59 0.64 2.14 -2.53
N TYR B 60 -0.48 2.81 -2.72
CA TYR B 60 -0.91 3.19 -4.06
C TYR B 60 -1.11 4.70 -4.10
N GLN B 61 -0.32 5.37 -4.93
CA GLN B 61 -0.35 6.83 -5.06
C GLN B 61 0.01 7.48 -3.72
N GLY B 62 0.91 6.85 -2.98
CA GLY B 62 1.32 7.38 -1.70
C GLY B 62 0.34 7.04 -0.59
N ARG B 63 -0.79 6.48 -0.96
CA ARG B 63 -1.83 6.13 0.00
C ARG B 63 -1.54 4.76 0.58
N VAL B 64 -1.52 4.67 1.90
CA VAL B 64 -1.16 3.43 2.56
C VAL B 64 -2.40 2.54 2.71
N LEU B 65 -2.60 1.69 1.72
CA LEU B 65 -3.72 0.74 1.71
C LEU B 65 -3.42 -0.36 2.71
N GLN B 66 -4.41 -0.75 3.48
CA GLN B 66 -4.17 -1.66 4.59
C GLN B 66 -5.41 -2.53 4.87
N ASP B 67 -5.39 -3.22 6.01
CA ASP B 67 -6.48 -4.10 6.45
C ASP B 67 -7.77 -3.32 6.79
N ASP B 68 -7.71 -2.00 6.64
CA ASP B 68 -8.79 -1.09 7.06
C ASP B 68 -10.04 -1.23 6.20
N LYS B 69 -9.99 -2.16 5.27
CA LYS B 69 -11.13 -2.49 4.40
C LYS B 69 -11.40 -1.42 3.36
N LYS B 70 -12.47 -1.64 2.56
CA LYS B 70 -12.90 -0.70 1.53
C LYS B 70 -11.91 -0.67 0.36
N LEU B 71 -11.84 -1.79 -0.36
CA LEU B 71 -10.88 -1.97 -1.45
C LEU B 71 -11.13 -1.01 -2.61
N GLN B 72 -12.40 -0.81 -2.97
CA GLN B 72 -12.74 0.02 -4.10
C GLN B 72 -12.49 1.49 -3.84
N GLU B 73 -12.37 1.86 -2.58
CA GLU B 73 -12.00 3.21 -2.23
C GLU B 73 -10.55 3.44 -2.60
N TYR B 74 -9.77 2.37 -2.60
CA TYR B 74 -8.38 2.44 -3.03
C TYR B 74 -8.34 2.58 -4.54
N ASN B 75 -9.43 2.10 -5.17
CA ASN B 75 -9.69 2.29 -6.61
C ASN B 75 -8.60 1.59 -7.36
N VAL B 76 -8.25 0.47 -6.77
CA VAL B 76 -7.01 -0.19 -7.04
C VAL B 76 -7.17 -1.31 -8.08
N GLY B 77 -8.39 -1.46 -8.54
CA GLY B 77 -8.73 -2.49 -9.48
C GLY B 77 -8.17 -2.24 -10.83
N GLY B 78 -7.13 -2.95 -11.06
CA GLY B 78 -6.50 -3.00 -12.36
C GLY B 78 -5.21 -2.18 -12.45
N LYS B 79 -4.67 -1.79 -11.32
CA LYS B 79 -3.37 -1.11 -11.28
C LYS B 79 -2.44 -1.86 -10.36
N VAL B 80 -1.12 -1.76 -10.55
CA VAL B 80 -0.20 -2.38 -9.61
C VAL B 80 0.06 -1.44 -8.43
N ILE B 81 -0.07 -2.00 -7.24
CA ILE B 81 0.29 -1.30 -6.04
C ILE B 81 1.78 -1.45 -5.79
N HIS B 82 2.35 -0.60 -4.98
CA HIS B 82 3.68 -0.84 -4.49
C HIS B 82 3.59 -1.16 -3.02
N LEU B 83 3.88 -2.39 -2.65
CA LEU B 83 3.96 -2.71 -1.25
C LEU B 83 5.41 -2.74 -0.83
N VAL B 84 5.66 -2.49 0.43
CA VAL B 84 7.02 -2.38 0.91
C VAL B 84 7.25 -3.27 2.11
N GLU B 85 8.46 -3.21 2.62
CA GLU B 85 8.82 -3.96 3.80
C GLU B 85 8.25 -3.29 5.05
N ARG B 86 8.45 -3.94 6.19
CA ARG B 86 7.88 -3.48 7.44
C ARG B 86 8.47 -2.14 7.84
N ALA B 87 7.82 -1.53 8.81
CA ALA B 87 8.26 -0.27 9.38
C ALA B 87 9.57 -0.48 10.15
N PRO B 88 10.24 0.60 10.62
CA PRO B 88 11.47 0.48 11.40
C PRO B 88 11.30 -0.45 12.61
N PRO B 89 12.39 -1.11 13.03
CA PRO B 89 12.35 -2.10 14.12
C PRO B 89 12.22 -1.46 15.49
N GLN B 90 11.14 -0.71 15.68
CA GLN B 90 10.85 -0.08 16.95
C GLN B 90 10.29 -1.09 17.94
N THR B 91 9.86 -2.24 17.42
CA THR B 91 9.40 -3.39 18.21
C THR B 91 8.60 -2.98 19.46
N HIS B 92 7.58 -2.14 19.25
CA HIS B 92 6.76 -1.64 20.34
C HIS B 92 5.91 -2.76 20.91
N LEU B 93 5.16 -3.42 20.04
CA LEU B 93 4.34 -4.55 20.43
C LEU B 93 4.51 -5.68 19.42
N PRO B 94 5.44 -6.62 19.69
CA PRO B 94 5.71 -7.73 18.78
C PRO B 94 4.53 -8.70 18.69
N SER B 95 3.69 -8.70 19.72
CA SER B 95 2.54 -9.55 19.79
C SER B 95 1.61 -9.05 20.88
N GLY B 96 0.31 -9.23 20.68
CA GLY B 96 -0.66 -8.76 21.65
C GLY B 96 -1.81 -9.73 21.82
N ALA B 97 -1.50 -11.01 21.73
CA ALA B 97 -2.51 -12.05 21.85
C ALA B 97 -2.42 -12.70 23.23
N SER B 98 -3.00 -12.05 24.21
CA SER B 98 -2.97 -12.54 25.58
C SER B 98 -4.36 -13.06 25.97
N SER B 99 -4.72 -12.90 27.24
CA SER B 99 -6.02 -13.34 27.75
C SER B 99 -6.15 -14.85 27.71
N GLY B 100 -5.69 -15.50 28.76
CA GLY B 100 -5.75 -16.94 28.84
C GLY B 100 -5.59 -17.40 30.27
N GLY A 1 -15.68 18.87 -0.13
CA GLY A 1 -16.75 19.88 0.01
C GLY A 1 -16.29 21.25 -0.45
N SER A 2 -16.81 22.30 0.18
CA SER A 2 -16.40 23.65 -0.14
C SER A 2 -15.37 24.14 0.86
N MET A 3 -15.23 23.42 1.97
CA MET A 3 -14.22 23.74 2.97
C MET A 3 -12.90 23.07 2.60
N ALA A 4 -12.27 23.58 1.56
CA ALA A 4 -11.01 23.02 1.10
C ALA A 4 -9.84 23.61 1.88
N GLU A 5 -9.02 22.75 2.46
CA GLU A 5 -7.84 23.18 3.18
C GLU A 5 -6.63 23.16 2.26
N ALA A 6 -5.68 24.04 2.53
CA ALA A 6 -4.47 24.13 1.72
C ALA A 6 -3.46 23.10 2.18
N SER A 7 -3.79 21.84 1.98
CA SER A 7 -2.90 20.75 2.36
C SER A 7 -2.17 20.22 1.14
N PRO A 8 -0.84 20.39 1.10
CA PRO A 8 -0.02 19.92 -0.02
C PRO A 8 0.00 18.40 -0.10
N HIS A 9 0.02 17.89 -1.32
CA HIS A 9 0.13 16.45 -1.56
C HIS A 9 1.53 15.94 -1.24
N PRO A 10 2.61 16.64 -1.67
CA PRO A 10 3.95 16.28 -1.32
C PRO A 10 4.36 16.86 0.04
N GLY A 11 4.33 16.00 1.05
CA GLY A 11 4.68 16.41 2.39
C GLY A 11 5.47 15.35 3.12
N ARG A 12 4.85 14.80 4.13
CA ARG A 12 5.43 13.73 4.94
C ARG A 12 5.32 12.39 4.22
N TYR A 13 6.29 12.07 3.39
CA TYR A 13 6.31 10.77 2.76
C TYR A 13 7.50 9.99 3.22
N PHE A 14 7.34 8.70 3.26
CA PHE A 14 8.42 7.86 3.63
C PHE A 14 8.69 6.82 2.56
N CYS A 15 9.89 6.83 2.02
CA CYS A 15 10.29 5.83 1.07
C CYS A 15 11.06 4.75 1.79
N HIS A 16 10.55 3.53 1.70
CA HIS A 16 11.09 2.43 2.46
C HIS A 16 12.43 1.97 1.91
N CYS A 17 12.70 2.32 0.65
CA CYS A 17 13.96 1.98 0.03
C CYS A 17 15.10 2.82 0.61
N CYS A 18 14.76 4.04 1.03
CA CYS A 18 15.76 4.93 1.63
C CYS A 18 15.81 4.76 3.14
N SER A 19 14.76 4.17 3.69
CA SER A 19 14.55 4.08 5.14
C SER A 19 14.68 5.45 5.80
N VAL A 20 14.33 6.49 5.04
CA VAL A 20 14.42 7.88 5.48
C VAL A 20 13.25 8.66 4.89
N GLU A 21 12.74 9.63 5.63
CA GLU A 21 11.57 10.37 5.22
C GLU A 21 11.89 11.37 4.11
N ILE A 22 10.89 11.66 3.28
CA ILE A 22 11.06 12.45 2.07
C ILE A 22 9.93 13.45 1.87
N VAL A 23 10.14 14.36 0.93
CA VAL A 23 9.08 15.10 0.29
C VAL A 23 9.15 14.79 -1.19
N PRO A 24 8.16 14.05 -1.66
CA PRO A 24 8.15 13.39 -2.97
C PRO A 24 8.04 14.32 -4.16
N ARG A 25 8.15 13.67 -5.32
CA ARG A 25 7.99 14.27 -6.60
C ARG A 25 6.65 13.79 -7.14
N LEU A 26 5.69 13.91 -6.22
CA LEU A 26 4.25 13.65 -6.35
C LEU A 26 3.73 13.37 -7.77
N PRO A 27 3.96 14.27 -8.77
CA PRO A 27 3.57 14.03 -10.17
C PRO A 27 3.67 12.57 -10.61
N ASP A 28 4.68 11.87 -10.09
CA ASP A 28 4.91 10.47 -10.43
C ASP A 28 4.74 9.56 -9.22
N TYR A 29 4.83 10.19 -8.05
CA TYR A 29 4.92 9.52 -6.77
C TYR A 29 6.26 8.82 -6.64
N ILE A 30 7.30 9.61 -6.83
CA ILE A 30 8.66 9.16 -6.67
C ILE A 30 9.26 9.80 -5.44
N CYS A 31 10.34 9.23 -4.99
CA CYS A 31 11.06 9.71 -3.84
C CYS A 31 12.18 10.62 -4.35
N PRO A 32 12.52 11.67 -3.60
CA PRO A 32 13.48 12.67 -4.03
C PRO A 32 14.86 12.15 -3.74
N ARG A 33 14.88 11.22 -2.81
CA ARG A 33 16.10 10.61 -2.35
C ARG A 33 16.65 9.55 -3.29
N CYS A 34 15.76 8.87 -4.03
CA CYS A 34 16.22 7.81 -4.92
C CYS A 34 15.34 7.69 -6.18
N GLU A 35 14.27 8.48 -6.24
CA GLU A 35 13.36 8.47 -7.39
C GLU A 35 12.73 7.09 -7.61
N SER A 36 12.35 6.44 -6.52
CA SER A 36 11.55 5.22 -6.62
C SER A 36 10.17 5.50 -6.04
N GLY A 37 9.18 4.72 -6.48
CA GLY A 37 7.82 4.95 -6.03
C GLY A 37 7.42 4.09 -4.86
N PHE A 38 8.32 3.99 -3.88
CA PHE A 38 8.05 3.23 -2.68
C PHE A 38 7.86 4.17 -1.49
N ILE A 39 7.04 5.19 -1.71
CA ILE A 39 6.77 6.20 -0.71
C ILE A 39 5.34 6.14 -0.21
N GLU A 40 5.11 6.48 1.06
CA GLU A 40 3.77 6.61 1.58
C GLU A 40 3.64 7.87 2.43
N GLU A 41 2.45 8.47 2.40
CA GLU A 41 2.10 9.58 3.27
C GLU A 41 2.03 9.09 4.72
N LEU A 42 2.45 9.93 5.65
CA LEU A 42 2.58 9.51 7.03
C LEU A 42 1.55 10.21 7.91
N MET B 1 -14.02 -22.70 -24.69
CA MET B 1 -14.70 -22.05 -23.54
C MET B 1 -13.94 -22.32 -22.25
N ALA B 2 -12.63 -22.16 -22.28
CA ALA B 2 -11.79 -22.51 -21.15
C ALA B 2 -11.58 -21.32 -20.22
N HIS B 3 -12.30 -20.23 -20.48
CA HIS B 3 -12.20 -19.06 -19.61
C HIS B 3 -13.34 -19.04 -18.59
N HIS B 4 -14.34 -19.89 -18.81
CA HIS B 4 -15.52 -19.91 -17.95
C HIS B 4 -15.25 -20.63 -16.62
N HIS B 5 -14.43 -19.99 -15.78
CA HIS B 5 -14.15 -20.50 -14.45
C HIS B 5 -13.91 -19.35 -13.48
N HIS B 6 -14.46 -19.47 -12.27
CA HIS B 6 -14.27 -18.49 -11.19
C HIS B 6 -14.62 -17.09 -11.65
N HIS B 7 -15.87 -16.87 -12.01
CA HIS B 7 -16.36 -15.53 -12.34
C HIS B 7 -17.47 -15.14 -11.37
N HIS B 8 -18.45 -16.02 -11.23
CA HIS B 8 -19.57 -15.82 -10.32
C HIS B 8 -20.28 -14.50 -10.64
N VAL B 9 -21.09 -14.52 -11.68
CA VAL B 9 -21.80 -13.34 -12.14
C VAL B 9 -23.20 -13.26 -11.54
N ASP B 10 -23.85 -12.11 -11.73
CA ASP B 10 -25.21 -11.84 -11.23
C ASP B 10 -25.20 -11.55 -9.73
N ASP B 11 -24.37 -12.29 -9.03
CA ASP B 11 -24.22 -12.16 -7.60
C ASP B 11 -22.76 -11.87 -7.28
N ASP B 12 -22.49 -10.67 -6.78
CA ASP B 12 -21.12 -10.24 -6.47
C ASP B 12 -20.25 -10.33 -7.72
N ASP B 13 -20.66 -9.60 -8.74
CA ASP B 13 -19.99 -9.61 -10.04
C ASP B 13 -18.63 -8.93 -9.96
N LYS B 14 -18.50 -7.98 -9.04
CA LYS B 14 -17.29 -7.19 -8.91
C LYS B 14 -16.05 -8.04 -8.68
N MET B 15 -14.95 -7.59 -9.26
CA MET B 15 -13.69 -8.31 -9.21
C MET B 15 -12.57 -7.40 -9.68
N LEU B 16 -11.68 -7.01 -8.77
CA LEU B 16 -10.62 -6.10 -9.11
C LEU B 16 -9.33 -6.87 -9.31
N GLU B 17 -8.64 -6.58 -10.40
CA GLU B 17 -7.38 -7.18 -10.65
C GLU B 17 -6.33 -6.40 -9.91
N VAL B 18 -6.02 -6.87 -8.73
CA VAL B 18 -5.17 -6.16 -7.83
C VAL B 18 -3.73 -6.35 -8.23
N LEU B 19 -3.24 -5.45 -9.02
CA LEU B 19 -1.85 -5.52 -9.40
C LEU B 19 -1.07 -4.81 -8.30
N VAL B 20 0.00 -5.44 -7.86
CA VAL B 20 0.77 -4.95 -6.73
C VAL B 20 2.25 -5.18 -7.00
N LYS B 21 3.01 -4.11 -7.10
CA LYS B 21 4.41 -4.21 -7.42
C LYS B 21 5.19 -4.38 -6.12
N THR B 22 6.35 -5.01 -6.23
CA THR B 22 7.17 -5.28 -5.07
C THR B 22 8.52 -4.58 -5.22
N LEU B 23 9.31 -4.61 -4.15
CA LEU B 23 10.64 -4.00 -4.15
C LEU B 23 11.60 -4.75 -5.07
N ASP B 24 11.16 -5.88 -5.58
CA ASP B 24 11.92 -6.64 -6.55
C ASP B 24 11.66 -6.12 -7.97
N SER B 25 10.96 -4.98 -8.04
CA SER B 25 10.70 -4.30 -9.30
C SER B 25 9.68 -5.05 -10.16
N GLN B 26 9.00 -6.01 -9.55
CA GLN B 26 8.02 -6.81 -10.24
C GLN B 26 6.63 -6.21 -10.05
N THR B 27 5.67 -6.90 -10.61
CA THR B 27 4.25 -6.56 -10.50
C THR B 27 3.45 -7.86 -10.36
N ARG B 28 2.82 -8.09 -9.22
CA ARG B 28 2.04 -9.30 -9.07
C ARG B 28 0.60 -8.97 -8.82
N THR B 29 -0.30 -9.83 -9.26
CA THR B 29 -1.70 -9.56 -9.17
C THR B 29 -2.38 -10.39 -8.07
N PHE B 30 -3.32 -9.76 -7.38
CA PHE B 30 -3.99 -10.36 -6.23
C PHE B 30 -5.47 -10.21 -6.38
N ILE B 31 -5.97 -10.78 -7.44
CA ILE B 31 -7.35 -10.64 -7.81
C ILE B 31 -8.33 -11.05 -6.76
N VAL B 32 -9.11 -10.06 -6.44
CA VAL B 32 -10.16 -10.16 -5.45
C VAL B 32 -11.42 -9.47 -5.90
N GLY B 33 -12.32 -9.27 -4.97
CA GLY B 33 -13.54 -8.54 -5.27
C GLY B 33 -13.42 -7.09 -4.90
N ALA B 34 -14.52 -6.38 -4.96
CA ALA B 34 -14.56 -4.98 -4.66
C ALA B 34 -15.15 -4.84 -3.31
N GLN B 35 -14.29 -5.01 -2.31
CA GLN B 35 -14.60 -4.73 -0.89
C GLN B 35 -14.71 -6.05 -0.18
N MET B 36 -14.19 -7.04 -0.87
CA MET B 36 -14.00 -8.37 -0.36
C MET B 36 -13.21 -8.36 0.95
N ASN B 37 -11.88 -8.17 0.86
CA ASN B 37 -11.05 -8.17 2.04
C ASN B 37 -10.24 -6.91 2.19
N VAL B 38 -8.98 -6.98 1.78
CA VAL B 38 -7.95 -6.01 2.16
C VAL B 38 -7.34 -6.39 3.50
N LYS B 39 -8.16 -6.90 4.37
CA LYS B 39 -7.74 -7.35 5.66
C LYS B 39 -7.16 -8.73 5.53
N GLU B 40 -8.05 -9.65 5.25
CA GLU B 40 -7.71 -11.00 4.94
C GLU B 40 -6.83 -11.07 3.69
N PHE B 41 -7.02 -10.10 2.82
CA PHE B 41 -6.26 -9.98 1.59
C PHE B 41 -4.78 -9.82 1.88
N LYS B 42 -4.47 -8.86 2.75
CA LYS B 42 -3.08 -8.62 3.14
C LYS B 42 -2.49 -9.87 3.75
N GLU B 43 -3.25 -10.49 4.64
CA GLU B 43 -2.86 -11.72 5.29
C GLU B 43 -2.62 -12.83 4.27
N HIS B 44 -3.40 -12.84 3.20
CA HIS B 44 -3.27 -13.82 2.14
C HIS B 44 -2.00 -13.63 1.33
N ILE B 45 -1.72 -12.39 0.92
CA ILE B 45 -0.57 -12.10 0.07
C ILE B 45 0.72 -12.14 0.88
N ALA B 46 0.60 -12.07 2.21
CA ALA B 46 1.72 -12.03 3.13
C ALA B 46 2.86 -12.96 2.73
N ALA B 47 2.61 -14.26 2.67
CA ALA B 47 3.70 -15.20 2.44
C ALA B 47 4.26 -15.10 1.03
N SER B 48 3.39 -14.90 0.05
CA SER B 48 3.80 -14.85 -1.32
C SER B 48 4.71 -13.65 -1.58
N VAL B 49 4.53 -12.62 -0.76
CA VAL B 49 5.34 -11.42 -0.87
C VAL B 49 6.38 -11.37 0.25
N SER B 50 6.36 -12.39 1.12
CA SER B 50 7.33 -12.55 2.21
C SER B 50 7.15 -11.43 3.22
N ILE B 51 5.97 -10.83 3.18
CA ILE B 51 5.66 -9.74 4.07
C ILE B 51 4.33 -9.99 4.78
N PRO B 52 4.37 -10.19 6.10
CA PRO B 52 3.17 -10.43 6.88
C PRO B 52 2.33 -9.17 6.98
N SER B 53 1.02 -9.36 7.03
CA SER B 53 0.04 -8.27 7.05
C SER B 53 0.33 -7.25 8.15
N GLU B 54 1.02 -7.68 9.21
CA GLU B 54 1.35 -6.79 10.31
C GLU B 54 2.56 -5.91 9.99
N LYS B 55 3.40 -6.38 9.07
CA LYS B 55 4.58 -5.64 8.66
C LYS B 55 4.39 -5.06 7.27
N GLN B 56 3.39 -5.56 6.55
CA GLN B 56 3.17 -5.18 5.17
C GLN B 56 2.29 -3.94 5.10
N ARG B 57 2.52 -3.15 4.08
CA ARG B 57 1.65 -2.00 3.79
C ARG B 57 1.41 -1.89 2.29
N LEU B 58 0.14 -1.71 1.91
CA LEU B 58 -0.19 -1.50 0.53
C LEU B 58 -0.18 -0.01 0.21
N ILE B 59 0.78 0.45 -0.56
CA ILE B 59 0.78 1.85 -0.94
C ILE B 59 0.39 2.03 -2.39
N TYR B 60 -0.74 2.65 -2.62
CA TYR B 60 -1.14 3.03 -3.95
C TYR B 60 -1.26 4.54 -4.03
N GLN B 61 -0.58 5.13 -5.03
CA GLN B 61 -0.48 6.59 -5.22
C GLN B 61 -0.28 7.32 -3.90
N GLY B 62 0.64 6.81 -3.08
CA GLY B 62 1.02 7.48 -1.85
C GLY B 62 -0.01 7.33 -0.74
N ARG B 63 -1.04 6.55 -0.98
CA ARG B 63 -2.03 6.27 0.05
C ARG B 63 -1.74 4.91 0.68
N VAL B 64 -1.80 4.87 2.00
CA VAL B 64 -1.48 3.64 2.72
C VAL B 64 -2.74 2.79 2.87
N LEU B 65 -2.96 1.92 1.90
CA LEU B 65 -4.08 1.00 1.93
C LEU B 65 -3.77 -0.08 2.94
N GLN B 66 -4.70 -0.38 3.82
CA GLN B 66 -4.41 -1.27 4.92
C GLN B 66 -5.62 -2.14 5.27
N ASP B 67 -5.40 -3.09 6.17
CA ASP B 67 -6.40 -4.09 6.56
C ASP B 67 -7.55 -3.51 7.36
N ASP B 68 -7.50 -2.22 7.66
CA ASP B 68 -8.53 -1.60 8.49
C ASP B 68 -9.75 -1.21 7.65
N LYS B 69 -9.59 -1.17 6.33
CA LYS B 69 -10.62 -0.59 5.46
C LYS B 69 -11.10 -1.59 4.42
N LYS B 70 -11.56 -1.09 3.28
CA LYS B 70 -12.08 -1.94 2.21
C LYS B 70 -11.36 -1.69 0.88
N LEU B 71 -11.30 -2.72 0.06
CA LEU B 71 -10.58 -2.67 -1.21
C LEU B 71 -11.06 -1.55 -2.13
N GLN B 72 -12.36 -1.51 -2.38
CA GLN B 72 -12.91 -0.61 -3.39
C GLN B 72 -12.86 0.84 -2.94
N GLU B 73 -12.64 1.05 -1.65
CA GLU B 73 -12.43 2.39 -1.13
C GLU B 73 -11.18 3.00 -1.74
N TYR B 74 -10.23 2.14 -2.08
CA TYR B 74 -8.99 2.59 -2.67
C TYR B 74 -9.10 2.55 -4.19
N ASN B 75 -10.05 1.72 -4.65
CA ASN B 75 -10.31 1.54 -6.09
C ASN B 75 -9.02 1.18 -6.82
N VAL B 76 -8.34 0.16 -6.32
CA VAL B 76 -7.08 -0.28 -6.90
C VAL B 76 -7.30 -1.40 -7.92
N GLY B 77 -8.53 -1.50 -8.40
CA GLY B 77 -8.87 -2.50 -9.36
C GLY B 77 -8.34 -2.17 -10.72
N GLY B 78 -7.28 -2.84 -11.01
CA GLY B 78 -6.66 -2.71 -12.30
C GLY B 78 -5.52 -1.71 -12.29
N LYS B 79 -5.09 -1.35 -11.10
CA LYS B 79 -3.98 -0.42 -10.90
C LYS B 79 -2.91 -1.10 -10.04
N VAL B 80 -1.61 -0.89 -10.32
CA VAL B 80 -0.59 -1.55 -9.51
C VAL B 80 -0.32 -0.80 -8.21
N ILE B 81 -0.27 -1.56 -7.14
CA ILE B 81 0.07 -1.05 -5.83
C ILE B 81 1.58 -1.20 -5.61
N HIS B 82 2.10 -0.60 -4.56
CA HIS B 82 3.49 -0.81 -4.20
C HIS B 82 3.56 -1.44 -2.82
N LEU B 83 4.05 -2.68 -2.75
CA LEU B 83 4.19 -3.36 -1.48
C LEU B 83 5.54 -3.09 -0.84
N VAL B 84 5.52 -2.95 0.47
CA VAL B 84 6.71 -2.66 1.26
C VAL B 84 6.56 -3.21 2.68
N GLU B 85 7.65 -3.17 3.42
CA GLU B 85 7.66 -3.55 4.83
C GLU B 85 7.88 -2.31 5.69
N ARG B 86 7.30 -2.30 6.89
CA ARG B 86 7.43 -1.16 7.78
C ARG B 86 8.87 -0.94 8.19
N ALA B 87 9.09 0.21 8.76
CA ALA B 87 10.38 0.56 9.33
C ALA B 87 10.57 -0.20 10.64
N PRO B 88 11.76 -0.15 11.27
CA PRO B 88 11.98 -0.76 12.58
C PRO B 88 10.96 -0.26 13.61
N PRO B 89 10.61 -1.08 14.61
CA PRO B 89 9.55 -0.76 15.58
C PRO B 89 9.97 0.31 16.58
N GLN B 90 10.84 1.21 16.15
CA GLN B 90 11.35 2.26 17.00
C GLN B 90 10.34 3.41 17.10
N THR B 91 9.51 3.54 16.08
CA THR B 91 8.52 4.60 16.03
C THR B 91 7.27 4.22 16.83
N HIS B 92 7.34 4.43 18.13
CA HIS B 92 6.23 4.15 19.03
C HIS B 92 6.21 5.16 20.17
N LEU B 93 5.54 6.28 19.94
CA LEU B 93 5.48 7.34 20.93
C LEU B 93 4.03 7.70 21.25
N PRO B 94 3.58 7.38 22.48
CA PRO B 94 2.25 7.74 22.96
C PRO B 94 2.04 9.25 23.01
N SER B 95 3.15 9.97 23.15
CA SER B 95 3.12 11.41 23.19
C SER B 95 3.18 12.02 21.78
N GLY B 96 2.68 11.29 20.80
CA GLY B 96 2.67 11.79 19.43
C GLY B 96 1.59 12.84 19.23
N ALA B 97 0.36 12.48 19.58
CA ALA B 97 -0.79 13.37 19.50
C ALA B 97 -0.92 13.99 18.11
N SER B 98 -1.33 13.19 17.14
CA SER B 98 -1.50 13.67 15.78
C SER B 98 -2.78 14.50 15.68
N SER B 99 -2.63 15.81 15.85
CA SER B 99 -3.73 16.75 15.76
C SER B 99 -4.80 16.44 16.81
N GLY B 100 -4.45 16.72 18.06
CA GLY B 100 -5.39 16.50 19.15
C GLY B 100 -5.70 17.78 19.87
N GLY A 1 26.02 20.17 4.39
CA GLY A 1 25.09 20.84 3.45
C GLY A 1 23.72 20.22 3.50
N SER A 2 22.69 21.05 3.35
CA SER A 2 21.32 20.58 3.38
C SER A 2 20.52 21.17 2.21
N MET A 3 19.49 20.44 1.79
CA MET A 3 18.62 20.85 0.70
C MET A 3 19.34 20.76 -0.63
N ALA A 4 19.29 19.58 -1.24
CA ALA A 4 19.83 19.37 -2.56
C ALA A 4 18.72 19.51 -3.60
N GLU A 5 17.55 19.01 -3.22
CA GLU A 5 16.36 19.16 -4.03
C GLU A 5 15.67 20.47 -3.67
N ALA A 6 14.96 21.06 -4.61
CA ALA A 6 14.38 22.40 -4.44
C ALA A 6 13.17 22.39 -3.52
N SER A 7 12.95 21.27 -2.83
CA SER A 7 11.87 21.11 -1.87
C SER A 7 10.51 21.40 -2.53
N PRO A 8 9.97 20.42 -3.28
CA PRO A 8 8.67 20.55 -3.94
C PRO A 8 7.52 20.50 -2.92
N HIS A 9 7.30 21.63 -2.26
CA HIS A 9 6.27 21.76 -1.22
C HIS A 9 6.61 20.90 -0.01
N PRO A 10 7.37 21.44 0.93
CA PRO A 10 7.78 20.77 2.15
C PRO A 10 6.63 20.14 2.94
N GLY A 11 6.63 18.82 3.00
CA GLY A 11 5.69 18.14 3.85
C GLY A 11 6.37 17.05 4.62
N ARG A 12 5.94 15.84 4.38
CA ARG A 12 6.51 14.67 5.04
C ARG A 12 6.05 13.38 4.37
N TYR A 13 6.92 12.81 3.55
CA TYR A 13 6.69 11.49 2.99
C TYR A 13 7.80 10.58 3.42
N PHE A 14 7.60 9.31 3.22
CA PHE A 14 8.58 8.32 3.61
C PHE A 14 8.69 7.23 2.57
N CYS A 15 9.84 7.16 1.94
CA CYS A 15 10.10 6.10 1.01
C CYS A 15 10.84 4.99 1.71
N HIS A 16 10.20 3.83 1.82
CA HIS A 16 10.75 2.70 2.54
C HIS A 16 11.94 2.11 1.80
N CYS A 17 12.04 2.43 0.51
CA CYS A 17 13.17 1.98 -0.30
C CYS A 17 14.46 2.66 0.13
N CYS A 18 14.35 3.91 0.53
CA CYS A 18 15.49 4.68 1.01
C CYS A 18 15.60 4.61 2.53
N SER A 19 14.50 4.18 3.16
CA SER A 19 14.34 4.16 4.62
C SER A 19 14.67 5.52 5.25
N VAL A 20 14.42 6.57 4.46
CA VAL A 20 14.67 7.95 4.87
C VAL A 20 13.52 8.83 4.38
N GLU A 21 13.20 9.87 5.15
CA GLU A 21 12.11 10.77 4.80
C GLU A 21 12.44 11.56 3.54
N ILE A 22 11.41 11.89 2.79
CA ILE A 22 11.57 12.57 1.52
C ILE A 22 10.50 13.67 1.34
N VAL A 23 10.70 14.52 0.35
CA VAL A 23 9.64 15.40 -0.14
C VAL A 23 9.46 15.13 -1.63
N PRO A 24 8.49 14.27 -1.90
CA PRO A 24 8.25 13.64 -3.20
C PRO A 24 8.04 14.55 -4.40
N ARG A 25 7.91 13.86 -5.52
CA ARG A 25 7.65 14.42 -6.81
C ARG A 25 6.25 13.96 -7.22
N LEU A 26 5.36 14.22 -6.26
CA LEU A 26 3.89 14.08 -6.35
C LEU A 26 3.32 13.74 -7.74
N PRO A 27 3.63 14.51 -8.81
CA PRO A 27 3.22 14.19 -10.19
C PRO A 27 3.12 12.69 -10.47
N ASP A 28 4.06 11.93 -9.93
CA ASP A 28 4.09 10.48 -10.13
C ASP A 28 3.99 9.75 -8.81
N TYR A 29 4.22 10.49 -7.75
CA TYR A 29 4.38 9.96 -6.39
C TYR A 29 5.68 9.22 -6.29
N ILE A 30 6.71 9.92 -6.70
CA ILE A 30 8.06 9.40 -6.68
C ILE A 30 8.85 10.03 -5.57
N CYS A 31 9.93 9.38 -5.23
CA CYS A 31 10.81 9.82 -4.18
C CYS A 31 11.97 10.58 -4.81
N PRO A 32 12.52 11.56 -4.12
CA PRO A 32 13.58 12.41 -4.63
C PRO A 32 14.90 11.70 -4.43
N ARG A 33 14.83 10.75 -3.52
CA ARG A 33 15.99 9.98 -3.14
C ARG A 33 16.22 8.74 -4.01
N CYS A 34 15.24 8.36 -4.81
CA CYS A 34 15.43 7.23 -5.73
C CYS A 34 14.48 7.28 -6.93
N GLU A 35 13.48 8.17 -6.88
CA GLU A 35 12.49 8.28 -7.97
C GLU A 35 11.72 6.98 -8.16
N SER A 36 11.57 6.24 -7.08
CA SER A 36 10.67 5.11 -7.06
C SER A 36 9.44 5.47 -6.22
N GLY A 37 8.26 5.00 -6.63
CA GLY A 37 7.02 5.38 -5.97
C GLY A 37 6.77 4.61 -4.69
N PHE A 38 7.82 4.35 -3.94
CA PHE A 38 7.72 3.61 -2.68
C PHE A 38 7.56 4.57 -1.50
N ILE A 39 6.78 5.62 -1.70
CA ILE A 39 6.56 6.61 -0.67
C ILE A 39 5.16 6.54 -0.12
N GLU A 40 5.04 6.73 1.17
CA GLU A 40 3.74 6.91 1.79
C GLU A 40 3.71 8.31 2.40
N GLU A 41 2.55 8.95 2.35
CA GLU A 41 2.40 10.27 2.95
C GLU A 41 2.21 10.12 4.46
N LEU A 42 2.99 10.87 5.21
CA LEU A 42 2.96 10.77 6.66
C LEU A 42 1.85 11.66 7.21
N MET B 1 -25.32 4.23 -7.13
CA MET B 1 -25.84 3.76 -5.83
C MET B 1 -27.24 3.15 -5.98
N ALA B 2 -27.50 2.56 -7.13
CA ALA B 2 -28.81 1.98 -7.40
C ALA B 2 -28.84 0.50 -7.03
N HIS B 3 -29.90 0.07 -6.38
CA HIS B 3 -30.06 -1.32 -6.01
C HIS B 3 -31.32 -1.90 -6.66
N HIS B 4 -31.12 -2.97 -7.43
CA HIS B 4 -32.22 -3.60 -8.16
C HIS B 4 -33.23 -4.21 -7.21
N HIS B 5 -32.75 -4.75 -6.09
CA HIS B 5 -33.63 -5.30 -5.08
C HIS B 5 -32.97 -5.21 -3.69
N HIS B 6 -31.92 -5.99 -3.47
CA HIS B 6 -31.27 -5.99 -2.17
C HIS B 6 -29.75 -5.91 -2.33
N HIS B 7 -29.31 -4.93 -3.11
CA HIS B 7 -27.88 -4.64 -3.31
C HIS B 7 -27.09 -5.91 -3.64
N HIS B 8 -27.47 -6.58 -4.71
CA HIS B 8 -26.76 -7.77 -5.15
C HIS B 8 -26.35 -7.63 -6.60
N VAL B 9 -25.17 -7.10 -6.82
CA VAL B 9 -24.66 -6.94 -8.17
C VAL B 9 -23.60 -7.99 -8.45
N ASP B 10 -23.54 -8.41 -9.71
CA ASP B 10 -22.63 -9.47 -10.12
C ASP B 10 -21.41 -8.88 -10.79
N ASP B 11 -21.59 -7.72 -11.43
CA ASP B 11 -20.49 -7.04 -12.08
C ASP B 11 -20.06 -5.83 -11.25
N ASP B 12 -20.62 -4.67 -11.57
CA ASP B 12 -20.31 -3.43 -10.87
C ASP B 12 -18.80 -3.16 -10.90
N ASP B 13 -18.29 -2.43 -9.92
CA ASP B 13 -16.87 -2.17 -9.84
C ASP B 13 -16.16 -3.29 -9.09
N LYS B 14 -16.95 -4.25 -8.60
CA LYS B 14 -16.42 -5.38 -7.84
C LYS B 14 -15.37 -6.16 -8.63
N MET B 15 -14.65 -7.03 -7.93
CA MET B 15 -13.57 -7.81 -8.52
C MET B 15 -12.46 -6.90 -9.06
N LEU B 16 -11.50 -6.59 -8.19
CA LEU B 16 -10.37 -5.77 -8.61
C LEU B 16 -9.26 -6.68 -9.07
N GLU B 17 -8.53 -6.23 -10.03
CA GLU B 17 -7.31 -6.88 -10.41
C GLU B 17 -6.21 -6.19 -9.68
N VAL B 18 -5.91 -6.70 -8.52
CA VAL B 18 -5.01 -6.04 -7.64
C VAL B 18 -3.60 -6.27 -8.11
N LEU B 19 -3.02 -5.28 -8.69
CA LEU B 19 -1.65 -5.41 -9.07
C LEU B 19 -0.83 -4.79 -7.96
N VAL B 20 0.31 -5.37 -7.65
CA VAL B 20 1.11 -4.93 -6.50
C VAL B 20 2.60 -5.14 -6.77
N LYS B 21 3.38 -4.07 -6.65
CA LYS B 21 4.81 -4.13 -6.85
C LYS B 21 5.50 -4.08 -5.50
N THR B 22 6.55 -4.84 -5.38
CA THR B 22 7.37 -4.85 -4.18
C THR B 22 8.73 -4.27 -4.50
N LEU B 23 9.61 -4.20 -3.51
CA LEU B 23 10.96 -3.71 -3.72
C LEU B 23 11.78 -4.68 -4.55
N ASP B 24 11.28 -5.91 -4.67
CA ASP B 24 11.92 -6.91 -5.50
C ASP B 24 11.51 -6.74 -6.96
N SER B 25 10.69 -5.73 -7.23
CA SER B 25 10.20 -5.44 -8.59
C SER B 25 9.38 -6.60 -9.16
N GLN B 26 8.88 -7.40 -8.24
CA GLN B 26 8.04 -8.56 -8.57
C GLN B 26 6.84 -8.20 -9.42
N THR B 27 6.03 -7.27 -8.90
CA THR B 27 4.75 -6.90 -9.50
C THR B 27 3.87 -8.14 -9.69
N ARG B 28 3.00 -8.43 -8.74
CA ARG B 28 2.11 -9.56 -8.91
C ARG B 28 0.68 -9.14 -8.69
N THR B 29 -0.24 -9.90 -9.27
CA THR B 29 -1.62 -9.62 -9.17
C THR B 29 -2.28 -10.41 -8.05
N PHE B 30 -3.21 -9.76 -7.39
CA PHE B 30 -3.87 -10.29 -6.22
C PHE B 30 -5.36 -10.10 -6.33
N ILE B 31 -5.91 -10.61 -7.40
CA ILE B 31 -7.30 -10.39 -7.72
C ILE B 31 -8.26 -10.82 -6.65
N VAL B 32 -8.99 -9.82 -6.26
CA VAL B 32 -9.98 -9.90 -5.22
C VAL B 32 -11.21 -9.08 -5.58
N GLY B 33 -12.02 -8.81 -4.58
CA GLY B 33 -13.17 -7.94 -4.79
C GLY B 33 -12.92 -6.54 -4.30
N ALA B 34 -13.78 -5.61 -4.71
CA ALA B 34 -13.62 -4.19 -4.40
C ALA B 34 -13.81 -3.90 -2.92
N GLN B 35 -14.39 -4.84 -2.22
CA GLN B 35 -14.88 -4.58 -0.89
C GLN B 35 -14.99 -5.92 -0.22
N MET B 36 -14.17 -6.80 -0.75
CA MET B 36 -14.13 -8.16 -0.36
C MET B 36 -13.35 -8.33 0.93
N ASN B 37 -12.03 -8.19 0.85
CA ASN B 37 -11.19 -8.41 2.01
C ASN B 37 -10.29 -7.21 2.27
N VAL B 38 -9.05 -7.32 1.83
CA VAL B 38 -7.92 -6.50 2.26
C VAL B 38 -7.30 -7.06 3.53
N LYS B 39 -8.10 -7.69 4.35
CA LYS B 39 -7.64 -8.29 5.56
C LYS B 39 -7.12 -9.68 5.26
N GLU B 40 -8.06 -10.51 4.89
CA GLU B 40 -7.79 -11.83 4.38
C GLU B 40 -6.95 -11.76 3.10
N PHE B 41 -7.15 -10.68 2.38
CA PHE B 41 -6.37 -10.38 1.18
C PHE B 41 -4.89 -10.30 1.54
N LYS B 42 -4.59 -9.52 2.55
CA LYS B 42 -3.23 -9.38 3.04
C LYS B 42 -2.69 -10.70 3.54
N GLU B 43 -3.49 -11.39 4.33
CA GLU B 43 -3.12 -12.67 4.89
C GLU B 43 -2.74 -13.66 3.79
N HIS B 44 -3.45 -13.59 2.68
CA HIS B 44 -3.20 -14.45 1.55
C HIS B 44 -1.90 -14.11 0.82
N ILE B 45 -1.63 -12.82 0.61
CA ILE B 45 -0.46 -12.41 -0.15
C ILE B 45 0.81 -12.49 0.68
N ALA B 46 0.66 -12.75 1.99
CA ALA B 46 1.78 -12.84 2.93
C ALA B 46 3.01 -13.55 2.37
N ALA B 47 2.86 -14.78 1.92
CA ALA B 47 4.02 -15.55 1.46
C ALA B 47 4.47 -15.13 0.07
N SER B 48 3.52 -14.80 -0.78
CA SER B 48 3.83 -14.44 -2.17
C SER B 48 4.75 -13.23 -2.21
N VAL B 49 4.59 -12.33 -1.25
CA VAL B 49 5.40 -11.13 -1.17
C VAL B 49 6.44 -11.22 -0.06
N SER B 50 6.43 -12.32 0.69
CA SER B 50 7.39 -12.56 1.78
C SER B 50 7.20 -11.53 2.86
N ILE B 51 6.00 -10.95 2.86
CA ILE B 51 5.62 -9.98 3.86
C ILE B 51 4.36 -10.46 4.56
N PRO B 52 4.42 -10.73 5.87
CA PRO B 52 3.24 -11.13 6.62
C PRO B 52 2.27 -9.98 6.83
N SER B 53 1.00 -10.33 6.92
CA SER B 53 -0.10 -9.40 7.05
C SER B 53 0.09 -8.39 8.18
N GLU B 54 0.88 -8.75 9.19
CA GLU B 54 1.15 -7.84 10.29
C GLU B 54 2.12 -6.73 9.87
N LYS B 55 2.97 -7.01 8.89
CA LYS B 55 4.04 -6.10 8.50
C LYS B 55 3.72 -5.39 7.19
N GLN B 56 2.88 -6.03 6.37
CA GLN B 56 2.54 -5.52 5.03
C GLN B 56 1.96 -4.12 5.09
N ARG B 57 2.54 -3.21 4.33
CA ARG B 57 2.00 -1.88 4.16
C ARG B 57 1.76 -1.62 2.68
N LEU B 58 0.49 -1.56 2.28
CA LEU B 58 0.15 -1.31 0.90
C LEU B 58 0.08 0.18 0.63
N ILE B 59 1.01 0.71 -0.17
CA ILE B 59 0.93 2.12 -0.54
C ILE B 59 0.58 2.28 -2.01
N TYR B 60 -0.51 2.94 -2.28
CA TYR B 60 -0.87 3.29 -3.64
C TYR B 60 -1.18 4.78 -3.71
N GLN B 61 -0.63 5.45 -4.73
CA GLN B 61 -0.70 6.92 -4.88
C GLN B 61 -0.47 7.63 -3.54
N GLY B 62 0.52 7.14 -2.79
CA GLY B 62 0.91 7.75 -1.53
C GLY B 62 -0.09 7.52 -0.41
N ARG B 63 -1.12 6.74 -0.68
CA ARG B 63 -2.15 6.44 0.29
C ARG B 63 -1.81 5.10 0.94
N VAL B 64 -1.84 5.06 2.26
CA VAL B 64 -1.45 3.86 2.96
C VAL B 64 -2.66 2.95 3.18
N LEU B 65 -2.77 1.95 2.33
CA LEU B 65 -3.87 0.99 2.39
C LEU B 65 -3.49 -0.13 3.35
N GLN B 66 -4.47 -0.79 3.92
CA GLN B 66 -4.20 -1.81 4.92
C GLN B 66 -5.45 -2.67 5.18
N ASP B 67 -5.40 -3.50 6.22
CA ASP B 67 -6.49 -4.39 6.61
C ASP B 67 -7.75 -3.63 7.07
N ASP B 68 -7.67 -2.30 7.08
CA ASP B 68 -8.76 -1.44 7.57
C ASP B 68 -10.05 -1.59 6.76
N LYS B 69 -9.95 -2.35 5.66
CA LYS B 69 -11.09 -2.75 4.82
C LYS B 69 -11.38 -1.72 3.73
N LYS B 70 -12.27 -2.12 2.80
CA LYS B 70 -12.72 -1.25 1.71
C LYS B 70 -11.63 -1.04 0.67
N LEU B 71 -11.46 -2.03 -0.20
CA LEU B 71 -10.44 -1.98 -1.25
C LEU B 71 -10.77 -0.94 -2.33
N GLN B 72 -12.05 -0.68 -2.52
CA GLN B 72 -12.52 0.28 -3.51
C GLN B 72 -12.16 1.70 -3.11
N GLU B 73 -12.03 1.92 -1.82
CA GLU B 73 -11.56 3.20 -1.30
C GLU B 73 -10.13 3.44 -1.77
N TYR B 74 -9.42 2.34 -2.01
CA TYR B 74 -8.06 2.42 -2.47
C TYR B 74 -8.08 2.45 -3.99
N ASN B 75 -9.19 1.91 -4.54
CA ASN B 75 -9.43 1.92 -5.98
C ASN B 75 -8.27 1.27 -6.72
N VAL B 76 -7.84 0.12 -6.22
CA VAL B 76 -6.66 -0.51 -6.79
C VAL B 76 -6.99 -1.53 -7.87
N GLY B 77 -8.27 -1.66 -8.23
CA GLY B 77 -8.64 -2.46 -9.36
C GLY B 77 -7.97 -2.07 -10.63
N GLY B 78 -6.98 -2.85 -10.90
CA GLY B 78 -6.25 -2.77 -12.15
C GLY B 78 -5.00 -1.91 -12.06
N LYS B 79 -4.58 -1.59 -10.85
CA LYS B 79 -3.41 -0.74 -10.61
C LYS B 79 -2.39 -1.45 -9.73
N VAL B 80 -1.08 -1.32 -10.01
CA VAL B 80 -0.08 -1.92 -9.13
C VAL B 80 0.15 -1.05 -7.91
N ILE B 81 0.01 -1.67 -6.75
CA ILE B 81 0.31 -1.04 -5.49
C ILE B 81 1.79 -1.15 -5.21
N HIS B 82 2.29 -0.41 -4.24
CA HIS B 82 3.65 -0.59 -3.81
C HIS B 82 3.66 -1.12 -2.40
N LEU B 83 4.15 -2.33 -2.22
CA LEU B 83 4.21 -2.95 -0.94
C LEU B 83 5.61 -2.78 -0.36
N VAL B 84 5.65 -2.37 0.89
CA VAL B 84 6.91 -2.11 1.56
C VAL B 84 6.98 -2.83 2.90
N GLU B 85 8.15 -2.78 3.51
CA GLU B 85 8.38 -3.28 4.84
C GLU B 85 7.70 -2.39 5.87
N ARG B 86 7.85 -2.75 7.15
CA ARG B 86 7.17 -2.04 8.22
C ARG B 86 7.60 -0.59 8.26
N ALA B 87 6.84 0.18 8.99
CA ALA B 87 7.03 1.58 9.07
C ALA B 87 7.65 1.99 10.39
N PRO B 88 8.49 3.03 10.37
CA PRO B 88 9.07 3.63 11.58
C PRO B 88 7.99 4.22 12.48
N PRO B 89 8.28 4.43 13.77
CA PRO B 89 7.34 5.02 14.71
C PRO B 89 6.97 6.45 14.30
N GLN B 90 5.95 6.57 13.47
CA GLN B 90 5.56 7.86 12.93
C GLN B 90 4.09 8.14 13.22
N THR B 91 3.48 7.28 14.02
CA THR B 91 2.09 7.43 14.40
C THR B 91 1.88 8.71 15.21
N HIS B 92 1.35 9.72 14.55
CA HIS B 92 1.08 11.01 15.17
C HIS B 92 -0.41 11.22 15.31
N LEU B 93 -1.15 10.15 15.06
CA LEU B 93 -2.59 10.18 15.14
C LEU B 93 -3.09 9.06 16.05
N PRO B 94 -2.94 9.22 17.37
CA PRO B 94 -3.30 8.19 18.33
C PRO B 94 -4.77 8.26 18.78
N SER B 95 -5.25 7.15 19.32
CA SER B 95 -6.60 7.05 19.85
C SER B 95 -7.64 7.30 18.76
N GLY B 96 -7.73 6.37 17.81
CA GLY B 96 -8.70 6.48 16.74
C GLY B 96 -8.39 7.64 15.82
N ALA B 97 -9.44 8.32 15.38
CA ALA B 97 -9.32 9.50 14.51
C ALA B 97 -8.71 9.15 13.15
N SER B 98 -8.67 7.86 12.85
CA SER B 98 -8.10 7.39 11.60
C SER B 98 -9.16 7.43 10.51
N SER B 99 -9.57 8.64 10.15
CA SER B 99 -10.63 8.84 9.19
C SER B 99 -10.25 9.95 8.22
N GLY B 100 -11.05 10.13 7.17
CA GLY B 100 -10.82 11.19 6.22
C GLY B 100 -12.06 11.55 5.47
N GLY A 1 20.00 27.22 -8.03
CA GLY A 1 21.06 27.51 -7.04
C GLY A 1 20.81 26.86 -5.70
N SER A 2 21.53 27.29 -4.68
CA SER A 2 21.34 26.77 -3.33
C SER A 2 20.09 27.38 -2.70
N MET A 3 19.42 26.59 -1.87
CA MET A 3 18.18 27.02 -1.21
C MET A 3 17.10 27.30 -2.25
N ALA A 4 16.41 26.24 -2.66
CA ALA A 4 15.38 26.35 -3.69
C ALA A 4 14.13 25.60 -3.28
N GLU A 5 12.99 26.27 -3.38
CA GLU A 5 11.71 25.64 -3.06
C GLU A 5 11.13 25.00 -4.33
N ALA A 6 11.78 23.93 -4.78
CA ALA A 6 11.35 23.23 -5.98
C ALA A 6 10.18 22.31 -5.67
N SER A 7 10.15 21.82 -4.45
CA SER A 7 9.08 20.96 -3.99
C SER A 7 7.89 21.81 -3.55
N PRO A 8 6.66 21.36 -3.83
CA PRO A 8 5.43 22.08 -3.45
C PRO A 8 5.17 22.03 -1.94
N HIS A 9 6.08 22.64 -1.18
CA HIS A 9 5.99 22.72 0.28
C HIS A 9 6.26 21.36 0.92
N PRO A 10 7.07 21.35 1.98
CA PRO A 10 7.48 20.12 2.66
C PRO A 10 6.38 19.48 3.50
N GLY A 11 5.97 18.28 3.12
CA GLY A 11 5.01 17.55 3.89
C GLY A 11 5.68 16.46 4.70
N ARG A 12 5.33 15.22 4.38
CA ARG A 12 5.84 14.07 5.12
C ARG A 12 5.55 12.75 4.40
N TYR A 13 6.52 12.24 3.67
CA TYR A 13 6.43 10.93 3.06
C TYR A 13 7.59 10.08 3.49
N PHE A 14 7.40 8.79 3.52
CA PHE A 14 8.49 7.90 3.80
C PHE A 14 8.63 6.88 2.68
N CYS A 15 9.78 6.90 2.01
CA CYS A 15 10.08 5.91 1.00
C CYS A 15 10.91 4.80 1.61
N HIS A 16 10.36 3.60 1.60
CA HIS A 16 11.01 2.46 2.20
C HIS A 16 12.18 1.94 1.35
N CYS A 17 12.29 2.45 0.12
CA CYS A 17 13.42 2.10 -0.73
C CYS A 17 14.67 2.78 -0.21
N CYS A 18 14.51 4.01 0.27
CA CYS A 18 15.60 4.76 0.87
C CYS A 18 15.66 4.51 2.37
N SER A 19 14.48 4.20 2.93
CA SER A 19 14.27 4.09 4.37
C SER A 19 14.64 5.41 5.06
N VAL A 20 14.43 6.50 4.35
CA VAL A 20 14.65 7.83 4.89
C VAL A 20 13.47 8.72 4.47
N GLU A 21 13.06 9.62 5.35
CA GLU A 21 11.87 10.43 5.09
C GLU A 21 12.13 11.46 3.99
N ILE A 22 11.08 11.73 3.22
CA ILE A 22 11.20 12.53 2.02
C ILE A 22 10.10 13.58 1.94
N VAL A 23 10.29 14.52 1.04
CA VAL A 23 9.22 15.30 0.49
C VAL A 23 9.18 15.03 -1.00
N PRO A 24 8.13 14.35 -1.42
CA PRO A 24 7.98 13.80 -2.75
C PRO A 24 7.77 14.84 -3.84
N ARG A 25 7.72 14.33 -5.04
CA ARG A 25 7.44 15.09 -6.22
C ARG A 25 6.03 14.72 -6.66
N LEU A 26 5.19 14.77 -5.63
CA LEU A 26 3.72 14.59 -5.65
C LEU A 26 3.07 14.29 -7.00
N PRO A 27 3.14 15.20 -8.01
CA PRO A 27 2.57 14.97 -9.35
C PRO A 27 2.67 13.51 -9.80
N ASP A 28 3.75 12.86 -9.42
CA ASP A 28 4.03 11.50 -9.82
C ASP A 28 3.98 10.53 -8.64
N TYR A 29 4.19 11.07 -7.43
CA TYR A 29 4.38 10.27 -6.23
C TYR A 29 5.69 9.53 -6.28
N ILE A 30 6.70 10.27 -6.68
CA ILE A 30 8.07 9.82 -6.67
C ILE A 30 8.75 10.32 -5.42
N CYS A 31 9.85 9.69 -5.11
CA CYS A 31 10.66 10.08 -3.98
C CYS A 31 11.79 10.95 -4.52
N PRO A 32 12.22 11.94 -3.75
CA PRO A 32 13.19 12.91 -4.21
C PRO A 32 14.55 12.29 -4.11
N ARG A 33 14.59 11.30 -3.24
CA ARG A 33 15.81 10.59 -2.94
C ARG A 33 16.17 9.54 -4.00
N CYS A 34 15.18 8.88 -4.58
CA CYS A 34 15.46 7.84 -5.57
C CYS A 34 14.55 7.94 -6.79
N GLU A 35 13.54 8.82 -6.73
CA GLU A 35 12.58 9.01 -7.82
C GLU A 35 11.88 7.70 -8.18
N SER A 36 11.71 6.85 -7.17
CA SER A 36 10.88 5.66 -7.31
C SER A 36 9.62 5.84 -6.45
N GLY A 37 8.51 5.28 -6.92
CA GLY A 37 7.24 5.49 -6.26
C GLY A 37 7.01 4.54 -5.09
N PHE A 38 7.96 4.49 -4.17
CA PHE A 38 7.83 3.64 -3.00
C PHE A 38 7.61 4.47 -1.75
N ILE A 39 6.75 5.46 -1.86
CA ILE A 39 6.50 6.40 -0.77
C ILE A 39 5.09 6.28 -0.23
N GLU A 40 4.98 6.38 1.09
CA GLU A 40 3.67 6.48 1.74
C GLU A 40 3.58 7.79 2.48
N GLU A 41 2.36 8.26 2.68
CA GLU A 41 2.12 9.53 3.33
C GLU A 41 1.91 9.34 4.83
N LEU A 42 2.67 10.10 5.59
CA LEU A 42 2.76 9.94 7.04
C LEU A 42 1.64 10.70 7.75
N MET B 1 -39.74 3.43 -2.71
CA MET B 1 -39.49 1.97 -2.68
C MET B 1 -40.19 1.32 -3.86
N ALA B 2 -39.40 0.71 -4.74
CA ALA B 2 -39.94 0.16 -5.98
C ALA B 2 -40.12 -1.35 -5.90
N HIS B 3 -40.85 -1.80 -4.89
CA HIS B 3 -41.22 -3.21 -4.74
C HIS B 3 -40.01 -4.12 -4.52
N HIS B 4 -39.45 -4.63 -5.60
CA HIS B 4 -38.34 -5.55 -5.50
C HIS B 4 -37.02 -4.79 -5.61
N HIS B 5 -36.60 -4.23 -4.50
CA HIS B 5 -35.40 -3.41 -4.47
C HIS B 5 -34.16 -4.27 -4.29
N HIS B 6 -34.34 -5.57 -4.09
CA HIS B 6 -33.23 -6.49 -3.98
C HIS B 6 -32.66 -6.83 -5.35
N HIS B 7 -32.24 -5.79 -6.06
CA HIS B 7 -31.56 -5.91 -7.32
C HIS B 7 -30.29 -5.10 -7.25
N HIS B 8 -29.62 -5.22 -6.12
CA HIS B 8 -28.45 -4.42 -5.82
C HIS B 8 -27.23 -4.92 -6.60
N VAL B 9 -27.19 -4.60 -7.87
CA VAL B 9 -26.06 -4.91 -8.71
C VAL B 9 -25.04 -3.80 -8.61
N ASP B 10 -23.80 -4.14 -8.85
CA ASP B 10 -22.70 -3.20 -8.75
C ASP B 10 -21.98 -3.06 -10.06
N ASP B 11 -22.76 -3.12 -11.15
CA ASP B 11 -22.25 -2.99 -12.51
C ASP B 11 -20.99 -3.82 -12.75
N ASP B 12 -19.85 -3.15 -12.75
CA ASP B 12 -18.56 -3.82 -12.92
C ASP B 12 -17.58 -3.37 -11.84
N ASP B 13 -18.13 -2.75 -10.80
CA ASP B 13 -17.31 -2.22 -9.72
C ASP B 13 -16.63 -3.35 -8.96
N LYS B 14 -17.38 -4.39 -8.67
CA LYS B 14 -16.84 -5.58 -8.04
C LYS B 14 -15.76 -6.23 -8.90
N MET B 15 -14.95 -7.07 -8.26
CA MET B 15 -13.87 -7.80 -8.91
C MET B 15 -12.76 -6.86 -9.41
N LEU B 16 -11.72 -6.74 -8.60
CA LEU B 16 -10.53 -6.00 -9.03
C LEU B 16 -9.49 -6.98 -9.51
N GLU B 17 -8.70 -6.56 -10.46
CA GLU B 17 -7.56 -7.32 -10.86
C GLU B 17 -6.35 -6.66 -10.24
N VAL B 18 -6.06 -7.09 -9.04
CA VAL B 18 -5.12 -6.40 -8.21
C VAL B 18 -3.73 -6.71 -8.68
N LEU B 19 -2.95 -5.71 -8.94
CA LEU B 19 -1.56 -5.90 -9.19
C LEU B 19 -0.80 -5.26 -8.05
N VAL B 20 0.33 -5.84 -7.72
CA VAL B 20 1.10 -5.45 -6.54
C VAL B 20 2.58 -5.78 -6.77
N LYS B 21 3.42 -4.76 -6.83
CA LYS B 21 4.84 -4.95 -7.10
C LYS B 21 5.63 -4.90 -5.82
N THR B 22 6.90 -5.23 -5.93
CA THR B 22 7.85 -5.09 -4.84
C THR B 22 8.92 -4.07 -5.27
N LEU B 23 9.98 -3.93 -4.46
CA LEU B 23 11.08 -2.98 -4.72
C LEU B 23 11.51 -2.92 -6.18
N ASP B 24 11.58 -4.08 -6.79
CA ASP B 24 12.20 -4.23 -8.10
C ASP B 24 12.05 -5.65 -8.56
N SER B 25 12.01 -6.57 -7.59
CA SER B 25 11.82 -7.98 -7.85
C SER B 25 10.67 -8.26 -8.83
N GLN B 26 9.44 -8.29 -8.32
CA GLN B 26 8.32 -8.73 -9.12
C GLN B 26 7.14 -7.75 -9.12
N THR B 27 6.15 -8.15 -9.89
CA THR B 27 4.82 -7.53 -9.95
C THR B 27 3.79 -8.66 -9.94
N ARG B 28 3.02 -8.81 -8.89
CA ARG B 28 2.08 -9.92 -8.86
C ARG B 28 0.64 -9.45 -8.73
N THR B 29 -0.30 -10.30 -9.12
CA THR B 29 -1.68 -9.99 -9.08
C THR B 29 -2.39 -10.68 -7.92
N PHE B 30 -3.41 -10.02 -7.37
CA PHE B 30 -4.15 -10.52 -6.23
C PHE B 30 -5.62 -10.24 -6.37
N ILE B 31 -6.19 -10.83 -7.39
CA ILE B 31 -7.55 -10.59 -7.75
C ILE B 31 -8.54 -10.81 -6.63
N VAL B 32 -9.28 -9.76 -6.44
CA VAL B 32 -10.28 -9.66 -5.39
C VAL B 32 -11.60 -9.14 -5.92
N GLY B 33 -12.50 -8.86 -5.00
CA GLY B 33 -13.83 -8.44 -5.37
C GLY B 33 -14.15 -7.00 -5.00
N ALA B 34 -13.17 -6.12 -5.21
CA ALA B 34 -13.30 -4.67 -5.02
C ALA B 34 -13.46 -4.27 -3.56
N GLN B 35 -14.37 -4.89 -2.89
CA GLN B 35 -14.72 -4.54 -1.53
C GLN B 35 -14.72 -5.79 -0.70
N MET B 36 -13.98 -6.78 -1.19
CA MET B 36 -13.95 -8.08 -0.58
C MET B 36 -13.31 -8.02 0.79
N ASN B 37 -12.01 -7.84 0.84
CA ASN B 37 -11.30 -7.82 2.09
C ASN B 37 -10.42 -6.62 2.24
N VAL B 38 -9.19 -6.77 1.81
CA VAL B 38 -8.10 -5.86 2.15
C VAL B 38 -7.47 -6.25 3.47
N LYS B 39 -8.31 -6.64 4.41
CA LYS B 39 -7.88 -7.05 5.70
C LYS B 39 -7.27 -8.42 5.60
N GLU B 40 -8.14 -9.35 5.33
CA GLU B 40 -7.77 -10.69 5.07
C GLU B 40 -6.93 -10.80 3.80
N PHE B 41 -7.12 -9.84 2.90
CA PHE B 41 -6.42 -9.80 1.64
C PHE B 41 -4.91 -9.72 1.86
N LYS B 42 -4.48 -8.75 2.67
CA LYS B 42 -3.06 -8.60 2.92
C LYS B 42 -2.52 -9.76 3.75
N GLU B 43 -3.33 -10.19 4.70
CA GLU B 43 -3.05 -11.40 5.48
C GLU B 43 -2.81 -12.61 4.56
N HIS B 44 -3.62 -12.73 3.51
CA HIS B 44 -3.51 -13.83 2.58
C HIS B 44 -2.24 -13.75 1.72
N ILE B 45 -2.02 -12.59 1.10
CA ILE B 45 -0.90 -12.42 0.18
C ILE B 45 0.44 -12.41 0.92
N ALA B 46 0.36 -12.33 2.26
CA ALA B 46 1.53 -12.33 3.13
C ALA B 46 2.64 -13.30 2.69
N ALA B 47 2.27 -14.46 2.18
CA ALA B 47 3.27 -15.43 1.76
C ALA B 47 3.88 -15.08 0.41
N SER B 48 3.02 -14.82 -0.56
CA SER B 48 3.47 -14.53 -1.91
C SER B 48 4.26 -13.24 -1.96
N VAL B 49 3.95 -12.34 -1.04
CA VAL B 49 4.67 -11.09 -0.90
C VAL B 49 5.75 -11.20 0.16
N SER B 50 5.71 -12.30 0.95
CA SER B 50 6.74 -12.59 1.94
C SER B 50 6.67 -11.58 3.07
N ILE B 51 5.53 -10.91 3.17
CA ILE B 51 5.30 -9.94 4.20
C ILE B 51 4.00 -10.21 4.93
N PRO B 52 4.05 -10.48 6.25
CA PRO B 52 2.85 -10.70 7.04
C PRO B 52 2.04 -9.42 7.17
N SER B 53 0.72 -9.55 7.27
CA SER B 53 -0.16 -8.40 7.34
C SER B 53 0.27 -7.41 8.43
N GLU B 54 0.84 -7.92 9.52
CA GLU B 54 1.27 -7.06 10.61
C GLU B 54 2.43 -6.15 10.19
N LYS B 55 3.24 -6.63 9.27
CA LYS B 55 4.38 -5.87 8.77
C LYS B 55 4.06 -5.24 7.43
N GLN B 56 3.10 -5.83 6.73
CA GLN B 56 2.77 -5.47 5.37
C GLN B 56 1.97 -4.17 5.30
N ARG B 57 2.54 -3.20 4.62
CA ARG B 57 1.83 -1.97 4.30
C ARG B 57 1.65 -1.89 2.79
N LEU B 58 0.41 -1.76 2.33
CA LEU B 58 0.15 -1.61 0.91
C LEU B 58 0.17 -0.14 0.53
N ILE B 59 1.12 0.30 -0.28
CA ILE B 59 1.09 1.68 -0.75
C ILE B 59 0.73 1.76 -2.20
N TYR B 60 -0.28 2.54 -2.50
CA TYR B 60 -0.58 2.88 -3.86
C TYR B 60 -0.97 4.36 -3.92
N GLN B 61 -0.29 5.09 -4.80
CA GLN B 61 -0.51 6.53 -4.93
C GLN B 61 -0.18 7.25 -3.62
N GLY B 62 0.85 6.75 -2.94
CA GLY B 62 1.28 7.35 -1.69
C GLY B 62 0.29 7.12 -0.56
N ARG B 63 -0.77 6.39 -0.84
CA ARG B 63 -1.79 6.09 0.16
C ARG B 63 -1.41 4.83 0.90
N VAL B 64 -1.59 4.83 2.22
CA VAL B 64 -1.25 3.66 3.00
C VAL B 64 -2.47 2.74 3.08
N LEU B 65 -2.58 1.85 2.11
CA LEU B 65 -3.69 0.92 2.06
C LEU B 65 -3.46 -0.18 3.09
N GLN B 66 -4.44 -0.42 3.93
CA GLN B 66 -4.26 -1.38 5.02
C GLN B 66 -5.56 -2.11 5.34
N ASP B 67 -5.49 -3.05 6.28
CA ASP B 67 -6.60 -3.91 6.65
C ASP B 67 -7.77 -3.17 7.31
N ASP B 68 -7.64 -1.87 7.49
CA ASP B 68 -8.65 -1.09 8.19
C ASP B 68 -9.85 -0.72 7.29
N LYS B 69 -9.71 -0.89 5.98
CA LYS B 69 -10.73 -0.41 5.05
C LYS B 69 -11.14 -1.48 4.03
N LYS B 70 -11.62 -1.03 2.86
CA LYS B 70 -11.96 -1.93 1.76
C LYS B 70 -10.94 -1.75 0.64
N LEU B 71 -11.08 -2.49 -0.45
CA LEU B 71 -10.14 -2.38 -1.56
C LEU B 71 -10.52 -1.25 -2.51
N GLN B 72 -11.83 -1.04 -2.67
CA GLN B 72 -12.37 -0.04 -3.55
C GLN B 72 -12.05 1.36 -3.06
N GLU B 73 -11.79 1.47 -1.76
CA GLU B 73 -11.38 2.72 -1.14
C GLU B 73 -10.10 3.21 -1.79
N TYR B 74 -9.30 2.26 -2.27
CA TYR B 74 -8.03 2.56 -2.88
C TYR B 74 -8.12 2.41 -4.39
N ASN B 75 -9.19 1.72 -4.81
CA ASN B 75 -9.51 1.53 -6.24
C ASN B 75 -8.34 0.89 -6.97
N VAL B 76 -7.84 -0.23 -6.46
CA VAL B 76 -6.66 -0.83 -7.05
C VAL B 76 -7.00 -1.89 -8.09
N GLY B 77 -8.23 -1.88 -8.59
CA GLY B 77 -8.61 -2.72 -9.69
C GLY B 77 -7.88 -2.37 -10.94
N GLY B 78 -6.92 -3.17 -11.17
CA GLY B 78 -6.14 -3.09 -12.39
C GLY B 78 -4.92 -2.20 -12.24
N LYS B 79 -4.58 -1.90 -11.00
CA LYS B 79 -3.42 -1.06 -10.69
C LYS B 79 -2.39 -1.88 -9.91
N VAL B 80 -1.09 -1.64 -10.10
CA VAL B 80 -0.09 -2.30 -9.26
C VAL B 80 0.15 -1.50 -7.99
N ILE B 81 0.08 -2.19 -6.86
CA ILE B 81 0.40 -1.59 -5.58
C ILE B 81 1.89 -1.76 -5.33
N HIS B 82 2.42 -1.10 -4.32
CA HIS B 82 3.81 -1.25 -3.96
C HIS B 82 3.93 -1.94 -2.61
N LEU B 83 4.61 -3.07 -2.60
CA LEU B 83 4.86 -3.80 -1.36
C LEU B 83 5.98 -3.17 -0.54
N VAL B 84 5.90 -3.38 0.77
CA VAL B 84 6.79 -2.71 1.72
C VAL B 84 7.14 -3.65 2.86
N GLU B 85 8.24 -3.31 3.53
CA GLU B 85 8.64 -3.94 4.75
C GLU B 85 8.09 -3.13 5.91
N ARG B 86 8.26 -3.59 7.13
CA ARG B 86 7.74 -2.85 8.27
C ARG B 86 8.41 -1.51 8.41
N ALA B 87 7.66 -0.60 8.95
CA ALA B 87 8.05 0.78 9.06
C ALA B 87 8.86 1.03 10.32
N PRO B 88 9.69 2.09 10.33
CA PRO B 88 10.41 2.52 11.53
C PRO B 88 9.46 2.83 12.67
N PRO B 89 9.91 2.74 13.94
CA PRO B 89 9.04 2.88 15.09
C PRO B 89 8.63 4.33 15.40
N GLN B 90 8.39 5.12 14.35
CA GLN B 90 7.90 6.48 14.53
C GLN B 90 6.44 6.46 14.96
N THR B 91 5.84 5.27 14.96
CA THR B 91 4.47 5.08 15.43
C THR B 91 4.36 5.36 16.93
N HIS B 92 5.52 5.62 17.57
CA HIS B 92 5.55 5.99 18.98
C HIS B 92 4.86 7.35 19.17
N LEU B 93 4.73 8.08 18.08
CA LEU B 93 4.11 9.39 18.09
C LEU B 93 2.99 9.42 17.06
N PRO B 94 1.80 9.90 17.44
CA PRO B 94 0.67 10.01 16.51
C PRO B 94 0.98 10.98 15.37
N SER B 95 1.26 10.43 14.22
CA SER B 95 1.60 11.21 13.04
C SER B 95 0.37 11.97 12.54
N GLY B 96 0.30 13.24 12.89
CA GLY B 96 -0.79 14.08 12.45
C GLY B 96 -2.11 13.68 13.07
N ALA B 97 -3.06 13.29 12.23
CA ALA B 97 -4.40 12.95 12.69
C ALA B 97 -4.54 11.47 12.99
N SER B 98 -3.40 10.78 13.10
CA SER B 98 -3.40 9.36 13.44
C SER B 98 -3.91 9.15 14.87
N SER B 99 -5.20 8.82 14.98
CA SER B 99 -5.86 8.65 16.26
C SER B 99 -5.85 9.97 17.04
N GLY B 100 -5.97 11.07 16.30
CA GLY B 100 -5.98 12.39 16.91
C GLY B 100 -6.78 13.36 16.09
N GLY A 1 17.03 30.94 -1.50
CA GLY A 1 15.90 29.99 -1.59
C GLY A 1 15.66 29.30 -0.26
N SER A 2 14.42 28.88 -0.04
CA SER A 2 14.05 28.21 1.20
C SER A 2 14.32 26.71 1.10
N MET A 3 15.12 26.21 2.02
CA MET A 3 15.43 24.78 2.07
C MET A 3 15.91 24.41 3.46
N ALA A 4 17.01 25.03 3.88
CA ALA A 4 17.57 24.79 5.20
C ALA A 4 16.73 25.45 6.27
N GLU A 5 16.11 24.62 7.12
CA GLU A 5 15.23 25.10 8.19
C GLU A 5 14.03 25.84 7.62
N ALA A 6 13.68 25.52 6.37
CA ALA A 6 12.56 26.14 5.70
C ALA A 6 12.03 25.24 4.60
N SER A 7 11.27 24.23 5.00
CA SER A 7 10.68 23.29 4.06
C SER A 7 9.64 23.98 3.18
N PRO A 8 9.88 24.03 1.86
CA PRO A 8 8.95 24.64 0.90
C PRO A 8 7.61 23.92 0.83
N HIS A 9 7.61 22.62 1.11
CA HIS A 9 6.39 21.84 1.07
C HIS A 9 6.30 20.93 2.29
N PRO A 10 5.18 20.99 3.03
CA PRO A 10 4.94 20.17 4.21
C PRO A 10 4.44 18.77 3.85
N GLY A 11 4.98 18.22 2.78
CA GLY A 11 4.56 16.92 2.33
C GLY A 11 5.55 15.87 2.71
N ARG A 12 5.51 15.62 3.97
CA ARG A 12 6.39 14.65 4.60
C ARG A 12 5.99 13.22 4.22
N TYR A 13 6.82 12.60 3.42
CA TYR A 13 6.64 11.21 3.05
C TYR A 13 7.82 10.41 3.52
N PHE A 14 7.69 9.12 3.43
CA PHE A 14 8.77 8.23 3.79
C PHE A 14 8.86 7.10 2.78
N CYS A 15 9.98 7.05 2.08
CA CYS A 15 10.19 6.00 1.12
C CYS A 15 11.02 4.89 1.76
N HIS A 16 10.42 3.73 1.90
CA HIS A 16 11.10 2.61 2.53
C HIS A 16 12.16 2.01 1.61
N CYS A 17 12.18 2.47 0.36
CA CYS A 17 13.24 2.10 -0.56
C CYS A 17 14.55 2.81 -0.18
N CYS A 18 14.41 4.01 0.36
CA CYS A 18 15.57 4.79 0.81
C CYS A 18 15.75 4.69 2.33
N SER A 19 14.64 4.42 3.02
CA SER A 19 14.56 4.45 4.49
C SER A 19 14.94 5.83 5.01
N VAL A 20 14.64 6.83 4.20
CA VAL A 20 14.86 8.23 4.56
C VAL A 20 13.62 9.02 4.18
N GLU A 21 13.28 10.03 4.99
CA GLU A 21 12.12 10.86 4.71
C GLU A 21 12.32 11.63 3.41
N ILE A 22 11.22 11.89 2.71
CA ILE A 22 11.28 12.57 1.42
C ILE A 22 10.12 13.56 1.30
N VAL A 23 10.20 14.44 0.30
CA VAL A 23 9.05 15.19 -0.16
C VAL A 23 8.90 14.96 -1.64
N PRO A 24 8.01 14.03 -1.96
CA PRO A 24 7.78 13.50 -3.30
C PRO A 24 7.45 14.54 -4.37
N ARG A 25 7.37 14.02 -5.58
CA ARG A 25 7.04 14.77 -6.76
C ARG A 25 5.63 14.35 -7.17
N LEU A 26 4.80 14.40 -6.13
CA LEU A 26 3.33 14.24 -6.15
C LEU A 26 2.68 13.89 -7.49
N PRO A 27 2.77 14.73 -8.55
CA PRO A 27 2.23 14.41 -9.89
C PRO A 27 2.39 12.93 -10.27
N ASP A 28 3.47 12.32 -9.82
CA ASP A 28 3.75 10.93 -10.09
C ASP A 28 3.73 10.07 -8.82
N TYR A 29 3.94 10.74 -7.69
CA TYR A 29 4.17 10.07 -6.41
C TYR A 29 5.47 9.31 -6.44
N ILE A 30 6.49 10.03 -6.80
CA ILE A 30 7.85 9.52 -6.82
C ILE A 30 8.62 10.06 -5.65
N CYS A 31 9.69 9.39 -5.34
CA CYS A 31 10.57 9.81 -4.27
C CYS A 31 11.71 10.60 -4.92
N PRO A 32 12.21 11.62 -4.23
CA PRO A 32 13.21 12.51 -4.78
C PRO A 32 14.56 11.87 -4.64
N ARG A 33 14.58 10.93 -3.72
CA ARG A 33 15.80 10.22 -3.40
C ARG A 33 16.04 8.96 -4.23
N CYS A 34 15.01 8.46 -4.92
CA CYS A 34 15.21 7.32 -5.83
C CYS A 34 14.23 7.31 -7.00
N GLU A 35 13.24 8.21 -6.96
CA GLU A 35 12.22 8.33 -8.01
C GLU A 35 11.43 7.03 -8.16
N SER A 36 11.37 6.26 -7.09
CA SER A 36 10.47 5.13 -7.01
C SER A 36 9.28 5.50 -6.15
N GLY A 37 8.09 5.03 -6.53
CA GLY A 37 6.89 5.42 -5.82
C GLY A 37 6.66 4.62 -4.55
N PHE A 38 7.74 4.21 -3.91
CA PHE A 38 7.65 3.45 -2.68
C PHE A 38 7.63 4.39 -1.49
N ILE A 39 6.70 5.33 -1.56
CA ILE A 39 6.58 6.39 -0.57
C ILE A 39 5.19 6.40 0.04
N GLU A 40 5.14 6.52 1.35
CA GLU A 40 3.88 6.67 2.04
C GLU A 40 3.88 7.99 2.80
N GLU A 41 2.74 8.64 2.86
CA GLU A 41 2.61 9.91 3.56
C GLU A 41 2.57 9.68 5.07
N LEU A 42 3.27 10.53 5.80
CA LEU A 42 3.36 10.42 7.24
C LEU A 42 2.26 11.25 7.89
N MET B 1 -15.65 -29.81 3.27
CA MET B 1 -16.29 -28.82 2.38
C MET B 1 -16.15 -29.22 0.92
N ALA B 2 -15.01 -29.82 0.56
CA ALA B 2 -14.79 -30.24 -0.82
C ALA B 2 -15.00 -31.75 -0.99
N HIS B 3 -14.65 -32.51 0.06
CA HIS B 3 -14.77 -33.98 0.06
C HIS B 3 -13.74 -34.63 -0.85
N HIS B 4 -13.89 -34.42 -2.14
CA HIS B 4 -12.98 -35.00 -3.12
C HIS B 4 -12.23 -33.87 -3.83
N HIS B 5 -11.30 -34.22 -4.71
CA HIS B 5 -10.64 -33.20 -5.51
C HIS B 5 -11.66 -32.53 -6.42
N HIS B 6 -12.59 -33.38 -6.92
CA HIS B 6 -13.78 -32.99 -7.69
C HIS B 6 -13.69 -31.60 -8.31
N HIS B 7 -14.06 -30.58 -7.54
CA HIS B 7 -13.98 -29.20 -8.00
C HIS B 7 -13.62 -28.28 -6.85
N HIS B 8 -12.32 -27.98 -6.74
CA HIS B 8 -11.85 -27.02 -5.75
C HIS B 8 -12.19 -25.62 -6.22
N VAL B 9 -13.32 -25.12 -5.77
CA VAL B 9 -13.92 -23.89 -6.28
C VAL B 9 -12.99 -22.69 -6.19
N ASP B 10 -13.19 -21.80 -7.13
CA ASP B 10 -12.44 -20.54 -7.23
C ASP B 10 -13.43 -19.42 -7.55
N ASP B 11 -14.04 -19.53 -8.73
CA ASP B 11 -15.16 -18.68 -9.13
C ASP B 11 -14.74 -17.24 -9.40
N ASP B 12 -15.10 -16.74 -10.59
CA ASP B 12 -14.80 -15.36 -10.97
C ASP B 12 -15.76 -14.40 -10.28
N ASP B 13 -15.75 -14.43 -8.97
CA ASP B 13 -16.56 -13.56 -8.15
C ASP B 13 -15.84 -12.23 -7.95
N LYS B 14 -14.55 -12.24 -8.22
CA LYS B 14 -13.70 -11.08 -8.05
C LYS B 14 -13.99 -10.01 -9.10
N MET B 15 -13.39 -8.85 -8.96
CA MET B 15 -13.68 -7.72 -9.84
C MET B 15 -12.43 -6.93 -10.20
N LEU B 16 -11.49 -6.77 -9.28
CA LEU B 16 -10.31 -5.98 -9.55
C LEU B 16 -9.09 -6.87 -9.68
N GLU B 17 -8.32 -6.59 -10.69
CA GLU B 17 -7.09 -7.26 -10.91
C GLU B 17 -6.01 -6.51 -10.21
N VAL B 18 -5.75 -6.93 -8.99
CA VAL B 18 -4.86 -6.20 -8.14
C VAL B 18 -3.45 -6.48 -8.57
N LEU B 19 -2.71 -5.47 -8.87
CA LEU B 19 -1.32 -5.63 -9.12
C LEU B 19 -0.58 -5.01 -7.94
N VAL B 20 0.54 -5.57 -7.58
CA VAL B 20 1.25 -5.16 -6.37
C VAL B 20 2.76 -5.40 -6.54
N LYS B 21 3.56 -4.37 -6.33
CA LYS B 21 5.00 -4.48 -6.49
C LYS B 21 5.70 -4.37 -5.15
N THR B 22 6.26 -5.45 -4.71
CA THR B 22 7.22 -5.42 -3.64
C THR B 22 8.59 -5.05 -4.17
N LEU B 23 8.81 -3.76 -4.22
CA LEU B 23 10.08 -3.16 -4.62
C LEU B 23 10.45 -3.48 -6.06
N ASP B 24 9.42 -3.88 -6.78
CA ASP B 24 9.45 -4.06 -8.23
C ASP B 24 10.17 -5.34 -8.61
N SER B 25 10.92 -5.90 -7.68
CA SER B 25 11.60 -7.17 -7.88
C SER B 25 10.59 -8.30 -8.12
N GLN B 26 9.41 -8.18 -7.53
CA GLN B 26 8.36 -9.16 -7.69
C GLN B 26 7.29 -8.71 -8.67
N THR B 27 6.48 -7.74 -8.24
CA THR B 27 5.29 -7.30 -8.97
C THR B 27 4.38 -8.48 -9.30
N ARG B 28 3.38 -8.72 -8.47
CA ARG B 28 2.47 -9.82 -8.71
C ARG B 28 1.02 -9.39 -8.50
N THR B 29 0.11 -10.15 -9.08
CA THR B 29 -1.28 -9.83 -9.09
C THR B 29 -2.05 -10.54 -7.99
N PHE B 30 -3.10 -9.88 -7.51
CA PHE B 30 -3.91 -10.37 -6.40
C PHE B 30 -5.38 -10.11 -6.64
N ILE B 31 -5.89 -10.71 -7.67
CA ILE B 31 -7.25 -10.48 -8.08
C ILE B 31 -8.26 -10.83 -7.02
N VAL B 32 -8.98 -9.80 -6.69
CA VAL B 32 -10.04 -9.83 -5.71
C VAL B 32 -11.24 -9.04 -6.17
N GLY B 33 -12.18 -8.89 -5.28
CA GLY B 33 -13.38 -8.14 -5.59
C GLY B 33 -13.27 -6.69 -5.14
N ALA B 34 -14.27 -5.89 -5.45
CA ALA B 34 -14.19 -4.45 -5.27
C ALA B 34 -14.66 -3.99 -3.92
N GLN B 35 -14.15 -4.62 -2.87
CA GLN B 35 -14.63 -4.45 -1.48
C GLN B 35 -14.68 -5.78 -0.78
N MET B 36 -14.25 -6.81 -1.51
CA MET B 36 -14.12 -8.14 -1.00
C MET B 36 -13.46 -8.16 0.37
N ASN B 37 -12.17 -7.87 0.43
CA ASN B 37 -11.49 -7.74 1.70
C ASN B 37 -10.57 -6.57 1.76
N VAL B 38 -9.29 -6.86 1.55
CA VAL B 38 -8.17 -6.00 1.91
C VAL B 38 -7.62 -6.38 3.27
N LYS B 39 -8.50 -6.90 4.10
CA LYS B 39 -8.15 -7.39 5.38
C LYS B 39 -7.55 -8.76 5.23
N GLU B 40 -8.42 -9.69 4.89
CA GLU B 40 -8.02 -11.02 4.59
C GLU B 40 -7.14 -11.06 3.35
N PHE B 41 -7.34 -10.07 2.49
CA PHE B 41 -6.58 -9.95 1.26
C PHE B 41 -5.10 -9.83 1.55
N LYS B 42 -4.72 -8.88 2.40
CA LYS B 42 -3.32 -8.67 2.68
C LYS B 42 -2.74 -9.82 3.49
N GLU B 43 -3.56 -10.32 4.39
CA GLU B 43 -3.23 -11.49 5.19
C GLU B 43 -2.89 -12.68 4.26
N HIS B 44 -3.71 -12.85 3.23
CA HIS B 44 -3.56 -13.95 2.30
C HIS B 44 -2.32 -13.84 1.42
N ILE B 45 -2.00 -12.63 0.97
CA ILE B 45 -0.91 -12.43 0.03
C ILE B 45 0.46 -12.36 0.71
N ALA B 46 0.47 -12.35 2.05
CA ALA B 46 1.69 -12.25 2.83
C ALA B 46 2.87 -13.03 2.25
N ALA B 47 2.72 -14.33 2.06
CA ALA B 47 3.85 -15.14 1.63
C ALA B 47 4.22 -14.87 0.17
N SER B 48 3.22 -14.63 -0.66
CA SER B 48 3.43 -14.42 -2.08
C SER B 48 4.25 -13.16 -2.34
N VAL B 49 4.27 -12.26 -1.36
CA VAL B 49 5.06 -11.05 -1.45
C VAL B 49 6.21 -11.05 -0.45
N SER B 50 6.23 -12.08 0.41
CA SER B 50 7.25 -12.22 1.44
C SER B 50 7.06 -11.16 2.50
N ILE B 51 5.84 -10.63 2.56
CA ILE B 51 5.51 -9.60 3.51
C ILE B 51 4.29 -10.00 4.34
N PRO B 52 4.46 -10.23 5.64
CA PRO B 52 3.36 -10.59 6.52
C PRO B 52 2.46 -9.40 6.75
N SER B 53 1.17 -9.67 6.90
CA SER B 53 0.16 -8.65 7.00
C SER B 53 0.44 -7.67 8.13
N GLU B 54 1.20 -8.09 9.14
CA GLU B 54 1.51 -7.21 10.25
C GLU B 54 2.56 -6.16 9.85
N LYS B 55 3.49 -6.56 8.98
CA LYS B 55 4.53 -5.67 8.50
C LYS B 55 4.13 -5.09 7.15
N GLN B 56 3.09 -5.67 6.58
CA GLN B 56 2.64 -5.36 5.24
C GLN B 56 1.75 -4.11 5.24
N ARG B 57 2.19 -3.09 4.52
CA ARG B 57 1.35 -1.92 4.31
C ARG B 57 1.26 -1.62 2.81
N LEU B 58 0.04 -1.50 2.31
CA LEU B 58 -0.18 -1.27 0.89
C LEU B 58 -0.10 0.22 0.58
N ILE B 59 0.95 0.67 -0.09
CA ILE B 59 0.99 2.05 -0.50
C ILE B 59 0.61 2.19 -1.97
N TYR B 60 -0.46 2.90 -2.22
CA TYR B 60 -0.81 3.26 -3.58
C TYR B 60 -1.13 4.76 -3.63
N GLN B 61 -0.46 5.47 -4.52
CA GLN B 61 -0.57 6.93 -4.62
C GLN B 61 -0.18 7.60 -3.30
N GLY B 62 0.82 7.03 -2.62
CA GLY B 62 1.36 7.63 -1.40
C GLY B 62 0.47 7.42 -0.19
N ARG B 63 -0.64 6.72 -0.38
CA ARG B 63 -1.59 6.48 0.71
C ARG B 63 -1.35 5.10 1.29
N VAL B 64 -1.47 4.99 2.61
CA VAL B 64 -1.21 3.74 3.28
C VAL B 64 -2.50 2.94 3.43
N LEU B 65 -2.74 2.03 2.50
CA LEU B 65 -3.93 1.18 2.51
C LEU B 65 -3.69 -0.01 3.43
N GLN B 66 -4.69 -0.38 4.20
CA GLN B 66 -4.53 -1.46 5.16
C GLN B 66 -5.83 -2.25 5.35
N ASP B 67 -5.79 -3.20 6.26
CA ASP B 67 -6.88 -4.13 6.56
C ASP B 67 -8.08 -3.46 7.21
N ASP B 68 -7.99 -2.19 7.51
CA ASP B 68 -9.04 -1.52 8.26
C ASP B 68 -10.27 -1.22 7.41
N LYS B 69 -10.12 -1.20 6.09
CA LYS B 69 -11.19 -0.72 5.21
C LYS B 69 -11.49 -1.69 4.07
N LYS B 70 -11.89 -1.15 2.92
CA LYS B 70 -12.31 -1.97 1.79
C LYS B 70 -11.45 -1.74 0.55
N LEU B 71 -11.38 -2.76 -0.29
CA LEU B 71 -10.53 -2.72 -1.49
C LEU B 71 -10.87 -1.55 -2.43
N GLN B 72 -12.15 -1.40 -2.77
CA GLN B 72 -12.54 -0.40 -3.75
C GLN B 72 -12.35 1.02 -3.21
N GLU B 73 -12.32 1.14 -1.90
CA GLU B 73 -12.05 2.41 -1.25
C GLU B 73 -10.66 2.90 -1.66
N TYR B 74 -9.78 1.95 -1.95
CA TYR B 74 -8.43 2.28 -2.36
C TYR B 74 -8.34 2.34 -3.88
N ASN B 75 -9.32 1.69 -4.53
CA ASN B 75 -9.51 1.76 -5.97
C ASN B 75 -8.28 1.23 -6.72
N VAL B 76 -7.68 0.18 -6.18
CA VAL B 76 -6.43 -0.37 -6.72
C VAL B 76 -6.68 -1.42 -7.80
N GLY B 77 -7.86 -1.38 -8.41
CA GLY B 77 -8.20 -2.32 -9.43
C GLY B 77 -7.51 -2.06 -10.71
N GLY B 78 -6.54 -2.88 -10.92
CA GLY B 78 -5.80 -2.92 -12.17
C GLY B 78 -4.48 -2.15 -12.17
N LYS B 79 -4.02 -1.76 -11.00
CA LYS B 79 -2.75 -1.01 -10.88
C LYS B 79 -1.85 -1.67 -9.85
N VAL B 80 -0.50 -1.60 -10.03
CA VAL B 80 0.40 -2.19 -9.05
C VAL B 80 0.56 -1.31 -7.82
N ILE B 81 0.20 -1.90 -6.69
CA ILE B 81 0.42 -1.27 -5.41
C ILE B 81 1.88 -1.40 -5.03
N HIS B 82 2.33 -0.67 -4.04
CA HIS B 82 3.70 -0.80 -3.59
C HIS B 82 3.73 -1.26 -2.15
N LEU B 83 4.26 -2.45 -1.92
CA LEU B 83 4.30 -3.02 -0.57
C LEU B 83 5.57 -2.66 0.18
N VAL B 84 5.48 -2.74 1.50
CA VAL B 84 6.59 -2.40 2.40
C VAL B 84 6.80 -3.49 3.43
N GLU B 85 7.98 -3.50 4.04
CA GLU B 85 8.21 -4.30 5.23
C GLU B 85 8.81 -3.43 6.32
N ARG B 86 8.12 -3.38 7.46
CA ARG B 86 8.60 -2.60 8.58
C ARG B 86 9.77 -3.28 9.25
N ALA B 87 10.39 -2.59 10.18
CA ALA B 87 11.49 -3.11 10.90
C ALA B 87 11.24 -3.01 12.40
N PRO B 88 11.57 -4.07 13.14
CA PRO B 88 11.34 -4.15 14.58
C PRO B 88 12.12 -3.09 15.36
N PRO B 89 11.50 -2.44 16.36
CA PRO B 89 12.15 -1.40 17.16
C PRO B 89 13.09 -1.96 18.21
N GLN B 90 13.50 -3.20 18.01
CA GLN B 90 14.49 -3.82 18.87
C GLN B 90 15.88 -3.72 18.25
N THR B 91 15.91 -3.46 16.95
CA THR B 91 17.15 -3.16 16.27
C THR B 91 16.92 -2.07 15.22
N HIS B 92 17.43 -0.88 15.50
CA HIS B 92 17.31 0.24 14.59
C HIS B 92 18.49 0.23 13.61
N LEU B 93 19.57 -0.40 14.02
CA LEU B 93 20.75 -0.53 13.19
C LEU B 93 20.54 -1.62 12.14
N PRO B 94 20.94 -1.34 10.89
CA PRO B 94 20.84 -2.31 9.79
C PRO B 94 21.69 -3.55 10.07
N SER B 95 21.04 -4.70 10.15
CA SER B 95 21.70 -5.94 10.42
C SER B 95 20.89 -7.10 9.83
N GLY B 96 21.32 -7.57 8.67
CA GLY B 96 20.60 -8.64 8.00
C GLY B 96 19.53 -8.10 7.08
N ALA B 97 19.53 -6.79 6.88
CA ALA B 97 18.53 -6.13 6.05
C ALA B 97 19.18 -5.13 5.10
N SER B 98 19.79 -5.64 4.04
CA SER B 98 20.45 -4.79 3.06
C SER B 98 19.84 -4.99 1.67
N SER B 99 18.82 -5.83 1.57
CA SER B 99 18.14 -6.07 0.31
C SER B 99 16.92 -5.17 0.18
N GLY B 100 17.06 -3.93 0.65
CA GLY B 100 15.99 -2.98 0.56
C GLY B 100 16.52 -1.56 0.60
N GLY A 1 6.36 15.05 17.52
CA GLY A 1 7.72 15.54 17.84
C GLY A 1 8.35 16.27 16.68
N SER A 2 9.55 16.78 16.88
CA SER A 2 10.26 17.51 15.84
C SER A 2 10.85 16.54 14.82
N MET A 3 10.38 16.63 13.59
CA MET A 3 10.85 15.75 12.52
C MET A 3 10.61 16.38 11.16
N ALA A 4 9.50 17.09 11.02
CA ALA A 4 9.19 17.78 9.79
C ALA A 4 8.78 19.22 10.08
N GLU A 5 9.68 20.14 9.77
CA GLU A 5 9.45 21.55 10.04
C GLU A 5 9.29 22.33 8.73
N ALA A 6 10.09 21.97 7.73
CA ALA A 6 10.02 22.61 6.42
C ALA A 6 8.69 22.31 5.75
N SER A 7 8.21 21.10 5.93
CA SER A 7 6.90 20.70 5.45
C SER A 7 6.27 19.72 6.44
N PRO A 8 5.68 20.24 7.53
CA PRO A 8 5.13 19.42 8.62
C PRO A 8 4.03 18.46 8.20
N HIS A 9 3.05 18.94 7.44
CA HIS A 9 1.88 18.10 7.11
C HIS A 9 2.12 17.22 5.87
N PRO A 10 2.28 17.80 4.65
CA PRO A 10 2.43 17.01 3.42
C PRO A 10 3.87 16.57 3.18
N GLY A 11 4.74 16.96 4.10
CA GLY A 11 6.15 16.71 3.92
C GLY A 11 6.62 15.46 4.62
N ARG A 12 5.69 14.77 5.23
CA ARG A 12 6.02 13.53 5.91
C ARG A 12 5.70 12.34 5.02
N TYR A 13 6.64 11.98 4.19
CA TYR A 13 6.60 10.72 3.45
C TYR A 13 7.86 9.97 3.73
N PHE A 14 7.87 8.73 3.35
CA PHE A 14 9.01 7.86 3.59
C PHE A 14 9.17 6.90 2.43
N CYS A 15 10.32 6.93 1.79
CA CYS A 15 10.56 6.02 0.70
C CYS A 15 11.23 4.75 1.22
N HIS A 16 10.38 3.77 1.55
CA HIS A 16 10.82 2.53 2.18
C HIS A 16 11.89 1.81 1.36
N CYS A 17 11.69 1.78 0.05
CA CYS A 17 12.57 1.02 -0.84
C CYS A 17 14.04 1.42 -0.68
N CYS A 18 14.28 2.72 -0.71
CA CYS A 18 15.65 3.23 -0.59
C CYS A 18 15.92 3.73 0.84
N SER A 19 14.93 3.52 1.71
CA SER A 19 15.00 3.79 3.15
C SER A 19 15.44 5.21 3.51
N VAL A 20 14.69 6.21 3.03
CA VAL A 20 14.94 7.61 3.41
C VAL A 20 13.62 8.36 3.55
N GLU A 21 13.55 9.31 4.47
CA GLU A 21 12.34 10.10 4.65
C GLU A 21 12.36 11.33 3.76
N ILE A 22 11.22 11.64 3.16
CA ILE A 22 11.18 12.56 2.03
C ILE A 22 9.96 13.48 2.00
N VAL A 23 10.04 14.46 1.13
CA VAL A 23 8.89 15.20 0.64
C VAL A 23 8.82 14.99 -0.87
N PRO A 24 7.92 14.09 -1.26
CA PRO A 24 7.80 13.53 -2.60
C PRO A 24 7.67 14.47 -3.80
N ARG A 25 7.63 13.80 -4.93
CA ARG A 25 7.57 14.39 -6.25
C ARG A 25 6.26 13.95 -6.90
N LEU A 26 5.22 14.17 -6.10
CA LEU A 26 3.80 13.95 -6.40
C LEU A 26 3.42 13.56 -7.83
N PRO A 27 3.75 14.38 -8.87
CA PRO A 27 3.48 14.05 -10.28
C PRO A 27 3.57 12.55 -10.60
N ASP A 28 4.48 11.88 -9.92
CA ASP A 28 4.69 10.44 -10.11
C ASP A 28 4.56 9.69 -8.80
N TYR A 29 4.68 10.43 -7.72
CA TYR A 29 4.77 9.88 -6.36
C TYR A 29 6.11 9.19 -6.18
N ILE A 30 7.12 9.86 -6.67
CA ILE A 30 8.50 9.47 -6.51
C ILE A 30 9.09 10.13 -5.28
N CYS A 31 10.22 9.63 -4.86
CA CYS A 31 10.92 10.23 -3.76
C CYS A 31 11.96 11.19 -4.34
N PRO A 32 12.20 12.31 -3.67
CA PRO A 32 12.97 13.41 -4.22
C PRO A 32 14.43 13.14 -4.01
N ARG A 33 14.66 12.29 -3.03
CA ARG A 33 15.98 11.95 -2.62
C ARG A 33 16.62 10.88 -3.48
N CYS A 34 15.79 10.07 -4.12
CA CYS A 34 16.29 8.93 -4.87
C CYS A 34 15.28 8.37 -5.89
N GLU A 35 14.19 9.13 -6.12
CA GLU A 35 13.28 8.91 -7.26
C GLU A 35 12.81 7.45 -7.39
N SER A 36 12.04 7.00 -6.42
CA SER A 36 11.31 5.74 -6.53
C SER A 36 9.90 5.92 -5.98
N GLY A 37 8.93 5.24 -6.57
CA GLY A 37 7.53 5.42 -6.20
C GLY A 37 7.11 4.56 -5.01
N PHE A 38 8.03 4.34 -4.08
CA PHE A 38 7.75 3.53 -2.91
C PHE A 38 7.67 4.39 -1.65
N ILE A 39 6.85 5.43 -1.73
CA ILE A 39 6.65 6.32 -0.60
C ILE A 39 5.26 6.20 -0.04
N GLU A 40 5.17 6.21 1.26
CA GLU A 40 3.91 6.28 1.94
C GLU A 40 3.85 7.58 2.72
N GLU A 41 2.65 8.12 2.84
CA GLU A 41 2.44 9.33 3.60
C GLU A 41 2.35 9.00 5.07
N LEU A 42 3.21 9.61 5.85
CA LEU A 42 3.32 9.36 7.26
C LEU A 42 2.22 10.10 8.01
N MET B 1 -21.99 -28.34 2.48
CA MET B 1 -22.58 -29.16 1.40
C MET B 1 -22.62 -28.37 0.10
N ALA B 2 -22.07 -28.97 -0.95
CA ALA B 2 -21.99 -28.37 -2.28
C ALA B 2 -21.08 -27.14 -2.28
N HIS B 3 -21.63 -25.99 -1.86
CA HIS B 3 -20.88 -24.73 -1.81
C HIS B 3 -20.30 -24.40 -3.18
N HIS B 4 -21.15 -23.89 -4.07
CA HIS B 4 -20.75 -23.62 -5.43
C HIS B 4 -20.03 -22.28 -5.52
N HIS B 5 -18.95 -22.25 -6.29
CA HIS B 5 -18.12 -21.04 -6.39
C HIS B 5 -18.56 -20.17 -7.56
N HIS B 6 -19.83 -20.27 -7.92
CA HIS B 6 -20.40 -19.40 -8.94
C HIS B 6 -21.83 -19.04 -8.58
N HIS B 7 -22.05 -17.76 -8.32
CA HIS B 7 -23.36 -17.27 -7.93
C HIS B 7 -23.82 -16.20 -8.90
N HIS B 8 -24.95 -15.58 -8.61
CA HIS B 8 -25.45 -14.48 -9.43
C HIS B 8 -24.62 -13.22 -9.18
N VAL B 9 -23.60 -13.03 -10.01
CA VAL B 9 -22.66 -11.95 -9.80
C VAL B 9 -22.81 -10.86 -10.87
N ASP B 10 -22.18 -9.73 -10.61
CA ASP B 10 -22.22 -8.59 -11.52
C ASP B 10 -20.89 -7.85 -11.42
N ASP B 11 -19.86 -8.47 -11.95
CA ASP B 11 -18.50 -7.94 -11.85
C ASP B 11 -18.26 -6.83 -12.87
N ASP B 12 -19.00 -5.75 -12.74
CA ASP B 12 -18.81 -4.58 -13.58
C ASP B 12 -17.99 -3.53 -12.84
N ASP B 13 -18.45 -3.18 -11.64
CA ASP B 13 -17.69 -2.35 -10.74
C ASP B 13 -16.88 -3.21 -9.80
N LYS B 14 -17.47 -4.35 -9.46
CA LYS B 14 -16.82 -5.34 -8.64
C LYS B 14 -15.68 -6.03 -9.39
N MET B 15 -14.97 -6.91 -8.69
CA MET B 15 -13.87 -7.68 -9.26
C MET B 15 -12.74 -6.79 -9.73
N LEU B 16 -11.75 -6.62 -8.87
CA LEU B 16 -10.57 -5.84 -9.22
C LEU B 16 -9.45 -6.79 -9.53
N GLU B 17 -8.63 -6.38 -10.46
CA GLU B 17 -7.40 -7.07 -10.72
C GLU B 17 -6.33 -6.33 -9.99
N VAL B 18 -6.09 -6.77 -8.78
CA VAL B 18 -5.25 -6.05 -7.88
C VAL B 18 -3.80 -6.26 -8.25
N LEU B 19 -3.24 -5.31 -8.95
CA LEU B 19 -1.84 -5.38 -9.30
C LEU B 19 -1.05 -4.76 -8.17
N VAL B 20 0.01 -5.43 -7.72
CA VAL B 20 0.75 -4.99 -6.55
C VAL B 20 2.25 -5.28 -6.71
N LYS B 21 3.04 -4.23 -6.66
CA LYS B 21 4.49 -4.31 -6.81
C LYS B 21 5.13 -4.48 -5.44
N THR B 22 6.19 -5.25 -5.34
CA THR B 22 6.83 -5.45 -4.06
C THR B 22 8.28 -4.98 -4.03
N LEU B 23 8.52 -3.94 -3.23
CA LEU B 23 9.85 -3.36 -3.01
C LEU B 23 10.49 -2.76 -4.26
N ASP B 24 10.48 -3.51 -5.35
CA ASP B 24 11.14 -3.13 -6.60
C ASP B 24 11.20 -4.34 -7.54
N SER B 25 11.21 -5.52 -6.92
CA SER B 25 11.38 -6.77 -7.64
C SER B 25 10.34 -7.01 -8.72
N GLN B 26 9.12 -7.32 -8.30
CA GLN B 26 8.10 -7.78 -9.23
C GLN B 26 6.78 -7.04 -9.05
N THR B 27 5.82 -7.48 -9.85
CA THR B 27 4.45 -7.03 -9.77
C THR B 27 3.53 -8.23 -9.82
N ARG B 28 2.78 -8.44 -8.76
CA ARG B 28 1.89 -9.59 -8.70
C ARG B 28 0.46 -9.14 -8.51
N THR B 29 -0.46 -9.94 -9.02
CA THR B 29 -1.85 -9.63 -8.97
C THR B 29 -2.55 -10.38 -7.84
N PHE B 30 -3.53 -9.72 -7.24
CA PHE B 30 -4.28 -10.26 -6.11
C PHE B 30 -5.74 -10.07 -6.35
N ILE B 31 -6.21 -10.65 -7.41
CA ILE B 31 -7.56 -10.46 -7.87
C ILE B 31 -8.60 -10.84 -6.86
N VAL B 32 -9.34 -9.81 -6.53
CA VAL B 32 -10.43 -9.90 -5.58
C VAL B 32 -11.64 -9.13 -6.01
N GLY B 33 -12.70 -9.34 -5.28
CA GLY B 33 -14.02 -8.87 -5.69
C GLY B 33 -14.31 -7.44 -5.31
N ALA B 34 -13.38 -6.53 -5.64
CA ALA B 34 -13.50 -5.09 -5.37
C ALA B 34 -13.50 -4.75 -3.90
N GLN B 35 -14.30 -5.44 -3.16
CA GLN B 35 -14.64 -5.03 -1.82
C GLN B 35 -14.65 -6.27 -0.99
N MET B 36 -13.86 -7.20 -1.48
CA MET B 36 -13.73 -8.51 -0.91
C MET B 36 -13.25 -8.44 0.53
N ASN B 37 -11.98 -8.08 0.71
CA ASN B 37 -11.43 -7.92 2.05
C ASN B 37 -10.44 -6.79 2.11
N VAL B 38 -9.19 -7.16 1.91
CA VAL B 38 -8.03 -6.35 2.18
C VAL B 38 -7.45 -6.69 3.54
N LYS B 39 -8.29 -7.11 4.43
CA LYS B 39 -7.89 -7.53 5.73
C LYS B 39 -7.36 -8.94 5.65
N GLU B 40 -8.29 -9.83 5.44
CA GLU B 40 -7.97 -11.21 5.21
C GLU B 40 -7.18 -11.39 3.91
N PHE B 41 -7.38 -10.45 3.00
CA PHE B 41 -6.64 -10.38 1.75
C PHE B 41 -5.14 -10.24 2.03
N LYS B 42 -4.80 -9.27 2.87
CA LYS B 42 -3.41 -9.00 3.21
C LYS B 42 -2.78 -10.19 3.92
N GLU B 43 -3.54 -10.77 4.84
CA GLU B 43 -3.13 -11.98 5.54
C GLU B 43 -2.80 -13.10 4.56
N HIS B 44 -3.56 -13.18 3.47
CA HIS B 44 -3.36 -14.19 2.45
C HIS B 44 -2.07 -13.97 1.66
N ILE B 45 -1.85 -12.74 1.23
CA ILE B 45 -0.72 -12.41 0.39
C ILE B 45 0.58 -12.39 1.20
N ALA B 46 0.45 -12.42 2.54
CA ALA B 46 1.57 -12.36 3.47
C ALA B 46 2.75 -13.23 3.02
N ALA B 47 2.51 -14.51 2.86
CA ALA B 47 3.60 -15.44 2.54
C ALA B 47 4.08 -15.26 1.11
N SER B 48 3.15 -15.02 0.21
CA SER B 48 3.46 -14.89 -1.20
C SER B 48 4.39 -13.72 -1.43
N VAL B 49 4.19 -12.65 -0.67
CA VAL B 49 5.06 -11.48 -0.76
C VAL B 49 6.10 -11.49 0.35
N SER B 50 6.04 -12.53 1.21
CA SER B 50 6.98 -12.73 2.30
C SER B 50 6.92 -11.54 3.23
N ILE B 51 5.76 -10.91 3.24
CA ILE B 51 5.49 -9.81 4.11
C ILE B 51 4.19 -10.03 4.87
N PRO B 52 4.27 -10.19 6.19
CA PRO B 52 3.08 -10.42 7.01
C PRO B 52 2.23 -9.16 7.09
N SER B 53 0.93 -9.39 7.11
CA SER B 53 -0.06 -8.32 7.06
C SER B 53 0.19 -7.24 8.11
N GLU B 54 0.87 -7.59 9.21
CA GLU B 54 1.13 -6.63 10.28
C GLU B 54 2.19 -5.60 9.86
N LYS B 55 3.26 -6.04 9.22
CA LYS B 55 4.32 -5.15 8.76
C LYS B 55 3.97 -4.65 7.37
N GLN B 56 3.26 -5.49 6.66
CA GLN B 56 2.85 -5.27 5.29
C GLN B 56 2.05 -3.99 5.14
N ARG B 57 2.41 -3.16 4.17
CA ARG B 57 1.65 -1.95 3.88
C ARG B 57 1.47 -1.77 2.38
N LEU B 58 0.22 -1.66 1.95
CA LEU B 58 -0.11 -1.45 0.56
C LEU B 58 -0.08 0.03 0.23
N ILE B 59 0.94 0.49 -0.43
CA ILE B 59 1.03 1.90 -0.79
C ILE B 59 0.67 2.12 -2.24
N TYR B 60 -0.38 2.86 -2.46
CA TYR B 60 -0.75 3.26 -3.80
C TYR B 60 -0.92 4.77 -3.86
N GLN B 61 -0.03 5.43 -4.61
CA GLN B 61 -0.03 6.89 -4.72
C GLN B 61 0.20 7.52 -3.35
N GLY B 62 1.14 6.95 -2.60
CA GLY B 62 1.48 7.47 -1.29
C GLY B 62 0.42 7.18 -0.24
N ARG B 63 -0.69 6.60 -0.67
CA ARG B 63 -1.77 6.28 0.23
C ARG B 63 -1.52 4.90 0.80
N VAL B 64 -1.50 4.78 2.10
CA VAL B 64 -1.21 3.51 2.73
C VAL B 64 -2.49 2.70 2.88
N LEU B 65 -2.80 1.93 1.85
CA LEU B 65 -3.95 1.05 1.85
C LEU B 65 -3.68 -0.07 2.85
N GLN B 66 -4.65 -0.37 3.68
CA GLN B 66 -4.41 -1.28 4.78
C GLN B 66 -5.60 -2.19 5.04
N ASP B 67 -5.49 -3.01 6.08
CA ASP B 67 -6.47 -4.02 6.45
C ASP B 67 -7.74 -3.41 7.03
N ASP B 68 -7.79 -2.10 7.15
CA ASP B 68 -8.92 -1.42 7.77
C ASP B 68 -10.12 -1.28 6.83
N LYS B 69 -9.91 -1.34 5.52
CA LYS B 69 -10.95 -0.95 4.57
C LYS B 69 -11.28 -2.05 3.57
N LYS B 70 -11.67 -1.65 2.37
CA LYS B 70 -11.94 -2.55 1.26
C LYS B 70 -11.13 -2.11 0.05
N LEU B 71 -10.97 -2.97 -0.95
CA LEU B 71 -10.16 -2.63 -2.10
C LEU B 71 -10.78 -1.49 -2.91
N GLN B 72 -12.12 -1.49 -2.99
CA GLN B 72 -12.86 -0.51 -3.77
C GLN B 72 -12.81 0.86 -3.10
N GLU B 73 -12.45 0.87 -1.83
CA GLU B 73 -12.22 2.11 -1.10
C GLU B 73 -11.02 2.83 -1.69
N TYR B 74 -10.11 2.04 -2.25
CA TYR B 74 -8.92 2.57 -2.89
C TYR B 74 -9.15 2.72 -4.40
N ASN B 75 -10.12 1.94 -4.89
CA ASN B 75 -10.54 1.98 -6.29
C ASN B 75 -9.37 1.55 -7.13
N VAL B 76 -8.85 0.41 -6.76
CA VAL B 76 -7.55 -0.01 -7.14
C VAL B 76 -7.58 -1.03 -8.28
N GLY B 77 -8.79 -1.37 -8.74
CA GLY B 77 -8.98 -2.26 -9.86
C GLY B 77 -8.13 -1.93 -11.04
N GLY B 78 -7.13 -2.72 -11.14
CA GLY B 78 -6.27 -2.75 -12.31
C GLY B 78 -5.06 -1.83 -12.22
N LYS B 79 -4.76 -1.36 -11.03
CA LYS B 79 -3.62 -0.48 -10.82
C LYS B 79 -2.60 -1.14 -9.89
N VAL B 80 -1.31 -0.95 -10.16
CA VAL B 80 -0.27 -1.58 -9.32
C VAL B 80 -0.04 -0.83 -8.03
N ILE B 81 -0.18 -1.56 -6.94
CA ILE B 81 0.11 -1.04 -5.62
C ILE B 81 1.60 -1.24 -5.33
N HIS B 82 2.10 -0.64 -4.27
CA HIS B 82 3.48 -0.87 -3.85
C HIS B 82 3.51 -1.45 -2.45
N LEU B 83 3.99 -2.67 -2.32
CA LEU B 83 4.17 -3.29 -1.02
C LEU B 83 5.56 -3.03 -0.48
N VAL B 84 5.63 -2.86 0.84
CA VAL B 84 6.89 -2.54 1.51
C VAL B 84 7.02 -3.24 2.85
N GLU B 85 8.22 -3.18 3.40
CA GLU B 85 8.49 -3.63 4.74
C GLU B 85 8.82 -2.42 5.60
N ARG B 86 8.51 -2.49 6.88
CA ARG B 86 8.71 -1.37 7.79
C ARG B 86 10.18 -1.14 8.06
N ALA B 87 10.45 -0.10 8.84
CA ALA B 87 11.79 0.20 9.32
C ALA B 87 12.34 -0.97 10.15
N PRO B 88 13.65 -0.98 10.47
CA PRO B 88 14.24 -2.03 11.29
C PRO B 88 13.50 -2.23 12.62
N PRO B 89 13.64 -3.41 13.24
CA PRO B 89 12.87 -3.80 14.43
C PRO B 89 13.29 -3.06 15.69
N GLN B 90 13.17 -1.73 15.66
CA GLN B 90 13.46 -0.92 16.81
C GLN B 90 12.20 -0.74 17.65
N THR B 91 11.09 -1.28 17.15
CA THR B 91 9.84 -1.26 17.88
C THR B 91 9.78 -2.44 18.86
N HIS B 92 9.42 -2.13 20.11
CA HIS B 92 9.37 -3.12 21.20
C HIS B 92 10.78 -3.56 21.64
N LEU B 93 11.65 -3.80 20.67
CA LEU B 93 13.04 -4.11 20.96
C LEU B 93 13.86 -2.82 21.01
N PRO B 94 14.44 -2.49 22.17
CA PRO B 94 15.17 -1.24 22.36
C PRO B 94 16.43 -1.16 21.50
N SER B 95 16.38 -0.29 20.52
CA SER B 95 17.47 -0.10 19.61
C SER B 95 18.58 0.72 20.27
N GLY B 96 19.82 0.43 19.92
CA GLY B 96 20.93 1.18 20.46
C GLY B 96 21.10 2.49 19.72
N ALA B 97 20.32 3.49 20.11
CA ALA B 97 20.35 4.80 19.48
C ALA B 97 20.05 4.70 17.99
N SER B 98 18.99 3.96 17.67
CA SER B 98 18.56 3.69 16.29
C SER B 98 19.70 3.20 15.41
N SER B 99 20.66 2.52 16.03
CA SER B 99 21.81 1.95 15.32
C SER B 99 22.64 3.03 14.62
N GLY B 100 22.64 4.24 15.17
CA GLY B 100 23.44 5.30 14.60
C GLY B 100 22.60 6.37 13.95
N GLY A 1 -10.50 17.17 1.43
CA GLY A 1 -9.80 17.33 2.73
C GLY A 1 -8.96 18.59 2.78
N SER A 2 -9.07 19.34 3.86
CA SER A 2 -8.31 20.56 4.02
C SER A 2 -7.66 20.59 5.39
N MET A 3 -6.47 20.00 5.48
CA MET A 3 -5.75 19.93 6.73
C MET A 3 -5.00 21.22 6.99
N ALA A 4 -5.49 22.00 7.94
CA ALA A 4 -4.80 23.20 8.38
C ALA A 4 -3.78 22.84 9.45
N GLU A 5 -3.95 21.66 10.01
CA GLU A 5 -3.07 21.14 11.04
C GLU A 5 -2.91 19.64 10.87
N ALA A 6 -2.27 19.00 11.84
CA ALA A 6 -2.00 17.56 11.78
C ALA A 6 -1.29 17.21 10.47
N SER A 7 -0.13 17.82 10.27
CA SER A 7 0.65 17.66 9.05
C SER A 7 -0.09 18.24 7.84
N PRO A 8 -0.11 19.57 7.72
CA PRO A 8 -0.81 20.27 6.63
C PRO A 8 0.04 20.34 5.35
N HIS A 9 1.24 19.80 5.40
CA HIS A 9 2.15 19.88 4.27
C HIS A 9 2.58 18.48 3.83
N PRO A 10 2.44 18.18 2.52
CA PRO A 10 2.86 16.91 1.93
C PRO A 10 4.38 16.82 1.74
N GLY A 11 5.11 17.12 2.79
CA GLY A 11 6.56 17.08 2.72
C GLY A 11 7.13 15.99 3.58
N ARG A 12 6.25 15.23 4.18
CA ARG A 12 6.65 14.16 5.08
C ARG A 12 6.26 12.80 4.50
N TYR A 13 7.10 12.27 3.63
CA TYR A 13 6.90 10.93 3.07
C TYR A 13 8.05 10.03 3.47
N PHE A 14 7.78 8.79 3.77
CA PHE A 14 8.87 7.84 3.96
C PHE A 14 8.85 6.80 2.86
N CYS A 15 9.89 6.79 2.06
CA CYS A 15 10.06 5.76 1.05
C CYS A 15 10.86 4.61 1.62
N HIS A 16 10.24 3.45 1.64
CA HIS A 16 10.82 2.28 2.26
C HIS A 16 11.83 1.61 1.32
N CYS A 17 11.90 2.09 0.08
CA CYS A 17 12.82 1.54 -0.90
C CYS A 17 14.27 1.91 -0.61
N CYS A 18 14.52 3.20 -0.41
CA CYS A 18 15.86 3.65 -0.11
C CYS A 18 16.01 3.92 1.39
N SER A 19 14.91 3.63 2.11
CA SER A 19 14.84 3.73 3.57
C SER A 19 15.24 5.12 4.09
N VAL A 20 14.71 6.15 3.44
CA VAL A 20 14.95 7.53 3.85
C VAL A 20 13.66 8.35 3.66
N GLU A 21 13.47 9.35 4.53
CA GLU A 21 12.32 10.23 4.43
C GLU A 21 12.50 11.23 3.30
N ILE A 22 11.41 11.53 2.59
CA ILE A 22 11.50 12.30 1.37
C ILE A 22 10.47 13.43 1.30
N VAL A 23 10.69 14.30 0.34
CA VAL A 23 9.67 15.19 -0.18
C VAL A 23 9.48 14.86 -1.66
N PRO A 24 8.34 14.25 -1.93
CA PRO A 24 8.05 13.57 -3.19
C PRO A 24 7.86 14.46 -4.42
N ARG A 25 7.68 13.77 -5.54
CA ARG A 25 7.48 14.34 -6.84
C ARG A 25 6.06 13.98 -7.28
N LEU A 26 5.17 14.26 -6.35
CA LEU A 26 3.69 14.17 -6.42
C LEU A 26 3.08 13.70 -7.76
N PRO A 27 3.26 14.42 -8.90
CA PRO A 27 2.76 13.99 -10.20
C PRO A 27 2.72 12.47 -10.40
N ASP A 28 3.71 11.79 -9.86
CA ASP A 28 3.81 10.33 -9.95
C ASP A 28 3.72 9.69 -8.58
N TYR A 29 4.01 10.48 -7.58
CA TYR A 29 4.22 10.01 -6.21
C TYR A 29 5.48 9.17 -6.16
N ILE A 30 6.50 9.72 -6.78
CA ILE A 30 7.83 9.15 -6.75
C ILE A 30 8.64 9.74 -5.62
N CYS A 31 9.71 9.06 -5.31
CA CYS A 31 10.62 9.49 -4.28
C CYS A 31 11.76 10.26 -4.95
N PRO A 32 12.26 11.30 -4.29
CA PRO A 32 13.28 12.18 -4.84
C PRO A 32 14.63 11.57 -4.60
N ARG A 33 14.60 10.61 -3.68
CA ARG A 33 15.81 9.92 -3.29
C ARG A 33 16.08 8.65 -4.11
N CYS A 34 15.09 8.17 -4.86
CA CYS A 34 15.32 6.99 -5.70
C CYS A 34 14.24 6.81 -6.78
N GLU A 35 13.30 7.76 -6.87
CA GLU A 35 12.26 7.77 -7.92
C GLU A 35 11.46 6.47 -7.94
N SER A 36 11.22 5.93 -6.76
CA SER A 36 10.34 4.80 -6.62
C SER A 36 9.13 5.19 -5.78
N GLY A 37 7.95 4.77 -6.19
CA GLY A 37 6.73 5.21 -5.54
C GLY A 37 6.42 4.47 -4.26
N PHE A 38 7.45 3.98 -3.58
CA PHE A 38 7.26 3.29 -2.31
C PHE A 38 7.24 4.30 -1.17
N ILE A 39 6.52 5.39 -1.38
CA ILE A 39 6.44 6.47 -0.42
C ILE A 39 5.07 6.55 0.22
N GLU A 40 5.04 6.66 1.52
CA GLU A 40 3.79 6.88 2.22
C GLU A 40 3.88 8.17 3.02
N GLU A 41 2.79 8.93 3.02
CA GLU A 41 2.74 10.16 3.80
C GLU A 41 2.54 9.83 5.26
N LEU A 42 3.39 10.40 6.09
CA LEU A 42 3.51 9.99 7.48
C LEU A 42 2.61 10.83 8.38
N MET B 1 -6.11 -14.26 -16.40
CA MET B 1 -5.98 -14.29 -17.87
C MET B 1 -4.55 -13.92 -18.26
N ALA B 2 -4.12 -14.41 -19.41
CA ALA B 2 -2.77 -14.16 -19.88
C ALA B 2 -2.76 -13.08 -20.96
N HIS B 3 -2.59 -11.83 -20.52
CA HIS B 3 -2.60 -10.68 -21.43
C HIS B 3 -3.93 -10.57 -22.16
N HIS B 4 -3.94 -9.82 -23.27
CA HIS B 4 -5.17 -9.56 -24.01
C HIS B 4 -6.18 -8.86 -23.12
N HIS B 5 -5.69 -7.85 -22.41
CA HIS B 5 -6.45 -7.22 -21.34
C HIS B 5 -7.38 -6.13 -21.85
N HIS B 6 -7.60 -6.10 -23.17
CA HIS B 6 -8.59 -5.18 -23.74
C HIS B 6 -9.94 -5.44 -23.10
N HIS B 7 -10.27 -6.72 -22.95
CA HIS B 7 -11.45 -7.14 -22.22
C HIS B 7 -11.02 -8.04 -21.08
N HIS B 8 -11.25 -7.60 -19.85
CA HIS B 8 -10.93 -8.40 -18.68
C HIS B 8 -12.09 -9.33 -18.37
N VAL B 9 -11.84 -10.34 -17.55
CA VAL B 9 -12.89 -11.28 -17.20
C VAL B 9 -13.94 -10.62 -16.31
N ASP B 10 -15.19 -10.96 -16.56
CA ASP B 10 -16.30 -10.40 -15.82
C ASP B 10 -17.12 -11.53 -15.21
N ASP B 11 -16.95 -12.71 -15.78
CA ASP B 11 -17.62 -13.92 -15.30
C ASP B 11 -16.77 -14.55 -14.19
N ASP B 12 -16.40 -13.73 -13.24
CA ASP B 12 -15.59 -14.15 -12.12
C ASP B 12 -16.09 -13.42 -10.87
N ASP B 13 -15.85 -14.02 -9.72
CA ASP B 13 -16.34 -13.47 -8.46
C ASP B 13 -15.57 -12.24 -8.04
N LYS B 14 -14.33 -12.13 -8.49
CA LYS B 14 -13.49 -10.99 -8.17
C LYS B 14 -13.78 -9.80 -9.10
N MET B 15 -13.08 -8.69 -8.86
CA MET B 15 -13.34 -7.47 -9.61
C MET B 15 -12.08 -6.61 -9.79
N LEU B 16 -11.21 -6.56 -8.77
CA LEU B 16 -10.01 -5.72 -8.90
C LEU B 16 -8.82 -6.59 -9.20
N GLU B 17 -7.99 -6.09 -10.07
CA GLU B 17 -6.74 -6.71 -10.40
C GLU B 17 -5.67 -6.06 -9.59
N VAL B 18 -5.44 -6.63 -8.43
CA VAL B 18 -4.61 -6.02 -7.44
C VAL B 18 -3.16 -6.22 -7.76
N LEU B 19 -2.73 -5.44 -8.69
CA LEU B 19 -1.34 -5.40 -9.03
C LEU B 19 -0.64 -4.75 -7.86
N VAL B 20 0.53 -5.23 -7.49
CA VAL B 20 1.18 -4.83 -6.24
C VAL B 20 2.71 -4.99 -6.38
N LYS B 21 3.43 -3.87 -6.32
CA LYS B 21 4.87 -3.88 -6.42
C LYS B 21 5.48 -3.81 -5.04
N THR B 22 6.35 -4.75 -4.72
CA THR B 22 7.04 -4.76 -3.44
C THR B 22 8.26 -3.84 -3.46
N LEU B 23 9.20 -4.14 -4.35
CA LEU B 23 10.38 -3.30 -4.55
C LEU B 23 10.71 -3.19 -6.02
N ASP B 24 9.66 -3.35 -6.82
CA ASP B 24 9.73 -3.18 -8.29
C ASP B 24 10.20 -4.45 -8.97
N SER B 25 11.11 -5.16 -8.32
CA SER B 25 11.65 -6.41 -8.87
C SER B 25 10.53 -7.43 -9.11
N GLN B 26 9.54 -7.45 -8.23
CA GLN B 26 8.43 -8.39 -8.36
C GLN B 26 7.24 -7.80 -9.14
N THR B 27 6.45 -6.93 -8.49
CA THR B 27 5.16 -6.48 -9.06
C THR B 27 4.25 -7.67 -9.36
N ARG B 28 3.38 -8.04 -8.42
CA ARG B 28 2.49 -9.16 -8.65
C ARG B 28 1.05 -8.78 -8.37
N THR B 29 0.14 -9.43 -9.08
CA THR B 29 -1.26 -9.13 -9.00
C THR B 29 -1.97 -10.08 -8.05
N PHE B 30 -2.90 -9.52 -7.29
CA PHE B 30 -3.65 -10.26 -6.29
C PHE B 30 -5.12 -10.06 -6.49
N ILE B 31 -5.61 -10.58 -7.56
CA ILE B 31 -6.98 -10.37 -7.95
C ILE B 31 -7.98 -10.82 -6.94
N VAL B 32 -8.73 -9.84 -6.55
CA VAL B 32 -9.82 -9.96 -5.61
C VAL B 32 -11.01 -9.19 -6.06
N GLY B 33 -11.97 -9.08 -5.18
CA GLY B 33 -13.15 -8.29 -5.48
C GLY B 33 -12.95 -6.85 -5.06
N ALA B 34 -13.93 -5.99 -5.33
CA ALA B 34 -13.78 -4.55 -5.07
C ALA B 34 -13.75 -4.26 -3.59
N GLN B 35 -14.20 -5.19 -2.82
CA GLN B 35 -14.44 -4.97 -1.42
C GLN B 35 -14.55 -6.32 -0.76
N MET B 36 -13.87 -7.24 -1.41
CA MET B 36 -13.83 -8.63 -1.00
C MET B 36 -13.37 -8.77 0.44
N ASN B 37 -12.07 -8.63 0.66
CA ASN B 37 -11.52 -8.63 2.00
C ASN B 37 -10.63 -7.44 2.22
N VAL B 38 -9.40 -7.61 1.82
CA VAL B 38 -8.28 -6.73 2.13
C VAL B 38 -7.60 -7.13 3.43
N LYS B 39 -8.35 -7.71 4.33
CA LYS B 39 -7.85 -8.09 5.61
C LYS B 39 -7.23 -9.46 5.52
N GLU B 40 -8.10 -10.42 5.41
CA GLU B 40 -7.74 -11.78 5.16
C GLU B 40 -6.99 -11.90 3.84
N PHE B 41 -7.29 -10.98 2.95
CA PHE B 41 -6.62 -10.84 1.69
C PHE B 41 -5.13 -10.51 1.91
N LYS B 42 -4.85 -9.51 2.74
CA LYS B 42 -3.48 -9.12 3.03
C LYS B 42 -2.69 -10.29 3.61
N GLU B 43 -3.33 -11.01 4.52
CA GLU B 43 -2.75 -12.20 5.12
C GLU B 43 -2.38 -13.23 4.06
N HIS B 44 -3.17 -13.30 2.99
CA HIS B 44 -2.96 -14.24 1.91
C HIS B 44 -1.73 -13.91 1.07
N ILE B 45 -1.55 -12.63 0.73
CA ILE B 45 -0.45 -12.24 -0.13
C ILE B 45 0.85 -12.18 0.66
N ALA B 46 0.73 -12.14 1.99
CA ALA B 46 1.85 -12.08 2.91
C ALA B 46 3.02 -12.96 2.48
N ALA B 47 2.76 -14.22 2.16
CA ALA B 47 3.83 -15.13 1.80
C ALA B 47 4.37 -14.84 0.41
N SER B 48 3.46 -14.58 -0.53
CA SER B 48 3.84 -14.34 -1.91
C SER B 48 4.65 -13.06 -2.04
N VAL B 49 4.58 -12.22 -1.01
CA VAL B 49 5.36 -10.99 -0.98
C VAL B 49 6.44 -11.03 0.09
N SER B 50 6.41 -12.06 0.95
CA SER B 50 7.40 -12.21 2.02
C SER B 50 7.16 -11.14 3.07
N ILE B 51 5.96 -10.60 3.06
CA ILE B 51 5.59 -9.55 3.99
C ILE B 51 4.29 -9.89 4.71
N PRO B 52 4.34 -10.20 6.00
CA PRO B 52 3.14 -10.51 6.78
C PRO B 52 2.25 -9.28 6.95
N SER B 53 0.94 -9.51 6.98
CA SER B 53 -0.05 -8.43 7.05
C SER B 53 0.20 -7.49 8.24
N GLU B 54 0.85 -8.00 9.27
CA GLU B 54 1.18 -7.19 10.44
C GLU B 54 2.34 -6.25 10.16
N LYS B 55 3.10 -6.53 9.11
CA LYS B 55 4.23 -5.70 8.71
C LYS B 55 4.05 -5.16 7.31
N GLN B 56 2.94 -5.53 6.69
CA GLN B 56 2.69 -5.15 5.32
C GLN B 56 1.88 -3.86 5.26
N ARG B 57 2.41 -2.88 4.53
CA ARG B 57 1.69 -1.65 4.27
C ARG B 57 1.54 -1.43 2.77
N LEU B 58 0.29 -1.29 2.32
CA LEU B 58 -0.01 -1.10 0.91
C LEU B 58 -0.06 0.38 0.57
N ILE B 59 0.95 0.90 -0.07
CA ILE B 59 0.91 2.30 -0.43
C ILE B 59 0.55 2.47 -1.88
N TYR B 60 -0.51 3.20 -2.13
CA TYR B 60 -0.84 3.59 -3.48
C TYR B 60 -1.21 5.06 -3.51
N GLN B 61 -0.62 5.78 -4.46
CA GLN B 61 -0.73 7.24 -4.54
C GLN B 61 -0.45 7.90 -3.19
N GLY B 62 0.53 7.36 -2.46
CA GLY B 62 0.95 7.94 -1.19
C GLY B 62 -0.06 7.73 -0.08
N ARG B 63 -1.09 6.96 -0.36
CA ARG B 63 -2.11 6.64 0.63
C ARG B 63 -1.80 5.26 1.21
N VAL B 64 -1.85 5.16 2.52
CA VAL B 64 -1.50 3.91 3.18
C VAL B 64 -2.72 2.99 3.29
N LEU B 65 -2.86 2.11 2.32
CA LEU B 65 -3.96 1.14 2.27
C LEU B 65 -3.60 -0.06 3.15
N GLN B 66 -4.60 -0.78 3.63
CA GLN B 66 -4.36 -1.86 4.56
C GLN B 66 -5.62 -2.72 4.79
N ASP B 67 -5.56 -3.58 5.80
CA ASP B 67 -6.68 -4.45 6.18
C ASP B 67 -7.91 -3.65 6.65
N ASP B 68 -7.77 -2.31 6.63
CA ASP B 68 -8.81 -1.38 7.10
C ASP B 68 -10.11 -1.46 6.28
N LYS B 69 -10.07 -2.28 5.23
CA LYS B 69 -11.25 -2.65 4.43
C LYS B 69 -11.64 -1.64 3.36
N LYS B 70 -12.54 -2.08 2.48
CA LYS B 70 -13.03 -1.29 1.35
C LYS B 70 -11.93 -1.05 0.31
N LEU B 71 -11.68 -2.06 -0.51
CA LEU B 71 -10.68 -2.00 -1.57
C LEU B 71 -11.02 -0.93 -2.60
N GLN B 72 -12.31 -0.71 -2.83
CA GLN B 72 -12.78 0.23 -3.81
C GLN B 72 -12.51 1.67 -3.40
N GLU B 73 -12.28 1.89 -2.12
CA GLU B 73 -11.87 3.20 -1.64
C GLU B 73 -10.43 3.47 -2.05
N TYR B 74 -9.67 2.39 -2.19
CA TYR B 74 -8.29 2.49 -2.61
C TYR B 74 -8.25 2.46 -4.13
N ASN B 75 -9.34 1.90 -4.71
CA ASN B 75 -9.57 1.87 -6.14
C ASN B 75 -8.44 1.15 -6.86
N VAL B 76 -7.96 0.07 -6.27
CA VAL B 76 -6.75 -0.57 -6.80
C VAL B 76 -7.05 -1.61 -7.89
N GLY B 77 -8.29 -1.65 -8.37
CA GLY B 77 -8.62 -2.46 -9.51
C GLY B 77 -7.86 -2.06 -10.74
N GLY B 78 -6.86 -2.82 -10.95
CA GLY B 78 -6.07 -2.74 -12.17
C GLY B 78 -4.85 -1.85 -12.07
N LYS B 79 -4.47 -1.51 -10.86
CA LYS B 79 -3.32 -0.66 -10.61
C LYS B 79 -2.35 -1.33 -9.65
N VAL B 80 -1.03 -1.21 -9.89
CA VAL B 80 -0.08 -1.77 -8.94
C VAL B 80 0.03 -0.91 -7.71
N ILE B 81 -0.01 -1.58 -6.58
CA ILE B 81 0.23 -0.93 -5.33
C ILE B 81 1.72 -1.00 -5.02
N HIS B 82 2.15 -0.28 -4.02
CA HIS B 82 3.51 -0.41 -3.56
C HIS B 82 3.49 -0.96 -2.15
N LEU B 83 3.97 -2.17 -1.98
CA LEU B 83 3.94 -2.82 -0.73
C LEU B 83 5.28 -2.67 -0.03
N VAL B 84 5.23 -2.27 1.21
CA VAL B 84 6.43 -2.01 1.98
C VAL B 84 6.36 -2.68 3.34
N GLU B 85 7.52 -3.03 3.88
CA GLU B 85 7.62 -3.58 5.20
C GLU B 85 7.75 -2.46 6.23
N ARG B 86 7.15 -2.67 7.38
CA ARG B 86 7.21 -1.71 8.46
C ARG B 86 8.52 -1.88 9.21
N ALA B 87 8.83 -0.90 10.03
CA ALA B 87 10.05 -0.93 10.82
C ALA B 87 10.02 -2.08 11.82
N PRO B 88 11.19 -2.69 12.08
CA PRO B 88 11.32 -3.82 13.01
C PRO B 88 10.96 -3.44 14.45
N PRO B 89 10.55 -4.42 15.26
CA PRO B 89 10.20 -4.18 16.68
C PRO B 89 11.43 -3.94 17.57
N GLN B 90 12.29 -3.03 17.14
CA GLN B 90 13.48 -2.65 17.90
C GLN B 90 13.20 -1.32 18.61
N THR B 91 12.69 -0.37 17.84
CA THR B 91 12.16 0.86 18.40
C THR B 91 10.77 1.11 17.84
N HIS B 92 9.91 1.78 18.63
CA HIS B 92 8.51 1.99 18.25
C HIS B 92 7.82 0.64 18.09
N LEU B 93 7.90 -0.18 19.13
CA LEU B 93 7.37 -1.54 19.08
C LEU B 93 6.12 -1.68 19.94
N PRO B 94 4.97 -1.96 19.30
CA PRO B 94 3.72 -2.21 20.03
C PRO B 94 3.73 -3.56 20.73
N SER B 95 4.46 -4.50 20.14
CA SER B 95 4.64 -5.82 20.73
C SER B 95 5.45 -5.71 22.01
N GLY B 96 4.85 -6.07 23.13
CA GLY B 96 5.51 -5.94 24.41
C GLY B 96 5.44 -4.52 24.94
N ALA B 97 6.30 -3.66 24.39
CA ALA B 97 6.35 -2.24 24.75
C ALA B 97 6.77 -2.03 26.20
N SER B 98 5.82 -2.27 27.13
CA SER B 98 6.04 -2.03 28.55
C SER B 98 6.28 -0.54 28.80
N SER B 99 5.21 0.18 29.08
CA SER B 99 5.26 1.62 29.27
C SER B 99 5.57 1.97 30.73
N GLY B 100 6.73 1.55 31.20
CA GLY B 100 7.12 1.88 32.56
C GLY B 100 8.16 0.91 33.09
N GLY A 1 15.05 31.98 8.04
CA GLY A 1 15.18 31.99 9.51
C GLY A 1 14.39 30.88 10.17
N SER A 2 14.51 30.76 11.48
CA SER A 2 13.82 29.73 12.23
C SER A 2 12.35 30.09 12.41
N MET A 3 11.50 29.57 11.53
CA MET A 3 10.08 29.83 11.58
C MET A 3 9.33 28.76 10.80
N ALA A 4 9.72 28.58 9.55
CA ALA A 4 9.14 27.55 8.70
C ALA A 4 10.15 27.11 7.65
N GLU A 5 10.57 25.85 7.72
CA GLU A 5 11.51 25.30 6.76
C GLU A 5 10.82 25.04 5.42
N ALA A 6 10.62 26.11 4.66
CA ALA A 6 9.91 26.07 3.38
C ALA A 6 8.45 25.72 3.57
N SER A 7 8.18 24.46 3.88
CA SER A 7 6.84 23.98 4.16
C SER A 7 6.90 22.80 5.12
N PRO A 8 7.03 23.08 6.43
CA PRO A 8 7.20 22.04 7.46
C PRO A 8 5.87 21.39 7.87
N HIS A 9 5.17 20.82 6.91
CA HIS A 9 3.91 20.14 7.18
C HIS A 9 3.46 19.30 5.98
N PRO A 10 3.39 19.86 4.75
CA PRO A 10 2.95 19.14 3.59
C PRO A 10 4.11 18.57 2.81
N GLY A 11 4.08 17.27 2.58
CA GLY A 11 5.17 16.65 1.90
C GLY A 11 5.91 15.68 2.78
N ARG A 12 5.39 15.48 3.97
CA ARG A 12 5.96 14.53 4.93
C ARG A 12 5.74 13.10 4.46
N TYR A 13 6.60 12.66 3.55
CA TYR A 13 6.57 11.30 3.05
C TYR A 13 7.83 10.59 3.46
N PHE A 14 7.81 9.31 3.32
CA PHE A 14 8.96 8.52 3.64
C PHE A 14 9.10 7.42 2.61
N CYS A 15 10.21 7.41 1.90
CA CYS A 15 10.45 6.36 0.95
C CYS A 15 11.30 5.29 1.58
N HIS A 16 10.68 4.15 1.87
CA HIS A 16 11.35 3.02 2.48
C HIS A 16 12.46 2.48 1.59
N CYS A 17 12.44 2.85 0.31
CA CYS A 17 13.50 2.46 -0.61
C CYS A 17 14.79 3.22 -0.29
N CYS A 18 14.65 4.44 0.21
CA CYS A 18 15.81 5.23 0.61
C CYS A 18 16.03 5.14 2.13
N SER A 19 14.93 4.87 2.84
CA SER A 19 14.87 4.91 4.31
C SER A 19 15.27 6.29 4.81
N VAL A 20 15.03 7.29 3.98
CA VAL A 20 15.24 8.67 4.33
C VAL A 20 13.99 9.44 3.95
N GLU A 21 13.63 10.42 4.75
CA GLU A 21 12.40 11.16 4.52
C GLU A 21 12.55 12.07 3.30
N ILE A 22 11.43 12.27 2.61
CA ILE A 22 11.43 12.94 1.33
C ILE A 22 10.24 13.90 1.22
N VAL A 23 10.27 14.76 0.22
CA VAL A 23 9.09 15.48 -0.22
C VAL A 23 8.88 15.19 -1.70
N PRO A 24 8.01 14.22 -1.94
CA PRO A 24 7.77 13.62 -3.25
C PRO A 24 7.37 14.57 -4.37
N ARG A 25 7.25 13.96 -5.53
CA ARG A 25 6.88 14.59 -6.76
C ARG A 25 5.49 14.12 -7.14
N LEU A 26 4.65 14.25 -6.11
CA LEU A 26 3.18 14.08 -6.11
C LEU A 26 2.52 13.73 -7.46
N PRO A 27 2.67 14.56 -8.53
CA PRO A 27 2.15 14.23 -9.87
C PRO A 27 2.27 12.74 -10.23
N ASP A 28 3.30 12.10 -9.69
CA ASP A 28 3.56 10.68 -9.95
C ASP A 28 3.64 9.88 -8.65
N TYR A 29 3.88 10.61 -7.56
CA TYR A 29 4.17 10.02 -6.25
C TYR A 29 5.50 9.31 -6.28
N ILE A 30 6.46 10.00 -6.86
CA ILE A 30 7.84 9.57 -6.88
C ILE A 30 8.58 10.18 -5.71
N CYS A 31 9.69 9.58 -5.39
CA CYS A 31 10.56 10.06 -4.33
C CYS A 31 11.63 10.90 -4.99
N PRO A 32 12.08 11.97 -4.36
CA PRO A 32 12.98 12.93 -4.97
C PRO A 32 14.36 12.37 -4.92
N ARG A 33 14.50 11.44 -4.00
CA ARG A 33 15.76 10.80 -3.75
C ARG A 33 16.10 9.70 -4.76
N CYS A 34 15.09 8.93 -5.17
CA CYS A 34 15.35 7.82 -6.09
C CYS A 34 14.36 7.78 -7.24
N GLU A 35 13.33 8.64 -7.20
CA GLU A 35 12.30 8.70 -8.24
C GLU A 35 11.58 7.37 -8.40
N SER A 36 11.47 6.63 -7.30
CA SER A 36 10.62 5.46 -7.26
C SER A 36 9.44 5.73 -6.34
N GLY A 37 8.27 5.19 -6.69
CA GLY A 37 7.07 5.45 -5.92
C GLY A 37 6.95 4.59 -4.69
N PHE A 38 8.07 4.40 -3.99
CA PHE A 38 8.08 3.62 -2.77
C PHE A 38 7.96 4.53 -1.56
N ILE A 39 7.02 5.47 -1.65
CA ILE A 39 6.80 6.44 -0.61
C ILE A 39 5.46 6.26 0.06
N GLU A 40 5.46 6.31 1.37
CA GLU A 40 4.22 6.34 2.12
C GLU A 40 4.17 7.63 2.92
N GLU A 41 3.00 8.24 3.01
CA GLU A 41 2.87 9.51 3.70
C GLU A 41 2.82 9.29 5.20
N LEU A 42 3.54 10.13 5.93
CA LEU A 42 3.68 9.99 7.37
C LEU A 42 2.52 10.68 8.09
N MET B 1 -31.85 -15.34 11.25
CA MET B 1 -31.51 -16.54 10.45
C MET B 1 -30.76 -16.15 9.20
N ALA B 2 -29.44 -16.16 9.28
CA ALA B 2 -28.59 -15.81 8.15
C ALA B 2 -27.19 -16.37 8.34
N HIS B 3 -26.74 -17.19 7.41
CA HIS B 3 -25.39 -17.73 7.46
C HIS B 3 -24.36 -16.71 6.95
N HIS B 4 -24.10 -15.71 7.79
CA HIS B 4 -23.19 -14.61 7.45
C HIS B 4 -23.65 -13.94 6.14
N HIS B 5 -24.94 -13.62 6.07
CA HIS B 5 -25.53 -13.07 4.86
C HIS B 5 -25.88 -11.59 5.05
N HIS B 6 -25.33 -10.99 6.09
CA HIS B 6 -25.53 -9.57 6.34
C HIS B 6 -24.37 -8.75 5.79
N HIS B 7 -24.64 -8.00 4.74
CA HIS B 7 -23.64 -7.15 4.10
C HIS B 7 -24.33 -5.89 3.59
N HIS B 8 -23.61 -5.06 2.85
CA HIS B 8 -24.24 -3.98 2.11
C HIS B 8 -24.75 -4.55 0.80
N VAL B 9 -23.89 -5.30 0.13
CA VAL B 9 -24.29 -6.06 -1.05
C VAL B 9 -23.91 -7.52 -0.86
N ASP B 10 -24.78 -8.40 -1.34
CA ASP B 10 -24.54 -9.84 -1.18
C ASP B 10 -24.09 -10.44 -2.49
N ASP B 11 -24.42 -9.75 -3.59
CA ASP B 11 -24.02 -10.19 -4.92
C ASP B 11 -22.60 -9.73 -5.21
N ASP B 12 -21.62 -10.43 -4.65
CA ASP B 12 -20.23 -10.05 -4.82
C ASP B 12 -19.70 -10.58 -6.16
N ASP B 13 -20.12 -9.91 -7.23
CA ASP B 13 -19.62 -10.20 -8.56
C ASP B 13 -18.48 -9.25 -8.90
N LYS B 14 -18.20 -8.35 -7.96
CA LYS B 14 -17.16 -7.36 -8.13
C LYS B 14 -15.78 -8.01 -8.12
N MET B 15 -14.84 -7.40 -8.81
CA MET B 15 -13.47 -7.88 -8.81
C MET B 15 -12.51 -6.82 -9.33
N LEU B 16 -11.53 -6.47 -8.50
CA LEU B 16 -10.44 -5.63 -8.92
C LEU B 16 -9.20 -6.49 -9.10
N GLU B 17 -8.53 -6.32 -10.21
CA GLU B 17 -7.33 -7.02 -10.47
C GLU B 17 -6.22 -6.32 -9.76
N VAL B 18 -5.93 -6.77 -8.58
CA VAL B 18 -5.02 -6.09 -7.72
C VAL B 18 -3.61 -6.42 -8.14
N LEU B 19 -2.87 -5.45 -8.58
CA LEU B 19 -1.49 -5.66 -8.89
C LEU B 19 -0.67 -4.99 -7.80
N VAL B 20 0.47 -5.57 -7.43
CA VAL B 20 1.36 -4.94 -6.46
C VAL B 20 2.81 -5.07 -6.93
N LYS B 21 3.63 -4.10 -6.59
CA LYS B 21 5.04 -4.14 -6.87
C LYS B 21 5.83 -4.04 -5.58
N THR B 22 6.67 -5.03 -5.33
CA THR B 22 7.64 -4.93 -4.26
C THR B 22 8.84 -4.13 -4.75
N LEU B 23 9.86 -3.93 -3.92
CA LEU B 23 11.03 -3.18 -4.37
C LEU B 23 11.78 -3.96 -5.43
N ASP B 24 11.66 -5.29 -5.34
CA ASP B 24 12.27 -6.18 -6.31
C ASP B 24 11.61 -6.03 -7.68
N SER B 25 10.55 -5.22 -7.73
CA SER B 25 9.83 -4.91 -8.97
C SER B 25 9.15 -6.16 -9.53
N GLN B 26 8.92 -7.11 -8.64
CA GLN B 26 8.21 -8.35 -8.94
C GLN B 26 6.93 -8.10 -9.74
N THR B 27 6.05 -7.27 -9.18
CA THR B 27 4.74 -7.03 -9.75
C THR B 27 3.91 -8.32 -9.78
N ARG B 28 3.07 -8.53 -8.78
CA ARG B 28 2.23 -9.71 -8.73
C ARG B 28 0.80 -9.34 -8.40
N THR B 29 -0.14 -10.16 -8.85
CA THR B 29 -1.53 -9.85 -8.79
C THR B 29 -2.24 -10.52 -7.60
N PHE B 30 -3.31 -9.86 -7.14
CA PHE B 30 -4.07 -10.28 -5.98
C PHE B 30 -5.53 -10.05 -6.19
N ILE B 31 -6.02 -10.61 -7.26
CA ILE B 31 -7.39 -10.36 -7.65
C ILE B 31 -8.40 -10.78 -6.65
N VAL B 32 -9.12 -9.77 -6.27
CA VAL B 32 -10.21 -9.88 -5.31
C VAL B 32 -11.40 -9.07 -5.75
N GLY B 33 -12.34 -8.91 -4.84
CA GLY B 33 -13.49 -8.08 -5.10
C GLY B 33 -13.17 -6.61 -4.98
N ALA B 34 -14.19 -5.79 -4.76
CA ALA B 34 -13.99 -4.35 -4.70
C ALA B 34 -14.19 -3.83 -3.29
N GLN B 35 -14.03 -4.72 -2.33
CA GLN B 35 -14.53 -4.49 -0.98
C GLN B 35 -14.51 -5.77 -0.18
N MET B 36 -14.41 -6.88 -0.91
CA MET B 36 -14.45 -8.21 -0.35
C MET B 36 -13.65 -8.32 0.96
N ASN B 37 -12.35 -8.13 0.89
CA ASN B 37 -11.53 -8.15 2.08
C ASN B 37 -10.60 -6.98 2.19
N VAL B 38 -9.38 -7.21 1.74
CA VAL B 38 -8.21 -6.39 2.05
C VAL B 38 -7.57 -6.83 3.36
N LYS B 39 -8.39 -7.36 4.25
CA LYS B 39 -7.92 -7.85 5.51
C LYS B 39 -7.39 -9.25 5.32
N GLU B 40 -8.32 -10.13 5.07
CA GLU B 40 -8.03 -11.48 4.74
C GLU B 40 -7.23 -11.56 3.43
N PHE B 41 -7.42 -10.53 2.60
CA PHE B 41 -6.63 -10.36 1.40
C PHE B 41 -5.15 -10.30 1.76
N LYS B 42 -4.82 -9.40 2.69
CA LYS B 42 -3.44 -9.21 3.10
C LYS B 42 -2.87 -10.47 3.70
N GLU B 43 -3.70 -11.11 4.51
CA GLU B 43 -3.33 -12.33 5.20
C GLU B 43 -2.95 -13.42 4.20
N HIS B 44 -3.69 -13.49 3.10
CA HIS B 44 -3.45 -14.46 2.07
C HIS B 44 -2.16 -14.19 1.30
N ILE B 45 -1.95 -12.92 0.94
CA ILE B 45 -0.83 -12.57 0.07
C ILE B 45 0.49 -12.60 0.84
N ALA B 46 0.41 -12.66 2.16
CA ALA B 46 1.57 -12.65 3.04
C ALA B 46 2.70 -13.54 2.55
N ALA B 47 2.40 -14.76 2.14
CA ALA B 47 3.45 -15.67 1.70
C ALA B 47 3.95 -15.34 0.30
N SER B 48 3.02 -15.04 -0.59
CA SER B 48 3.36 -14.76 -1.98
C SER B 48 4.26 -13.54 -2.10
N VAL B 49 4.27 -12.70 -1.08
CA VAL B 49 5.13 -11.52 -1.05
C VAL B 49 6.22 -11.64 0.02
N SER B 50 6.15 -12.70 0.84
CA SER B 50 7.14 -12.91 1.90
C SER B 50 6.97 -11.84 2.96
N ILE B 51 5.78 -11.23 2.96
CA ILE B 51 5.47 -10.18 3.89
C ILE B 51 4.19 -10.50 4.64
N PRO B 52 4.28 -10.74 5.94
CA PRO B 52 3.11 -11.09 6.74
C PRO B 52 2.19 -9.89 6.91
N SER B 53 0.89 -10.19 6.98
CA SER B 53 -0.16 -9.19 7.02
C SER B 53 0.06 -8.17 8.15
N GLU B 54 0.79 -8.57 9.18
CA GLU B 54 1.03 -7.72 10.34
C GLU B 54 2.09 -6.65 10.04
N LYS B 55 3.06 -6.98 9.20
CA LYS B 55 4.11 -6.04 8.81
C LYS B 55 3.77 -5.40 7.49
N GLN B 56 2.90 -6.07 6.77
CA GLN B 56 2.59 -5.75 5.40
C GLN B 56 1.89 -4.39 5.26
N ARG B 57 2.48 -3.50 4.48
CA ARG B 57 1.88 -2.20 4.21
C ARG B 57 1.74 -1.99 2.71
N LEU B 58 0.50 -1.89 2.24
CA LEU B 58 0.24 -1.67 0.85
C LEU B 58 0.24 -0.18 0.54
N ILE B 59 1.22 0.29 -0.20
CA ILE B 59 1.28 1.72 -0.51
C ILE B 59 0.99 2.00 -1.97
N TYR B 60 -0.12 2.66 -2.22
CA TYR B 60 -0.44 3.12 -3.55
C TYR B 60 -0.79 4.60 -3.51
N GLN B 61 -0.11 5.41 -4.33
CA GLN B 61 -0.31 6.86 -4.34
C GLN B 61 0.04 7.45 -2.97
N GLY B 62 1.04 6.86 -2.33
CA GLY B 62 1.47 7.31 -1.01
C GLY B 62 0.44 7.07 0.07
N ARG B 63 -0.65 6.38 -0.30
CA ARG B 63 -1.66 6.00 0.66
C ARG B 63 -1.28 4.68 1.26
N VAL B 64 -1.36 4.56 2.58
CA VAL B 64 -1.03 3.29 3.19
C VAL B 64 -2.28 2.44 3.28
N LEU B 65 -2.52 1.69 2.22
CA LEU B 65 -3.64 0.78 2.13
C LEU B 65 -3.38 -0.35 3.11
N GLN B 66 -4.41 -0.81 3.76
CA GLN B 66 -4.24 -1.79 4.81
C GLN B 66 -5.53 -2.58 4.99
N ASP B 67 -5.60 -3.36 6.06
CA ASP B 67 -6.75 -4.19 6.38
C ASP B 67 -8.01 -3.38 6.73
N ASP B 68 -7.88 -2.05 6.70
CA ASP B 68 -8.97 -1.12 7.11
C ASP B 68 -10.20 -1.22 6.22
N LYS B 69 -10.10 -2.04 5.19
CA LYS B 69 -11.23 -2.36 4.28
C LYS B 69 -11.42 -1.28 3.22
N LYS B 70 -12.39 -1.54 2.33
CA LYS B 70 -12.76 -0.64 1.23
C LYS B 70 -11.71 -0.68 0.12
N LEU B 71 -11.73 -1.75 -0.65
CA LEU B 71 -10.76 -1.98 -1.73
C LEU B 71 -10.88 -0.94 -2.84
N GLN B 72 -12.11 -0.65 -3.28
CA GLN B 72 -12.33 0.27 -4.36
C GLN B 72 -12.01 1.70 -3.96
N GLU B 73 -12.11 1.97 -2.67
CA GLU B 73 -11.73 3.25 -2.13
C GLU B 73 -10.23 3.43 -2.26
N TYR B 74 -9.52 2.31 -2.32
CA TYR B 74 -8.09 2.33 -2.55
C TYR B 74 -7.81 2.36 -4.05
N ASN B 75 -8.89 2.15 -4.85
CA ASN B 75 -8.87 2.22 -6.29
C ASN B 75 -7.71 1.46 -6.92
N VAL B 76 -7.33 0.34 -6.34
CA VAL B 76 -6.18 -0.40 -6.82
C VAL B 76 -6.55 -1.44 -7.88
N GLY B 77 -7.74 -1.30 -8.43
CA GLY B 77 -8.22 -2.22 -9.43
C GLY B 77 -7.53 -2.02 -10.74
N GLY B 78 -6.64 -2.92 -10.95
CA GLY B 78 -5.90 -3.00 -12.19
C GLY B 78 -4.65 -2.14 -12.21
N LYS B 79 -4.23 -1.71 -11.03
CA LYS B 79 -3.04 -0.88 -10.88
C LYS B 79 -2.08 -1.54 -9.89
N VAL B 80 -0.76 -1.38 -10.08
CA VAL B 80 0.19 -2.00 -9.15
C VAL B 80 0.43 -1.13 -7.93
N ILE B 81 0.20 -1.74 -6.77
CA ILE B 81 0.50 -1.13 -5.49
C ILE B 81 2.00 -1.22 -5.21
N HIS B 82 2.49 -0.57 -4.17
CA HIS B 82 3.86 -0.77 -3.74
C HIS B 82 3.88 -1.32 -2.32
N LEU B 83 4.44 -2.50 -2.14
CA LEU B 83 4.36 -3.18 -0.89
C LEU B 83 5.66 -3.03 -0.07
N VAL B 84 5.50 -2.95 1.26
CA VAL B 84 6.63 -3.00 2.17
C VAL B 84 6.18 -3.54 3.52
N GLU B 85 7.09 -3.51 4.46
CA GLU B 85 6.89 -3.97 5.79
C GLU B 85 7.06 -2.83 6.79
N ARG B 86 6.52 -3.02 7.99
CA ARG B 86 6.76 -2.11 9.09
C ARG B 86 8.09 -2.45 9.73
N ALA B 87 8.62 -1.49 10.45
CA ALA B 87 9.94 -1.63 11.04
C ALA B 87 9.95 -2.67 12.16
N PRO B 88 11.01 -3.47 12.21
CA PRO B 88 11.20 -4.53 13.21
C PRO B 88 11.30 -3.98 14.64
N PRO B 89 11.12 -4.85 15.66
CA PRO B 89 11.17 -4.46 17.08
C PRO B 89 12.58 -4.13 17.58
N GLN B 90 13.21 -3.18 16.89
CA GLN B 90 14.53 -2.67 17.25
C GLN B 90 14.95 -1.59 16.24
N THR B 91 14.40 -1.73 15.02
CA THR B 91 14.48 -0.71 13.96
C THR B 91 15.87 -0.08 13.83
N HIS B 92 16.91 -0.93 13.91
CA HIS B 92 18.30 -0.49 13.76
C HIS B 92 18.75 0.34 14.97
N LEU B 93 18.11 1.48 15.15
CA LEU B 93 18.41 2.38 16.24
C LEU B 93 17.12 3.03 16.73
N PRO B 94 16.95 3.14 18.06
CA PRO B 94 15.75 3.74 18.64
C PRO B 94 15.77 5.26 18.51
N SER B 95 14.59 5.86 18.45
CA SER B 95 14.47 7.28 18.28
C SER B 95 13.06 7.73 18.66
N GLY B 96 12.92 8.95 19.15
CA GLY B 96 11.63 9.44 19.60
C GLY B 96 10.56 9.33 18.53
N ALA B 97 10.79 10.00 17.41
CA ALA B 97 9.86 10.01 16.27
C ALA B 97 8.48 10.52 16.71
N SER B 98 8.48 11.50 17.59
CA SER B 98 7.25 12.08 18.09
C SER B 98 6.91 13.34 17.28
N SER B 99 6.39 13.12 16.09
CA SER B 99 6.03 14.22 15.19
C SER B 99 4.63 14.74 15.52
N GLY B 100 4.42 15.08 16.78
CA GLY B 100 3.14 15.56 17.22
C GLY B 100 3.20 16.07 18.64
N GLY A 1 -1.43 12.13 23.08
CA GLY A 1 -1.93 13.38 23.71
C GLY A 1 -1.71 14.59 22.84
N SER A 2 -2.79 15.29 22.52
CA SER A 2 -2.71 16.48 21.69
C SER A 2 -4.00 17.28 21.81
N MET A 3 -4.00 18.25 22.71
CA MET A 3 -5.17 19.09 22.93
C MET A 3 -5.30 20.12 21.82
N ALA A 4 -4.23 20.85 21.57
CA ALA A 4 -4.20 21.86 20.53
C ALA A 4 -2.88 21.81 19.78
N GLU A 5 -2.92 21.34 18.54
CA GLU A 5 -1.70 21.16 17.77
C GLU A 5 -1.94 21.51 16.30
N ALA A 6 -2.80 20.72 15.67
CA ALA A 6 -3.08 20.86 14.24
C ALA A 6 -1.78 20.77 13.45
N SER A 7 -1.13 19.62 13.56
CA SER A 7 0.12 19.38 12.86
C SER A 7 -0.16 18.81 11.48
N PRO A 8 -0.01 19.64 10.43
CA PRO A 8 -0.28 19.21 9.08
C PRO A 8 0.95 18.57 8.44
N HIS A 9 0.81 18.12 7.22
CA HIS A 9 1.94 17.60 6.47
C HIS A 9 1.87 18.02 5.02
N PRO A 10 2.52 19.15 4.68
CA PRO A 10 2.66 19.61 3.33
C PRO A 10 3.24 18.57 2.38
N GLY A 11 3.99 17.61 2.92
CA GLY A 11 4.55 16.59 2.07
C GLY A 11 5.57 15.72 2.73
N ARG A 12 5.37 15.50 3.98
CA ARG A 12 6.23 14.58 4.73
C ARG A 12 5.94 13.15 4.30
N TYR A 13 6.76 12.67 3.40
CA TYR A 13 6.65 11.31 2.95
C TYR A 13 7.89 10.55 3.30
N PHE A 14 7.78 9.26 3.23
CA PHE A 14 8.89 8.40 3.55
C PHE A 14 8.97 7.28 2.56
N CYS A 15 10.00 7.28 1.76
CA CYS A 15 10.21 6.20 0.83
C CYS A 15 11.08 5.14 1.48
N HIS A 16 10.47 4.00 1.77
CA HIS A 16 11.11 2.98 2.58
C HIS A 16 12.28 2.31 1.88
N CYS A 17 12.39 2.42 0.56
CA CYS A 17 13.55 1.89 -0.13
C CYS A 17 14.77 2.78 0.13
N CYS A 18 14.54 4.09 0.15
CA CYS A 18 15.60 5.04 0.47
C CYS A 18 15.83 5.11 1.98
N SER A 19 14.76 4.84 2.73
CA SER A 19 14.74 4.91 4.20
C SER A 19 15.12 6.31 4.67
N VAL A 20 14.81 7.29 3.84
CA VAL A 20 15.04 8.69 4.15
C VAL A 20 13.79 9.46 3.76
N GLU A 21 13.46 10.50 4.51
CA GLU A 21 12.26 11.25 4.23
C GLU A 21 12.40 12.04 2.94
N ILE A 22 11.30 12.15 2.22
CA ILE A 22 11.27 12.81 0.92
C ILE A 22 10.11 13.79 0.83
N VAL A 23 10.12 14.63 -0.20
CA VAL A 23 8.94 15.37 -0.59
C VAL A 23 8.67 15.08 -2.06
N PRO A 24 7.81 14.11 -2.25
CA PRO A 24 7.52 13.48 -3.54
C PRO A 24 7.14 14.40 -4.69
N ARG A 25 6.99 13.75 -5.83
CA ARG A 25 6.63 14.35 -7.07
C ARG A 25 5.19 13.94 -7.36
N LEU A 26 4.42 14.13 -6.30
CA LEU A 26 2.94 14.00 -6.19
C LEU A 26 2.19 13.55 -7.46
N PRO A 27 2.22 14.32 -8.58
CA PRO A 27 1.59 13.93 -9.83
C PRO A 27 1.58 12.42 -10.08
N ASP A 28 2.66 11.77 -9.68
CA ASP A 28 2.81 10.34 -9.86
C ASP A 28 2.87 9.59 -8.53
N TYR A 29 3.25 10.33 -7.49
CA TYR A 29 3.61 9.76 -6.19
C TYR A 29 4.90 8.99 -6.29
N ILE A 30 5.90 9.70 -6.71
CA ILE A 30 7.24 9.19 -6.83
C ILE A 30 8.12 9.84 -5.78
N CYS A 31 9.25 9.23 -5.54
CA CYS A 31 10.19 9.73 -4.59
C CYS A 31 11.24 10.54 -5.36
N PRO A 32 11.78 11.60 -4.77
CA PRO A 32 12.71 12.48 -5.44
C PRO A 32 14.07 11.85 -5.38
N ARG A 33 14.19 10.98 -4.40
CA ARG A 33 15.43 10.30 -4.14
C ARG A 33 15.68 9.09 -5.05
N CYS A 34 14.61 8.49 -5.56
CA CYS A 34 14.78 7.35 -6.46
C CYS A 34 13.72 7.28 -7.54
N GLU A 35 12.70 8.16 -7.46
CA GLU A 35 11.62 8.20 -8.45
C GLU A 35 10.87 6.87 -8.49
N SER A 36 10.79 6.23 -7.34
CA SER A 36 9.95 5.06 -7.18
C SER A 36 8.82 5.37 -6.21
N GLY A 37 7.66 4.78 -6.44
CA GLY A 37 6.49 5.09 -5.66
C GLY A 37 6.43 4.32 -4.35
N PHE A 38 7.58 4.12 -3.72
CA PHE A 38 7.63 3.42 -2.44
C PHE A 38 7.55 4.42 -1.30
N ILE A 39 6.70 5.41 -1.49
CA ILE A 39 6.53 6.49 -0.53
C ILE A 39 5.18 6.43 0.12
N GLU A 40 5.17 6.57 1.43
CA GLU A 40 3.94 6.69 2.16
C GLU A 40 3.96 8.01 2.93
N GLU A 41 2.84 8.71 2.90
CA GLU A 41 2.74 9.97 3.63
C GLU A 41 2.59 9.69 5.11
N LEU A 42 3.32 10.43 5.90
CA LEU A 42 3.43 10.19 7.32
C LEU A 42 2.39 11.00 8.09
N MET B 1 -28.56 -24.14 -1.62
CA MET B 1 -27.42 -23.28 -1.22
C MET B 1 -26.81 -23.77 0.10
N ALA B 2 -27.65 -24.37 0.95
CA ALA B 2 -27.24 -24.96 2.23
C ALA B 2 -26.85 -23.88 3.25
N HIS B 3 -25.74 -23.22 3.00
CA HIS B 3 -25.22 -22.22 3.93
C HIS B 3 -24.42 -21.18 3.16
N HIS B 4 -24.86 -19.92 3.26
CA HIS B 4 -24.26 -18.83 2.48
C HIS B 4 -24.43 -19.13 0.99
N HIS B 5 -23.64 -18.45 0.16
CA HIS B 5 -23.56 -18.75 -1.27
C HIS B 5 -24.93 -18.67 -1.95
N HIS B 6 -25.44 -17.44 -2.08
CA HIS B 6 -26.69 -17.21 -2.79
C HIS B 6 -26.45 -17.24 -4.29
N HIS B 7 -27.54 -17.40 -5.05
CA HIS B 7 -27.43 -17.57 -6.49
C HIS B 7 -27.52 -16.23 -7.21
N HIS B 8 -27.31 -15.15 -6.46
CA HIS B 8 -27.23 -13.82 -7.04
C HIS B 8 -25.77 -13.39 -7.14
N VAL B 9 -24.90 -14.36 -6.93
CA VAL B 9 -23.46 -14.16 -7.01
C VAL B 9 -22.78 -15.48 -7.23
N ASP B 10 -21.60 -15.44 -7.79
CA ASP B 10 -20.82 -16.65 -8.04
C ASP B 10 -20.39 -17.25 -6.70
N ASP B 11 -19.63 -16.46 -5.97
CA ASP B 11 -19.18 -16.76 -4.62
C ASP B 11 -18.28 -15.63 -4.20
N ASP B 12 -17.33 -15.34 -5.08
CA ASP B 12 -16.57 -14.10 -5.04
C ASP B 12 -16.17 -13.74 -6.47
N ASP B 13 -16.97 -12.88 -7.08
CA ASP B 13 -16.78 -12.51 -8.48
C ASP B 13 -15.67 -11.51 -8.64
N LYS B 14 -15.11 -11.09 -7.50
CA LYS B 14 -14.11 -10.03 -7.46
C LYS B 14 -14.55 -8.80 -8.24
N MET B 15 -13.61 -7.92 -8.51
CA MET B 15 -13.87 -6.71 -9.29
C MET B 15 -12.58 -5.97 -9.64
N LEU B 16 -11.55 -6.05 -8.80
CA LEU B 16 -10.29 -5.38 -9.10
C LEU B 16 -9.29 -6.40 -9.55
N GLU B 17 -8.42 -5.96 -10.42
CA GLU B 17 -7.31 -6.75 -10.86
C GLU B 17 -6.07 -6.19 -10.23
N VAL B 18 -5.85 -6.61 -9.02
CA VAL B 18 -4.91 -5.96 -8.16
C VAL B 18 -3.52 -6.27 -8.65
N LEU B 19 -2.65 -5.31 -8.53
CA LEU B 19 -1.26 -5.50 -8.81
C LEU B 19 -0.46 -4.99 -7.63
N VAL B 20 0.76 -5.48 -7.46
CA VAL B 20 1.63 -5.06 -6.37
C VAL B 20 3.10 -5.04 -6.85
N LYS B 21 3.94 -4.21 -6.25
CA LYS B 21 5.36 -4.21 -6.52
C LYS B 21 6.15 -4.04 -5.22
N THR B 22 6.83 -5.08 -4.80
CA THR B 22 7.69 -5.01 -3.63
C THR B 22 9.13 -4.70 -4.03
N LEU B 23 9.57 -3.48 -3.71
CA LEU B 23 10.93 -3.01 -3.99
C LEU B 23 11.31 -3.14 -5.45
N ASP B 24 10.29 -3.19 -6.29
CA ASP B 24 10.46 -3.18 -7.75
C ASP B 24 10.92 -4.54 -8.27
N SER B 25 11.54 -5.33 -7.41
CA SER B 25 11.98 -6.67 -7.76
C SER B 25 10.77 -7.50 -8.20
N GLN B 26 9.68 -7.40 -7.46
CA GLN B 26 8.49 -8.12 -7.78
C GLN B 26 7.41 -7.21 -8.34
N THR B 27 6.39 -7.87 -8.81
CA THR B 27 5.19 -7.26 -9.38
C THR B 27 4.18 -8.37 -9.63
N ARG B 28 3.17 -8.48 -8.79
CA ARG B 28 2.20 -9.56 -8.94
C ARG B 28 0.79 -9.02 -8.89
N THR B 29 -0.17 -9.85 -9.24
CA THR B 29 -1.55 -9.48 -9.20
C THR B 29 -2.28 -10.19 -8.07
N PHE B 30 -3.29 -9.54 -7.49
CA PHE B 30 -4.07 -10.13 -6.41
C PHE B 30 -5.53 -9.80 -6.57
N ILE B 31 -6.08 -10.32 -7.64
CA ILE B 31 -7.44 -10.04 -8.00
C ILE B 31 -8.44 -10.35 -6.90
N VAL B 32 -9.07 -9.28 -6.54
CA VAL B 32 -10.05 -9.27 -5.46
C VAL B 32 -11.25 -8.45 -5.85
N GLY B 33 -12.11 -8.26 -4.87
CA GLY B 33 -13.29 -7.46 -5.09
C GLY B 33 -13.09 -6.06 -4.57
N ALA B 34 -13.87 -5.13 -5.10
CA ALA B 34 -13.69 -3.70 -4.81
C ALA B 34 -13.92 -3.37 -3.34
N GLN B 35 -14.60 -4.28 -2.64
CA GLN B 35 -14.80 -4.12 -1.21
C GLN B 35 -14.85 -5.49 -0.55
N MET B 36 -14.25 -6.45 -1.23
CA MET B 36 -14.25 -7.84 -0.77
C MET B 36 -13.59 -7.98 0.60
N ASN B 37 -12.27 -7.92 0.64
CA ASN B 37 -11.54 -8.14 1.88
C ASN B 37 -10.57 -7.03 2.18
N VAL B 38 -9.34 -7.24 1.71
CA VAL B 38 -8.16 -6.47 2.09
C VAL B 38 -7.56 -6.94 3.41
N LYS B 39 -8.40 -7.49 4.26
CA LYS B 39 -7.95 -8.09 5.47
C LYS B 39 -7.44 -9.48 5.19
N GLU B 40 -8.39 -10.31 4.83
CA GLU B 40 -8.13 -11.65 4.40
C GLU B 40 -7.30 -11.67 3.11
N PHE B 41 -7.47 -10.63 2.32
CA PHE B 41 -6.72 -10.42 1.11
C PHE B 41 -5.23 -10.28 1.43
N LYS B 42 -4.90 -9.37 2.33
CA LYS B 42 -3.51 -9.12 2.68
C LYS B 42 -2.93 -10.34 3.40
N GLU B 43 -3.77 -11.00 4.18
CA GLU B 43 -3.40 -12.23 4.85
C GLU B 43 -2.98 -13.29 3.84
N HIS B 44 -3.66 -13.32 2.71
CA HIS B 44 -3.37 -14.27 1.65
C HIS B 44 -2.04 -13.99 0.96
N ILE B 45 -1.75 -12.71 0.73
CA ILE B 45 -0.56 -12.33 -0.02
C ILE B 45 0.68 -12.33 0.87
N ALA B 46 0.48 -12.50 2.18
CA ALA B 46 1.57 -12.52 3.15
C ALA B 46 2.79 -13.28 2.64
N ALA B 47 2.62 -14.56 2.34
CA ALA B 47 3.75 -15.37 1.89
C ALA B 47 4.21 -14.98 0.50
N SER B 48 3.27 -14.60 -0.34
CA SER B 48 3.56 -14.29 -1.73
C SER B 48 4.47 -13.07 -1.85
N VAL B 49 4.38 -12.18 -0.87
CA VAL B 49 5.25 -11.01 -0.82
C VAL B 49 6.31 -11.16 0.27
N SER B 50 6.24 -12.28 1.02
CA SER B 50 7.20 -12.58 2.07
C SER B 50 7.01 -11.62 3.23
N ILE B 51 5.83 -11.01 3.26
CA ILE B 51 5.50 -10.06 4.28
C ILE B 51 4.18 -10.44 4.93
N PRO B 52 4.17 -10.75 6.24
CA PRO B 52 2.95 -11.11 6.93
C PRO B 52 2.01 -9.94 7.07
N SER B 53 0.73 -10.25 7.09
CA SER B 53 -0.36 -9.28 7.13
C SER B 53 -0.21 -8.31 8.30
N GLU B 54 0.49 -8.73 9.35
CA GLU B 54 0.69 -7.89 10.52
C GLU B 54 1.81 -6.87 10.30
N LYS B 55 2.60 -7.07 9.25
CA LYS B 55 3.71 -6.17 8.97
C LYS B 55 3.53 -5.44 7.64
N GLN B 56 2.89 -6.10 6.67
CA GLN B 56 2.79 -5.54 5.34
C GLN B 56 1.96 -4.27 5.30
N ARG B 57 2.54 -3.27 4.69
CA ARG B 57 1.85 -2.01 4.45
C ARG B 57 1.68 -1.79 2.96
N LEU B 58 0.43 -1.77 2.50
CA LEU B 58 0.12 -1.56 1.09
C LEU B 58 0.09 -0.07 0.77
N ILE B 59 1.10 0.43 0.10
CA ILE B 59 1.07 1.84 -0.31
C ILE B 59 0.63 1.99 -1.76
N TYR B 60 -0.46 2.67 -1.95
CA TYR B 60 -0.87 3.06 -3.28
C TYR B 60 -1.31 4.52 -3.25
N GLN B 61 -0.78 5.30 -4.20
CA GLN B 61 -1.01 6.75 -4.24
C GLN B 61 -0.48 7.43 -2.98
N GLY B 62 0.62 6.89 -2.44
CA GLY B 62 1.22 7.44 -1.24
C GLY B 62 0.36 7.26 -0.01
N ARG B 63 -0.75 6.55 -0.19
CA ARG B 63 -1.66 6.25 0.89
C ARG B 63 -1.38 4.84 1.39
N VAL B 64 -1.29 4.68 2.69
CA VAL B 64 -0.94 3.38 3.23
C VAL B 64 -2.21 2.56 3.47
N LEU B 65 -2.61 1.82 2.44
CA LEU B 65 -3.77 0.95 2.49
C LEU B 65 -3.48 -0.22 3.44
N GLN B 66 -4.52 -0.81 3.99
CA GLN B 66 -4.34 -1.90 4.93
C GLN B 66 -5.63 -2.70 5.09
N ASP B 67 -5.67 -3.55 6.11
CA ASP B 67 -6.85 -4.37 6.45
C ASP B 67 -8.10 -3.52 6.76
N ASP B 68 -7.93 -2.20 6.72
CA ASP B 68 -8.99 -1.24 7.06
C ASP B 68 -10.20 -1.35 6.13
N LYS B 69 -10.06 -2.13 5.05
CA LYS B 69 -11.13 -2.41 4.08
C LYS B 69 -11.34 -1.26 3.11
N LYS B 70 -12.24 -1.51 2.13
CA LYS B 70 -12.63 -0.52 1.11
C LYS B 70 -11.57 -0.42 0.01
N LEU B 71 -11.48 -1.47 -0.81
CA LEU B 71 -10.49 -1.57 -1.88
C LEU B 71 -10.64 -0.47 -2.92
N GLN B 72 -11.87 -0.19 -3.34
CA GLN B 72 -12.14 0.79 -4.36
C GLN B 72 -11.79 2.20 -3.90
N GLU B 73 -11.70 2.38 -2.60
CA GLU B 73 -11.26 3.65 -2.04
C GLU B 73 -9.77 3.84 -2.32
N TYR B 74 -9.07 2.72 -2.44
CA TYR B 74 -7.65 2.76 -2.74
C TYR B 74 -7.46 2.80 -4.26
N ASN B 75 -8.50 2.30 -4.95
CA ASN B 75 -8.56 2.30 -6.41
C ASN B 75 -7.40 1.49 -7.00
N VAL B 76 -7.13 0.33 -6.42
CA VAL B 76 -5.99 -0.46 -6.85
C VAL B 76 -6.33 -1.48 -7.95
N GLY B 77 -7.62 -1.64 -8.26
CA GLY B 77 -8.00 -2.39 -9.44
C GLY B 77 -7.30 -1.97 -10.68
N GLY B 78 -6.32 -2.77 -10.97
CA GLY B 78 -5.57 -2.67 -12.21
C GLY B 78 -4.23 -1.94 -12.09
N LYS B 79 -3.80 -1.67 -10.87
CA LYS B 79 -2.54 -0.94 -10.65
C LYS B 79 -1.68 -1.62 -9.60
N VAL B 80 -0.34 -1.53 -9.73
CA VAL B 80 0.56 -2.17 -8.77
C VAL B 80 0.72 -1.33 -7.49
N ILE B 81 0.38 -1.94 -6.37
CA ILE B 81 0.57 -1.34 -5.06
C ILE B 81 2.02 -1.52 -4.63
N HIS B 82 2.48 -0.73 -3.68
CA HIS B 82 3.84 -0.87 -3.21
C HIS B 82 3.85 -1.24 -1.73
N LEU B 83 4.32 -2.43 -1.42
CA LEU B 83 4.30 -2.92 -0.03
C LEU B 83 5.56 -2.55 0.73
N VAL B 84 5.45 -2.52 2.06
CA VAL B 84 6.59 -2.18 2.95
C VAL B 84 6.93 -3.36 3.84
N GLU B 85 8.17 -3.37 4.31
CA GLU B 85 8.67 -4.38 5.17
C GLU B 85 8.98 -3.78 6.55
N ARG B 86 8.38 -4.32 7.60
CA ARG B 86 8.68 -3.88 8.94
C ARG B 86 9.92 -4.57 9.50
N ALA B 87 10.32 -4.17 10.69
CA ALA B 87 11.50 -4.72 11.33
C ALA B 87 11.40 -6.22 11.54
N PRO B 88 12.55 -6.92 11.62
CA PRO B 88 12.60 -8.34 11.96
C PRO B 88 12.00 -8.63 13.33
N PRO B 89 11.57 -9.88 13.57
CA PRO B 89 10.99 -10.29 14.85
C PRO B 89 12.05 -10.44 15.94
N GLN B 90 12.79 -9.38 16.16
CA GLN B 90 13.83 -9.39 17.17
C GLN B 90 13.28 -8.85 18.48
N THR B 91 12.99 -7.56 18.48
CA THR B 91 12.33 -6.88 19.61
C THR B 91 12.97 -7.25 20.95
N HIS B 92 12.18 -7.21 22.02
CA HIS B 92 12.67 -7.54 23.34
C HIS B 92 13.04 -9.02 23.42
N LEU B 93 12.09 -9.88 23.07
CA LEU B 93 12.33 -11.31 23.04
C LEU B 93 12.42 -11.80 21.60
N PRO B 94 13.64 -12.08 21.12
CA PRO B 94 13.88 -12.44 19.72
C PRO B 94 13.29 -13.79 19.34
N SER B 95 12.55 -13.81 18.25
CA SER B 95 11.93 -15.03 17.74
C SER B 95 13.01 -16.03 17.30
N GLY B 96 14.13 -15.52 16.82
CA GLY B 96 15.21 -16.37 16.38
C GLY B 96 15.45 -16.27 14.90
N ALA B 97 14.45 -16.65 14.12
CA ALA B 97 14.55 -16.57 12.67
C ALA B 97 13.76 -15.39 12.16
N SER B 98 14.40 -14.58 11.32
CA SER B 98 13.75 -13.43 10.73
C SER B 98 13.11 -13.82 9.39
N SER B 99 13.91 -14.39 8.49
CA SER B 99 13.44 -14.84 7.19
C SER B 99 12.69 -13.73 6.46
N GLY B 100 13.40 -12.66 6.15
CA GLY B 100 12.80 -11.53 5.45
C GLY B 100 13.75 -10.35 5.39
N GLY A 1 11.94 11.92 18.27
CA GLY A 1 12.45 13.10 19.01
C GLY A 1 11.37 14.14 19.22
N SER A 2 11.47 14.87 20.32
CA SER A 2 10.53 15.93 20.62
C SER A 2 10.86 17.17 19.79
N MET A 3 9.87 17.73 19.12
CA MET A 3 10.09 18.87 18.24
C MET A 3 8.86 19.77 18.19
N ALA A 4 9.08 21.00 17.76
CA ALA A 4 7.99 21.95 17.58
C ALA A 4 7.30 21.70 16.26
N GLU A 5 6.19 20.98 16.32
CA GLU A 5 5.43 20.61 15.14
C GLU A 5 4.61 21.78 14.61
N ALA A 6 5.29 22.87 14.32
CA ALA A 6 4.65 24.04 13.75
C ALA A 6 4.75 24.02 12.23
N SER A 7 5.50 23.03 11.73
CA SER A 7 5.67 22.88 10.30
C SER A 7 5.26 21.47 9.88
N PRO A 8 3.94 21.23 9.73
CA PRO A 8 3.42 19.92 9.36
C PRO A 8 3.68 19.60 7.91
N HIS A 9 2.92 20.21 7.02
CA HIS A 9 2.99 19.96 5.56
C HIS A 9 2.49 18.55 5.24
N PRO A 10 1.59 18.44 4.25
CA PRO A 10 1.07 17.16 3.77
C PRO A 10 2.04 16.46 2.83
N GLY A 11 3.27 16.95 2.79
CA GLY A 11 4.28 16.41 1.90
C GLY A 11 5.18 15.41 2.58
N ARG A 12 4.83 15.08 3.80
CA ARG A 12 5.58 14.13 4.61
C ARG A 12 5.43 12.73 4.05
N TYR A 13 6.40 12.34 3.24
CA TYR A 13 6.49 10.97 2.78
C TYR A 13 7.76 10.38 3.29
N PHE A 14 7.84 9.09 3.19
CA PHE A 14 9.03 8.38 3.58
C PHE A 14 9.29 7.30 2.56
N CYS A 15 10.47 7.32 1.97
CA CYS A 15 10.83 6.26 1.06
C CYS A 15 11.69 5.25 1.78
N HIS A 16 11.04 4.15 2.15
CA HIS A 16 11.68 3.04 2.86
C HIS A 16 12.94 2.56 2.15
N CYS A 17 13.01 2.76 0.84
CA CYS A 17 14.18 2.36 0.06
C CYS A 17 15.39 3.21 0.45
N CYS A 18 15.20 4.53 0.54
CA CYS A 18 16.23 5.43 1.04
C CYS A 18 16.35 5.30 2.56
N SER A 19 15.21 4.94 3.16
CA SER A 19 15.03 4.95 4.61
C SER A 19 15.28 6.34 5.16
N VAL A 20 15.00 7.34 4.33
CA VAL A 20 15.10 8.73 4.72
C VAL A 20 13.83 9.44 4.25
N GLU A 21 13.36 10.40 5.03
CA GLU A 21 12.11 11.08 4.73
C GLU A 21 12.28 12.04 3.56
N ILE A 22 11.21 12.20 2.79
CA ILE A 22 11.26 12.95 1.54
C ILE A 22 10.01 13.82 1.39
N VAL A 23 10.05 14.72 0.43
CA VAL A 23 8.84 15.31 -0.11
C VAL A 23 8.82 15.03 -1.60
N PRO A 24 8.03 14.04 -1.98
CA PRO A 24 7.95 13.46 -3.33
C PRO A 24 7.70 14.44 -4.47
N ARG A 25 7.75 13.86 -5.65
CA ARG A 25 7.51 14.52 -6.90
C ARG A 25 6.10 14.15 -7.33
N LEU A 26 5.25 14.25 -6.31
CA LEU A 26 3.79 14.07 -6.31
C LEU A 26 3.12 13.76 -7.65
N PRO A 27 3.22 14.61 -8.70
CA PRO A 27 2.67 14.29 -10.01
C PRO A 27 3.32 13.05 -10.65
N ASP A 28 3.48 12.02 -9.83
CA ASP A 28 4.19 10.81 -10.19
C ASP A 28 4.23 9.86 -9.01
N TYR A 29 4.49 10.47 -7.85
CA TYR A 29 4.72 9.76 -6.59
C TYR A 29 6.05 9.04 -6.63
N ILE A 30 7.06 9.85 -6.84
CA ILE A 30 8.44 9.41 -6.82
C ILE A 30 9.15 10.07 -5.67
N CYS A 31 10.27 9.53 -5.31
CA CYS A 31 11.07 10.06 -4.24
C CYS A 31 12.12 10.97 -4.85
N PRO A 32 12.46 12.05 -4.17
CA PRO A 32 13.37 13.05 -4.69
C PRO A 32 14.78 12.56 -4.48
N ARG A 33 14.86 11.67 -3.51
CA ARG A 33 16.14 11.14 -3.09
C ARG A 33 16.58 9.89 -3.85
N CYS A 34 15.71 9.36 -4.70
CA CYS A 34 16.12 8.27 -5.60
C CYS A 34 15.25 8.19 -6.86
N GLU A 35 14.09 8.87 -6.84
CA GLU A 35 13.14 8.82 -7.96
C GLU A 35 12.61 7.40 -8.19
N SER A 36 12.69 6.58 -7.17
CA SER A 36 11.98 5.32 -7.17
C SER A 36 10.67 5.49 -6.44
N GLY A 37 9.61 4.86 -6.93
CA GLY A 37 8.31 5.02 -6.31
C GLY A 37 8.15 4.12 -5.10
N PHE A 38 9.11 4.20 -4.20
CA PHE A 38 9.09 3.40 -2.99
C PHE A 38 8.78 4.27 -1.78
N ILE A 39 7.77 5.12 -1.93
CA ILE A 39 7.39 6.05 -0.88
C ILE A 39 6.02 5.74 -0.31
N GLU A 40 5.85 5.92 0.98
CA GLU A 40 4.53 5.97 1.58
C GLU A 40 4.32 7.31 2.25
N GLU A 41 3.08 7.76 2.28
CA GLU A 41 2.72 9.01 2.94
C GLU A 41 2.59 8.78 4.43
N LEU A 42 3.19 9.65 5.21
CA LEU A 42 3.20 9.52 6.66
C LEU A 42 1.89 9.99 7.25
N MET B 1 -18.50 8.47 -11.32
CA MET B 1 -18.90 9.45 -10.30
C MET B 1 -20.31 9.95 -10.60
N ALA B 2 -21.31 9.20 -10.15
CA ALA B 2 -22.70 9.55 -10.36
C ALA B 2 -23.58 8.90 -9.30
N HIS B 3 -23.53 7.57 -9.24
CA HIS B 3 -24.35 6.84 -8.28
C HIS B 3 -23.73 6.91 -6.89
N HIS B 4 -24.54 7.34 -5.93
CA HIS B 4 -24.11 7.41 -4.55
C HIS B 4 -25.22 6.86 -3.67
N HIS B 5 -25.07 5.58 -3.29
CA HIS B 5 -26.10 4.83 -2.56
C HIS B 5 -27.25 4.47 -3.48
N HIS B 6 -27.82 5.48 -4.14
CA HIS B 6 -28.89 5.26 -5.11
C HIS B 6 -28.27 4.71 -6.40
N HIS B 7 -28.98 3.79 -7.05
CA HIS B 7 -28.47 3.06 -8.22
C HIS B 7 -27.41 2.04 -7.81
N HIS B 8 -27.88 0.94 -7.24
CA HIS B 8 -26.98 -0.15 -6.82
C HIS B 8 -26.57 -0.98 -8.03
N VAL B 9 -25.86 -0.36 -8.95
CA VAL B 9 -25.41 -1.04 -10.16
C VAL B 9 -24.02 -1.62 -9.97
N ASP B 10 -23.73 -2.61 -10.78
CA ASP B 10 -22.43 -3.27 -10.77
C ASP B 10 -21.90 -3.39 -12.19
N ASP B 11 -21.60 -2.25 -12.78
CA ASP B 11 -21.05 -2.19 -14.12
C ASP B 11 -19.55 -2.47 -14.08
N ASP B 12 -19.21 -3.70 -13.70
CA ASP B 12 -17.82 -4.08 -13.44
C ASP B 12 -17.25 -3.22 -12.32
N ASP B 13 -18.08 -3.02 -11.30
CA ASP B 13 -17.68 -2.26 -10.12
C ASP B 13 -16.80 -3.13 -9.24
N LYS B 14 -17.35 -4.28 -8.85
CA LYS B 14 -16.62 -5.22 -8.04
C LYS B 14 -15.59 -5.98 -8.87
N MET B 15 -14.88 -6.90 -8.23
CA MET B 15 -13.82 -7.68 -8.88
C MET B 15 -12.73 -6.75 -9.42
N LEU B 16 -11.81 -6.38 -8.55
CA LEU B 16 -10.71 -5.53 -8.94
C LEU B 16 -9.45 -6.36 -9.11
N GLU B 17 -8.69 -6.08 -10.15
CA GLU B 17 -7.41 -6.71 -10.30
C GLU B 17 -6.37 -5.93 -9.52
N VAL B 18 -6.09 -6.43 -8.34
CA VAL B 18 -5.21 -5.75 -7.43
C VAL B 18 -3.76 -5.97 -7.81
N LEU B 19 -3.30 -5.18 -8.72
CA LEU B 19 -1.92 -5.26 -9.12
C LEU B 19 -1.09 -4.62 -8.03
N VAL B 20 0.06 -5.17 -7.76
CA VAL B 20 0.87 -4.75 -6.60
C VAL B 20 2.36 -5.08 -6.82
N LYS B 21 3.24 -4.10 -6.70
CA LYS B 21 4.66 -4.32 -6.92
C LYS B 21 5.44 -4.16 -5.62
N THR B 22 6.66 -4.67 -5.62
CA THR B 22 7.57 -4.54 -4.47
C THR B 22 8.96 -4.08 -4.90
N LEU B 23 9.91 -4.04 -3.96
CA LEU B 23 11.29 -3.66 -4.27
C LEU B 23 11.93 -4.69 -5.18
N ASP B 24 11.48 -5.93 -5.04
CA ASP B 24 11.95 -7.03 -5.87
C ASP B 24 11.38 -6.94 -7.28
N SER B 25 10.66 -5.85 -7.56
CA SER B 25 10.15 -5.57 -8.91
C SER B 25 9.15 -6.63 -9.36
N GLN B 26 8.63 -7.36 -8.39
CA GLN B 26 7.68 -8.45 -8.64
C GLN B 26 6.52 -8.03 -9.53
N THR B 27 5.71 -7.11 -9.01
CA THR B 27 4.43 -6.76 -9.63
C THR B 27 3.56 -7.99 -9.79
N ARG B 28 2.76 -8.25 -8.78
CA ARG B 28 1.80 -9.34 -8.84
C ARG B 28 0.39 -8.83 -8.52
N THR B 29 -0.61 -9.48 -9.08
CA THR B 29 -1.97 -9.08 -8.88
C THR B 29 -2.67 -9.94 -7.81
N PHE B 30 -3.52 -9.30 -7.03
CA PHE B 30 -4.21 -9.94 -5.91
C PHE B 30 -5.69 -9.73 -6.03
N ILE B 31 -6.23 -10.28 -7.09
CA ILE B 31 -7.60 -10.06 -7.47
C ILE B 31 -8.59 -10.42 -6.41
N VAL B 32 -9.33 -9.41 -6.08
CA VAL B 32 -10.44 -9.50 -5.15
C VAL B 32 -11.60 -8.65 -5.55
N GLY B 33 -12.71 -8.90 -4.90
CA GLY B 33 -13.96 -8.34 -5.34
C GLY B 33 -14.37 -7.06 -4.64
N ALA B 34 -13.46 -6.08 -4.62
CA ALA B 34 -13.74 -4.72 -4.16
C ALA B 34 -13.99 -4.62 -2.65
N GLN B 35 -14.79 -5.51 -2.13
CA GLN B 35 -15.18 -5.47 -0.73
C GLN B 35 -14.98 -6.86 -0.12
N MET B 36 -14.06 -7.59 -0.72
CA MET B 36 -13.73 -8.93 -0.30
C MET B 36 -13.21 -8.94 1.14
N ASN B 37 -11.98 -8.50 1.33
CA ASN B 37 -11.39 -8.41 2.65
C ASN B 37 -10.44 -7.26 2.75
N VAL B 38 -9.25 -7.50 2.24
CA VAL B 38 -8.08 -6.68 2.43
C VAL B 38 -7.29 -7.12 3.65
N LYS B 39 -7.97 -7.66 4.62
CA LYS B 39 -7.37 -8.17 5.81
C LYS B 39 -6.87 -9.56 5.55
N GLU B 40 -7.83 -10.44 5.43
CA GLU B 40 -7.61 -11.79 5.05
C GLU B 40 -6.97 -11.86 3.65
N PHE B 41 -7.25 -10.83 2.86
CA PHE B 41 -6.59 -10.62 1.57
C PHE B 41 -5.08 -10.58 1.79
N LYS B 42 -4.66 -9.77 2.74
CA LYS B 42 -3.25 -9.60 3.04
C LYS B 42 -2.64 -10.88 3.56
N GLU B 43 -3.38 -11.56 4.43
CA GLU B 43 -2.95 -12.81 5.01
C GLU B 43 -2.64 -13.82 3.90
N HIS B 44 -3.42 -13.78 2.84
CA HIS B 44 -3.25 -14.65 1.71
C HIS B 44 -1.99 -14.30 0.92
N ILE B 45 -1.80 -13.01 0.64
CA ILE B 45 -0.70 -12.56 -0.21
C ILE B 45 0.63 -12.55 0.54
N ALA B 46 0.55 -12.66 1.87
CA ALA B 46 1.69 -12.56 2.76
C ALA B 46 2.94 -13.27 2.24
N ALA B 47 2.81 -14.53 1.85
CA ALA B 47 3.97 -15.30 1.41
C ALA B 47 4.52 -14.81 0.09
N SER B 48 3.65 -14.57 -0.88
CA SER B 48 4.02 -14.14 -2.18
C SER B 48 4.82 -12.84 -2.14
N VAL B 49 4.56 -12.03 -1.13
CA VAL B 49 5.27 -10.77 -0.96
C VAL B 49 6.28 -10.86 0.18
N SER B 50 6.28 -12.02 0.87
CA SER B 50 7.22 -12.31 1.95
C SER B 50 7.00 -11.34 3.09
N ILE B 51 5.80 -10.80 3.12
CA ILE B 51 5.40 -9.86 4.14
C ILE B 51 4.06 -10.26 4.73
N PRO B 52 4.00 -10.51 6.04
CA PRO B 52 2.75 -10.85 6.71
C PRO B 52 1.77 -9.68 6.75
N SER B 53 0.48 -10.00 6.79
CA SER B 53 -0.58 -9.00 6.85
C SER B 53 -0.32 -7.96 7.95
N GLU B 54 0.16 -8.44 9.09
CA GLU B 54 0.42 -7.57 10.23
C GLU B 54 1.57 -6.59 9.96
N LYS B 55 2.38 -6.89 8.95
CA LYS B 55 3.58 -6.11 8.69
C LYS B 55 3.59 -5.48 7.30
N GLN B 56 2.58 -5.70 6.49
CA GLN B 56 2.62 -5.20 5.12
C GLN B 56 1.90 -3.86 4.97
N ARG B 57 2.49 -3.01 4.13
CA ARG B 57 1.90 -1.74 3.74
C ARG B 57 1.59 -1.74 2.24
N LEU B 58 0.33 -1.54 1.88
CA LEU B 58 -0.02 -1.35 0.49
C LEU B 58 -0.01 0.13 0.15
N ILE B 59 0.96 0.55 -0.58
CA ILE B 59 1.09 1.96 -0.91
C ILE B 59 0.69 2.23 -2.34
N TYR B 60 -0.47 2.82 -2.52
CA TYR B 60 -0.94 3.18 -3.83
C TYR B 60 -1.09 4.69 -3.94
N GLN B 61 -0.28 5.29 -4.80
CA GLN B 61 -0.24 6.73 -4.97
C GLN B 61 0.07 7.41 -3.64
N GLY B 62 0.99 6.81 -2.90
CA GLY B 62 1.41 7.37 -1.63
C GLY B 62 0.51 6.99 -0.48
N ARG B 63 -0.67 6.50 -0.79
CA ARG B 63 -1.65 6.16 0.24
C ARG B 63 -1.33 4.80 0.84
N VAL B 64 -1.22 4.75 2.16
CA VAL B 64 -0.93 3.49 2.85
C VAL B 64 -2.23 2.70 3.06
N LEU B 65 -2.55 1.86 2.09
CA LEU B 65 -3.72 1.00 2.16
C LEU B 65 -3.43 -0.15 3.12
N GLN B 66 -4.35 -0.45 3.99
CA GLN B 66 -4.08 -1.40 5.05
C GLN B 66 -5.26 -2.38 5.21
N ASP B 67 -5.24 -3.15 6.30
CA ASP B 67 -6.28 -4.12 6.62
C ASP B 67 -7.60 -3.45 7.04
N ASP B 68 -7.61 -2.10 7.01
CA ASP B 68 -8.76 -1.26 7.39
C ASP B 68 -10.00 -1.51 6.52
N LYS B 69 -9.87 -2.45 5.59
CA LYS B 69 -10.99 -3.01 4.82
C LYS B 69 -11.39 -2.18 3.62
N LYS B 70 -12.06 -2.86 2.67
CA LYS B 70 -12.65 -2.25 1.47
C LYS B 70 -11.59 -1.83 0.45
N LEU B 71 -11.34 -2.71 -0.51
CA LEU B 71 -10.42 -2.44 -1.60
C LEU B 71 -10.88 -1.27 -2.47
N GLN B 72 -12.19 -1.17 -2.67
CA GLN B 72 -12.77 -0.17 -3.54
C GLN B 72 -12.62 1.24 -2.99
N GLU B 73 -12.38 1.37 -1.70
CA GLU B 73 -12.11 2.67 -1.12
C GLU B 73 -10.73 3.14 -1.54
N TYR B 74 -9.86 2.19 -1.83
CA TYR B 74 -8.53 2.50 -2.30
C TYR B 74 -8.54 2.63 -3.83
N ASN B 75 -9.56 1.99 -4.43
CA ASN B 75 -9.82 2.08 -5.86
C ASN B 75 -8.63 1.53 -6.66
N VAL B 76 -8.07 0.44 -6.16
CA VAL B 76 -6.87 -0.14 -6.77
C VAL B 76 -7.19 -1.22 -7.81
N GLY B 77 -8.36 -1.11 -8.44
CA GLY B 77 -8.74 -2.04 -9.46
C GLY B 77 -8.05 -1.77 -10.76
N GLY B 78 -7.07 -2.58 -10.97
CA GLY B 78 -6.35 -2.62 -12.23
C GLY B 78 -5.10 -1.78 -12.26
N LYS B 79 -4.65 -1.33 -11.11
CA LYS B 79 -3.42 -0.53 -11.01
C LYS B 79 -2.47 -1.17 -10.00
N VAL B 80 -1.16 -1.03 -10.22
CA VAL B 80 -0.20 -1.62 -9.29
C VAL B 80 0.00 -0.79 -8.04
N ILE B 81 -0.15 -1.45 -6.91
CA ILE B 81 0.17 -0.87 -5.61
C ILE B 81 1.64 -1.15 -5.29
N HIS B 82 2.15 -0.59 -4.19
CA HIS B 82 3.44 -1.03 -3.66
C HIS B 82 3.23 -1.78 -2.37
N LEU B 83 3.87 -2.92 -2.23
CA LEU B 83 3.91 -3.60 -0.95
C LEU B 83 5.28 -3.54 -0.30
N VAL B 84 5.25 -3.31 1.00
CA VAL B 84 6.46 -3.26 1.81
C VAL B 84 6.11 -3.55 3.25
N GLU B 85 7.08 -3.39 4.11
CA GLU B 85 6.94 -3.66 5.52
C GLU B 85 6.65 -2.38 6.29
N ARG B 86 5.84 -2.51 7.34
CA ARG B 86 5.53 -1.41 8.23
C ARG B 86 6.73 -1.07 9.11
N ALA B 87 6.56 -0.05 9.93
CA ALA B 87 7.62 0.40 10.82
C ALA B 87 7.92 -0.65 11.89
N PRO B 88 9.19 -0.71 12.30
CA PRO B 88 9.62 -1.55 13.41
C PRO B 88 9.06 -1.07 14.74
N PRO B 89 8.74 -1.99 15.64
CA PRO B 89 8.27 -1.66 16.99
C PRO B 89 9.41 -1.16 17.87
N GLN B 90 9.80 0.09 17.67
CA GLN B 90 10.92 0.68 18.39
C GLN B 90 10.57 0.92 19.86
N THR B 91 9.27 0.90 20.15
CA THR B 91 8.78 1.02 21.50
C THR B 91 8.03 -0.25 21.90
N HIS B 92 8.34 -1.33 21.18
CA HIS B 92 7.71 -2.65 21.35
C HIS B 92 6.25 -2.63 20.90
N LEU B 93 5.45 -1.75 21.47
CA LEU B 93 4.06 -1.57 21.05
C LEU B 93 3.93 -0.28 20.26
N PRO B 94 3.94 -0.35 18.92
CA PRO B 94 3.87 0.82 18.06
C PRO B 94 2.59 1.62 18.27
N SER B 95 1.47 0.91 18.27
CA SER B 95 0.17 1.52 18.44
C SER B 95 -0.89 0.42 18.42
N GLY B 96 -2.15 0.80 18.47
CA GLY B 96 -3.22 -0.17 18.42
C GLY B 96 -4.10 -0.13 19.64
N ALA B 97 -5.34 -0.60 19.48
CA ALA B 97 -6.27 -0.68 20.58
C ALA B 97 -6.36 -2.11 21.08
N SER B 98 -5.53 -2.44 22.05
CA SER B 98 -5.52 -3.77 22.63
C SER B 98 -6.70 -3.96 23.58
N SER B 99 -7.89 -3.99 23.02
CA SER B 99 -9.10 -4.16 23.79
C SER B 99 -9.42 -5.65 23.96
N GLY B 100 -10.55 -5.94 24.58
CA GLY B 100 -10.97 -7.30 24.74
C GLY B 100 -12.35 -7.38 25.39
N GLY A 1 17.66 15.81 10.95
CA GLY A 1 16.57 15.89 11.95
C GLY A 1 15.35 15.12 11.50
N SER A 2 14.59 14.60 12.45
CA SER A 2 13.40 13.82 12.14
C SER A 2 12.23 14.74 11.81
N MET A 3 11.73 15.44 12.83
CA MET A 3 10.61 16.39 12.71
C MET A 3 9.52 15.91 11.74
N ALA A 4 9.18 14.62 11.83
CA ALA A 4 8.14 14.04 10.99
C ALA A 4 6.78 14.45 11.52
N GLU A 5 6.72 14.74 12.80
CA GLU A 5 5.53 15.26 13.44
C GLU A 5 5.87 16.55 14.19
N ALA A 6 5.91 17.64 13.47
CA ALA A 6 6.23 18.94 14.04
C ALA A 6 5.75 20.05 13.12
N SER A 7 5.98 19.87 11.83
CA SER A 7 5.55 20.83 10.83
C SER A 7 4.46 20.22 9.95
N PRO A 8 3.21 20.68 10.12
CA PRO A 8 2.06 20.18 9.35
C PRO A 8 2.17 20.54 7.87
N HIS A 9 2.85 19.68 7.12
CA HIS A 9 3.05 19.87 5.70
C HIS A 9 3.00 18.52 5.00
N PRO A 10 2.49 18.46 3.75
CA PRO A 10 2.40 17.22 2.98
C PRO A 10 3.76 16.82 2.39
N GLY A 11 4.82 17.12 3.12
CA GLY A 11 6.15 16.81 2.68
C GLY A 11 6.76 15.70 3.49
N ARG A 12 5.97 15.19 4.41
CA ARG A 12 6.41 14.10 5.26
C ARG A 12 6.03 12.77 4.64
N TYR A 13 6.87 12.28 3.74
CA TYR A 13 6.71 10.94 3.18
C TYR A 13 7.91 10.11 3.54
N PHE A 14 7.77 8.83 3.36
CA PHE A 14 8.84 7.90 3.66
C PHE A 14 8.89 6.83 2.59
N CYS A 15 10.00 6.76 1.90
CA CYS A 15 10.18 5.71 0.93
C CYS A 15 11.01 4.60 1.54
N HIS A 16 10.53 3.38 1.45
CA HIS A 16 11.08 2.28 2.21
C HIS A 16 12.30 1.63 1.54
N CYS A 17 12.46 1.81 0.23
CA CYS A 17 13.65 1.29 -0.43
C CYS A 17 14.85 2.13 -0.06
N CYS A 18 14.62 3.43 0.16
CA CYS A 18 15.68 4.35 0.57
C CYS A 18 15.89 4.33 2.09
N SER A 19 14.86 3.86 2.81
CA SER A 19 14.81 3.86 4.29
C SER A 19 15.14 5.22 4.88
N VAL A 20 14.75 6.27 4.16
CA VAL A 20 14.94 7.65 4.60
C VAL A 20 13.72 8.48 4.20
N GLU A 21 13.51 9.57 4.90
CA GLU A 21 12.35 10.40 4.65
C GLU A 21 12.55 11.29 3.43
N ILE A 22 11.46 11.51 2.70
CA ILE A 22 11.52 12.23 1.44
C ILE A 22 10.41 13.28 1.35
N VAL A 23 10.53 14.16 0.36
CA VAL A 23 9.41 15.00 -0.06
C VAL A 23 9.19 14.74 -1.54
N PRO A 24 8.27 13.83 -1.81
CA PRO A 24 8.01 13.22 -3.11
C PRO A 24 7.69 14.18 -4.25
N ARG A 25 7.57 13.56 -5.42
CA ARG A 25 7.27 14.22 -6.66
C ARG A 25 5.82 13.90 -7.02
N LEU A 26 5.03 14.09 -5.97
CA LEU A 26 3.56 14.02 -5.89
C LEU A 26 2.83 13.72 -7.21
N PRO A 27 2.93 14.56 -8.28
CA PRO A 27 2.31 14.30 -9.58
C PRO A 27 2.25 12.82 -9.96
N ASP A 28 3.23 12.06 -9.52
CA ASP A 28 3.31 10.64 -9.79
C ASP A 28 3.36 9.81 -8.52
N TYR A 29 3.71 10.50 -7.44
CA TYR A 29 3.99 9.88 -6.14
C TYR A 29 5.25 9.05 -6.20
N ILE A 30 6.29 9.74 -6.55
CA ILE A 30 7.62 9.16 -6.64
C ILE A 30 8.47 9.74 -5.55
N CYS A 31 9.55 9.07 -5.27
CA CYS A 31 10.48 9.49 -4.25
C CYS A 31 11.59 10.27 -4.93
N PRO A 32 12.14 11.26 -4.28
CA PRO A 32 13.14 12.13 -4.87
C PRO A 32 14.47 11.46 -4.79
N ARG A 33 14.51 10.51 -3.87
CA ARG A 33 15.73 9.78 -3.59
C ARG A 33 15.94 8.55 -4.48
N CYS A 34 14.89 8.09 -5.17
CA CYS A 34 15.04 6.98 -6.11
C CYS A 34 14.03 7.03 -7.26
N GLU A 35 13.03 7.92 -7.14
CA GLU A 35 11.98 8.05 -8.15
C GLU A 35 11.20 6.75 -8.30
N SER A 36 11.06 6.04 -7.20
CA SER A 36 10.16 4.90 -7.13
C SER A 36 9.03 5.22 -6.17
N GLY A 37 7.85 4.72 -6.43
CA GLY A 37 6.67 5.11 -5.68
C GLY A 37 6.49 4.32 -4.39
N PHE A 38 7.59 3.94 -3.77
CA PHE A 38 7.52 3.21 -2.50
C PHE A 38 7.48 4.17 -1.33
N ILE A 39 6.66 5.20 -1.48
CA ILE A 39 6.51 6.22 -0.46
C ILE A 39 5.13 6.15 0.17
N GLU A 40 5.07 6.25 1.46
CA GLU A 40 3.81 6.39 2.15
C GLU A 40 3.82 7.73 2.85
N GLU A 41 2.69 8.38 2.92
CA GLU A 41 2.57 9.66 3.61
C GLU A 41 2.53 9.43 5.11
N LEU A 42 3.28 10.24 5.85
CA LEU A 42 3.42 10.07 7.29
C LEU A 42 2.34 10.85 8.04
N MET B 1 -10.61 -20.89 0.99
CA MET B 1 -9.77 -20.22 -0.02
C MET B 1 -10.63 -19.48 -1.05
N ALA B 2 -9.98 -18.92 -2.07
CA ALA B 2 -10.66 -18.11 -3.08
C ALA B 2 -11.77 -18.88 -3.79
N HIS B 3 -12.85 -18.17 -4.12
CA HIS B 3 -14.00 -18.72 -4.84
C HIS B 3 -14.87 -19.63 -3.97
N HIS B 4 -14.25 -20.33 -3.02
CA HIS B 4 -14.99 -21.24 -2.15
C HIS B 4 -15.75 -20.46 -1.09
N HIS B 5 -16.80 -19.78 -1.54
CA HIS B 5 -17.66 -19.02 -0.65
C HIS B 5 -19.11 -19.20 -1.08
N HIS B 6 -19.81 -20.08 -0.40
CA HIS B 6 -21.21 -20.37 -0.74
C HIS B 6 -22.12 -19.25 -0.23
N HIS B 7 -22.03 -18.12 -0.90
CA HIS B 7 -22.88 -16.97 -0.62
C HIS B 7 -23.02 -16.18 -1.91
N HIS B 8 -24.24 -15.87 -2.30
CA HIS B 8 -24.49 -15.22 -3.58
C HIS B 8 -23.97 -13.79 -3.59
N VAL B 9 -22.84 -13.59 -4.24
CA VAL B 9 -22.34 -12.26 -4.47
C VAL B 9 -22.92 -11.71 -5.76
N ASP B 10 -23.22 -10.43 -5.76
CA ASP B 10 -23.82 -9.79 -6.92
C ASP B 10 -23.35 -8.34 -7.01
N ASP B 11 -23.64 -7.55 -5.99
CA ASP B 11 -23.05 -6.23 -5.89
C ASP B 11 -21.67 -6.33 -5.26
N ASP B 12 -21.43 -7.45 -4.60
CA ASP B 12 -20.12 -7.77 -4.05
C ASP B 12 -19.37 -8.68 -5.00
N ASP B 13 -19.95 -8.88 -6.17
CA ASP B 13 -19.35 -9.71 -7.22
C ASP B 13 -18.20 -8.97 -7.89
N LYS B 14 -18.07 -7.69 -7.55
CA LYS B 14 -17.00 -6.84 -8.05
C LYS B 14 -15.64 -7.49 -7.89
N MET B 15 -14.76 -7.23 -8.84
CA MET B 15 -13.46 -7.87 -8.85
C MET B 15 -12.41 -6.95 -9.47
N LEU B 16 -11.42 -6.58 -8.68
CA LEU B 16 -10.35 -5.73 -9.14
C LEU B 16 -9.09 -6.57 -9.33
N GLU B 17 -8.38 -6.33 -10.41
CA GLU B 17 -7.11 -7.01 -10.62
C GLU B 17 -6.06 -6.25 -9.88
N VAL B 18 -5.77 -6.72 -8.69
CA VAL B 18 -4.89 -6.01 -7.82
C VAL B 18 -3.46 -6.27 -8.24
N LEU B 19 -2.86 -5.29 -8.85
CA LEU B 19 -1.48 -5.41 -9.20
C LEU B 19 -0.67 -4.79 -8.07
N VAL B 20 0.49 -5.33 -7.77
CA VAL B 20 1.25 -4.92 -6.58
C VAL B 20 2.75 -5.12 -6.79
N LYS B 21 3.53 -4.05 -6.66
CA LYS B 21 4.98 -4.14 -6.82
C LYS B 21 5.63 -4.09 -5.45
N THR B 22 6.38 -5.11 -5.15
CA THR B 22 7.07 -5.26 -3.87
C THR B 22 8.21 -4.25 -3.73
N LEU B 23 9.22 -4.35 -4.60
CA LEU B 23 10.38 -3.46 -4.52
C LEU B 23 10.87 -3.15 -5.92
N ASP B 24 9.93 -3.21 -6.83
CA ASP B 24 10.12 -2.83 -8.24
C ASP B 24 10.70 -3.97 -9.04
N SER B 25 11.45 -4.85 -8.38
CA SER B 25 11.92 -6.07 -9.02
C SER B 25 10.70 -6.91 -9.42
N GLN B 26 9.73 -6.98 -8.51
CA GLN B 26 8.53 -7.74 -8.75
C GLN B 26 7.33 -6.84 -9.01
N THR B 27 6.25 -7.51 -9.33
CA THR B 27 4.95 -6.94 -9.63
C THR B 27 3.96 -8.10 -9.69
N ARG B 28 3.17 -8.30 -8.67
CA ARG B 28 2.29 -9.45 -8.66
C ARG B 28 0.84 -9.05 -8.52
N THR B 29 -0.05 -9.88 -9.03
CA THR B 29 -1.44 -9.62 -9.01
C THR B 29 -2.16 -10.38 -7.91
N PHE B 30 -3.12 -9.73 -7.29
CA PHE B 30 -3.83 -10.26 -6.14
C PHE B 30 -5.31 -10.05 -6.31
N ILE B 31 -5.81 -10.59 -7.39
CA ILE B 31 -7.18 -10.40 -7.79
C ILE B 31 -8.19 -10.82 -6.77
N VAL B 32 -8.92 -9.81 -6.39
CA VAL B 32 -9.97 -9.90 -5.41
C VAL B 32 -11.14 -9.02 -5.76
N GLY B 33 -12.02 -8.85 -4.80
CA GLY B 33 -13.18 -8.04 -5.01
C GLY B 33 -13.01 -6.62 -4.49
N ALA B 34 -13.83 -5.72 -5.02
CA ALA B 34 -13.74 -4.30 -4.70
C ALA B 34 -13.93 -4.03 -3.22
N GLN B 35 -14.72 -4.86 -2.59
CA GLN B 35 -14.97 -4.72 -1.16
C GLN B 35 -14.95 -6.09 -0.53
N MET B 36 -14.14 -6.97 -1.10
CA MET B 36 -14.07 -8.33 -0.65
C MET B 36 -13.40 -8.42 0.72
N ASN B 37 -12.08 -8.26 0.77
CA ASN B 37 -11.35 -8.37 2.01
C ASN B 37 -10.47 -7.18 2.28
N VAL B 38 -9.23 -7.30 1.81
CA VAL B 38 -8.12 -6.44 2.19
C VAL B 38 -7.49 -6.86 3.51
N LYS B 39 -8.28 -7.43 4.39
CA LYS B 39 -7.81 -7.95 5.63
C LYS B 39 -7.21 -9.30 5.38
N GLU B 40 -8.10 -10.21 5.08
CA GLU B 40 -7.74 -11.54 4.67
C GLU B 40 -6.92 -11.50 3.39
N PHE B 41 -7.17 -10.48 2.58
CA PHE B 41 -6.46 -10.28 1.33
C PHE B 41 -4.97 -10.10 1.59
N LYS B 42 -4.63 -9.16 2.47
CA LYS B 42 -3.23 -8.90 2.79
C LYS B 42 -2.62 -10.05 3.56
N GLU B 43 -3.45 -10.68 4.39
CA GLU B 43 -3.03 -11.84 5.17
C GLU B 43 -2.63 -12.98 4.23
N HIS B 44 -3.37 -13.11 3.13
CA HIS B 44 -3.10 -14.14 2.14
C HIS B 44 -1.81 -13.89 1.37
N ILE B 45 -1.64 -12.66 0.87
CA ILE B 45 -0.52 -12.34 0.01
C ILE B 45 0.82 -12.34 0.77
N ALA B 46 0.74 -12.36 2.11
CA ALA B 46 1.92 -12.29 2.97
C ALA B 46 3.09 -13.12 2.46
N ALA B 47 2.87 -14.41 2.26
CA ALA B 47 3.96 -15.30 1.86
C ALA B 47 4.51 -14.96 0.48
N SER B 48 3.62 -14.72 -0.48
CA SER B 48 4.01 -14.45 -1.84
C SER B 48 4.89 -13.21 -1.93
N VAL B 49 4.74 -12.32 -0.95
CA VAL B 49 5.52 -11.11 -0.90
C VAL B 49 6.53 -11.14 0.25
N SER B 50 6.48 -12.23 1.04
CA SER B 50 7.43 -12.46 2.14
C SER B 50 7.26 -11.38 3.19
N ILE B 51 6.08 -10.78 3.18
CA ILE B 51 5.75 -9.73 4.11
C ILE B 51 4.43 -10.03 4.81
N PRO B 52 4.45 -10.24 6.13
CA PRO B 52 3.24 -10.56 6.88
C PRO B 52 2.36 -9.34 7.04
N SER B 53 1.05 -9.59 7.05
CA SER B 53 0.05 -8.55 7.09
C SER B 53 0.27 -7.55 8.23
N GLU B 54 0.96 -7.97 9.30
CA GLU B 54 1.21 -7.09 10.43
C GLU B 54 2.18 -5.96 10.06
N LYS B 55 3.22 -6.29 9.31
CA LYS B 55 4.22 -5.31 8.89
C LYS B 55 3.88 -4.80 7.50
N GLN B 56 3.18 -5.65 6.77
CA GLN B 56 2.82 -5.42 5.38
C GLN B 56 1.97 -4.18 5.22
N ARG B 57 2.47 -3.21 4.48
CA ARG B 57 1.74 -1.99 4.28
C ARG B 57 1.53 -1.76 2.78
N LEU B 58 0.28 -1.70 2.35
CA LEU B 58 -0.04 -1.49 0.94
C LEU B 58 -0.04 0.01 0.65
N ILE B 59 0.85 0.49 -0.20
CA ILE B 59 0.86 1.91 -0.53
C ILE B 59 0.53 2.14 -1.98
N TYR B 60 -0.53 2.91 -2.23
CA TYR B 60 -0.87 3.33 -3.56
C TYR B 60 -1.24 4.80 -3.54
N GLN B 61 -0.69 5.57 -4.47
CA GLN B 61 -0.87 7.03 -4.50
C GLN B 61 -0.40 7.66 -3.19
N GLY B 62 0.66 7.10 -2.62
CA GLY B 62 1.20 7.59 -1.37
C GLY B 62 0.25 7.36 -0.20
N ARG B 63 -0.84 6.66 -0.47
CA ARG B 63 -1.85 6.39 0.55
C ARG B 63 -1.55 5.07 1.23
N VAL B 64 -1.75 5.03 2.53
CA VAL B 64 -1.41 3.86 3.32
C VAL B 64 -2.62 2.91 3.41
N LEU B 65 -2.73 2.00 2.45
CA LEU B 65 -3.85 1.06 2.39
C LEU B 65 -3.59 -0.11 3.33
N GLN B 66 -4.62 -0.62 3.96
CA GLN B 66 -4.46 -1.68 4.95
C GLN B 66 -5.75 -2.49 5.13
N ASP B 67 -5.78 -3.31 6.19
CA ASP B 67 -6.92 -4.15 6.57
C ASP B 67 -8.20 -3.35 6.88
N ASP B 68 -8.12 -2.04 6.75
CA ASP B 68 -9.24 -1.12 7.05
C ASP B 68 -10.46 -1.39 6.17
N LYS B 69 -10.26 -2.21 5.15
CA LYS B 69 -11.35 -2.72 4.27
C LYS B 69 -11.62 -1.80 3.08
N LYS B 70 -12.65 -2.19 2.31
CA LYS B 70 -13.12 -1.45 1.12
C LYS B 70 -11.98 -1.06 0.18
N LEU B 71 -11.62 -2.01 -0.69
CA LEU B 71 -10.51 -1.86 -1.63
C LEU B 71 -10.78 -0.77 -2.67
N GLN B 72 -12.04 -0.59 -3.04
CA GLN B 72 -12.41 0.37 -4.06
C GLN B 72 -12.16 1.80 -3.62
N GLU B 73 -12.02 2.01 -2.31
CA GLU B 73 -11.66 3.32 -1.80
C GLU B 73 -10.22 3.62 -2.19
N TYR B 74 -9.44 2.56 -2.32
CA TYR B 74 -8.04 2.69 -2.69
C TYR B 74 -7.91 2.73 -4.21
N ASN B 75 -8.94 2.17 -4.87
CA ASN B 75 -9.06 2.22 -6.34
C ASN B 75 -7.90 1.49 -7.00
N VAL B 76 -7.47 0.39 -6.40
CA VAL B 76 -6.29 -0.31 -6.87
C VAL B 76 -6.65 -1.36 -7.93
N GLY B 77 -7.84 -1.23 -8.51
CA GLY B 77 -8.28 -2.13 -9.52
C GLY B 77 -7.59 -1.89 -10.82
N GLY B 78 -6.67 -2.77 -11.03
CA GLY B 78 -5.92 -2.79 -12.26
C GLY B 78 -4.68 -1.91 -12.20
N LYS B 79 -4.30 -1.53 -11.00
CA LYS B 79 -3.14 -0.68 -10.77
C LYS B 79 -2.14 -1.43 -9.88
N VAL B 80 -0.83 -1.24 -10.07
CA VAL B 80 0.14 -1.87 -9.17
C VAL B 80 0.33 -1.04 -7.91
N ILE B 81 0.09 -1.68 -6.79
CA ILE B 81 0.36 -1.11 -5.49
C ILE B 81 1.83 -1.22 -5.20
N HIS B 82 2.30 -0.58 -4.16
CA HIS B 82 3.66 -0.72 -3.73
C HIS B 82 3.68 -1.31 -2.34
N LEU B 83 4.24 -2.49 -2.20
CA LEU B 83 4.35 -3.11 -0.89
C LEU B 83 5.65 -2.73 -0.20
N VAL B 84 5.56 -2.54 1.09
CA VAL B 84 6.73 -2.20 1.88
C VAL B 84 6.67 -2.88 3.24
N GLU B 85 7.80 -2.91 3.91
CA GLU B 85 7.87 -3.39 5.26
C GLU B 85 8.17 -2.23 6.19
N ARG B 86 7.31 -2.01 7.18
CA ARG B 86 7.51 -0.92 8.12
C ARG B 86 8.27 -1.39 9.34
N ALA B 87 8.59 -0.45 10.22
CA ALA B 87 9.31 -0.74 11.44
C ALA B 87 8.51 -1.67 12.36
N PRO B 88 9.17 -2.31 13.35
CA PRO B 88 8.49 -3.14 14.35
C PRO B 88 7.48 -2.31 15.16
N PRO B 89 6.51 -2.98 15.81
CA PRO B 89 5.50 -2.31 16.66
C PRO B 89 6.11 -1.73 17.94
N GLN B 90 7.28 -1.13 17.81
CA GLN B 90 7.94 -0.47 18.91
C GLN B 90 7.64 1.03 18.85
N THR B 91 7.42 1.51 17.64
CA THR B 91 7.10 2.92 17.42
C THR B 91 5.58 3.09 17.31
N HIS B 92 4.94 3.22 18.46
CA HIS B 92 3.49 3.33 18.51
C HIS B 92 3.07 4.79 18.37
N LEU B 93 3.51 5.42 17.29
CA LEU B 93 3.18 6.82 17.02
C LEU B 93 2.40 6.94 15.71
N PRO B 94 1.06 6.86 15.78
CA PRO B 94 0.21 7.08 14.61
C PRO B 94 0.04 8.57 14.31
N SER B 95 -0.02 9.37 15.37
CA SER B 95 -0.18 10.82 15.27
C SER B 95 -1.30 11.20 14.29
N GLY B 96 -2.52 10.88 14.68
CA GLY B 96 -3.67 11.23 13.88
C GLY B 96 -4.94 11.22 14.71
N ALA B 97 -5.54 10.04 14.86
CA ALA B 97 -6.72 9.89 15.68
C ALA B 97 -6.32 9.62 17.13
N SER B 98 -5.83 10.66 17.79
CA SER B 98 -5.39 10.54 19.17
C SER B 98 -6.58 10.27 20.09
N SER B 99 -7.68 10.93 19.81
CA SER B 99 -8.90 10.75 20.57
C SER B 99 -10.10 10.83 19.64
N GLY B 100 -10.27 9.80 18.83
CA GLY B 100 -11.37 9.77 17.90
C GLY B 100 -12.55 9.01 18.47
N GLY A 1 -10.27 18.79 -11.74
CA GLY A 1 -11.36 18.76 -10.73
C GLY A 1 -11.17 17.62 -9.75
N SER A 2 -11.37 17.92 -8.46
CA SER A 2 -11.23 16.94 -7.39
C SER A 2 -9.76 16.56 -7.19
N MET A 3 -9.20 15.77 -8.10
CA MET A 3 -7.81 15.35 -8.01
C MET A 3 -7.06 15.73 -9.28
N ALA A 4 -7.66 15.39 -10.42
CA ALA A 4 -7.15 15.73 -11.75
C ALA A 4 -5.83 14.98 -12.06
N GLU A 5 -4.74 15.46 -11.48
CA GLU A 5 -3.43 14.84 -11.71
C GLU A 5 -2.79 14.45 -10.40
N ALA A 6 -2.89 15.33 -9.40
CA ALA A 6 -2.33 15.10 -8.09
C ALA A 6 -2.84 16.13 -7.11
N SER A 7 -2.87 15.76 -5.83
CA SER A 7 -3.33 16.67 -4.79
C SER A 7 -2.20 16.99 -3.82
N PRO A 8 -1.50 18.11 -4.04
CA PRO A 8 -0.40 18.55 -3.16
C PRO A 8 -0.91 19.01 -1.80
N HIS A 9 -1.03 18.08 -0.86
CA HIS A 9 -1.45 18.40 0.49
C HIS A 9 -0.36 18.05 1.51
N PRO A 10 0.04 16.77 1.63
CA PRO A 10 1.09 16.38 2.58
C PRO A 10 2.51 16.60 2.05
N GLY A 11 3.37 17.13 2.90
CA GLY A 11 4.78 17.28 2.55
C GLY A 11 5.63 16.27 3.28
N ARG A 12 4.96 15.50 4.13
CA ARG A 12 5.62 14.47 4.91
C ARG A 12 5.37 13.10 4.31
N TYR A 13 6.29 12.70 3.45
CA TYR A 13 6.28 11.36 2.93
C TYR A 13 7.54 10.68 3.38
N PHE A 14 7.52 9.39 3.30
CA PHE A 14 8.65 8.61 3.71
C PHE A 14 8.85 7.46 2.75
N CYS A 15 9.98 7.46 2.07
CA CYS A 15 10.28 6.38 1.17
C CYS A 15 11.10 5.33 1.90
N HIS A 16 10.52 4.16 2.06
CA HIS A 16 11.15 3.09 2.80
C HIS A 16 12.36 2.52 2.06
N CYS A 17 12.52 2.88 0.79
CA CYS A 17 13.72 2.50 0.06
C CYS A 17 14.93 3.32 0.55
N CYS A 18 14.69 4.59 0.82
CA CYS A 18 15.75 5.47 1.29
C CYS A 18 15.87 5.42 2.82
N SER A 19 14.73 5.11 3.47
CA SER A 19 14.58 5.19 4.92
C SER A 19 14.86 6.63 5.38
N VAL A 20 14.59 7.55 4.48
CA VAL A 20 14.75 8.97 4.75
C VAL A 20 13.48 9.69 4.31
N GLU A 21 13.09 10.72 5.04
CA GLU A 21 11.87 11.44 4.73
C GLU A 21 12.06 12.32 3.51
N ILE A 22 11.00 12.45 2.73
CA ILE A 22 11.09 13.08 1.43
C ILE A 22 9.92 14.06 1.20
N VAL A 23 10.03 14.87 0.16
CA VAL A 23 8.90 15.60 -0.37
C VAL A 23 8.78 15.27 -1.86
N PRO A 24 7.92 14.30 -2.13
CA PRO A 24 7.70 13.70 -3.45
C PRO A 24 7.32 14.66 -4.56
N ARG A 25 7.21 14.06 -5.74
CA ARG A 25 6.89 14.71 -6.97
C ARG A 25 5.52 14.21 -7.39
N LEU A 26 4.65 14.34 -6.40
CA LEU A 26 3.17 14.15 -6.48
C LEU A 26 2.60 13.66 -7.81
N PRO A 27 2.73 14.40 -8.94
CA PRO A 27 2.28 13.93 -10.27
C PRO A 27 2.43 12.42 -10.47
N ASP A 28 3.52 11.87 -9.94
CA ASP A 28 3.79 10.45 -10.06
C ASP A 28 3.74 9.75 -8.71
N TYR A 29 3.94 10.52 -7.65
CA TYR A 29 4.17 9.99 -6.31
C TYR A 29 5.48 9.22 -6.30
N ILE A 30 6.50 9.94 -6.66
CA ILE A 30 7.87 9.43 -6.66
C ILE A 30 8.63 10.03 -5.50
N CYS A 31 9.73 9.41 -5.16
CA CYS A 31 10.59 9.92 -4.13
C CYS A 31 11.67 10.76 -4.80
N PRO A 32 12.10 11.84 -4.16
CA PRO A 32 13.05 12.77 -4.73
C PRO A 32 14.44 12.23 -4.51
N ARG A 33 14.50 11.35 -3.54
CA ARG A 33 15.76 10.75 -3.13
C ARG A 33 16.13 9.49 -3.89
N CYS A 34 15.20 8.98 -4.71
CA CYS A 34 15.51 7.82 -5.56
C CYS A 34 14.51 7.65 -6.71
N GLU A 35 13.41 8.43 -6.71
CA GLU A 35 12.43 8.44 -7.79
C GLU A 35 11.75 7.08 -7.96
N SER A 36 11.65 6.34 -6.87
CA SER A 36 10.81 5.16 -6.85
C SER A 36 9.51 5.55 -6.15
N GLY A 37 8.42 4.89 -6.52
CA GLY A 37 7.12 5.24 -5.95
C GLY A 37 6.85 4.52 -4.65
N PHE A 38 7.90 4.14 -3.95
CA PHE A 38 7.78 3.46 -2.67
C PHE A 38 7.73 4.48 -1.53
N ILE A 39 6.89 5.48 -1.69
CA ILE A 39 6.68 6.49 -0.67
C ILE A 39 5.30 6.36 -0.07
N GLU A 40 5.22 6.50 1.21
CA GLU A 40 3.94 6.53 1.86
C GLU A 40 3.82 7.84 2.64
N GLU A 41 2.67 8.46 2.56
CA GLU A 41 2.41 9.69 3.29
C GLU A 41 2.37 9.41 4.78
N LEU A 42 2.93 10.32 5.57
CA LEU A 42 3.01 10.15 7.00
C LEU A 42 1.74 10.69 7.67
N MET B 1 -18.70 11.28 -25.18
CA MET B 1 -17.63 11.71 -24.25
C MET B 1 -18.02 11.38 -22.82
N ALA B 2 -17.17 10.60 -22.15
CA ALA B 2 -17.44 10.16 -20.80
C ALA B 2 -17.38 11.33 -19.81
N HIS B 3 -18.42 11.46 -19.01
CA HIS B 3 -18.48 12.46 -17.95
C HIS B 3 -19.00 11.82 -16.67
N HIS B 4 -20.28 11.50 -16.66
CA HIS B 4 -20.91 10.84 -15.53
C HIS B 4 -21.81 9.73 -16.04
N HIS B 5 -21.84 8.61 -15.32
CA HIS B 5 -22.61 7.44 -15.73
C HIS B 5 -22.07 6.92 -17.06
N HIS B 6 -20.90 6.29 -16.98
CA HIS B 6 -20.17 5.83 -18.16
C HIS B 6 -21.01 4.90 -19.03
N HIS B 7 -20.79 5.01 -20.34
CA HIS B 7 -21.37 4.09 -21.30
C HIS B 7 -20.26 3.28 -21.97
N HIS B 8 -19.57 2.49 -21.17
CA HIS B 8 -18.47 1.66 -21.67
C HIS B 8 -18.77 0.20 -21.37
N VAL B 9 -18.45 -0.67 -22.32
CA VAL B 9 -18.67 -2.10 -22.12
C VAL B 9 -17.78 -2.64 -21.01
N ASP B 10 -18.08 -3.86 -20.57
CA ASP B 10 -17.40 -4.48 -19.43
C ASP B 10 -17.75 -3.70 -18.16
N ASP B 11 -18.99 -3.85 -17.73
CA ASP B 11 -19.50 -3.15 -16.56
C ASP B 11 -19.12 -3.89 -15.28
N ASP B 12 -19.91 -3.67 -14.24
CA ASP B 12 -19.74 -4.31 -12.93
C ASP B 12 -18.65 -3.63 -12.12
N ASP B 13 -19.01 -3.32 -10.88
CA ASP B 13 -18.19 -2.51 -10.00
C ASP B 13 -17.22 -3.37 -9.18
N LYS B 14 -17.68 -4.55 -8.78
CA LYS B 14 -16.88 -5.46 -7.99
C LYS B 14 -15.70 -6.05 -8.79
N MET B 15 -14.89 -6.83 -8.09
CA MET B 15 -13.72 -7.52 -8.68
C MET B 15 -12.67 -6.53 -9.18
N LEU B 16 -11.66 -6.29 -8.35
CA LEU B 16 -10.52 -5.47 -8.78
C LEU B 16 -9.32 -6.37 -9.01
N GLU B 17 -8.66 -6.18 -10.14
CA GLU B 17 -7.45 -6.92 -10.43
C GLU B 17 -6.30 -6.21 -9.75
N VAL B 18 -5.95 -6.67 -8.58
CA VAL B 18 -4.98 -5.99 -7.82
C VAL B 18 -3.63 -6.36 -8.34
N LEU B 19 -2.85 -5.39 -8.71
CA LEU B 19 -1.49 -5.64 -9.04
C LEU B 19 -0.67 -5.00 -7.94
N VAL B 20 0.45 -5.61 -7.59
CA VAL B 20 1.24 -5.14 -6.45
C VAL B 20 2.73 -5.40 -6.69
N LYS B 21 3.55 -4.37 -6.56
CA LYS B 21 4.97 -4.49 -6.78
C LYS B 21 5.72 -4.32 -5.47
N THR B 22 6.56 -5.27 -5.19
CA THR B 22 7.48 -5.20 -4.07
C THR B 22 8.73 -4.44 -4.49
N LEU B 23 9.70 -4.30 -3.61
CA LEU B 23 10.94 -3.59 -3.94
C LEU B 23 11.70 -4.31 -5.05
N ASP B 24 11.52 -5.62 -5.11
CA ASP B 24 12.15 -6.45 -6.14
C ASP B 24 11.46 -6.25 -7.50
N SER B 25 10.39 -5.44 -7.50
CA SER B 25 9.65 -5.10 -8.72
C SER B 25 8.98 -6.32 -9.36
N GLN B 26 8.86 -7.37 -8.57
CA GLN B 26 8.21 -8.62 -8.99
C GLN B 26 6.88 -8.37 -9.70
N THR B 27 6.02 -7.59 -9.06
CA THR B 27 4.69 -7.32 -9.57
C THR B 27 3.83 -8.59 -9.59
N ARG B 28 3.02 -8.77 -8.56
CA ARG B 28 2.11 -9.91 -8.54
C ARG B 28 0.68 -9.42 -8.40
N THR B 29 -0.27 -10.20 -8.93
CA THR B 29 -1.64 -9.81 -8.92
C THR B 29 -2.42 -10.48 -7.80
N PHE B 30 -3.32 -9.71 -7.19
CA PHE B 30 -4.02 -10.12 -6.00
C PHE B 30 -5.48 -9.77 -6.09
N ILE B 31 -6.14 -10.33 -7.08
CA ILE B 31 -7.50 -9.95 -7.38
C ILE B 31 -8.47 -10.12 -6.25
N VAL B 32 -9.16 -9.05 -6.03
CA VAL B 32 -10.15 -8.94 -4.97
C VAL B 32 -11.51 -8.58 -5.51
N GLY B 33 -12.41 -8.27 -4.60
CA GLY B 33 -13.77 -8.01 -5.00
C GLY B 33 -14.32 -6.67 -4.54
N ALA B 34 -13.43 -5.68 -4.48
CA ALA B 34 -13.81 -4.27 -4.32
C ALA B 34 -14.46 -3.91 -3.00
N GLN B 35 -14.30 -4.77 -2.00
CA GLN B 35 -15.10 -4.68 -0.78
C GLN B 35 -15.11 -6.02 -0.09
N MET B 36 -14.65 -7.00 -0.84
CA MET B 36 -14.45 -8.33 -0.33
C MET B 36 -13.78 -8.34 1.04
N ASN B 37 -12.49 -8.05 1.08
CA ASN B 37 -11.75 -8.03 2.33
C ASN B 37 -10.75 -6.92 2.39
N VAL B 38 -9.56 -7.24 1.90
CA VAL B 38 -8.34 -6.48 2.11
C VAL B 38 -7.56 -7.00 3.31
N LYS B 39 -8.27 -7.53 4.26
CA LYS B 39 -7.68 -8.07 5.44
C LYS B 39 -7.12 -9.43 5.12
N GLU B 40 -8.05 -10.31 4.84
CA GLU B 40 -7.75 -11.63 4.38
C GLU B 40 -7.01 -11.61 3.04
N PHE B 41 -7.24 -10.57 2.25
CA PHE B 41 -6.48 -10.32 1.04
C PHE B 41 -4.99 -10.22 1.39
N LYS B 42 -4.68 -9.36 2.35
CA LYS B 42 -3.31 -9.16 2.76
C LYS B 42 -2.76 -10.41 3.44
N GLU B 43 -3.58 -11.03 4.28
CA GLU B 43 -3.23 -12.26 4.96
C GLU B 43 -2.93 -13.37 3.96
N HIS B 44 -3.65 -13.35 2.83
CA HIS B 44 -3.44 -14.35 1.78
C HIS B 44 -2.12 -14.15 1.07
N ILE B 45 -1.84 -12.90 0.69
CA ILE B 45 -0.65 -12.59 -0.08
C ILE B 45 0.60 -12.63 0.80
N ALA B 46 0.39 -12.71 2.11
CA ALA B 46 1.47 -12.73 3.09
C ALA B 46 2.60 -13.68 2.72
N ALA B 47 2.27 -14.85 2.21
CA ALA B 47 3.28 -15.83 1.86
C ALA B 47 3.96 -15.51 0.54
N SER B 48 3.16 -15.19 -0.47
CA SER B 48 3.67 -14.95 -1.80
C SER B 48 4.66 -13.80 -1.81
N VAL B 49 4.42 -12.82 -0.95
CA VAL B 49 5.31 -11.70 -0.83
C VAL B 49 6.23 -11.86 0.38
N SER B 50 5.95 -12.88 1.20
CA SER B 50 6.78 -13.20 2.36
C SER B 50 6.65 -12.11 3.40
N ILE B 51 5.57 -11.36 3.29
CA ILE B 51 5.28 -10.28 4.20
C ILE B 51 3.92 -10.48 4.86
N PRO B 52 3.89 -10.77 6.17
CA PRO B 52 2.63 -10.95 6.91
C PRO B 52 1.85 -9.65 7.01
N SER B 53 0.53 -9.78 6.93
CA SER B 53 -0.40 -8.66 6.84
C SER B 53 -0.16 -7.61 7.94
N GLU B 54 0.36 -8.04 9.09
CA GLU B 54 0.58 -7.12 10.21
C GLU B 54 1.79 -6.22 9.97
N LYS B 55 2.78 -6.74 9.25
CA LYS B 55 3.97 -5.97 8.90
C LYS B 55 3.78 -5.36 7.52
N GLN B 56 3.00 -6.06 6.72
CA GLN B 56 2.74 -5.74 5.35
C GLN B 56 2.02 -4.40 5.23
N ARG B 57 2.60 -3.47 4.49
CA ARG B 57 1.97 -2.19 4.24
C ARG B 57 1.78 -1.97 2.75
N LEU B 58 0.55 -1.73 2.32
CA LEU B 58 0.25 -1.44 0.92
C LEU B 58 0.30 0.06 0.67
N ILE B 59 1.11 0.52 -0.28
CA ILE B 59 1.09 1.92 -0.67
C ILE B 59 0.70 2.08 -2.12
N TYR B 60 -0.33 2.88 -2.36
CA TYR B 60 -0.75 3.22 -3.71
C TYR B 60 -1.10 4.70 -3.75
N GLN B 61 -0.57 5.41 -4.75
CA GLN B 61 -0.65 6.87 -4.82
C GLN B 61 -0.30 7.51 -3.48
N GLY B 62 0.72 6.97 -2.82
CA GLY B 62 1.19 7.52 -1.57
C GLY B 62 0.24 7.33 -0.41
N ARG B 63 -0.83 6.59 -0.62
CA ARG B 63 -1.80 6.30 0.44
C ARG B 63 -1.51 4.92 1.00
N VAL B 64 -1.46 4.82 2.33
CA VAL B 64 -1.14 3.55 2.98
C VAL B 64 -2.40 2.70 3.09
N LEU B 65 -2.63 1.88 2.09
CA LEU B 65 -3.76 0.95 2.08
C LEU B 65 -3.48 -0.16 3.08
N GLN B 66 -4.52 -0.70 3.70
CA GLN B 66 -4.30 -1.69 4.75
C GLN B 66 -5.54 -2.56 4.97
N ASP B 67 -5.52 -3.34 6.05
CA ASP B 67 -6.61 -4.26 6.41
C ASP B 67 -7.89 -3.50 6.81
N ASP B 68 -7.81 -2.18 6.83
CA ASP B 68 -8.91 -1.30 7.26
C ASP B 68 -10.08 -1.34 6.26
N LYS B 69 -9.88 -2.08 5.19
CA LYS B 69 -10.88 -2.28 4.13
C LYS B 69 -10.97 -1.05 3.26
N LYS B 70 -12.07 -0.93 2.50
CA LYS B 70 -12.29 0.16 1.55
C LYS B 70 -11.47 -0.09 0.29
N LEU B 71 -11.72 -1.25 -0.33
CA LEU B 71 -10.94 -1.72 -1.48
C LEU B 71 -11.04 -0.78 -2.69
N GLN B 72 -12.26 -0.50 -3.14
CA GLN B 72 -12.46 0.31 -4.32
C GLN B 72 -12.16 1.77 -4.04
N GLU B 73 -12.10 2.12 -2.77
CA GLU B 73 -11.69 3.45 -2.35
C GLU B 73 -10.20 3.61 -2.55
N TYR B 74 -9.49 2.51 -2.46
CA TYR B 74 -8.07 2.50 -2.77
C TYR B 74 -7.91 2.54 -4.28
N ASN B 75 -8.97 2.06 -4.93
CA ASN B 75 -9.12 2.14 -6.39
C ASN B 75 -7.99 1.39 -7.08
N VAL B 76 -7.45 0.40 -6.38
CA VAL B 76 -6.29 -0.34 -6.90
C VAL B 76 -6.71 -1.44 -7.86
N GLY B 77 -7.90 -1.32 -8.42
CA GLY B 77 -8.36 -2.26 -9.39
C GLY B 77 -7.75 -2.06 -10.73
N GLY B 78 -6.76 -2.86 -10.93
CA GLY B 78 -6.06 -2.90 -12.20
C GLY B 78 -4.76 -2.11 -12.24
N LYS B 79 -4.27 -1.71 -11.08
CA LYS B 79 -3.01 -0.96 -10.98
C LYS B 79 -2.07 -1.62 -9.97
N VAL B 80 -0.75 -1.55 -10.19
CA VAL B 80 0.19 -2.17 -9.23
C VAL B 80 0.41 -1.28 -8.02
N ILE B 81 0.19 -1.87 -6.85
CA ILE B 81 0.47 -1.23 -5.59
C ILE B 81 1.96 -1.37 -5.29
N HIS B 82 2.46 -0.69 -4.28
CA HIS B 82 3.83 -0.86 -3.86
C HIS B 82 3.88 -1.40 -2.43
N LEU B 83 4.52 -2.53 -2.26
CA LEU B 83 4.62 -3.16 -0.94
C LEU B 83 5.79 -2.63 -0.11
N VAL B 84 5.66 -2.78 1.21
CA VAL B 84 6.68 -2.35 2.15
C VAL B 84 7.17 -3.53 2.99
N GLU B 85 8.34 -3.36 3.58
CA GLU B 85 8.88 -4.31 4.52
C GLU B 85 9.44 -3.56 5.72
N ARG B 86 9.03 -3.92 6.91
CA ARG B 86 9.47 -3.23 8.10
C ARG B 86 10.80 -3.80 8.56
N ALA B 87 11.48 -3.04 9.39
CA ALA B 87 12.79 -3.40 9.87
C ALA B 87 12.69 -4.25 11.14
N PRO B 88 13.57 -5.26 11.27
CA PRO B 88 13.59 -6.17 12.42
C PRO B 88 13.99 -5.46 13.72
N PRO B 89 13.46 -5.94 14.86
CA PRO B 89 13.59 -5.26 16.17
C PRO B 89 15.04 -5.03 16.61
N GLN B 90 15.96 -5.78 16.01
CA GLN B 90 17.37 -5.62 16.28
C GLN B 90 17.83 -4.19 16.01
N THR B 91 17.26 -3.57 14.99
CA THR B 91 17.56 -2.18 14.67
C THR B 91 16.35 -1.31 15.02
N HIS B 92 16.61 -0.18 15.65
CA HIS B 92 15.53 0.67 16.15
C HIS B 92 16.01 2.11 16.28
N LEU B 93 16.10 2.78 15.14
CA LEU B 93 16.49 4.19 15.09
C LEU B 93 17.87 4.41 15.69
N PRO B 94 18.94 4.12 14.92
CA PRO B 94 20.32 4.28 15.39
C PRO B 94 20.62 5.74 15.72
N SER B 95 20.09 6.66 14.92
CA SER B 95 20.27 8.09 15.14
C SER B 95 21.76 8.44 15.16
N GLY B 96 22.46 8.01 14.11
CA GLY B 96 23.87 8.32 14.00
C GLY B 96 24.10 9.51 13.09
N ALA B 97 23.84 9.30 11.81
CA ALA B 97 23.93 10.38 10.83
C ALA B 97 22.53 10.76 10.38
N SER B 98 21.86 11.59 11.19
CA SER B 98 20.49 12.04 10.93
C SER B 98 19.50 10.90 11.15
N SER B 99 19.55 9.88 10.30
CA SER B 99 18.62 8.75 10.38
C SER B 99 17.17 9.24 10.22
N GLY B 100 16.96 10.12 9.26
CA GLY B 100 15.64 10.68 9.04
C GLY B 100 15.57 11.47 7.76
N GLY A 1 12.52 16.02 8.32
CA GLY A 1 13.87 16.63 8.28
C GLY A 1 14.46 16.81 9.66
N SER A 2 15.79 16.83 9.74
CA SER A 2 16.48 16.96 11.02
C SER A 2 16.10 18.27 11.69
N MET A 3 16.35 19.38 11.01
CA MET A 3 15.95 20.69 11.49
C MET A 3 15.35 21.50 10.35
N ALA A 4 14.14 21.97 10.54
CA ALA A 4 13.44 22.74 9.52
C ALA A 4 12.24 23.43 10.11
N GLU A 5 12.03 24.68 9.71
CA GLU A 5 10.88 25.44 10.16
C GLU A 5 9.71 25.21 9.21
N ALA A 6 8.50 25.26 9.75
CA ALA A 6 7.28 25.02 8.98
C ALA A 6 7.30 23.62 8.39
N SER A 7 7.03 22.62 9.24
CA SER A 7 7.07 21.23 8.83
C SER A 7 6.09 20.95 7.69
N PRO A 8 6.52 20.17 6.68
CA PRO A 8 5.67 19.82 5.54
C PRO A 8 4.53 18.88 5.92
N HIS A 9 3.36 19.46 6.22
CA HIS A 9 2.18 18.69 6.62
C HIS A 9 1.75 17.73 5.52
N PRO A 10 1.49 18.22 4.28
CA PRO A 10 1.18 17.34 3.14
C PRO A 10 2.42 16.80 2.47
N GLY A 11 3.52 16.77 3.20
CA GLY A 11 4.80 16.34 2.64
C GLY A 11 5.43 15.21 3.43
N ARG A 12 4.73 14.77 4.44
CA ARG A 12 5.19 13.72 5.35
C ARG A 12 5.07 12.35 4.68
N TYR A 13 6.04 12.04 3.84
CA TYR A 13 6.11 10.73 3.20
C TYR A 13 7.36 10.00 3.60
N PHE A 14 7.34 8.73 3.34
CA PHE A 14 8.48 7.90 3.64
C PHE A 14 8.67 6.88 2.53
N CYS A 15 9.83 6.92 1.91
CA CYS A 15 10.16 5.95 0.89
C CYS A 15 11.03 4.86 1.49
N HIS A 16 10.57 3.63 1.42
CA HIS A 16 11.22 2.54 2.12
C HIS A 16 12.49 2.05 1.43
N CYS A 17 12.65 2.28 0.13
CA CYS A 17 13.87 1.85 -0.55
C CYS A 17 15.04 2.70 -0.12
N CYS A 18 14.78 3.99 0.06
CA CYS A 18 15.75 4.90 0.68
C CYS A 18 15.80 4.66 2.18
N SER A 19 14.64 4.32 2.73
CA SER A 19 14.42 4.20 4.18
C SER A 19 14.75 5.52 4.87
N VAL A 20 14.51 6.61 4.16
CA VAL A 20 14.64 7.95 4.69
C VAL A 20 13.39 8.73 4.33
N GLU A 21 12.94 9.60 5.23
CA GLU A 21 11.69 10.32 5.01
C GLU A 21 11.87 11.41 3.97
N ILE A 22 10.84 11.61 3.17
CA ILE A 22 10.92 12.44 1.98
C ILE A 22 9.75 13.42 1.92
N VAL A 23 9.85 14.38 1.01
CA VAL A 23 8.71 15.15 0.57
C VAL A 23 8.62 15.02 -0.95
N PRO A 24 7.75 14.11 -1.36
CA PRO A 24 7.63 13.64 -2.75
C PRO A 24 7.34 14.69 -3.80
N ARG A 25 7.34 14.19 -5.03
CA ARG A 25 7.03 14.94 -6.22
C ARG A 25 5.67 14.48 -6.70
N LEU A 26 4.80 14.45 -5.69
CA LEU A 26 3.36 14.17 -5.73
C LEU A 26 2.74 13.87 -7.12
N PRO A 27 2.78 14.79 -8.12
CA PRO A 27 2.28 14.54 -9.47
C PRO A 27 2.43 13.08 -9.92
N ASP A 28 3.54 12.46 -9.54
CA ASP A 28 3.83 11.08 -9.90
C ASP A 28 3.85 10.18 -8.68
N TYR A 29 4.00 10.82 -7.54
CA TYR A 29 4.21 10.14 -6.26
C TYR A 29 5.56 9.46 -6.26
N ILE A 30 6.53 10.21 -6.71
CA ILE A 30 7.93 9.81 -6.69
C ILE A 30 8.59 10.34 -5.43
N CYS A 31 9.71 9.75 -5.10
CA CYS A 31 10.50 10.16 -3.97
C CYS A 31 11.58 11.09 -4.49
N PRO A 32 11.98 12.09 -3.72
CA PRO A 32 12.92 13.11 -4.16
C PRO A 32 14.30 12.55 -4.04
N ARG A 33 14.36 11.54 -3.22
CA ARG A 33 15.62 10.88 -2.93
C ARG A 33 16.04 9.88 -3.99
N CYS A 34 15.08 9.20 -4.62
CA CYS A 34 15.42 8.19 -5.63
C CYS A 34 14.50 8.26 -6.85
N GLU A 35 13.44 9.06 -6.76
CA GLU A 35 12.46 9.19 -7.84
C GLU A 35 11.79 7.86 -8.13
N SER A 36 11.57 7.07 -7.09
CA SER A 36 10.78 5.87 -7.18
C SER A 36 9.49 6.04 -6.37
N GLY A 37 8.42 5.44 -6.84
CA GLY A 37 7.14 5.59 -6.17
C GLY A 37 6.96 4.62 -5.02
N PHE A 38 7.99 4.49 -4.20
CA PHE A 38 7.95 3.62 -3.04
C PHE A 38 7.73 4.43 -1.78
N ILE A 39 6.81 5.37 -1.85
CA ILE A 39 6.54 6.28 -0.75
C ILE A 39 5.14 6.09 -0.18
N GLU A 40 5.04 6.14 1.13
CA GLU A 40 3.75 6.21 1.80
C GLU A 40 3.72 7.43 2.68
N GLU A 41 2.54 8.03 2.79
CA GLU A 41 2.36 9.16 3.69
C GLU A 41 2.26 8.65 5.11
N LEU A 42 3.02 9.26 6.02
CA LEU A 42 3.03 8.80 7.40
C LEU A 42 1.83 9.35 8.15
N MET B 1 -11.56 -31.84 -7.05
CA MET B 1 -12.57 -31.36 -6.07
C MET B 1 -12.60 -29.83 -6.02
N ALA B 2 -12.47 -29.20 -7.17
CA ALA B 2 -12.43 -27.75 -7.25
C ALA B 2 -13.80 -27.14 -6.95
N HIS B 3 -13.92 -26.54 -5.78
CA HIS B 3 -15.18 -25.92 -5.37
C HIS B 3 -14.99 -24.43 -5.11
N HIS B 4 -14.10 -23.81 -5.87
CA HIS B 4 -13.88 -22.38 -5.76
C HIS B 4 -14.74 -21.65 -6.79
N HIS B 5 -14.27 -21.63 -8.03
CA HIS B 5 -14.98 -20.97 -9.13
C HIS B 5 -15.40 -19.55 -8.74
N HIS B 6 -16.72 -19.35 -8.58
CA HIS B 6 -17.28 -18.06 -8.20
C HIS B 6 -16.75 -16.94 -9.11
N HIS B 7 -16.89 -17.14 -10.41
CA HIS B 7 -16.51 -16.13 -11.38
C HIS B 7 -17.73 -15.68 -12.16
N HIS B 8 -17.79 -14.40 -12.48
CA HIS B 8 -18.93 -13.85 -13.19
C HIS B 8 -18.52 -12.59 -13.95
N VAL B 9 -18.75 -12.57 -15.25
CA VAL B 9 -18.52 -11.37 -16.04
C VAL B 9 -19.80 -10.94 -16.73
N ASP B 10 -20.13 -9.67 -16.56
CA ASP B 10 -21.43 -9.11 -16.97
C ASP B 10 -21.67 -7.81 -16.21
N ASP B 11 -20.75 -6.88 -16.36
CA ASP B 11 -20.85 -5.56 -15.71
C ASP B 11 -20.92 -5.70 -14.19
N ASP B 12 -19.77 -5.89 -13.57
CA ASP B 12 -19.70 -5.96 -12.12
C ASP B 12 -18.62 -5.03 -11.61
N ASP B 13 -19.00 -4.13 -10.71
CA ASP B 13 -18.10 -3.12 -10.19
C ASP B 13 -17.01 -3.74 -9.32
N LYS B 14 -17.38 -4.78 -8.57
CA LYS B 14 -16.45 -5.48 -7.73
C LYS B 14 -15.42 -6.29 -8.52
N MET B 15 -14.59 -7.04 -7.80
CA MET B 15 -13.54 -7.86 -8.38
C MET B 15 -12.46 -6.99 -9.01
N LEU B 16 -11.53 -6.51 -8.19
CA LEU B 16 -10.44 -5.70 -8.67
C LEU B 16 -9.21 -6.55 -8.85
N GLU B 17 -8.57 -6.41 -9.99
CA GLU B 17 -7.37 -7.16 -10.27
C GLU B 17 -6.22 -6.47 -9.61
N VAL B 18 -5.91 -6.90 -8.43
CA VAL B 18 -4.94 -6.22 -7.63
C VAL B 18 -3.57 -6.55 -8.14
N LEU B 19 -2.96 -5.64 -8.83
CA LEU B 19 -1.60 -5.86 -9.22
C LEU B 19 -0.74 -5.24 -8.14
N VAL B 20 0.37 -5.86 -7.81
CA VAL B 20 1.22 -5.41 -6.70
C VAL B 20 2.68 -5.71 -6.99
N LYS B 21 3.54 -4.71 -6.87
CA LYS B 21 4.95 -4.89 -7.10
C LYS B 21 5.72 -4.70 -5.81
N THR B 22 6.91 -5.23 -5.79
CA THR B 22 7.83 -5.00 -4.70
C THR B 22 8.95 -4.05 -5.18
N LEU B 23 10.04 -3.95 -4.41
CA LEU B 23 11.16 -3.04 -4.73
C LEU B 23 11.57 -3.06 -6.19
N ASP B 24 11.52 -4.23 -6.77
CA ASP B 24 11.99 -4.46 -8.13
C ASP B 24 11.82 -5.93 -8.46
N SER B 25 11.94 -6.75 -7.41
CA SER B 25 11.82 -8.19 -7.52
C SER B 25 10.65 -8.63 -8.40
N GLN B 26 9.44 -8.53 -7.90
CA GLN B 26 8.29 -9.05 -8.60
C GLN B 26 7.15 -8.05 -8.76
N THR B 27 6.18 -8.51 -9.53
CA THR B 27 4.92 -7.82 -9.78
C THR B 27 3.83 -8.90 -9.84
N ARG B 28 3.03 -9.05 -8.80
CA ARG B 28 2.03 -10.10 -8.82
C ARG B 28 0.62 -9.58 -8.60
N THR B 29 -0.34 -10.39 -8.98
CA THR B 29 -1.72 -10.05 -8.90
C THR B 29 -2.42 -10.72 -7.72
N PHE B 30 -3.34 -9.99 -7.12
CA PHE B 30 -4.02 -10.40 -5.92
C PHE B 30 -5.49 -10.09 -6.00
N ILE B 31 -6.11 -10.65 -7.00
CA ILE B 31 -7.49 -10.36 -7.29
C ILE B 31 -8.42 -10.64 -6.16
N VAL B 32 -9.10 -9.58 -5.85
CA VAL B 32 -10.10 -9.57 -4.79
C VAL B 32 -11.35 -8.85 -5.23
N GLY B 33 -12.18 -8.54 -4.26
CA GLY B 33 -13.36 -7.75 -4.54
C GLY B 33 -13.06 -6.26 -4.44
N ALA B 34 -14.10 -5.46 -4.30
CA ALA B 34 -13.93 -4.01 -4.24
C ALA B 34 -14.01 -3.51 -2.81
N GLN B 35 -14.46 -4.37 -1.94
CA GLN B 35 -14.75 -4.02 -0.57
C GLN B 35 -14.93 -5.30 0.18
N MET B 36 -14.25 -6.29 -0.38
CA MET B 36 -14.30 -7.63 0.07
C MET B 36 -13.57 -7.80 1.40
N ASN B 37 -12.24 -7.75 1.35
CA ASN B 37 -11.44 -7.85 2.55
C ASN B 37 -10.40 -6.77 2.62
N VAL B 38 -9.19 -7.12 2.22
CA VAL B 38 -7.97 -6.35 2.44
C VAL B 38 -7.35 -6.67 3.78
N LYS B 39 -8.12 -7.28 4.63
CA LYS B 39 -7.64 -7.81 5.86
C LYS B 39 -7.15 -9.24 5.63
N GLU B 40 -8.12 -10.09 5.40
CA GLU B 40 -7.90 -11.46 5.04
C GLU B 40 -7.15 -11.56 3.70
N PHE B 41 -7.39 -10.56 2.87
CA PHE B 41 -6.72 -10.40 1.60
C PHE B 41 -5.22 -10.22 1.80
N LYS B 42 -4.83 -9.25 2.62
CA LYS B 42 -3.42 -9.00 2.84
C LYS B 42 -2.79 -10.14 3.61
N GLU B 43 -3.59 -10.75 4.49
CA GLU B 43 -3.18 -11.91 5.26
C GLU B 43 -2.76 -13.04 4.32
N HIS B 44 -3.53 -13.23 3.27
CA HIS B 44 -3.29 -14.30 2.31
C HIS B 44 -2.03 -14.09 1.49
N ILE B 45 -1.82 -12.86 1.03
CA ILE B 45 -0.73 -12.58 0.12
C ILE B 45 0.61 -12.49 0.83
N ALA B 46 0.57 -12.44 2.17
CA ALA B 46 1.76 -12.32 3.01
C ALA B 46 2.94 -13.14 2.52
N ALA B 47 2.79 -14.45 2.46
CA ALA B 47 3.92 -15.32 2.12
C ALA B 47 4.40 -15.13 0.69
N SER B 48 3.45 -14.96 -0.22
CA SER B 48 3.76 -14.83 -1.62
C SER B 48 4.66 -13.61 -1.88
N VAL B 49 4.47 -12.58 -1.06
CA VAL B 49 5.26 -11.36 -1.18
C VAL B 49 6.32 -11.29 -0.09
N SER B 50 6.32 -12.28 0.83
CA SER B 50 7.30 -12.34 1.91
C SER B 50 7.04 -11.21 2.90
N ILE B 51 5.82 -10.69 2.84
CA ILE B 51 5.42 -9.61 3.72
C ILE B 51 4.20 -9.98 4.54
N PRO B 52 4.36 -10.16 5.85
CA PRO B 52 3.25 -10.51 6.73
C PRO B 52 2.32 -9.35 6.94
N SER B 53 1.03 -9.65 7.07
CA SER B 53 -0.02 -8.67 7.19
C SER B 53 0.24 -7.68 8.32
N GLU B 54 1.03 -8.10 9.32
CA GLU B 54 1.32 -7.23 10.47
C GLU B 54 2.30 -6.12 10.10
N LYS B 55 3.12 -6.36 9.08
CA LYS B 55 4.07 -5.35 8.61
C LYS B 55 3.61 -4.80 7.26
N GLN B 56 2.87 -5.63 6.55
CA GLN B 56 2.45 -5.35 5.20
C GLN B 56 1.66 -4.05 5.09
N ARG B 57 2.20 -3.11 4.33
CA ARG B 57 1.49 -1.89 4.01
C ARG B 57 1.38 -1.76 2.50
N LEU B 58 0.15 -1.74 2.00
CA LEU B 58 -0.08 -1.62 0.59
C LEU B 58 -0.08 -0.15 0.20
N ILE B 59 0.85 0.26 -0.64
CA ILE B 59 0.91 1.65 -1.04
C ILE B 59 0.62 1.84 -2.52
N TYR B 60 -0.44 2.57 -2.80
CA TYR B 60 -0.73 3.00 -4.15
C TYR B 60 -1.06 4.48 -4.14
N GLN B 61 -0.39 5.23 -5.00
CA GLN B 61 -0.53 6.69 -5.04
C GLN B 61 -0.17 7.30 -3.68
N GLY B 62 0.87 6.75 -3.05
CA GLY B 62 1.34 7.26 -1.77
C GLY B 62 0.32 7.10 -0.65
N ARG B 63 -0.80 6.45 -0.96
CA ARG B 63 -1.84 6.21 0.01
C ARG B 63 -1.57 4.90 0.72
N VAL B 64 -1.68 4.91 2.04
CA VAL B 64 -1.41 3.71 2.81
C VAL B 64 -2.66 2.84 2.86
N LEU B 65 -2.79 1.96 1.89
CA LEU B 65 -3.91 1.03 1.84
C LEU B 65 -3.67 -0.05 2.88
N GLN B 66 -4.66 -0.33 3.70
CA GLN B 66 -4.45 -1.20 4.84
C GLN B 66 -5.66 -2.09 5.10
N ASP B 67 -5.62 -2.82 6.22
CA ASP B 67 -6.69 -3.74 6.61
C ASP B 67 -8.02 -3.02 6.89
N ASP B 68 -7.99 -1.69 6.81
CA ASP B 68 -9.16 -0.85 7.07
C ASP B 68 -10.26 -1.02 6.02
N LYS B 69 -9.96 -1.81 4.98
CA LYS B 69 -10.90 -2.08 3.87
C LYS B 69 -11.01 -0.87 2.95
N LYS B 70 -12.11 -0.79 2.20
CA LYS B 70 -12.35 0.29 1.24
C LYS B 70 -11.43 0.15 0.02
N LEU B 71 -11.47 -1.02 -0.60
CA LEU B 71 -10.59 -1.33 -1.73
C LEU B 71 -10.83 -0.42 -2.93
N GLN B 72 -12.10 -0.20 -3.26
CA GLN B 72 -12.46 0.65 -4.37
C GLN B 72 -12.16 2.11 -4.07
N GLU B 73 -12.05 2.43 -2.79
CA GLU B 73 -11.64 3.76 -2.39
C GLU B 73 -10.18 3.97 -2.72
N TYR B 74 -9.42 2.87 -2.73
CA TYR B 74 -8.03 2.91 -3.13
C TYR B 74 -7.94 2.84 -4.65
N ASN B 75 -8.99 2.26 -5.22
CA ASN B 75 -9.17 2.15 -6.68
C ASN B 75 -7.99 1.43 -7.32
N VAL B 76 -7.49 0.41 -6.62
CA VAL B 76 -6.33 -0.34 -7.11
C VAL B 76 -6.71 -1.49 -8.04
N GLY B 77 -7.91 -1.41 -8.62
CA GLY B 77 -8.35 -2.44 -9.52
C GLY B 77 -7.73 -2.30 -10.87
N GLY B 78 -6.76 -3.12 -11.03
CA GLY B 78 -6.05 -3.24 -12.29
C GLY B 78 -4.77 -2.43 -12.35
N LYS B 79 -4.30 -1.96 -11.21
CA LYS B 79 -3.05 -1.19 -11.12
C LYS B 79 -2.11 -1.86 -10.14
N VAL B 80 -0.78 -1.78 -10.36
CA VAL B 80 0.16 -2.40 -9.43
C VAL B 80 0.41 -1.51 -8.21
N ILE B 81 0.25 -2.12 -7.05
CA ILE B 81 0.55 -1.48 -5.79
C ILE B 81 2.01 -1.69 -5.46
N HIS B 82 2.52 -0.99 -4.46
CA HIS B 82 3.89 -1.19 -4.04
C HIS B 82 3.92 -1.69 -2.60
N LEU B 83 4.38 -2.91 -2.41
CA LEU B 83 4.46 -3.49 -1.07
C LEU B 83 5.80 -3.22 -0.39
N VAL B 84 5.78 -3.29 0.93
CA VAL B 84 6.95 -2.97 1.74
C VAL B 84 6.91 -3.67 3.08
N GLU B 85 8.09 -3.87 3.63
CA GLU B 85 8.24 -4.33 4.99
C GLU B 85 8.85 -3.23 5.82
N ARG B 86 8.14 -2.80 6.85
CA ARG B 86 8.60 -1.71 7.68
C ARG B 86 9.11 -2.24 9.01
N ALA B 87 9.61 -1.35 9.84
CA ALA B 87 10.10 -1.70 11.16
C ALA B 87 9.01 -2.40 11.98
N PRO B 88 9.40 -3.33 12.87
CA PRO B 88 8.47 -4.05 13.75
C PRO B 88 7.67 -3.10 14.65
N PRO B 89 6.61 -3.60 15.30
CA PRO B 89 5.76 -2.80 16.19
C PRO B 89 6.46 -2.50 17.51
N GLN B 90 7.56 -1.77 17.43
CA GLN B 90 8.35 -1.40 18.59
C GLN B 90 7.98 0.00 19.06
N THR B 91 6.78 0.44 18.67
CA THR B 91 6.29 1.76 19.02
C THR B 91 5.87 1.80 20.49
N HIS B 92 6.19 2.90 21.15
CA HIS B 92 5.87 3.07 22.57
C HIS B 92 4.44 3.55 22.72
N LEU B 93 3.93 4.15 21.66
CA LEU B 93 2.57 4.64 21.63
C LEU B 93 1.84 4.03 20.44
N PRO B 94 0.80 3.22 20.71
CA PRO B 94 -0.01 2.61 19.66
C PRO B 94 -0.70 3.66 18.79
N SER B 95 -1.08 3.26 17.58
CA SER B 95 -1.69 4.17 16.61
C SER B 95 -0.71 5.28 16.26
N GLY B 96 0.45 4.89 15.74
CA GLY B 96 1.47 5.85 15.37
C GLY B 96 1.15 6.52 14.05
N ALA B 97 0.06 7.26 14.02
CA ALA B 97 -0.38 7.96 12.81
C ALA B 97 -1.34 9.08 13.16
N SER B 98 -1.79 9.79 12.16
CA SER B 98 -2.74 10.87 12.32
C SER B 98 -3.87 10.74 11.31
N SER B 99 -4.65 9.67 11.45
CA SER B 99 -5.75 9.41 10.53
C SER B 99 -6.90 10.37 10.80
N GLY B 100 -7.43 10.98 9.74
CA GLY B 100 -8.52 11.91 9.86
C GLY B 100 -9.03 12.36 8.52
N GLY A 1 16.19 12.12 14.68
CA GLY A 1 14.91 12.84 14.55
C GLY A 1 14.94 14.20 15.21
N SER A 2 15.65 15.14 14.60
CA SER A 2 15.73 16.49 15.13
C SER A 2 14.42 17.23 14.94
N MET A 3 13.74 16.90 13.85
CA MET A 3 12.44 17.49 13.54
C MET A 3 11.35 16.43 13.67
N ALA A 4 11.00 16.10 14.91
CA ALA A 4 9.97 15.12 15.16
C ALA A 4 8.59 15.77 15.13
N GLU A 5 8.07 15.93 13.93
CA GLU A 5 6.78 16.58 13.74
C GLU A 5 5.89 15.77 12.80
N ALA A 6 4.62 16.11 12.75
CA ALA A 6 3.65 15.36 11.97
C ALA A 6 2.78 16.26 11.11
N SER A 7 3.19 16.46 9.87
CA SER A 7 2.44 17.28 8.94
C SER A 7 2.72 16.81 7.51
N PRO A 8 1.82 15.98 6.94
CA PRO A 8 1.99 15.45 5.59
C PRO A 8 1.62 16.43 4.48
N HIS A 9 0.87 17.47 4.83
CA HIS A 9 0.38 18.42 3.82
C HIS A 9 1.51 19.12 3.06
N PRO A 10 2.56 19.64 3.73
CA PRO A 10 3.65 20.29 3.06
C PRO A 10 4.71 19.30 2.61
N GLY A 11 4.30 18.06 2.49
CA GLY A 11 5.18 17.01 2.06
C GLY A 11 5.88 16.34 3.21
N ARG A 12 5.48 15.13 3.46
CA ARG A 12 6.07 14.33 4.52
C ARG A 12 5.89 12.87 4.18
N TYR A 13 6.76 12.39 3.30
CA TYR A 13 6.73 11.02 2.88
C TYR A 13 7.99 10.34 3.31
N PHE A 14 7.99 9.05 3.22
CA PHE A 14 9.15 8.27 3.55
C PHE A 14 9.29 7.14 2.55
N CYS A 15 10.35 7.18 1.78
CA CYS A 15 10.62 6.13 0.85
C CYS A 15 11.55 5.11 1.48
N HIS A 16 11.05 3.91 1.61
CA HIS A 16 11.75 2.86 2.36
C HIS A 16 12.91 2.26 1.58
N CYS A 17 12.92 2.41 0.26
CA CYS A 17 14.06 1.92 -0.52
C CYS A 17 15.26 2.83 -0.30
N CYS A 18 14.99 4.12 -0.07
CA CYS A 18 16.03 5.07 0.34
C CYS A 18 16.26 4.98 1.85
N SER A 19 15.17 4.66 2.56
CA SER A 19 15.12 4.68 4.02
C SER A 19 15.43 6.09 4.54
N VAL A 20 15.12 7.09 3.71
CA VAL A 20 15.29 8.48 4.08
C VAL A 20 14.02 9.22 3.71
N GLU A 21 13.64 10.20 4.51
CA GLU A 21 12.40 10.93 4.33
C GLU A 21 12.47 11.83 3.11
N ILE A 22 11.33 11.99 2.44
CA ILE A 22 11.28 12.69 1.17
C ILE A 22 10.05 13.60 1.07
N VAL A 23 10.07 14.48 0.08
CA VAL A 23 8.87 15.16 -0.38
C VAL A 23 8.70 14.89 -1.86
N PRO A 24 7.85 13.91 -2.15
CA PRO A 24 7.66 13.34 -3.46
C PRO A 24 7.26 14.29 -4.57
N ARG A 25 7.22 13.72 -5.76
CA ARG A 25 6.79 14.35 -6.97
C ARG A 25 5.43 13.77 -7.34
N LEU A 26 4.63 13.74 -6.29
CA LEU A 26 3.20 13.41 -6.25
C LEU A 26 2.46 13.19 -7.57
N PRO A 27 2.49 14.12 -8.55
CA PRO A 27 1.95 13.87 -9.88
C PRO A 27 2.13 12.43 -10.35
N ASP A 28 3.26 11.83 -9.99
CA ASP A 28 3.57 10.45 -10.31
C ASP A 28 3.71 9.61 -9.05
N TYR A 29 3.91 10.31 -7.94
CA TYR A 29 4.15 9.73 -6.61
C TYR A 29 5.51 9.08 -6.59
N ILE A 30 6.47 9.86 -7.00
CA ILE A 30 7.84 9.41 -7.07
C ILE A 30 8.62 10.03 -5.94
N CYS A 31 9.73 9.42 -5.62
CA CYS A 31 10.59 9.90 -4.55
C CYS A 31 11.67 10.76 -5.17
N PRO A 32 12.08 11.81 -4.48
CA PRO A 32 13.00 12.79 -5.01
C PRO A 32 14.40 12.25 -4.89
N ARG A 33 14.48 11.24 -4.03
CA ARG A 33 15.75 10.60 -3.75
C ARG A 33 16.06 9.40 -4.63
N CYS A 34 15.08 8.87 -5.36
CA CYS A 34 15.34 7.76 -6.28
C CYS A 34 14.36 7.72 -7.45
N GLU A 35 13.31 8.54 -7.39
CA GLU A 35 12.27 8.55 -8.43
C GLU A 35 11.58 7.20 -8.55
N SER A 36 11.54 6.48 -7.43
CA SER A 36 10.77 5.26 -7.35
C SER A 36 9.55 5.49 -6.45
N GLY A 37 8.45 4.83 -6.74
CA GLY A 37 7.21 5.08 -6.03
C GLY A 37 7.09 4.28 -4.73
N PHE A 38 8.22 3.95 -4.12
CA PHE A 38 8.23 3.24 -2.84
C PHE A 38 8.10 4.23 -1.69
N ILE A 39 7.16 5.15 -1.79
CA ILE A 39 6.95 6.18 -0.79
C ILE A 39 5.59 6.03 -0.12
N GLU A 40 5.55 6.22 1.17
CA GLU A 40 4.30 6.31 1.89
C GLU A 40 4.23 7.63 2.63
N GLU A 41 3.03 8.15 2.76
CA GLU A 41 2.81 9.41 3.46
C GLU A 41 2.80 9.16 4.96
N LEU A 42 3.52 10.00 5.69
CA LEU A 42 3.69 9.82 7.12
C LEU A 42 2.49 10.37 7.88
N MET B 1 9.61 -23.23 -11.71
CA MET B 1 10.63 -23.59 -10.71
C MET B 1 9.96 -24.11 -9.44
N ALA B 2 10.37 -25.33 -9.03
CA ALA B 2 9.84 -25.98 -7.82
C ALA B 2 8.38 -26.37 -8.00
N HIS B 3 7.48 -25.40 -7.97
CA HIS B 3 6.05 -25.66 -8.15
C HIS B 3 5.29 -24.36 -8.38
N HIS B 4 5.21 -23.54 -7.34
CA HIS B 4 4.43 -22.30 -7.36
C HIS B 4 2.94 -22.56 -7.50
N HIS B 5 2.15 -21.76 -6.79
CA HIS B 5 0.70 -21.85 -6.88
C HIS B 5 0.21 -20.94 -8.01
N HIS B 6 -0.08 -21.54 -9.15
CA HIS B 6 -0.53 -20.78 -10.30
C HIS B 6 -1.94 -20.28 -10.10
N HIS B 7 -2.14 -18.99 -10.33
CA HIS B 7 -3.46 -18.38 -10.24
C HIS B 7 -4.28 -18.74 -11.46
N HIS B 8 -4.92 -19.90 -11.41
CA HIS B 8 -5.73 -20.38 -12.53
C HIS B 8 -7.04 -19.63 -12.62
N VAL B 9 -7.30 -19.03 -13.77
CA VAL B 9 -8.55 -18.35 -14.01
C VAL B 9 -9.68 -19.35 -14.23
N ASP B 10 -10.84 -18.96 -13.77
CA ASP B 10 -12.02 -19.80 -13.79
C ASP B 10 -13.19 -19.06 -13.13
N ASP B 11 -13.92 -18.32 -13.95
CA ASP B 11 -15.06 -17.52 -13.50
C ASP B 11 -14.58 -16.34 -12.67
N ASP B 12 -14.58 -15.17 -13.26
CA ASP B 12 -14.06 -13.99 -12.58
C ASP B 12 -15.19 -13.21 -11.92
N ASP B 13 -15.62 -13.71 -10.76
CA ASP B 13 -16.56 -13.00 -9.93
C ASP B 13 -15.87 -11.77 -9.35
N LYS B 14 -14.55 -11.86 -9.26
CA LYS B 14 -13.70 -10.76 -8.83
C LYS B 14 -13.90 -9.53 -9.72
N MET B 15 -13.55 -8.38 -9.16
CA MET B 15 -13.79 -7.10 -9.82
C MET B 15 -12.48 -6.43 -10.23
N LEU B 16 -11.54 -6.30 -9.29
CA LEU B 16 -10.34 -5.51 -9.57
C LEU B 16 -9.15 -6.40 -9.81
N GLU B 17 -8.38 -6.06 -10.83
CA GLU B 17 -7.12 -6.72 -11.07
C GLU B 17 -6.06 -5.97 -10.30
N VAL B 18 -5.79 -6.44 -9.11
CA VAL B 18 -4.92 -5.74 -8.22
C VAL B 18 -3.50 -6.02 -8.63
N LEU B 19 -2.72 -4.99 -8.81
CA LEU B 19 -1.34 -5.18 -9.08
C LEU B 19 -0.56 -4.61 -7.89
N VAL B 20 0.60 -5.16 -7.62
CA VAL B 20 1.47 -4.65 -6.56
C VAL B 20 2.91 -4.59 -7.07
N LYS B 21 3.69 -3.66 -6.54
CA LYS B 21 5.10 -3.59 -6.85
C LYS B 21 5.92 -3.59 -5.58
N THR B 22 6.40 -4.77 -5.21
CA THR B 22 7.35 -4.89 -4.13
C THR B 22 8.76 -4.83 -4.70
N LEU B 23 9.76 -4.67 -3.86
CA LEU B 23 11.13 -4.47 -4.33
C LEU B 23 11.65 -5.72 -5.07
N ASP B 24 11.47 -6.87 -4.45
CA ASP B 24 11.94 -8.13 -5.02
C ASP B 24 10.86 -8.75 -5.89
N SER B 25 9.65 -8.22 -5.77
CA SER B 25 8.50 -8.78 -6.47
C SER B 25 8.31 -8.11 -7.84
N GLN B 26 8.82 -6.89 -7.96
CA GLN B 26 8.71 -6.10 -9.19
C GLN B 26 7.26 -5.69 -9.47
N THR B 27 6.44 -6.62 -9.93
CA THR B 27 5.02 -6.37 -10.16
C THR B 27 4.24 -7.70 -10.13
N ARG B 28 3.31 -7.84 -9.20
CA ARG B 28 2.50 -9.06 -9.11
C ARG B 28 1.03 -8.71 -8.87
N THR B 29 0.13 -9.60 -9.26
CA THR B 29 -1.28 -9.30 -9.26
C THR B 29 -2.07 -10.05 -8.17
N PHE B 30 -3.13 -9.40 -7.67
CA PHE B 30 -3.95 -9.91 -6.59
C PHE B 30 -5.42 -9.63 -6.82
N ILE B 31 -5.96 -10.22 -7.85
CA ILE B 31 -7.33 -9.96 -8.23
C ILE B 31 -8.32 -10.29 -7.16
N VAL B 32 -9.04 -9.24 -6.83
CA VAL B 32 -10.09 -9.27 -5.81
C VAL B 32 -11.36 -8.66 -6.32
N GLY B 33 -12.32 -8.52 -5.42
CA GLY B 33 -13.64 -8.09 -5.82
C GLY B 33 -14.09 -6.81 -5.15
N ALA B 34 -13.21 -5.82 -5.11
CA ALA B 34 -13.53 -4.44 -4.69
C ALA B 34 -13.89 -4.29 -3.21
N GLN B 35 -14.57 -5.27 -2.65
CA GLN B 35 -15.10 -5.17 -1.31
C GLN B 35 -14.99 -6.53 -0.70
N MET B 36 -14.11 -7.28 -1.33
CA MET B 36 -13.90 -8.66 -1.01
C MET B 36 -13.30 -8.79 0.38
N ASN B 37 -12.05 -8.37 0.53
CA ASN B 37 -11.41 -8.35 1.83
C ASN B 37 -10.52 -7.14 2.00
N VAL B 38 -9.24 -7.39 1.82
CA VAL B 38 -8.14 -6.49 2.20
C VAL B 38 -7.51 -6.95 3.50
N LYS B 39 -8.30 -7.63 4.32
CA LYS B 39 -7.82 -8.20 5.53
C LYS B 39 -7.21 -9.54 5.25
N GLU B 40 -8.09 -10.47 4.93
CA GLU B 40 -7.73 -11.78 4.50
C GLU B 40 -6.96 -11.72 3.19
N PHE B 41 -7.22 -10.67 2.42
CA PHE B 41 -6.49 -10.38 1.21
C PHE B 41 -5.02 -10.21 1.53
N LYS B 42 -4.73 -9.34 2.49
CA LYS B 42 -3.35 -9.12 2.90
C LYS B 42 -2.74 -10.40 3.45
N GLU B 43 -3.53 -11.10 4.25
CA GLU B 43 -3.14 -12.38 4.83
C GLU B 43 -2.73 -13.36 3.73
N HIS B 44 -3.50 -13.35 2.64
CA HIS B 44 -3.22 -14.22 1.51
C HIS B 44 -1.95 -13.81 0.78
N ILE B 45 -1.79 -12.51 0.50
CA ILE B 45 -0.68 -12.05 -0.30
C ILE B 45 0.62 -12.04 0.50
N ALA B 46 0.51 -12.18 1.82
CA ALA B 46 1.64 -12.11 2.74
C ALA B 46 2.88 -12.83 2.22
N ALA B 47 2.77 -14.12 1.99
CA ALA B 47 3.93 -14.89 1.55
C ALA B 47 4.40 -14.46 0.17
N SER B 48 3.46 -14.18 -0.71
CA SER B 48 3.77 -13.82 -2.08
C SER B 48 4.53 -12.48 -2.15
N VAL B 49 4.47 -11.71 -1.06
CA VAL B 49 5.25 -10.48 -0.97
C VAL B 49 6.31 -10.58 0.12
N SER B 50 6.30 -11.68 0.88
CA SER B 50 7.26 -11.90 1.95
C SER B 50 7.00 -10.92 3.08
N ILE B 51 5.77 -10.42 3.11
CA ILE B 51 5.35 -9.47 4.12
C ILE B 51 4.04 -9.92 4.77
N PRO B 52 4.02 -10.20 6.08
CA PRO B 52 2.79 -10.62 6.76
C PRO B 52 1.87 -9.43 6.99
N SER B 53 0.56 -9.69 6.97
CA SER B 53 -0.46 -8.66 7.08
C SER B 53 -0.28 -7.79 8.33
N GLU B 54 0.36 -8.35 9.36
CA GLU B 54 0.57 -7.62 10.61
C GLU B 54 1.58 -6.48 10.43
N LYS B 55 2.45 -6.61 9.42
CA LYS B 55 3.47 -5.59 9.14
C LYS B 55 3.21 -4.96 7.78
N GLN B 56 2.41 -5.66 6.99
CA GLN B 56 2.22 -5.34 5.59
C GLN B 56 1.51 -4.01 5.42
N ARG B 57 2.17 -3.09 4.76
CA ARG B 57 1.58 -1.80 4.46
C ARG B 57 1.41 -1.65 2.95
N LEU B 58 0.17 -1.61 2.49
CA LEU B 58 -0.12 -1.45 1.09
C LEU B 58 -0.06 0.02 0.73
N ILE B 59 0.98 0.44 0.06
CA ILE B 59 1.10 1.84 -0.25
C ILE B 59 0.72 2.12 -1.69
N TYR B 60 -0.46 2.65 -1.86
CA TYR B 60 -0.92 3.05 -3.16
C TYR B 60 -1.16 4.54 -3.15
N GLN B 61 -0.66 5.22 -4.18
CA GLN B 61 -0.63 6.69 -4.24
C GLN B 61 -0.27 7.31 -2.89
N GLY B 62 0.76 6.74 -2.26
CA GLY B 62 1.28 7.28 -1.01
C GLY B 62 0.39 7.01 0.19
N ARG B 63 -0.79 6.44 -0.06
CA ARG B 63 -1.73 6.13 1.00
C ARG B 63 -1.42 4.75 1.55
N VAL B 64 -1.30 4.64 2.86
CA VAL B 64 -0.98 3.36 3.47
C VAL B 64 -2.25 2.58 3.73
N LEU B 65 -2.64 1.78 2.74
CA LEU B 65 -3.84 0.96 2.81
C LEU B 65 -3.56 -0.25 3.69
N GLN B 66 -4.60 -0.82 4.26
CA GLN B 66 -4.43 -1.97 5.12
C GLN B 66 -5.73 -2.75 5.26
N ASP B 67 -5.71 -3.69 6.21
CA ASP B 67 -6.82 -4.57 6.55
C ASP B 67 -8.07 -3.81 7.05
N ASP B 68 -7.97 -2.48 7.09
CA ASP B 68 -9.03 -1.59 7.57
C ASP B 68 -10.29 -1.62 6.71
N LYS B 69 -10.32 -2.57 5.79
CA LYS B 69 -11.50 -2.93 4.99
C LYS B 69 -11.69 -2.05 3.75
N LYS B 70 -12.47 -2.60 2.80
CA LYS B 70 -12.90 -1.90 1.60
C LYS B 70 -11.77 -1.59 0.64
N LEU B 71 -11.52 -2.54 -0.27
CA LEU B 71 -10.47 -2.40 -1.27
C LEU B 71 -10.76 -1.24 -2.23
N GLN B 72 -12.03 -1.04 -2.55
CA GLN B 72 -12.46 -0.04 -3.47
C GLN B 72 -12.23 1.37 -2.96
N GLU B 73 -12.16 1.52 -1.64
CA GLU B 73 -11.86 2.82 -1.05
C GLU B 73 -10.49 3.27 -1.49
N TYR B 74 -9.63 2.30 -1.77
CA TYR B 74 -8.28 2.59 -2.20
C TYR B 74 -8.18 2.62 -3.73
N ASN B 75 -9.26 2.14 -4.38
CA ASN B 75 -9.39 2.09 -5.81
C ASN B 75 -8.16 1.52 -6.50
N VAL B 76 -7.65 0.42 -5.99
CA VAL B 76 -6.43 -0.18 -6.52
C VAL B 76 -6.72 -1.14 -7.67
N GLY B 77 -7.89 -1.01 -8.28
CA GLY B 77 -8.27 -1.86 -9.37
C GLY B 77 -7.56 -1.52 -10.64
N GLY B 78 -6.61 -2.34 -10.89
CA GLY B 78 -5.86 -2.31 -12.13
C GLY B 78 -4.59 -1.50 -12.07
N LYS B 79 -4.16 -1.15 -10.86
CA LYS B 79 -2.92 -0.39 -10.67
C LYS B 79 -2.00 -1.09 -9.67
N VAL B 80 -0.69 -0.85 -9.75
CA VAL B 80 0.25 -1.54 -8.87
C VAL B 80 0.43 -0.80 -7.55
N ILE B 81 0.16 -1.52 -6.46
CA ILE B 81 0.38 -1.02 -5.13
C ILE B 81 1.80 -1.30 -4.68
N HIS B 82 2.43 -0.33 -4.09
CA HIS B 82 3.77 -0.53 -3.57
C HIS B 82 3.70 -0.92 -2.10
N LEU B 83 4.09 -2.13 -1.74
CA LEU B 83 3.98 -2.52 -0.35
C LEU B 83 5.27 -3.04 0.24
N VAL B 84 5.31 -2.95 1.56
CA VAL B 84 6.48 -3.36 2.37
C VAL B 84 6.06 -3.60 3.81
N GLU B 85 7.05 -3.87 4.64
CA GLU B 85 6.92 -3.87 6.06
C GLU B 85 7.57 -2.63 6.64
N ARG B 86 6.98 -2.05 7.67
CA ARG B 86 7.65 -1.02 8.42
C ARG B 86 8.61 -1.64 9.42
N ALA B 87 9.34 -0.81 10.13
CA ALA B 87 10.27 -1.27 11.14
C ALA B 87 9.54 -2.13 12.19
N PRO B 88 10.28 -3.01 12.90
CA PRO B 88 9.69 -3.87 13.94
C PRO B 88 8.92 -3.07 14.98
N PRO B 89 7.91 -3.69 15.62
CA PRO B 89 7.00 -3.00 16.55
C PRO B 89 7.66 -2.60 17.87
N GLN B 90 8.71 -1.79 17.76
CA GLN B 90 9.43 -1.30 18.91
C GLN B 90 9.96 0.10 18.62
N THR B 91 9.33 0.76 17.64
CA THR B 91 9.73 2.09 17.24
C THR B 91 8.58 3.09 17.45
N HIS B 92 8.77 3.98 18.42
CA HIS B 92 7.84 5.05 18.70
C HIS B 92 8.54 6.14 19.49
N LEU B 93 8.89 7.21 18.80
CA LEU B 93 9.69 8.28 19.40
C LEU B 93 8.88 9.56 19.55
N PRO B 94 8.34 9.82 20.74
CA PRO B 94 7.65 11.08 21.04
C PRO B 94 8.61 12.27 20.97
N SER B 95 8.10 13.39 20.48
CA SER B 95 8.90 14.58 20.22
C SER B 95 9.57 15.11 21.48
N GLY B 96 8.98 14.84 22.63
CA GLY B 96 9.54 15.29 23.88
C GLY B 96 10.04 14.13 24.73
N ALA B 97 10.54 13.09 24.08
CA ALA B 97 11.08 11.94 24.79
C ALA B 97 12.60 12.00 24.83
N SER B 98 13.22 11.89 23.66
CA SER B 98 14.68 11.88 23.55
C SER B 98 15.28 10.73 24.36
N SER B 99 15.20 9.52 23.78
CA SER B 99 15.67 8.30 24.43
C SER B 99 14.90 8.04 25.72
N GLY B 100 13.63 7.70 25.57
CA GLY B 100 12.79 7.41 26.71
C GLY B 100 11.33 7.45 26.33
N GLY A 1 -0.18 35.45 13.92
CA GLY A 1 -1.54 35.54 13.34
C GLY A 1 -2.17 34.18 13.17
N SER A 2 -2.98 34.03 12.13
CA SER A 2 -3.62 32.76 11.85
C SER A 2 -2.72 31.91 10.96
N MET A 3 -2.12 30.88 11.55
CA MET A 3 -1.27 29.96 10.82
C MET A 3 -2.11 29.20 9.79
N ALA A 4 -3.26 28.71 10.25
CA ALA A 4 -4.26 28.08 9.39
C ALA A 4 -3.72 26.85 8.68
N GLU A 5 -3.87 25.70 9.34
CA GLU A 5 -3.46 24.40 8.79
C GLU A 5 -1.95 24.25 8.77
N ALA A 6 -1.45 23.44 9.69
CA ALA A 6 -0.03 23.14 9.76
C ALA A 6 0.39 22.30 8.56
N SER A 7 1.12 22.92 7.64
CA SER A 7 1.55 22.28 6.41
C SER A 7 0.35 21.87 5.54
N PRO A 8 -0.30 22.84 4.89
CA PRO A 8 -1.44 22.60 4.03
C PRO A 8 -1.02 22.20 2.61
N HIS A 9 -0.15 21.21 2.54
CA HIS A 9 0.40 20.76 1.26
C HIS A 9 1.01 19.37 1.44
N PRO A 10 1.11 18.59 0.36
CA PRO A 10 1.67 17.26 0.41
C PRO A 10 3.19 17.27 0.49
N GLY A 11 3.69 17.68 1.65
CA GLY A 11 5.12 17.80 1.83
C GLY A 11 5.67 16.81 2.84
N ARG A 12 4.82 15.88 3.27
CA ARG A 12 5.25 14.88 4.24
C ARG A 12 5.08 13.48 3.69
N TYR A 13 6.06 13.00 2.95
CA TYR A 13 6.08 11.60 2.53
C TYR A 13 7.29 10.91 3.10
N PHE A 14 7.26 9.62 3.05
CA PHE A 14 8.36 8.80 3.54
C PHE A 14 8.58 7.64 2.59
N CYS A 15 9.73 7.62 1.96
CA CYS A 15 10.10 6.50 1.13
C CYS A 15 10.92 5.53 1.96
N HIS A 16 10.30 4.41 2.27
CA HIS A 16 10.92 3.40 3.11
C HIS A 16 12.15 2.79 2.45
N CYS A 17 12.30 3.00 1.15
CA CYS A 17 13.49 2.55 0.44
C CYS A 17 14.69 3.41 0.81
N CYS A 18 14.46 4.72 0.99
CA CYS A 18 15.51 5.64 1.43
C CYS A 18 15.58 5.69 2.95
N SER A 19 14.47 5.35 3.59
CA SER A 19 14.28 5.43 5.04
C SER A 19 14.48 6.87 5.54
N VAL A 20 14.15 7.82 4.69
CA VAL A 20 14.19 9.23 5.05
C VAL A 20 12.97 9.94 4.48
N GLU A 21 12.69 11.11 5.01
CA GLU A 21 11.49 11.84 4.63
C GLU A 21 11.72 12.63 3.34
N ILE A 22 10.68 12.73 2.53
CA ILE A 22 10.80 13.30 1.20
C ILE A 22 9.63 14.22 0.89
N VAL A 23 9.76 14.97 -0.19
CA VAL A 23 8.63 15.61 -0.84
C VAL A 23 8.61 15.19 -2.29
N PRO A 24 7.74 14.22 -2.57
CA PRO A 24 7.63 13.54 -3.87
C PRO A 24 7.41 14.44 -5.08
N ARG A 25 7.42 13.77 -6.22
CA ARG A 25 7.17 14.34 -7.49
C ARG A 25 5.80 13.82 -7.95
N LEU A 26 4.89 13.97 -7.00
CA LEU A 26 3.43 13.73 -7.09
C LEU A 26 2.88 13.19 -8.42
N PRO A 27 3.02 13.92 -9.57
CA PRO A 27 2.58 13.42 -10.88
C PRO A 27 2.74 11.90 -11.06
N ASP A 28 3.80 11.36 -10.48
CA ASP A 28 4.09 9.93 -10.58
C ASP A 28 4.00 9.24 -9.23
N TYR A 29 4.12 10.04 -8.17
CA TYR A 29 4.30 9.54 -6.80
C TYR A 29 5.62 8.83 -6.69
N ILE A 30 6.65 9.58 -7.00
CA ILE A 30 8.02 9.14 -6.90
C ILE A 30 8.70 9.86 -5.76
N CYS A 31 9.80 9.32 -5.34
CA CYS A 31 10.60 9.92 -4.29
C CYS A 31 11.69 10.73 -4.94
N PRO A 32 12.08 11.85 -4.33
CA PRO A 32 13.05 12.77 -4.91
C PRO A 32 14.43 12.26 -4.63
N ARG A 33 14.48 11.42 -3.62
CA ARG A 33 15.73 10.86 -3.15
C ARG A 33 16.17 9.61 -3.90
N CYS A 34 15.25 9.00 -4.65
CA CYS A 34 15.63 7.85 -5.48
C CYS A 34 14.75 7.71 -6.73
N GLU A 35 13.62 8.42 -6.74
CA GLU A 35 12.66 8.37 -7.85
C GLU A 35 12.06 6.98 -8.03
N SER A 36 11.83 6.31 -6.92
CA SER A 36 11.00 5.11 -6.93
C SER A 36 9.67 5.44 -6.25
N GLY A 37 8.62 4.71 -6.59
CA GLY A 37 7.32 5.01 -6.04
C GLY A 37 7.05 4.31 -4.72
N PHE A 38 8.11 4.14 -3.92
CA PHE A 38 7.99 3.49 -2.62
C PHE A 38 7.79 4.52 -1.52
N ILE A 39 6.87 5.43 -1.74
CA ILE A 39 6.59 6.48 -0.77
C ILE A 39 5.20 6.35 -0.20
N GLU A 40 5.10 6.59 1.10
CA GLU A 40 3.80 6.68 1.74
C GLU A 40 3.66 8.08 2.31
N GLU A 41 2.45 8.62 2.26
CA GLU A 41 2.19 9.93 2.82
C GLU A 41 2.04 9.81 4.33
N LEU A 42 2.61 10.79 5.02
CA LEU A 42 2.62 10.80 6.48
C LEU A 42 1.40 11.56 7.00
N MET B 1 -35.58 6.59 -2.89
CA MET B 1 -34.56 7.58 -3.29
C MET B 1 -33.20 6.90 -3.53
N ALA B 2 -32.61 6.38 -2.46
CA ALA B 2 -31.28 5.79 -2.54
C ALA B 2 -31.31 4.43 -3.24
N HIS B 3 -30.39 4.23 -4.17
CA HIS B 3 -30.27 2.98 -4.90
C HIS B 3 -28.80 2.59 -5.03
N HIS B 4 -28.04 2.84 -3.97
CA HIS B 4 -26.61 2.58 -3.99
C HIS B 4 -26.31 1.13 -3.62
N HIS B 5 -26.64 0.23 -4.53
CA HIS B 5 -26.32 -1.18 -4.38
C HIS B 5 -26.03 -1.78 -5.74
N HIS B 6 -24.85 -2.33 -5.91
CA HIS B 6 -24.44 -2.87 -7.19
C HIS B 6 -23.94 -4.31 -7.04
N HIS B 7 -24.76 -5.26 -7.46
CA HIS B 7 -24.41 -6.67 -7.36
C HIS B 7 -24.48 -7.32 -8.74
N HIS B 8 -24.13 -6.57 -9.78
CA HIS B 8 -24.11 -7.10 -11.13
C HIS B 8 -22.90 -8.00 -11.35
N VAL B 9 -23.02 -9.25 -10.96
CA VAL B 9 -21.96 -10.22 -11.18
C VAL B 9 -22.49 -11.39 -11.99
N ASP B 10 -21.62 -11.94 -12.81
CA ASP B 10 -21.95 -13.08 -13.66
C ASP B 10 -21.06 -14.26 -13.31
N ASP B 11 -19.85 -14.23 -13.85
CA ASP B 11 -18.80 -15.14 -13.42
C ASP B 11 -17.70 -14.33 -12.76
N ASP B 12 -17.52 -13.14 -13.29
CA ASP B 12 -16.55 -12.17 -12.79
C ASP B 12 -17.09 -11.48 -11.54
N ASP B 13 -17.09 -12.22 -10.44
CA ASP B 13 -17.54 -11.69 -9.15
C ASP B 13 -16.54 -10.67 -8.64
N LYS B 14 -15.26 -11.06 -8.63
CA LYS B 14 -14.20 -10.16 -8.25
C LYS B 14 -14.16 -8.94 -9.18
N MET B 15 -13.76 -7.81 -8.62
CA MET B 15 -13.91 -6.53 -9.28
C MET B 15 -12.56 -5.91 -9.65
N LEU B 16 -11.67 -5.74 -8.68
CA LEU B 16 -10.47 -4.99 -8.94
C LEU B 16 -9.30 -5.92 -9.19
N GLU B 17 -8.62 -5.69 -10.29
CA GLU B 17 -7.43 -6.42 -10.61
C GLU B 17 -6.29 -5.77 -9.91
N VAL B 18 -6.01 -6.23 -8.73
CA VAL B 18 -5.03 -5.62 -7.92
C VAL B 18 -3.67 -6.02 -8.44
N LEU B 19 -2.83 -5.06 -8.71
CA LEU B 19 -1.49 -5.38 -9.02
C LEU B 19 -0.63 -4.79 -7.91
N VAL B 20 0.55 -5.34 -7.68
CA VAL B 20 1.45 -4.84 -6.64
C VAL B 20 2.89 -4.88 -7.13
N LYS B 21 3.74 -4.04 -6.57
CA LYS B 21 5.16 -4.11 -6.78
C LYS B 21 5.88 -3.97 -5.46
N THR B 22 6.56 -5.02 -5.04
CA THR B 22 7.35 -5.00 -3.81
C THR B 22 8.73 -4.42 -4.09
N LEU B 23 9.57 -4.35 -3.07
CA LEU B 23 10.93 -3.83 -3.22
C LEU B 23 11.77 -4.81 -4.04
N ASP B 24 11.37 -6.07 -4.02
CA ASP B 24 12.01 -7.09 -4.83
C ASP B 24 11.51 -7.05 -6.27
N SER B 25 10.67 -6.06 -6.57
CA SER B 25 10.23 -5.79 -7.94
C SER B 25 9.41 -6.94 -8.50
N GLN B 26 8.84 -7.72 -7.60
CA GLN B 26 7.99 -8.86 -7.94
C GLN B 26 6.94 -8.50 -8.99
N THR B 27 6.11 -7.51 -8.65
CA THR B 27 4.95 -7.14 -9.47
C THR B 27 4.02 -8.33 -9.70
N ARG B 28 2.99 -8.45 -8.87
CA ARG B 28 2.03 -9.53 -9.02
C ARG B 28 0.60 -9.00 -8.93
N THR B 29 -0.37 -9.84 -9.24
CA THR B 29 -1.74 -9.45 -9.23
C THR B 29 -2.53 -10.14 -8.11
N PHE B 30 -3.50 -9.43 -7.54
CA PHE B 30 -4.26 -9.90 -6.39
C PHE B 30 -5.72 -9.52 -6.50
N ILE B 31 -6.38 -10.08 -7.47
CA ILE B 31 -7.73 -9.72 -7.77
C ILE B 31 -8.68 -9.96 -6.64
N VAL B 32 -9.29 -8.86 -6.29
CA VAL B 32 -10.27 -8.79 -5.22
C VAL B 32 -11.57 -8.18 -5.72
N GLY B 33 -12.47 -7.96 -4.79
CA GLY B 33 -13.80 -7.51 -5.18
C GLY B 33 -14.26 -6.25 -4.47
N ALA B 34 -13.36 -5.28 -4.40
CA ALA B 34 -13.66 -3.91 -3.97
C ALA B 34 -13.98 -3.75 -2.50
N GLN B 35 -14.47 -4.80 -1.88
CA GLN B 35 -14.90 -4.72 -0.51
C GLN B 35 -15.00 -6.13 -0.02
N MET B 36 -14.22 -6.94 -0.69
CA MET B 36 -14.20 -8.34 -0.44
C MET B 36 -13.40 -8.63 0.83
N ASN B 37 -12.09 -8.41 0.76
CA ASN B 37 -11.23 -8.43 1.90
C ASN B 37 -10.19 -7.34 1.72
N VAL B 38 -9.07 -7.51 2.39
CA VAL B 38 -7.92 -6.62 2.38
C VAL B 38 -7.15 -6.93 3.63
N LYS B 39 -7.83 -7.62 4.52
CA LYS B 39 -7.26 -8.20 5.69
C LYS B 39 -6.72 -9.58 5.31
N GLU B 40 -7.66 -10.45 5.07
CA GLU B 40 -7.43 -11.78 4.57
C GLU B 40 -6.79 -11.74 3.18
N PHE B 41 -7.14 -10.73 2.40
CA PHE B 41 -6.51 -10.48 1.13
C PHE B 41 -5.02 -10.29 1.33
N LYS B 42 -4.62 -9.41 2.24
CA LYS B 42 -3.22 -9.25 2.55
C LYS B 42 -2.64 -10.53 3.14
N GLU B 43 -3.42 -11.18 4.00
CA GLU B 43 -3.03 -12.43 4.63
C GLU B 43 -2.68 -13.49 3.57
N HIS B 44 -3.41 -13.48 2.46
CA HIS B 44 -3.21 -14.41 1.38
C HIS B 44 -1.89 -14.15 0.67
N ILE B 45 -1.57 -12.88 0.48
CA ILE B 45 -0.38 -12.51 -0.26
C ILE B 45 0.86 -12.53 0.63
N ALA B 46 0.63 -12.59 1.94
CA ALA B 46 1.69 -12.57 2.95
C ALA B 46 2.90 -13.41 2.56
N ALA B 47 2.69 -14.68 2.26
CA ALA B 47 3.82 -15.57 1.98
C ALA B 47 4.55 -15.20 0.70
N SER B 48 3.78 -14.86 -0.34
CA SER B 48 4.35 -14.52 -1.62
C SER B 48 5.27 -13.32 -1.52
N VAL B 49 4.94 -12.42 -0.61
CA VAL B 49 5.73 -11.24 -0.38
C VAL B 49 6.58 -11.38 0.86
N SER B 50 6.43 -12.52 1.56
CA SER B 50 7.22 -12.86 2.74
C SER B 50 6.94 -11.86 3.84
N ILE B 51 5.78 -11.23 3.73
CA ILE B 51 5.37 -10.25 4.69
C ILE B 51 3.96 -10.53 5.19
N PRO B 52 3.80 -10.85 6.47
CA PRO B 52 2.50 -11.13 7.05
C PRO B 52 1.64 -9.87 7.11
N SER B 53 0.33 -10.05 6.97
CA SER B 53 -0.63 -8.94 6.93
C SER B 53 -0.47 -8.01 8.13
N GLU B 54 0.06 -8.53 9.23
CA GLU B 54 0.29 -7.71 10.42
C GLU B 54 1.43 -6.71 10.21
N LYS B 55 2.46 -7.13 9.48
CA LYS B 55 3.62 -6.27 9.21
C LYS B 55 3.50 -5.62 7.84
N GLN B 56 2.78 -6.30 6.96
CA GLN B 56 2.61 -5.88 5.57
C GLN B 56 1.79 -4.61 5.48
N ARG B 57 2.22 -3.68 4.64
CA ARG B 57 1.40 -2.49 4.36
C ARG B 57 1.43 -2.15 2.87
N LEU B 58 0.25 -1.81 2.34
CA LEU B 58 0.07 -1.47 0.94
C LEU B 58 0.13 0.05 0.73
N ILE B 59 1.01 0.54 -0.13
CA ILE B 59 0.93 1.95 -0.51
C ILE B 59 0.56 2.11 -1.98
N TYR B 60 -0.53 2.81 -2.23
CA TYR B 60 -0.97 3.09 -3.58
C TYR B 60 -1.21 4.59 -3.74
N GLN B 61 -0.47 5.21 -4.65
CA GLN B 61 -0.56 6.66 -4.87
C GLN B 61 -0.27 7.42 -3.58
N GLY B 62 0.70 6.91 -2.80
CA GLY B 62 1.07 7.55 -1.56
C GLY B 62 0.12 7.23 -0.42
N ARG B 63 -0.95 6.51 -0.73
CA ARG B 63 -1.97 6.17 0.25
C ARG B 63 -1.64 4.82 0.87
N VAL B 64 -1.57 4.77 2.18
CA VAL B 64 -1.16 3.56 2.87
C VAL B 64 -2.37 2.71 3.23
N LEU B 65 -2.71 1.81 2.31
CA LEU B 65 -3.85 0.93 2.46
C LEU B 65 -3.53 -0.14 3.49
N GLN B 66 -4.56 -0.67 4.11
CA GLN B 66 -4.37 -1.60 5.19
C GLN B 66 -5.54 -2.58 5.30
N ASP B 67 -5.56 -3.35 6.39
CA ASP B 67 -6.60 -4.33 6.65
C ASP B 67 -7.95 -3.67 6.98
N ASP B 68 -7.96 -2.33 7.03
CA ASP B 68 -9.14 -1.55 7.43
C ASP B 68 -10.33 -1.74 6.48
N LYS B 69 -10.07 -2.39 5.34
CA LYS B 69 -11.10 -2.68 4.33
C LYS B 69 -11.41 -1.46 3.48
N LYS B 70 -12.40 -1.63 2.59
CA LYS B 70 -12.84 -0.57 1.66
C LYS B 70 -11.83 -0.40 0.53
N LEU B 71 -11.76 -1.41 -0.34
CA LEU B 71 -10.80 -1.43 -1.43
C LEU B 71 -11.06 -0.35 -2.47
N GLN B 72 -12.33 -0.12 -2.80
CA GLN B 72 -12.69 0.86 -3.78
C GLN B 72 -12.38 2.26 -3.31
N GLU B 73 -12.24 2.41 -2.00
CA GLU B 73 -11.80 3.67 -1.43
C GLU B 73 -10.32 3.87 -1.75
N TYR B 74 -9.60 2.76 -1.94
CA TYR B 74 -8.20 2.82 -2.29
C TYR B 74 -8.06 2.90 -3.81
N ASN B 75 -9.10 2.38 -4.48
CA ASN B 75 -9.23 2.48 -5.93
C ASN B 75 -8.05 1.80 -6.65
N VAL B 76 -7.54 0.73 -6.04
CA VAL B 76 -6.34 0.07 -6.56
C VAL B 76 -6.65 -0.92 -7.69
N GLY B 77 -7.86 -0.86 -8.21
CA GLY B 77 -8.26 -1.75 -9.26
C GLY B 77 -7.60 -1.46 -10.56
N GLY B 78 -6.62 -2.24 -10.81
CA GLY B 78 -5.95 -2.29 -12.10
C GLY B 78 -4.60 -1.59 -12.18
N LYS B 79 -4.01 -1.25 -11.04
CA LYS B 79 -2.67 -0.64 -11.02
C LYS B 79 -1.81 -1.27 -9.92
N VAL B 80 -0.49 -1.35 -10.13
CA VAL B 80 0.40 -1.99 -9.15
C VAL B 80 0.62 -1.12 -7.91
N ILE B 81 0.21 -1.67 -6.78
CA ILE B 81 0.45 -1.09 -5.47
C ILE B 81 1.93 -1.21 -5.12
N HIS B 82 2.43 -0.42 -4.19
CA HIS B 82 3.79 -0.59 -3.73
C HIS B 82 3.79 -1.00 -2.26
N LEU B 83 4.31 -2.18 -1.98
CA LEU B 83 4.30 -2.72 -0.63
C LEU B 83 5.49 -2.23 0.17
N VAL B 84 5.37 -2.33 1.49
CA VAL B 84 6.48 -2.06 2.38
C VAL B 84 6.91 -3.34 3.05
N GLU B 85 8.19 -3.58 3.08
CA GLU B 85 8.72 -4.78 3.63
C GLU B 85 9.56 -4.49 4.85
N ARG B 86 9.20 -5.08 5.96
CA ARG B 86 9.95 -4.92 7.19
C ARG B 86 11.12 -5.90 7.21
N ALA B 87 11.94 -5.81 8.24
CA ALA B 87 13.10 -6.67 8.37
C ALA B 87 12.69 -8.14 8.46
N PRO B 88 13.53 -9.04 7.91
CA PRO B 88 13.27 -10.48 7.94
C PRO B 88 13.20 -11.02 9.38
N PRO B 89 12.54 -12.17 9.58
CA PRO B 89 12.38 -12.79 10.89
C PRO B 89 13.69 -12.86 11.68
N GLN B 90 13.61 -12.57 12.97
CA GLN B 90 14.81 -12.47 13.80
C GLN B 90 15.35 -13.86 14.17
N THR B 91 14.51 -14.88 14.00
CA THR B 91 14.90 -16.25 14.25
C THR B 91 15.87 -16.73 13.17
N HIS B 92 16.79 -17.60 13.56
CA HIS B 92 17.77 -18.14 12.61
C HIS B 92 17.20 -19.34 11.89
N LEU B 93 16.02 -19.78 12.31
CA LEU B 93 15.32 -20.88 11.67
C LEU B 93 14.87 -20.45 10.28
N PRO B 94 15.29 -21.19 9.22
CA PRO B 94 14.93 -20.89 7.84
C PRO B 94 13.42 -20.98 7.61
N SER B 95 12.80 -19.83 7.38
CA SER B 95 11.39 -19.75 7.12
C SER B 95 11.06 -20.25 5.71
N GLY B 96 9.84 -20.03 5.27
CA GLY B 96 9.43 -20.49 3.95
C GLY B 96 10.02 -19.65 2.83
N ALA B 97 9.18 -18.90 2.14
CA ALA B 97 9.59 -18.13 0.97
C ALA B 97 10.28 -19.04 -0.04
N SER B 98 9.71 -20.24 -0.18
CA SER B 98 10.29 -21.27 -1.02
C SER B 98 9.59 -21.32 -2.38
N SER B 99 9.93 -22.33 -3.19
CA SER B 99 9.27 -22.52 -4.47
C SER B 99 7.85 -23.04 -4.24
N GLY B 100 7.71 -23.91 -3.25
CA GLY B 100 6.42 -24.46 -2.93
C GLY B 100 5.97 -24.07 -1.54
N GLY A 1 12.11 29.43 8.31
CA GLY A 1 11.32 29.08 9.51
C GLY A 1 9.95 29.73 9.50
N SER A 2 9.00 29.04 8.89
CA SER A 2 7.64 29.56 8.77
C SER A 2 6.89 29.42 10.09
N MET A 3 6.29 30.51 10.53
CA MET A 3 5.51 30.52 11.76
C MET A 3 4.04 30.27 11.46
N ALA A 4 3.71 30.23 10.17
CA ALA A 4 2.35 30.01 9.73
C ALA A 4 2.33 29.25 8.41
N GLU A 5 2.46 27.93 8.50
CA GLU A 5 2.48 27.10 7.31
C GLU A 5 1.08 26.60 6.99
N ALA A 6 0.77 26.55 5.70
CA ALA A 6 -0.52 26.06 5.25
C ALA A 6 -0.36 24.70 4.58
N SER A 7 -0.60 23.64 5.34
CA SER A 7 -0.41 22.30 4.85
C SER A 7 -1.02 21.27 5.80
N PRO A 8 -1.96 20.44 5.31
CA PRO A 8 -2.51 19.33 6.10
C PRO A 8 -1.41 18.38 6.55
N HIS A 9 -0.43 18.20 5.67
CA HIS A 9 0.80 17.52 6.01
C HIS A 9 1.96 18.31 5.43
N PRO A 10 2.91 18.75 6.28
CA PRO A 10 4.02 19.62 5.88
C PRO A 10 5.12 18.90 5.12
N GLY A 11 4.73 17.99 4.23
CA GLY A 11 5.69 17.19 3.49
C GLY A 11 6.38 16.19 4.38
N ARG A 12 5.89 14.99 4.29
CA ARG A 12 6.31 13.93 5.20
C ARG A 12 5.95 12.56 4.61
N TYR A 13 6.81 12.07 3.73
CA TYR A 13 6.67 10.73 3.17
C TYR A 13 7.86 9.89 3.57
N PHE A 14 7.65 8.61 3.73
CA PHE A 14 8.75 7.71 3.97
C PHE A 14 8.87 6.69 2.85
N CYS A 15 9.97 6.74 2.12
CA CYS A 15 10.27 5.74 1.12
C CYS A 15 11.12 4.64 1.74
N HIS A 16 10.72 3.41 1.51
CA HIS A 16 11.29 2.29 2.22
C HIS A 16 12.57 1.76 1.59
N CYS A 17 12.75 1.92 0.28
CA CYS A 17 13.97 1.47 -0.35
C CYS A 17 15.14 2.36 0.05
N CYS A 18 14.85 3.64 0.30
CA CYS A 18 15.86 4.54 0.85
C CYS A 18 15.94 4.40 2.36
N SER A 19 14.79 4.09 2.96
CA SER A 19 14.64 4.04 4.42
C SER A 19 15.02 5.38 5.04
N VAL A 20 14.73 6.45 4.31
CA VAL A 20 14.96 7.80 4.77
C VAL A 20 13.76 8.65 4.36
N GLU A 21 13.41 9.61 5.19
CA GLU A 21 12.22 10.40 4.98
C GLU A 21 12.37 11.39 3.82
N ILE A 22 11.27 11.62 3.12
CA ILE A 22 11.28 12.40 1.89
C ILE A 22 10.11 13.39 1.85
N VAL A 23 10.20 14.31 0.90
CA VAL A 23 9.06 15.05 0.40
C VAL A 23 8.99 14.81 -1.09
N PRO A 24 7.96 14.08 -1.49
CA PRO A 24 7.83 13.50 -2.81
C PRO A 24 7.60 14.49 -3.94
N ARG A 25 7.57 13.91 -5.12
CA ARG A 25 7.26 14.62 -6.34
C ARG A 25 5.88 14.15 -6.79
N LEU A 26 5.01 14.20 -5.78
CA LEU A 26 3.53 14.02 -5.81
C LEU A 26 2.91 13.76 -7.18
N PRO A 27 3.05 14.64 -8.20
CA PRO A 27 2.53 14.39 -9.56
C PRO A 27 2.66 12.94 -10.01
N ASP A 28 3.73 12.29 -9.58
CA ASP A 28 3.99 10.90 -9.92
C ASP A 28 3.94 10.01 -8.69
N TYR A 29 4.11 10.63 -7.53
CA TYR A 29 4.31 9.92 -6.26
C TYR A 29 5.62 9.17 -6.29
N ILE A 30 6.65 9.92 -6.55
CA ILE A 30 8.02 9.43 -6.56
C ILE A 30 8.76 10.00 -5.37
N CYS A 31 9.86 9.37 -5.07
CA CYS A 31 10.72 9.78 -3.99
C CYS A 31 11.85 10.62 -4.57
N PRO A 32 12.33 11.60 -3.83
CA PRO A 32 13.36 12.52 -4.29
C PRO A 32 14.69 11.85 -4.13
N ARG A 33 14.67 10.86 -3.25
CA ARG A 33 15.86 10.11 -2.91
C ARG A 33 16.20 8.99 -3.91
N CYS A 34 15.21 8.49 -4.63
CA CYS A 34 15.46 7.43 -5.61
C CYS A 34 14.53 7.52 -6.82
N GLU A 35 13.48 8.34 -6.71
CA GLU A 35 12.47 8.47 -7.75
C GLU A 35 11.75 7.15 -7.99
N SER A 36 11.67 6.35 -6.94
CA SER A 36 10.84 5.16 -6.94
C SER A 36 9.59 5.41 -6.09
N GLY A 37 8.47 4.82 -6.48
CA GLY A 37 7.21 5.11 -5.82
C GLY A 37 6.95 4.24 -4.60
N PHE A 38 7.96 4.06 -3.77
CA PHE A 38 7.81 3.26 -2.56
C PHE A 38 7.71 4.16 -1.35
N ILE A 39 6.90 5.19 -1.50
CA ILE A 39 6.71 6.21 -0.49
C ILE A 39 5.31 6.17 0.08
N GLU A 40 5.19 6.33 1.38
CA GLU A 40 3.88 6.44 2.00
C GLU A 40 3.87 7.67 2.90
N GLU A 41 2.72 8.34 2.96
CA GLU A 41 2.59 9.55 3.75
C GLU A 41 2.37 9.19 5.21
N LEU A 42 3.11 9.87 6.07
CA LEU A 42 3.19 9.52 7.48
C LEU A 42 2.24 10.37 8.31
N MET B 1 -0.78 -10.05 -20.29
CA MET B 1 -0.94 -10.99 -21.42
C MET B 1 -2.36 -10.91 -21.97
N ALA B 2 -2.51 -10.18 -23.07
CA ALA B 2 -3.80 -9.96 -23.73
C ALA B 2 -4.73 -9.11 -22.87
N HIS B 3 -5.36 -9.74 -21.88
CA HIS B 3 -6.29 -9.04 -21.00
C HIS B 3 -6.78 -9.97 -19.89
N HIS B 4 -7.13 -11.21 -20.29
CA HIS B 4 -7.73 -12.18 -19.37
C HIS B 4 -9.07 -11.67 -18.86
N HIS B 5 -9.60 -12.32 -17.82
CA HIS B 5 -10.90 -11.96 -17.25
C HIS B 5 -11.98 -12.08 -18.32
N HIS B 6 -11.89 -13.14 -19.12
CA HIS B 6 -12.81 -13.33 -20.23
C HIS B 6 -14.18 -13.74 -19.71
N HIS B 7 -14.34 -15.03 -19.38
CA HIS B 7 -15.55 -15.55 -18.73
C HIS B 7 -16.84 -15.07 -19.42
N HIS B 8 -16.80 -14.95 -20.75
CA HIS B 8 -17.87 -14.31 -21.54
C HIS B 8 -17.91 -12.81 -21.26
N VAL B 9 -17.97 -12.44 -19.99
CA VAL B 9 -17.88 -11.06 -19.57
C VAL B 9 -17.01 -10.94 -18.33
N ASP B 10 -16.38 -9.79 -18.20
CA ASP B 10 -15.45 -9.55 -17.10
C ASP B 10 -16.13 -9.77 -15.74
N ASP B 11 -17.00 -8.84 -15.38
CA ASP B 11 -17.84 -8.96 -14.18
C ASP B 11 -18.64 -7.69 -14.00
N ASP B 12 -17.94 -6.65 -13.55
CA ASP B 12 -18.51 -5.32 -13.32
C ASP B 12 -17.36 -4.38 -12.99
N ASP B 13 -17.64 -3.27 -12.32
CA ASP B 13 -16.57 -2.46 -11.77
C ASP B 13 -15.96 -3.17 -10.57
N LYS B 14 -16.72 -4.12 -10.03
CA LYS B 14 -16.23 -5.03 -9.02
C LYS B 14 -15.16 -5.96 -9.58
N MET B 15 -14.65 -6.87 -8.74
CA MET B 15 -13.57 -7.78 -9.12
C MET B 15 -12.35 -7.02 -9.60
N LEU B 16 -11.56 -6.53 -8.66
CA LEU B 16 -10.41 -5.69 -9.00
C LEU B 16 -9.19 -6.55 -9.19
N GLU B 17 -8.44 -6.24 -10.21
CA GLU B 17 -7.19 -6.92 -10.44
C GLU B 17 -6.11 -6.20 -9.69
N VAL B 18 -5.92 -6.62 -8.46
CA VAL B 18 -5.03 -5.96 -7.57
C VAL B 18 -3.60 -6.28 -7.94
N LEU B 19 -2.99 -5.39 -8.67
CA LEU B 19 -1.63 -5.59 -9.06
C LEU B 19 -0.73 -5.00 -7.99
N VAL B 20 0.48 -5.53 -7.87
CA VAL B 20 1.43 -5.06 -6.87
C VAL B 20 2.86 -5.13 -7.43
N LYS B 21 3.72 -4.22 -7.00
CA LYS B 21 5.13 -4.26 -7.30
C LYS B 21 5.93 -4.06 -6.02
N THR B 22 6.74 -5.03 -5.67
CA THR B 22 7.61 -4.92 -4.51
C THR B 22 9.04 -4.61 -4.92
N LEU B 23 9.51 -3.41 -4.55
CA LEU B 23 10.85 -2.92 -4.90
C LEU B 23 11.09 -2.94 -6.41
N ASP B 24 9.99 -3.00 -7.17
CA ASP B 24 10.00 -2.98 -8.64
C ASP B 24 10.52 -4.30 -9.20
N SER B 25 11.03 -5.13 -8.31
CA SER B 25 11.56 -6.43 -8.67
C SER B 25 10.43 -7.37 -9.09
N GLN B 26 9.32 -7.29 -8.38
CA GLN B 26 8.17 -8.09 -8.70
C GLN B 26 7.04 -7.24 -9.25
N THR B 27 6.03 -7.95 -9.67
CA THR B 27 4.78 -7.38 -10.15
C THR B 27 3.75 -8.50 -10.26
N ARG B 28 2.89 -8.63 -9.26
CA ARG B 28 1.93 -9.71 -9.26
C ARG B 28 0.54 -9.21 -8.96
N THR B 29 -0.45 -10.09 -9.07
CA THR B 29 -1.82 -9.71 -8.89
C THR B 29 -2.47 -10.39 -7.68
N PHE B 30 -3.45 -9.70 -7.10
CA PHE B 30 -4.18 -10.15 -5.92
C PHE B 30 -5.65 -9.89 -6.09
N ILE B 31 -6.20 -10.47 -7.13
CA ILE B 31 -7.55 -10.20 -7.52
C ILE B 31 -8.57 -10.48 -6.46
N VAL B 32 -9.27 -9.42 -6.21
CA VAL B 32 -10.35 -9.40 -5.23
C VAL B 32 -11.64 -8.92 -5.84
N GLY B 33 -12.62 -8.68 -4.98
CA GLY B 33 -13.91 -8.24 -5.45
C GLY B 33 -14.35 -6.91 -4.87
N ALA B 34 -13.43 -5.96 -4.88
CA ALA B 34 -13.73 -4.54 -4.64
C ALA B 34 -14.19 -4.18 -3.24
N GLN B 35 -13.95 -5.06 -2.30
CA GLN B 35 -14.67 -4.99 -1.02
C GLN B 35 -14.63 -6.34 -0.34
N MET B 36 -14.13 -7.32 -1.09
CA MET B 36 -13.90 -8.66 -0.61
C MET B 36 -13.33 -8.70 0.83
N ASN B 37 -12.11 -8.21 1.00
CA ASN B 37 -11.50 -8.15 2.34
C ASN B 37 -10.56 -6.99 2.47
N VAL B 38 -9.32 -7.24 2.11
CA VAL B 38 -8.18 -6.38 2.38
C VAL B 38 -7.53 -6.72 3.72
N LYS B 39 -8.31 -7.24 4.63
CA LYS B 39 -7.83 -7.69 5.90
C LYS B 39 -7.27 -9.08 5.74
N GLU B 40 -8.19 -9.99 5.54
CA GLU B 40 -7.87 -11.35 5.24
C GLU B 40 -7.14 -11.47 3.90
N PHE B 41 -7.39 -10.49 3.05
CA PHE B 41 -6.69 -10.35 1.78
C PHE B 41 -5.20 -10.24 2.04
N LYS B 42 -4.83 -9.32 2.92
CA LYS B 42 -3.41 -9.11 3.24
C LYS B 42 -2.79 -10.36 3.83
N GLU B 43 -3.52 -11.00 4.74
CA GLU B 43 -3.07 -12.21 5.40
C GLU B 43 -2.70 -13.28 4.38
N HIS B 44 -3.49 -13.37 3.31
CA HIS B 44 -3.27 -14.33 2.26
C HIS B 44 -2.02 -14.00 1.44
N ILE B 45 -1.85 -12.73 1.09
CA ILE B 45 -0.76 -12.33 0.22
C ILE B 45 0.55 -12.24 0.98
N ALA B 46 0.45 -12.29 2.32
CA ALA B 46 1.60 -12.18 3.21
C ALA B 46 2.82 -12.95 2.73
N ALA B 47 2.65 -14.24 2.49
CA ALA B 47 3.77 -15.08 2.09
C ALA B 47 4.25 -14.77 0.69
N SER B 48 3.32 -14.51 -0.21
CA SER B 48 3.64 -14.27 -1.61
C SER B 48 4.50 -13.01 -1.76
N VAL B 49 4.33 -12.09 -0.82
CA VAL B 49 5.12 -10.86 -0.82
C VAL B 49 6.13 -10.86 0.32
N SER B 50 6.14 -11.94 1.11
CA SER B 50 7.08 -12.13 2.21
C SER B 50 6.88 -11.04 3.25
N ILE B 51 5.68 -10.50 3.24
CA ILE B 51 5.31 -9.44 4.16
C ILE B 51 4.01 -9.78 4.88
N PRO B 52 4.06 -9.99 6.20
CA PRO B 52 2.87 -10.30 7.00
C PRO B 52 1.99 -9.09 7.18
N SER B 53 0.67 -9.33 7.23
CA SER B 53 -0.35 -8.29 7.29
C SER B 53 -0.12 -7.30 8.43
N GLU B 54 0.57 -7.74 9.49
CA GLU B 54 0.84 -6.88 10.63
C GLU B 54 1.86 -5.77 10.27
N LYS B 55 2.73 -6.05 9.31
CA LYS B 55 3.74 -5.10 8.86
C LYS B 55 3.39 -4.58 7.48
N GLN B 56 2.59 -5.38 6.78
CA GLN B 56 2.32 -5.18 5.38
C GLN B 56 1.55 -3.89 5.11
N ARG B 57 2.12 -3.05 4.28
CA ARG B 57 1.45 -1.83 3.86
C ARG B 57 1.44 -1.74 2.33
N LEU B 58 0.26 -1.78 1.76
CA LEU B 58 0.08 -1.64 0.33
C LEU B 58 0.00 -0.17 -0.02
N ILE B 59 1.05 0.34 -0.59
CA ILE B 59 1.08 1.76 -0.92
C ILE B 59 0.78 2.02 -2.38
N TYR B 60 -0.37 2.60 -2.63
CA TYR B 60 -0.73 3.02 -3.96
C TYR B 60 -1.00 4.53 -3.95
N GLN B 61 -0.25 5.27 -4.76
CA GLN B 61 -0.37 6.73 -4.81
C GLN B 61 -0.06 7.35 -3.44
N GLY B 62 0.92 6.80 -2.75
CA GLY B 62 1.33 7.34 -1.47
C GLY B 62 0.31 7.06 -0.37
N ARG B 63 -0.79 6.42 -0.74
CA ARG B 63 -1.84 6.07 0.20
C ARG B 63 -1.52 4.71 0.80
N VAL B 64 -1.77 4.56 2.10
CA VAL B 64 -1.44 3.31 2.76
C VAL B 64 -2.66 2.39 2.82
N LEU B 65 -2.82 1.61 1.76
CA LEU B 65 -3.82 0.56 1.67
C LEU B 65 -3.52 -0.52 2.70
N GLN B 66 -4.47 -0.79 3.58
CA GLN B 66 -4.25 -1.74 4.66
C GLN B 66 -5.51 -2.54 4.97
N ASP B 67 -5.48 -3.30 6.07
CA ASP B 67 -6.59 -4.11 6.54
C ASP B 67 -7.79 -3.27 6.99
N ASP B 68 -7.66 -1.95 6.90
CA ASP B 68 -8.69 -0.99 7.34
C ASP B 68 -10.00 -1.13 6.56
N LYS B 69 -10.00 -2.03 5.58
CA LYS B 69 -11.19 -2.40 4.80
C LYS B 69 -11.49 -1.43 3.66
N LYS B 70 -12.46 -1.82 2.83
CA LYS B 70 -12.91 -1.05 1.67
C LYS B 70 -11.87 -1.04 0.54
N LEU B 71 -11.93 -2.06 -0.30
CA LEU B 71 -10.96 -2.23 -1.39
C LEU B 71 -11.15 -1.20 -2.51
N GLN B 72 -12.38 -1.05 -2.99
CA GLN B 72 -12.67 -0.20 -4.12
C GLN B 72 -12.47 1.28 -3.79
N GLU B 73 -12.41 1.60 -2.51
CA GLU B 73 -12.09 2.93 -2.08
C GLU B 73 -10.68 3.29 -2.51
N TYR B 74 -9.83 2.27 -2.61
CA TYR B 74 -8.47 2.45 -3.05
C TYR B 74 -8.41 2.44 -4.56
N ASN B 75 -9.43 1.80 -5.15
CA ASN B 75 -9.65 1.80 -6.60
C ASN B 75 -8.46 1.19 -7.35
N VAL B 76 -7.78 0.27 -6.69
CA VAL B 76 -6.56 -0.32 -7.25
C VAL B 76 -6.84 -1.49 -8.19
N GLY B 77 -8.02 -1.50 -8.77
CA GLY B 77 -8.36 -2.51 -9.73
C GLY B 77 -7.70 -2.29 -11.04
N GLY B 78 -6.66 -3.02 -11.20
CA GLY B 78 -5.92 -3.05 -12.45
C GLY B 78 -4.64 -2.23 -12.44
N LYS B 79 -4.21 -1.81 -11.25
CA LYS B 79 -2.98 -1.01 -11.12
C LYS B 79 -2.03 -1.66 -10.12
N VAL B 80 -0.71 -1.59 -10.36
CA VAL B 80 0.24 -2.20 -9.43
C VAL B 80 0.48 -1.31 -8.22
N ILE B 81 0.27 -1.89 -7.05
CA ILE B 81 0.52 -1.25 -5.78
C ILE B 81 2.00 -1.42 -5.40
N HIS B 82 2.46 -0.74 -4.36
CA HIS B 82 3.80 -0.93 -3.87
C HIS B 82 3.77 -1.46 -2.44
N LEU B 83 4.22 -2.68 -2.23
CA LEU B 83 4.27 -3.26 -0.90
C LEU B 83 5.69 -3.24 -0.36
N VAL B 84 5.81 -2.92 0.92
CA VAL B 84 7.10 -2.76 1.56
C VAL B 84 7.01 -3.16 3.03
N GLU B 85 8.17 -3.29 3.66
CA GLU B 85 8.26 -3.54 5.09
C GLU B 85 8.54 -2.22 5.80
N ARG B 86 8.01 -2.10 7.00
CA ARG B 86 8.12 -0.88 7.79
C ARG B 86 9.55 -0.63 8.22
N ALA B 87 9.75 0.48 8.92
CA ALA B 87 11.04 0.81 9.50
C ALA B 87 11.56 -0.36 10.35
N PRO B 88 12.89 -0.45 10.55
CA PRO B 88 13.50 -1.58 11.26
C PRO B 88 12.87 -1.79 12.65
N PRO B 89 12.62 -3.06 13.00
CA PRO B 89 11.90 -3.42 14.23
C PRO B 89 12.78 -3.34 15.47
N GLN B 90 13.43 -2.21 15.64
CA GLN B 90 14.22 -1.95 16.83
C GLN B 90 13.35 -1.33 17.91
N THR B 91 12.07 -1.19 17.61
CA THR B 91 11.09 -0.70 18.56
C THR B 91 9.76 -1.43 18.36
N HIS B 92 8.94 -1.46 19.40
CA HIS B 92 7.61 -2.05 19.32
C HIS B 92 6.59 -1.14 19.98
N LEU B 93 6.92 0.14 20.05
CA LEU B 93 6.05 1.13 20.66
C LEU B 93 5.21 1.84 19.60
N PRO B 94 3.88 1.75 19.71
CA PRO B 94 2.97 2.44 18.78
C PRO B 94 3.08 3.96 18.90
N SER B 95 3.17 4.63 17.77
CA SER B 95 3.26 6.08 17.75
C SER B 95 1.88 6.71 18.03
N GLY B 96 1.32 6.37 19.19
CA GLY B 96 0.01 6.88 19.55
C GLY B 96 -1.09 6.20 18.78
N ALA B 97 -1.63 6.90 17.79
CA ALA B 97 -2.69 6.37 16.97
C ALA B 97 -2.11 5.72 15.71
N SER B 98 -2.17 4.40 15.66
CA SER B 98 -1.66 3.66 14.51
C SER B 98 -2.72 3.66 13.41
N SER B 99 -2.72 4.74 12.61
CA SER B 99 -3.69 4.91 11.53
C SER B 99 -5.11 5.05 12.09
N GLY B 100 -5.44 6.24 12.58
CA GLY B 100 -6.77 6.49 13.10
C GLY B 100 -7.02 7.97 13.28
N GLY A 1 -13.72 30.41 -8.73
CA GLY A 1 -14.33 29.23 -8.07
C GLY A 1 -13.33 28.12 -7.83
N SER A 2 -12.32 28.02 -8.70
CA SER A 2 -11.29 27.00 -8.58
C SER A 2 -10.30 27.38 -7.49
N MET A 3 -10.68 27.19 -6.24
CA MET A 3 -9.87 27.63 -5.12
C MET A 3 -9.45 26.46 -4.24
N ALA A 4 -9.79 25.24 -4.65
CA ALA A 4 -9.42 24.05 -3.89
C ALA A 4 -8.01 23.62 -4.25
N GLU A 5 -7.06 24.55 -4.13
CA GLU A 5 -5.68 24.29 -4.50
C GLU A 5 -4.84 23.94 -3.27
N ALA A 6 -5.36 24.25 -2.10
CA ALA A 6 -4.66 23.97 -0.85
C ALA A 6 -4.79 22.51 -0.47
N SER A 7 -3.67 21.82 -0.37
CA SER A 7 -3.64 20.42 0.01
C SER A 7 -2.30 20.06 0.68
N PRO A 8 -2.26 20.09 2.02
CA PRO A 8 -1.02 19.85 2.77
C PRO A 8 -0.65 18.37 2.85
N HIS A 9 -0.34 17.78 1.71
CA HIS A 9 0.09 16.39 1.65
C HIS A 9 1.60 16.23 1.45
N PRO A 10 2.24 16.97 0.51
CA PRO A 10 3.62 16.76 0.20
C PRO A 10 4.57 17.57 1.09
N GLY A 11 4.58 17.22 2.36
CA GLY A 11 5.56 17.79 3.27
C GLY A 11 6.27 16.75 4.10
N ARG A 12 5.74 15.55 4.05
CA ARG A 12 6.26 14.42 4.83
C ARG A 12 5.91 13.09 4.17
N TYR A 13 6.78 12.61 3.29
CA TYR A 13 6.66 11.25 2.78
C TYR A 13 7.87 10.47 3.19
N PHE A 14 7.72 9.19 3.46
CA PHE A 14 8.87 8.36 3.69
C PHE A 14 8.92 7.24 2.67
N CYS A 15 10.02 7.21 1.94
CA CYS A 15 10.25 6.17 0.97
C CYS A 15 11.15 5.10 1.55
N HIS A 16 10.73 3.85 1.43
CA HIS A 16 11.38 2.76 2.14
C HIS A 16 12.60 2.20 1.41
N CYS A 17 12.64 2.32 0.10
CA CYS A 17 13.71 1.68 -0.67
C CYS A 17 15.04 2.38 -0.43
N CYS A 18 15.05 3.70 -0.47
CA CYS A 18 16.28 4.45 -0.22
C CYS A 18 16.37 4.87 1.25
N SER A 19 15.34 4.52 2.01
CA SER A 19 15.24 4.75 3.47
C SER A 19 15.54 6.19 3.89
N VAL A 20 15.01 7.14 3.14
CA VAL A 20 15.14 8.55 3.50
C VAL A 20 13.78 9.23 3.38
N GLU A 21 13.51 10.17 4.26
CA GLU A 21 12.26 10.92 4.21
C GLU A 21 12.32 11.92 3.06
N ILE A 22 11.19 12.20 2.45
CA ILE A 22 11.17 12.93 1.19
C ILE A 22 10.03 13.95 1.11
N VAL A 23 10.14 14.80 0.09
CA VAL A 23 9.02 15.54 -0.43
C VAL A 23 8.87 15.17 -1.90
N PRO A 24 7.85 14.38 -2.17
CA PRO A 24 7.66 13.66 -3.43
C PRO A 24 7.38 14.49 -4.66
N ARG A 25 7.32 13.77 -5.77
CA ARG A 25 7.06 14.29 -7.07
C ARG A 25 5.66 13.84 -7.48
N LEU A 26 4.79 14.07 -6.50
CA LEU A 26 3.33 13.91 -6.53
C LEU A 26 2.69 13.48 -7.86
N PRO A 27 2.83 14.24 -8.97
CA PRO A 27 2.26 13.85 -10.27
C PRO A 27 2.32 12.35 -10.54
N ASP A 28 3.39 11.73 -10.11
CA ASP A 28 3.58 10.30 -10.27
C ASP A 28 3.55 9.58 -8.94
N TYR A 29 3.82 10.33 -7.88
CA TYR A 29 4.04 9.78 -6.55
C TYR A 29 5.35 9.02 -6.52
N ILE A 30 6.39 9.75 -6.86
CA ILE A 30 7.74 9.24 -6.84
C ILE A 30 8.51 9.94 -5.74
N CYS A 31 9.63 9.35 -5.40
CA CYS A 31 10.50 9.90 -4.39
C CYS A 31 11.56 10.70 -5.10
N PRO A 32 11.99 11.82 -4.55
CA PRO A 32 12.93 12.71 -5.20
C PRO A 32 14.31 12.20 -4.94
N ARG A 33 14.38 11.37 -3.92
CA ARG A 33 15.61 10.80 -3.46
C ARG A 33 15.91 9.41 -4.02
N CYS A 34 15.20 9.03 -5.09
CA CYS A 34 15.49 7.80 -5.82
C CYS A 34 14.46 7.54 -6.93
N GLU A 35 13.35 8.29 -6.92
CA GLU A 35 12.32 8.21 -7.96
C GLU A 35 11.65 6.85 -8.00
N SER A 36 11.59 6.21 -6.85
CA SER A 36 10.76 5.03 -6.69
C SER A 36 9.45 5.41 -6.01
N GLY A 37 8.37 4.71 -6.34
CA GLY A 37 7.06 5.07 -5.82
C GLY A 37 6.76 4.41 -4.49
N PHE A 38 7.80 4.00 -3.78
CA PHE A 38 7.65 3.36 -2.48
C PHE A 38 7.57 4.41 -1.37
N ILE A 39 6.74 5.42 -1.58
CA ILE A 39 6.59 6.48 -0.61
C ILE A 39 5.23 6.42 0.07
N GLU A 40 5.22 6.50 1.39
CA GLU A 40 3.97 6.60 2.14
C GLU A 40 3.98 7.92 2.90
N GLU A 41 2.81 8.50 3.05
CA GLU A 41 2.68 9.80 3.69
C GLU A 41 2.74 9.63 5.21
N LEU A 42 3.36 10.59 5.88
CA LEU A 42 3.62 10.51 7.31
C LEU A 42 2.57 11.26 8.11
N MET B 1 -26.71 2.58 4.06
CA MET B 1 -25.44 2.00 3.54
C MET B 1 -25.25 0.58 4.06
N ALA B 2 -25.04 -0.35 3.13
CA ALA B 2 -24.75 -1.76 3.45
C ALA B 2 -25.96 -2.49 4.04
N HIS B 3 -26.44 -2.03 5.18
CA HIS B 3 -27.56 -2.66 5.85
C HIS B 3 -28.88 -2.24 5.22
N HIS B 4 -29.21 -2.87 4.10
CA HIS B 4 -30.46 -2.62 3.40
C HIS B 4 -31.62 -3.25 4.16
N HIS B 5 -31.44 -4.50 4.54
CA HIS B 5 -32.46 -5.24 5.31
C HIS B 5 -31.89 -6.56 5.83
N HIS B 6 -31.09 -7.23 5.00
CA HIS B 6 -30.42 -8.46 5.39
C HIS B 6 -29.20 -8.67 4.51
N HIS B 7 -28.37 -9.62 4.85
CA HIS B 7 -27.15 -9.86 4.08
C HIS B 7 -27.20 -11.18 3.34
N HIS B 8 -28.21 -11.34 2.51
CA HIS B 8 -28.22 -12.41 1.51
C HIS B 8 -27.79 -11.79 0.20
N VAL B 9 -26.52 -11.44 0.11
CA VAL B 9 -26.03 -10.66 -1.00
C VAL B 9 -25.72 -11.54 -2.21
N ASP B 10 -26.01 -10.99 -3.36
CA ASP B 10 -25.68 -11.61 -4.63
C ASP B 10 -24.70 -10.71 -5.36
N ASP B 11 -24.24 -9.70 -4.64
CA ASP B 11 -23.28 -8.74 -5.15
C ASP B 11 -21.87 -9.32 -5.08
N ASP B 12 -21.50 -10.06 -6.11
CA ASP B 12 -20.20 -10.71 -6.15
C ASP B 12 -19.46 -10.31 -7.41
N ASP B 13 -20.09 -9.48 -8.24
CA ASP B 13 -19.53 -9.08 -9.51
C ASP B 13 -18.27 -8.26 -9.32
N LYS B 14 -18.26 -7.42 -8.27
CA LYS B 14 -17.12 -6.59 -7.96
C LYS B 14 -15.83 -7.38 -7.91
N MET B 15 -14.79 -6.78 -8.43
CA MET B 15 -13.50 -7.44 -8.58
C MET B 15 -12.45 -6.45 -9.03
N LEU B 16 -11.39 -6.32 -8.25
CA LEU B 16 -10.25 -5.53 -8.65
C LEU B 16 -9.13 -6.44 -9.05
N GLU B 17 -8.42 -6.04 -10.05
CA GLU B 17 -7.23 -6.76 -10.44
C GLU B 17 -6.08 -6.10 -9.74
N VAL B 18 -5.79 -6.63 -8.58
CA VAL B 18 -4.88 -5.99 -7.68
C VAL B 18 -3.47 -6.19 -8.16
N LEU B 19 -2.90 -5.18 -8.74
CA LEU B 19 -1.51 -5.24 -9.10
C LEU B 19 -0.74 -4.65 -7.94
N VAL B 20 0.32 -5.31 -7.52
CA VAL B 20 1.08 -4.91 -6.35
C VAL B 20 2.57 -5.15 -6.61
N LYS B 21 3.37 -4.10 -6.53
CA LYS B 21 4.78 -4.21 -6.78
C LYS B 21 5.49 -4.37 -5.45
N THR B 22 6.64 -4.99 -5.49
CA THR B 22 7.40 -5.27 -4.29
C THR B 22 8.75 -4.61 -4.38
N LEU B 23 9.44 -4.51 -3.24
CA LEU B 23 10.77 -3.91 -3.20
C LEU B 23 11.78 -4.76 -3.96
N ASP B 24 11.35 -5.97 -4.33
CA ASP B 24 12.13 -6.83 -5.22
C ASP B 24 12.05 -6.31 -6.65
N SER B 25 11.37 -5.18 -6.84
CA SER B 25 11.25 -4.50 -8.13
C SER B 25 10.29 -5.24 -9.06
N GLN B 26 9.51 -6.15 -8.51
CA GLN B 26 8.56 -6.93 -9.26
C GLN B 26 7.18 -6.29 -9.23
N THR B 27 6.27 -6.97 -9.88
CA THR B 27 4.86 -6.58 -9.97
C THR B 27 4.01 -7.85 -9.95
N ARG B 28 3.16 -8.02 -8.94
CA ARG B 28 2.35 -9.22 -8.87
C ARG B 28 0.89 -8.86 -8.67
N THR B 29 0.00 -9.71 -9.14
CA THR B 29 -1.40 -9.47 -9.10
C THR B 29 -2.10 -10.29 -8.03
N PHE B 30 -3.11 -9.69 -7.39
CA PHE B 30 -3.80 -10.30 -6.26
C PHE B 30 -5.27 -10.06 -6.37
N ILE B 31 -5.83 -10.59 -7.42
CA ILE B 31 -7.21 -10.35 -7.76
C ILE B 31 -8.20 -10.78 -6.74
N VAL B 32 -8.95 -9.79 -6.35
CA VAL B 32 -10.02 -9.91 -5.37
C VAL B 32 -11.24 -9.10 -5.74
N GLY B 33 -12.13 -8.93 -4.77
CA GLY B 33 -13.29 -8.08 -4.94
C GLY B 33 -12.94 -6.62 -4.75
N ALA B 34 -13.92 -5.73 -4.93
CA ALA B 34 -13.69 -4.28 -4.82
C ALA B 34 -13.66 -3.84 -3.37
N GLN B 35 -14.14 -4.70 -2.51
CA GLN B 35 -14.15 -4.44 -1.09
C GLN B 35 -14.33 -5.75 -0.38
N MET B 36 -13.87 -6.79 -1.06
CA MET B 36 -14.03 -8.16 -0.62
C MET B 36 -13.44 -8.40 0.77
N ASN B 37 -12.13 -8.49 0.85
CA ASN B 37 -11.48 -8.78 2.11
C ASN B 37 -10.50 -7.70 2.47
N VAL B 38 -9.34 -7.82 1.89
CA VAL B 38 -8.20 -6.97 2.19
C VAL B 38 -7.48 -7.37 3.47
N LYS B 39 -8.21 -7.99 4.36
CA LYS B 39 -7.65 -8.51 5.59
C LYS B 39 -7.10 -9.89 5.34
N GLU B 40 -8.02 -10.78 5.11
CA GLU B 40 -7.75 -12.12 4.67
C GLU B 40 -6.95 -12.09 3.37
N PHE B 41 -7.24 -11.08 2.57
CA PHE B 41 -6.55 -10.82 1.32
C PHE B 41 -5.07 -10.53 1.59
N LYS B 42 -4.81 -9.61 2.51
CA LYS B 42 -3.44 -9.29 2.90
C LYS B 42 -2.74 -10.54 3.43
N GLU B 43 -3.42 -11.23 4.34
CA GLU B 43 -2.94 -12.46 4.92
C GLU B 43 -2.64 -13.50 3.84
N HIS B 44 -3.42 -13.47 2.77
CA HIS B 44 -3.29 -14.42 1.68
C HIS B 44 -2.02 -14.20 0.89
N ILE B 45 -1.81 -12.95 0.49
CA ILE B 45 -0.66 -12.61 -0.33
C ILE B 45 0.60 -12.59 0.51
N ALA B 46 0.41 -12.58 1.84
CA ALA B 46 1.50 -12.52 2.81
C ALA B 46 2.70 -13.39 2.43
N ALA B 47 2.48 -14.68 2.25
CA ALA B 47 3.59 -15.59 1.97
C ALA B 47 4.25 -15.32 0.64
N SER B 48 3.44 -15.07 -0.39
CA SER B 48 3.97 -14.81 -1.72
C SER B 48 4.91 -13.62 -1.69
N VAL B 49 4.49 -12.59 -0.98
CA VAL B 49 5.29 -11.39 -0.88
C VAL B 49 6.28 -11.47 0.29
N SER B 50 6.17 -12.54 1.08
CA SER B 50 7.07 -12.78 2.21
C SER B 50 6.82 -11.72 3.28
N ILE B 51 5.63 -11.14 3.21
CA ILE B 51 5.24 -10.11 4.14
C ILE B 51 3.87 -10.40 4.75
N PRO B 52 3.83 -10.70 6.05
CA PRO B 52 2.60 -10.98 6.77
C PRO B 52 1.76 -9.72 6.95
N SER B 53 0.45 -9.90 6.94
CA SER B 53 -0.53 -8.82 7.02
C SER B 53 -0.26 -7.85 8.17
N GLU B 54 0.41 -8.33 9.22
CA GLU B 54 0.70 -7.49 10.38
C GLU B 54 1.87 -6.54 10.13
N LYS B 55 2.70 -6.89 9.14
CA LYS B 55 3.85 -6.05 8.77
C LYS B 55 3.64 -5.48 7.38
N GLN B 56 2.69 -6.06 6.66
CA GLN B 56 2.43 -5.72 5.28
C GLN B 56 1.70 -4.39 5.15
N ARG B 57 2.28 -3.46 4.40
CA ARG B 57 1.64 -2.18 4.14
C ARG B 57 1.48 -1.97 2.64
N LEU B 58 0.25 -1.72 2.20
CA LEU B 58 -0.02 -1.37 0.83
C LEU B 58 0.08 0.13 0.66
N ILE B 59 0.99 0.60 -0.16
CA ILE B 59 1.04 2.02 -0.46
C ILE B 59 0.72 2.29 -1.90
N TYR B 60 -0.41 2.93 -2.12
CA TYR B 60 -0.73 3.40 -3.45
C TYR B 60 -1.04 4.89 -3.39
N GLN B 61 -0.29 5.67 -4.15
CA GLN B 61 -0.41 7.12 -4.16
C GLN B 61 -0.14 7.70 -2.78
N GLY B 62 0.82 7.12 -2.08
CA GLY B 62 1.21 7.61 -0.77
C GLY B 62 0.22 7.25 0.33
N ARG B 63 -0.90 6.64 -0.05
CA ARG B 63 -1.91 6.24 0.90
C ARG B 63 -1.60 4.85 1.42
N VAL B 64 -1.62 4.68 2.73
CA VAL B 64 -1.27 3.41 3.33
C VAL B 64 -2.53 2.52 3.42
N LEU B 65 -2.77 1.75 2.35
CA LEU B 65 -3.92 0.84 2.25
C LEU B 65 -3.65 -0.38 3.13
N GLN B 66 -4.67 -0.91 3.79
CA GLN B 66 -4.43 -1.95 4.78
C GLN B 66 -5.67 -2.83 4.98
N ASP B 67 -5.63 -3.65 6.02
CA ASP B 67 -6.72 -4.57 6.38
C ASP B 67 -8.04 -3.85 6.71
N ASP B 68 -8.04 -2.53 6.66
CA ASP B 68 -9.20 -1.70 7.06
C ASP B 68 -10.38 -1.86 6.09
N LYS B 69 -10.16 -2.64 5.03
CA LYS B 69 -11.16 -2.91 3.99
C LYS B 69 -11.29 -1.71 3.05
N LYS B 70 -12.37 -1.71 2.26
CA LYS B 70 -12.70 -0.58 1.38
C LYS B 70 -11.69 -0.45 0.24
N LEU B 71 -11.51 -1.52 -0.53
CA LEU B 71 -10.55 -1.52 -1.63
C LEU B 71 -10.90 -0.48 -2.70
N GLN B 72 -12.18 -0.23 -2.90
CA GLN B 72 -12.65 0.73 -3.87
C GLN B 72 -12.37 2.16 -3.42
N GLU B 73 -12.12 2.33 -2.12
CA GLU B 73 -11.68 3.62 -1.61
C GLU B 73 -10.22 3.81 -1.95
N TYR B 74 -9.51 2.69 -2.09
CA TYR B 74 -8.12 2.71 -2.51
C TYR B 74 -8.10 2.82 -4.03
N ASN B 75 -9.21 2.36 -4.62
CA ASN B 75 -9.51 2.53 -6.05
C ASN B 75 -8.46 1.80 -6.82
N VAL B 76 -8.15 0.65 -6.30
CA VAL B 76 -6.91 0.00 -6.58
C VAL B 76 -7.02 -1.02 -7.72
N GLY B 77 -8.25 -1.23 -8.19
CA GLY B 77 -8.48 -2.06 -9.35
C GLY B 77 -7.67 -1.67 -10.53
N GLY B 78 -6.71 -2.49 -10.73
CA GLY B 78 -5.93 -2.50 -11.95
C GLY B 78 -4.72 -1.59 -11.91
N LYS B 79 -4.34 -1.16 -10.72
CA LYS B 79 -3.17 -0.30 -10.56
C LYS B 79 -2.18 -0.97 -9.62
N VAL B 80 -0.88 -0.90 -9.92
CA VAL B 80 0.10 -1.56 -9.05
C VAL B 80 0.31 -0.79 -7.76
N ILE B 81 0.17 -1.51 -6.68
CA ILE B 81 0.45 -0.98 -5.37
C ILE B 81 1.92 -1.14 -5.08
N HIS B 82 2.41 -0.50 -4.06
CA HIS B 82 3.78 -0.69 -3.66
C HIS B 82 3.83 -1.26 -2.26
N LEU B 83 4.33 -2.47 -2.13
CA LEU B 83 4.41 -3.12 -0.86
C LEU B 83 5.76 -2.88 -0.17
N VAL B 84 5.68 -2.52 1.10
CA VAL B 84 6.87 -2.30 1.92
C VAL B 84 6.72 -2.99 3.27
N GLU B 85 7.80 -3.04 4.03
CA GLU B 85 7.79 -3.65 5.34
C GLU B 85 8.23 -2.67 6.42
N ARG B 86 7.37 -2.44 7.39
CA ARG B 86 7.73 -1.64 8.55
C ARG B 86 8.01 -2.54 9.73
N ALA B 87 8.65 -1.99 10.74
CA ALA B 87 9.10 -2.76 11.87
C ALA B 87 8.75 -2.07 13.18
N PRO B 88 8.58 -2.84 14.27
CA PRO B 88 8.33 -2.28 15.60
C PRO B 88 9.50 -1.44 16.09
N PRO B 89 9.23 -0.33 16.78
CA PRO B 89 10.25 0.56 17.31
C PRO B 89 10.89 0.00 18.58
N GLN B 90 11.58 -1.12 18.45
CA GLN B 90 12.27 -1.75 19.57
C GLN B 90 13.76 -1.42 19.53
N THR B 91 14.23 -1.03 18.35
CA THR B 91 15.61 -0.65 18.15
C THR B 91 15.72 0.34 17.00
N HIS B 92 16.73 1.20 17.04
CA HIS B 92 16.95 2.17 15.98
C HIS B 92 17.81 1.56 14.89
N LEU B 93 17.18 0.74 14.04
CA LEU B 93 17.86 0.05 12.94
C LEU B 93 18.74 -1.07 13.49
N PRO B 94 18.49 -2.32 13.08
CA PRO B 94 19.29 -3.47 13.51
C PRO B 94 20.75 -3.33 13.14
N SER B 95 21.55 -3.00 14.14
CA SER B 95 22.97 -2.78 13.96
C SER B 95 23.67 -4.05 13.49
N GLY B 96 24.41 -3.94 12.39
CA GLY B 96 25.13 -5.07 11.87
C GLY B 96 24.70 -5.43 10.47
N ALA B 97 24.48 -6.71 10.23
CA ALA B 97 24.09 -7.19 8.92
C ALA B 97 22.57 -7.29 8.81
N SER B 98 21.93 -6.18 8.51
CA SER B 98 20.49 -6.14 8.33
C SER B 98 20.12 -6.71 6.96
N SER B 99 21.11 -6.76 6.08
CA SER B 99 20.92 -7.31 4.76
C SER B 99 22.02 -8.33 4.44
N GLY B 100 23.26 -7.91 4.59
CA GLY B 100 24.37 -8.78 4.29
C GLY B 100 25.61 -7.98 3.91
N GLY A 1 1.60 29.77 -3.89
CA GLY A 1 1.83 28.32 -3.71
C GLY A 1 2.27 27.65 -4.98
N SER A 2 1.63 26.53 -5.32
CA SER A 2 1.95 25.79 -6.52
C SER A 2 1.58 26.59 -7.77
N MET A 3 2.58 27.07 -8.47
CA MET A 3 2.36 27.88 -9.66
C MET A 3 2.10 26.99 -10.86
N ALA A 4 2.86 25.92 -10.96
CA ALA A 4 2.72 24.97 -12.06
C ALA A 4 1.62 23.96 -11.75
N GLU A 5 0.37 24.39 -11.95
CA GLU A 5 -0.81 23.56 -11.69
C GLU A 5 -1.06 23.43 -10.19
N ALA A 6 -2.33 23.37 -9.81
CA ALA A 6 -2.72 23.20 -8.42
C ALA A 6 -2.53 21.75 -7.99
N SER A 7 -1.28 21.33 -7.93
CA SER A 7 -0.94 19.97 -7.54
C SER A 7 -0.99 19.83 -6.02
N PRO A 8 -1.40 18.65 -5.51
CA PRO A 8 -1.41 18.39 -4.07
C PRO A 8 -0.02 18.53 -3.48
N HIS A 9 0.07 19.13 -2.31
CA HIS A 9 1.35 19.51 -1.75
C HIS A 9 1.86 18.46 -0.77
N PRO A 10 3.04 17.91 -1.07
CA PRO A 10 3.66 16.86 -0.26
C PRO A 10 4.37 17.38 0.98
N GLY A 11 4.48 16.53 1.99
CA GLY A 11 5.23 16.86 3.18
C GLY A 11 6.20 15.77 3.56
N ARG A 12 5.95 15.12 4.67
CA ARG A 12 6.80 14.02 5.14
C ARG A 12 6.32 12.70 4.56
N TYR A 13 7.09 12.18 3.61
CA TYR A 13 6.85 10.86 3.06
C TYR A 13 8.01 9.97 3.38
N PHE A 14 7.74 8.72 3.62
CA PHE A 14 8.82 7.78 3.78
C PHE A 14 8.83 6.77 2.66
N CYS A 15 9.94 6.72 1.94
CA CYS A 15 10.13 5.72 0.92
C CYS A 15 10.96 4.59 1.48
N HIS A 16 10.39 3.40 1.49
CA HIS A 16 11.03 2.25 2.09
C HIS A 16 12.15 1.70 1.20
N CYS A 17 12.17 2.13 -0.05
CA CYS A 17 13.23 1.75 -0.97
C CYS A 17 14.54 2.43 -0.59
N CYS A 18 14.45 3.70 -0.24
CA CYS A 18 15.60 4.46 0.22
C CYS A 18 15.84 4.25 1.71
N SER A 19 14.75 3.95 2.41
CA SER A 19 14.73 3.87 3.87
C SER A 19 15.15 5.21 4.48
N VAL A 20 14.88 6.27 3.73
CA VAL A 20 15.13 7.63 4.19
C VAL A 20 13.92 8.47 3.85
N GLU A 21 13.58 9.41 4.71
CA GLU A 21 12.39 10.21 4.52
C GLU A 21 12.58 11.24 3.42
N ILE A 22 11.50 11.53 2.71
CA ILE A 22 11.53 12.31 1.47
C ILE A 22 10.47 13.40 1.45
N VAL A 23 10.59 14.28 0.47
CA VAL A 23 9.48 15.09 0.01
C VAL A 23 9.27 14.78 -1.47
N PRO A 24 8.18 14.08 -1.75
CA PRO A 24 7.86 13.49 -3.06
C PRO A 24 7.53 14.49 -4.16
N ARG A 25 7.30 13.92 -5.33
CA ARG A 25 6.87 14.66 -6.50
C ARG A 25 5.45 14.23 -6.82
N LEU A 26 4.68 14.28 -5.74
CA LEU A 26 3.21 14.08 -5.67
C LEU A 26 2.49 13.79 -7.01
N PRO A 27 2.54 14.67 -8.05
CA PRO A 27 1.94 14.41 -9.35
C PRO A 27 2.04 12.93 -9.80
N ASP A 28 3.15 12.29 -9.46
CA ASP A 28 3.37 10.89 -9.78
C ASP A 28 3.34 10.01 -8.53
N TYR A 29 3.60 10.66 -7.39
CA TYR A 29 3.87 9.98 -6.12
C TYR A 29 5.16 9.21 -6.21
N ILE A 30 6.15 9.93 -6.69
CA ILE A 30 7.50 9.44 -6.76
C ILE A 30 8.30 9.95 -5.58
N CYS A 31 9.41 9.31 -5.35
CA CYS A 31 10.34 9.70 -4.33
C CYS A 31 11.44 10.50 -5.01
N PRO A 32 12.00 11.50 -4.32
CA PRO A 32 12.99 12.40 -4.90
C PRO A 32 14.32 11.71 -4.88
N ARG A 33 14.40 10.76 -3.97
CA ARG A 33 15.61 10.02 -3.75
C ARG A 33 15.84 8.89 -4.74
N CYS A 34 14.76 8.30 -5.25
CA CYS A 34 14.90 7.19 -6.21
C CYS A 34 13.87 7.24 -7.32
N GLU A 35 12.90 8.16 -7.21
CA GLU A 35 11.84 8.31 -8.21
C GLU A 35 11.02 7.02 -8.33
N SER A 36 10.98 6.25 -7.25
CA SER A 36 10.12 5.10 -7.17
C SER A 36 8.97 5.41 -6.22
N GLY A 37 7.78 4.91 -6.53
CA GLY A 37 6.60 5.28 -5.78
C GLY A 37 6.40 4.46 -4.52
N PHE A 38 7.48 4.05 -3.88
CA PHE A 38 7.40 3.30 -2.62
C PHE A 38 7.38 4.24 -1.44
N ILE A 39 6.57 5.28 -1.56
CA ILE A 39 6.47 6.29 -0.53
C ILE A 39 5.12 6.27 0.15
N GLU A 40 5.14 6.29 1.46
CA GLU A 40 3.91 6.38 2.24
C GLU A 40 3.96 7.65 3.07
N GLU A 41 2.86 8.38 3.11
CA GLU A 41 2.81 9.62 3.85
C GLU A 41 2.69 9.36 5.34
N LEU A 42 3.44 10.11 6.12
CA LEU A 42 3.56 9.87 7.54
C LEU A 42 2.59 10.76 8.30
N MET B 1 -28.81 -15.06 -25.04
CA MET B 1 -29.71 -14.29 -24.15
C MET B 1 -28.90 -13.64 -23.04
N ALA B 2 -29.38 -12.51 -22.54
CA ALA B 2 -28.67 -11.80 -21.49
C ALA B 2 -29.17 -12.23 -20.12
N HIS B 3 -28.33 -12.05 -19.10
CA HIS B 3 -28.70 -12.42 -17.73
C HIS B 3 -29.88 -11.57 -17.28
N HIS B 4 -29.74 -10.27 -17.45
CA HIS B 4 -30.81 -9.33 -17.12
C HIS B 4 -31.24 -8.61 -18.40
N HIS B 5 -32.39 -7.96 -18.35
CA HIS B 5 -32.93 -7.24 -19.51
C HIS B 5 -32.17 -5.94 -19.72
N HIS B 6 -30.92 -6.05 -20.12
CA HIS B 6 -30.09 -4.90 -20.41
C HIS B 6 -29.15 -5.23 -21.57
N HIS B 7 -29.46 -4.72 -22.76
CA HIS B 7 -28.64 -4.99 -23.94
C HIS B 7 -27.43 -4.06 -23.97
N HIS B 8 -27.32 -3.19 -22.98
CA HIS B 8 -26.11 -2.40 -22.78
C HIS B 8 -25.81 -2.36 -21.28
N VAL B 9 -24.57 -2.69 -20.91
CA VAL B 9 -24.20 -2.78 -19.51
C VAL B 9 -22.82 -2.19 -19.26
N ASP B 10 -22.64 -1.67 -18.05
CA ASP B 10 -21.35 -1.16 -17.60
C ASP B 10 -21.21 -1.50 -16.12
N ASP B 11 -22.03 -2.44 -15.69
CA ASP B 11 -22.19 -2.78 -14.29
C ASP B 11 -21.12 -3.74 -13.80
N ASP B 12 -19.88 -3.48 -14.19
CA ASP B 12 -18.76 -4.29 -13.77
C ASP B 12 -17.77 -3.42 -12.99
N ASP B 13 -18.18 -3.00 -11.81
CA ASP B 13 -17.36 -2.13 -10.97
C ASP B 13 -16.45 -2.95 -10.06
N LYS B 14 -17.02 -3.98 -9.45
CA LYS B 14 -16.28 -4.88 -8.60
C LYS B 14 -15.26 -5.70 -9.40
N MET B 15 -14.51 -6.54 -8.68
CA MET B 15 -13.49 -7.38 -9.28
C MET B 15 -12.35 -6.56 -9.86
N LEU B 16 -11.34 -6.31 -9.05
CA LEU B 16 -10.17 -5.58 -9.53
C LEU B 16 -8.99 -6.52 -9.65
N GLU B 17 -8.21 -6.30 -10.68
CA GLU B 17 -6.97 -6.98 -10.83
C GLU B 17 -5.93 -6.23 -10.05
N VAL B 18 -5.73 -6.68 -8.84
CA VAL B 18 -4.86 -6.00 -7.94
C VAL B 18 -3.43 -6.30 -8.31
N LEU B 19 -2.72 -5.34 -8.79
CA LEU B 19 -1.34 -5.56 -9.07
C LEU B 19 -0.54 -4.97 -7.92
N VAL B 20 0.59 -5.56 -7.59
CA VAL B 20 1.47 -5.03 -6.56
C VAL B 20 2.93 -5.13 -7.03
N LYS B 21 3.77 -4.27 -6.52
CA LYS B 21 5.19 -4.40 -6.70
C LYS B 21 5.84 -4.37 -5.33
N THR B 22 6.74 -5.30 -5.12
CA THR B 22 7.37 -5.55 -3.82
C THR B 22 8.46 -4.54 -3.51
N LEU B 23 9.32 -4.27 -4.49
CA LEU B 23 10.43 -3.33 -4.29
C LEU B 23 10.80 -2.66 -5.61
N ASP B 24 10.85 -3.46 -6.67
CA ASP B 24 11.14 -2.95 -8.01
C ASP B 24 11.19 -4.09 -9.01
N SER B 25 11.84 -5.18 -8.61
CA SER B 25 12.03 -6.32 -9.48
C SER B 25 10.71 -6.99 -9.82
N GLN B 26 9.87 -7.20 -8.80
CA GLN B 26 8.63 -7.92 -8.99
C GLN B 26 7.46 -7.00 -9.27
N THR B 27 6.36 -7.67 -9.51
CA THR B 27 5.06 -7.10 -9.85
C THR B 27 4.08 -8.27 -9.94
N ARG B 28 3.22 -8.45 -8.96
CA ARG B 28 2.34 -9.62 -8.95
C ARG B 28 0.89 -9.22 -8.69
N THR B 29 -0.04 -10.07 -9.10
CA THR B 29 -1.43 -9.77 -9.05
C THR B 29 -2.17 -10.47 -7.91
N PHE B 30 -3.20 -9.79 -7.42
CA PHE B 30 -3.99 -10.25 -6.29
C PHE B 30 -5.45 -9.96 -6.53
N ILE B 31 -6.00 -10.57 -7.54
CA ILE B 31 -7.35 -10.29 -7.95
C ILE B 31 -8.36 -10.56 -6.87
N VAL B 32 -9.07 -9.49 -6.62
CA VAL B 32 -10.13 -9.45 -5.62
C VAL B 32 -11.36 -8.73 -6.13
N GLY B 33 -12.27 -8.44 -5.20
CA GLY B 33 -13.52 -7.82 -5.58
C GLY B 33 -13.78 -6.47 -4.91
N ALA B 34 -12.73 -5.70 -4.77
CA ALA B 34 -12.84 -4.26 -4.49
C ALA B 34 -13.30 -3.87 -3.09
N GLN B 35 -13.26 -4.79 -2.15
CA GLN B 35 -13.95 -4.60 -0.86
C GLN B 35 -14.28 -5.96 -0.28
N MET B 36 -14.03 -6.96 -1.11
CA MET B 36 -14.15 -8.33 -0.68
C MET B 36 -13.42 -8.54 0.66
N ASN B 37 -12.10 -8.41 0.64
CA ASN B 37 -11.33 -8.33 1.83
C ASN B 37 -10.24 -7.29 1.62
N VAL B 38 -9.27 -7.36 2.47
CA VAL B 38 -8.08 -6.53 2.48
C VAL B 38 -7.32 -6.88 3.73
N LYS B 39 -8.07 -7.47 4.65
CA LYS B 39 -7.54 -8.03 5.86
C LYS B 39 -7.01 -9.40 5.56
N GLU B 40 -7.95 -10.28 5.31
CA GLU B 40 -7.70 -11.62 4.88
C GLU B 40 -7.00 -11.63 3.53
N PHE B 41 -7.33 -10.63 2.72
CA PHE B 41 -6.70 -10.44 1.43
C PHE B 41 -5.20 -10.26 1.63
N LYS B 42 -4.82 -9.33 2.51
CA LYS B 42 -3.40 -9.12 2.80
C LYS B 42 -2.80 -10.31 3.54
N GLU B 43 -3.59 -10.93 4.41
CA GLU B 43 -3.18 -12.14 5.11
C GLU B 43 -2.79 -13.23 4.12
N HIS B 44 -3.54 -13.35 3.04
CA HIS B 44 -3.30 -14.35 2.04
C HIS B 44 -2.02 -14.06 1.26
N ILE B 45 -1.79 -12.79 0.92
CA ILE B 45 -0.64 -12.43 0.10
C ILE B 45 0.66 -12.44 0.91
N ALA B 46 0.53 -12.42 2.24
CA ALA B 46 1.67 -12.39 3.16
C ALA B 46 2.85 -13.25 2.73
N ALA B 47 2.66 -14.55 2.57
CA ALA B 47 3.78 -15.44 2.26
C ALA B 47 4.40 -15.15 0.90
N SER B 48 3.56 -14.89 -0.08
CA SER B 48 4.02 -14.67 -1.43
C SER B 48 4.89 -13.42 -1.51
N VAL B 49 4.70 -12.52 -0.55
CA VAL B 49 5.49 -11.30 -0.48
C VAL B 49 6.48 -11.34 0.68
N SER B 50 6.39 -12.40 1.50
CA SER B 50 7.29 -12.61 2.62
C SER B 50 7.02 -11.57 3.69
N ILE B 51 5.84 -10.98 3.62
CA ILE B 51 5.45 -9.95 4.56
C ILE B 51 4.08 -10.26 5.17
N PRO B 52 4.01 -10.45 6.49
CA PRO B 52 2.74 -10.70 7.17
C PRO B 52 1.87 -9.44 7.17
N SER B 53 0.56 -9.65 7.09
CA SER B 53 -0.41 -8.55 7.01
C SER B 53 -0.22 -7.54 8.14
N GLU B 54 0.33 -7.97 9.27
CA GLU B 54 0.54 -7.09 10.41
C GLU B 54 1.67 -6.10 10.13
N LYS B 55 2.65 -6.53 9.35
CA LYS B 55 3.79 -5.68 9.00
C LYS B 55 3.60 -5.10 7.61
N GLN B 56 2.80 -5.80 6.81
CA GLN B 56 2.61 -5.48 5.41
C GLN B 56 1.83 -4.18 5.22
N ARG B 57 2.44 -3.24 4.52
CA ARG B 57 1.78 -2.00 4.17
C ARG B 57 1.54 -1.95 2.66
N LEU B 58 0.29 -1.78 2.24
CA LEU B 58 -0.01 -1.56 0.84
C LEU B 58 0.05 -0.08 0.53
N ILE B 59 1.03 0.36 -0.21
CA ILE B 59 1.11 1.77 -0.56
C ILE B 59 0.78 2.00 -2.03
N TYR B 60 -0.33 2.67 -2.27
CA TYR B 60 -0.65 3.13 -3.61
C TYR B 60 -1.10 4.57 -3.54
N GLN B 61 -0.54 5.39 -4.44
CA GLN B 61 -0.76 6.84 -4.42
C GLN B 61 -0.30 7.44 -3.09
N GLY B 62 0.76 6.85 -2.53
CA GLY B 62 1.30 7.33 -1.26
C GLY B 62 0.36 7.08 -0.09
N ARG B 63 -0.77 6.45 -0.37
CA ARG B 63 -1.75 6.15 0.65
C ARG B 63 -1.46 4.78 1.23
N VAL B 64 -1.54 4.67 2.55
CA VAL B 64 -1.19 3.42 3.21
C VAL B 64 -2.44 2.55 3.33
N LEU B 65 -2.68 1.75 2.31
CA LEU B 65 -3.81 0.84 2.28
C LEU B 65 -3.53 -0.32 3.22
N GLN B 66 -4.54 -0.77 3.92
CA GLN B 66 -4.34 -1.75 4.97
C GLN B 66 -5.61 -2.58 5.19
N ASP B 67 -5.64 -3.36 6.26
CA ASP B 67 -6.76 -4.22 6.60
C ASP B 67 -8.03 -3.43 6.93
N ASP B 68 -7.92 -2.10 6.87
CA ASP B 68 -9.01 -1.16 7.22
C ASP B 68 -10.28 -1.37 6.37
N LYS B 69 -10.15 -2.17 5.33
CA LYS B 69 -11.26 -2.56 4.43
C LYS B 69 -11.52 -1.55 3.31
N LYS B 70 -12.45 -1.93 2.43
CA LYS B 70 -12.90 -1.09 1.31
C LYS B 70 -11.77 -0.84 0.30
N LEU B 71 -11.62 -1.76 -0.64
CA LEU B 71 -10.52 -1.70 -1.61
C LEU B 71 -10.77 -0.65 -2.70
N GLN B 72 -12.02 -0.46 -3.09
CA GLN B 72 -12.36 0.52 -4.10
C GLN B 72 -12.09 1.94 -3.61
N GLU B 73 -11.99 2.11 -2.30
CA GLU B 73 -11.58 3.38 -1.73
C GLU B 73 -10.11 3.64 -2.06
N TYR B 74 -9.36 2.55 -2.22
CA TYR B 74 -7.96 2.63 -2.55
C TYR B 74 -7.81 2.74 -4.06
N ASN B 75 -8.85 2.27 -4.74
CA ASN B 75 -9.03 2.44 -6.20
C ASN B 75 -7.88 1.78 -6.95
N VAL B 76 -7.42 0.65 -6.44
CA VAL B 76 -6.26 -0.03 -7.00
C VAL B 76 -6.63 -1.05 -8.09
N GLY B 77 -7.77 -0.83 -8.73
CA GLY B 77 -8.24 -1.74 -9.74
C GLY B 77 -7.44 -1.67 -11.01
N GLY B 78 -6.50 -2.56 -11.08
CA GLY B 78 -5.69 -2.72 -12.27
C GLY B 78 -4.37 -1.97 -12.22
N LYS B 79 -3.99 -1.53 -11.03
CA LYS B 79 -2.77 -0.76 -10.85
C LYS B 79 -1.81 -1.50 -9.91
N VAL B 80 -0.49 -1.33 -10.07
CA VAL B 80 0.44 -1.98 -9.14
C VAL B 80 0.60 -1.16 -7.87
N ILE B 81 0.33 -1.81 -6.77
CA ILE B 81 0.56 -1.25 -5.45
C ILE B 81 2.04 -1.44 -5.10
N HIS B 82 2.49 -0.78 -4.07
CA HIS B 82 3.85 -0.98 -3.58
C HIS B 82 3.77 -1.49 -2.16
N LEU B 83 4.21 -2.70 -1.90
CA LEU B 83 4.13 -3.20 -0.53
C LEU B 83 5.49 -3.42 0.07
N VAL B 84 5.50 -3.29 1.37
CA VAL B 84 6.70 -3.38 2.18
C VAL B 84 6.34 -3.68 3.63
N GLU B 85 7.35 -3.68 4.47
CA GLU B 85 7.16 -3.71 5.89
C GLU B 85 7.13 -2.29 6.42
N ARG B 86 6.77 -2.12 7.69
CA ARG B 86 6.69 -0.81 8.30
C ARG B 86 8.07 -0.26 8.65
N ALA B 87 8.08 0.97 9.15
CA ALA B 87 9.31 1.60 9.60
C ALA B 87 9.95 0.80 10.73
N PRO B 88 11.30 0.85 10.85
CA PRO B 88 12.01 0.06 11.83
C PRO B 88 11.95 0.68 13.23
N PRO B 89 11.69 -0.15 14.25
CA PRO B 89 11.64 0.30 15.63
C PRO B 89 13.01 0.27 16.28
N GLN B 90 13.99 0.94 15.67
CA GLN B 90 15.37 0.93 16.15
C GLN B 90 15.47 1.64 17.49
N THR B 91 14.46 2.43 17.82
CA THR B 91 14.34 3.04 19.13
C THR B 91 12.86 3.04 19.54
N HIS B 92 12.18 1.97 19.14
CA HIS B 92 10.73 1.81 19.30
C HIS B 92 9.99 2.79 18.40
N LEU B 93 9.91 4.05 18.82
CA LEU B 93 9.32 5.09 18.01
C LEU B 93 10.34 6.18 17.76
N PRO B 94 10.87 6.28 16.53
CA PRO B 94 11.91 7.26 16.20
C PRO B 94 11.40 8.70 16.31
N SER B 95 11.81 9.36 17.37
CA SER B 95 11.45 10.75 17.59
C SER B 95 12.20 11.64 16.61
N GLY B 96 13.43 11.24 16.28
CA GLY B 96 14.22 11.99 15.34
C GLY B 96 15.68 12.07 15.75
N ALA B 97 16.44 11.05 15.38
CA ALA B 97 17.86 10.99 15.73
C ALA B 97 18.63 12.12 15.07
N SER B 98 18.16 12.55 13.90
CA SER B 98 18.82 13.63 13.17
C SER B 98 17.94 14.88 13.16
N SER B 99 17.00 14.95 14.10
CA SER B 99 16.08 16.07 14.16
C SER B 99 16.52 17.08 15.20
N GLY B 100 17.14 18.16 14.72
CA GLY B 100 17.54 19.23 15.60
C GLY B 100 16.45 20.26 15.77
#